data_2KFK
#
_entry.id   2KFK
#
loop_
_entity.id
_entity.type
_entity.pdbx_description
1 polymer 'Bud emergence protein 1'
2 polymer 'Cell division control protein 24'
#
loop_
_entity_poly.entity_id
_entity_poly.type
_entity_poly.pdbx_seq_one_letter_code
_entity_poly.pdbx_strand_id
1 'polypeptide(L)' PHMKTTKIKFYYKDDIFALMLKGDTTYKELRSKIAPRIDTDNFKLQTKLFDGSGEEIKTDSQVSNIIQAKLKISVHDI A
2 'polypeptide(L)'
;PLGSILFRISYNSEIFTLLVEKVWNFDDLIMAINSKISNTHISPITKIKYQDEDGDFVVLGSDEDWNVAKEMLAENNEKF
LNIRLY
;
B
#
# COMPACT_ATOMS: atom_id res chain seq x y z
N PRO A 1 10.52 -2.62 -20.38
CA PRO A 1 10.62 -3.32 -19.08
C PRO A 1 11.70 -2.71 -18.18
N HIS A 2 11.68 -3.09 -16.92
CA HIS A 2 12.63 -2.57 -15.95
C HIS A 2 12.58 -3.37 -14.65
N MET A 3 11.38 -3.67 -14.20
CA MET A 3 11.19 -4.43 -12.96
C MET A 3 9.74 -4.86 -12.81
N LYS A 4 9.40 -6.02 -13.35
CA LYS A 4 8.04 -6.54 -13.27
C LYS A 4 7.72 -7.02 -11.86
N THR A 5 6.62 -6.52 -11.31
CA THR A 5 6.19 -6.90 -9.97
C THR A 5 4.67 -7.00 -9.89
N THR A 6 4.18 -7.60 -8.82
CA THR A 6 2.74 -7.77 -8.63
C THR A 6 2.21 -6.79 -7.59
N LYS A 7 0.92 -6.49 -7.69
CA LYS A 7 0.28 -5.60 -6.75
C LYS A 7 -0.64 -6.40 -5.82
N ILE A 8 -0.11 -6.81 -4.67
CA ILE A 8 -0.88 -7.57 -3.72
C ILE A 8 -1.01 -6.81 -2.42
N LYS A 9 -2.19 -6.84 -1.84
CA LYS A 9 -2.42 -6.14 -0.60
C LYS A 9 -2.41 -7.11 0.57
N PHE A 10 -2.56 -6.56 1.77
CA PHE A 10 -2.56 -7.36 2.99
C PHE A 10 -3.39 -6.65 4.05
N TYR A 11 -3.88 -7.38 5.04
CA TYR A 11 -4.71 -6.79 6.09
C TYR A 11 -4.14 -7.11 7.47
N TYR A 12 -3.87 -6.08 8.26
CA TYR A 12 -3.35 -6.28 9.60
C TYR A 12 -4.33 -5.73 10.63
N LYS A 13 -4.93 -6.63 11.40
CA LYS A 13 -5.90 -6.25 12.43
C LYS A 13 -7.06 -5.45 11.84
N ASP A 14 -6.80 -4.18 11.53
CA ASP A 14 -7.81 -3.30 10.96
C ASP A 14 -7.20 -2.37 9.91
N ASP A 15 -6.03 -2.74 9.39
CA ASP A 15 -5.35 -1.93 8.39
C ASP A 15 -4.98 -2.79 7.18
N ILE A 16 -4.91 -2.16 6.01
CA ILE A 16 -4.56 -2.87 4.78
C ILE A 16 -3.30 -2.30 4.16
N PHE A 17 -2.30 -3.13 3.84
CA PHE A 17 -1.08 -2.63 3.23
C PHE A 17 -0.96 -3.15 1.79
N ALA A 18 -0.09 -2.54 0.99
CA ALA A 18 0.09 -2.95 -0.39
C ALA A 18 1.57 -3.17 -0.73
N LEU A 19 1.89 -4.33 -1.32
CA LEU A 19 3.27 -4.65 -1.66
C LEU A 19 3.42 -5.19 -3.08
N MET A 20 4.64 -5.09 -3.58
CA MET A 20 4.97 -5.52 -4.92
C MET A 20 5.92 -6.72 -4.93
N LEU A 21 5.43 -7.88 -5.40
CA LEU A 21 6.24 -9.09 -5.45
C LEU A 21 6.47 -9.54 -6.89
N LYS A 22 7.73 -9.73 -7.27
CA LYS A 22 8.05 -10.17 -8.63
C LYS A 22 7.46 -11.55 -8.88
N GLY A 23 7.57 -12.01 -10.12
CA GLY A 23 7.03 -13.32 -10.49
C GLY A 23 7.83 -14.50 -9.95
N ASP A 24 8.68 -14.26 -8.95
CA ASP A 24 9.49 -15.34 -8.38
C ASP A 24 9.64 -15.16 -6.86
N THR A 25 8.84 -14.26 -6.29
CA THR A 25 8.88 -13.98 -4.87
C THR A 25 8.61 -15.21 -4.02
N THR A 26 9.39 -15.35 -2.96
CA THR A 26 9.24 -16.46 -2.02
C THR A 26 8.42 -15.98 -0.84
N TYR A 27 8.02 -16.90 0.03
CA TYR A 27 7.24 -16.52 1.21
C TYR A 27 8.05 -15.53 2.04
N LYS A 28 9.20 -15.97 2.54
CA LYS A 28 10.07 -15.11 3.34
C LYS A 28 10.14 -13.72 2.74
N GLU A 29 10.21 -13.67 1.42
CA GLU A 29 10.26 -12.41 0.72
C GLU A 29 8.98 -11.65 0.99
N LEU A 30 7.85 -12.30 0.72
CA LEU A 30 6.54 -11.72 0.93
C LEU A 30 6.41 -11.26 2.38
N ARG A 31 6.79 -12.13 3.31
CA ARG A 31 6.74 -11.82 4.73
C ARG A 31 7.61 -10.61 5.10
N SER A 32 8.86 -10.61 4.64
CA SER A 32 9.78 -9.51 4.94
C SER A 32 9.20 -8.17 4.48
N LYS A 33 8.35 -8.24 3.47
CA LYS A 33 7.72 -7.06 2.89
C LYS A 33 6.64 -6.50 3.80
N ILE A 34 5.83 -7.39 4.37
CA ILE A 34 4.75 -6.98 5.25
C ILE A 34 5.25 -6.48 6.60
N ALA A 35 6.36 -7.03 7.05
CA ALA A 35 6.93 -6.65 8.33
C ALA A 35 7.14 -5.15 8.45
N PRO A 36 7.92 -4.56 7.52
CA PRO A 36 8.20 -3.13 7.53
C PRO A 36 6.93 -2.30 7.47
N ARG A 37 5.83 -2.93 7.07
CA ARG A 37 4.54 -2.24 7.00
C ARG A 37 3.87 -2.28 8.35
N ILE A 38 3.86 -3.47 8.97
CA ILE A 38 3.26 -3.66 10.28
C ILE A 38 4.06 -2.96 11.37
N ASP A 39 3.73 -3.28 12.60
CA ASP A 39 4.42 -2.73 13.75
C ASP A 39 5.07 -3.88 14.52
N THR A 40 5.27 -5.01 13.83
CA THR A 40 5.85 -6.19 14.45
C THR A 40 6.72 -6.97 13.46
N ASP A 41 7.61 -7.79 14.02
CA ASP A 41 8.47 -8.66 13.22
C ASP A 41 7.99 -10.10 13.38
N ASN A 42 6.89 -10.22 14.12
CA ASN A 42 6.23 -11.48 14.36
C ASN A 42 4.78 -11.34 13.90
N PHE A 43 4.60 -11.61 12.62
CA PHE A 43 3.31 -11.48 11.95
C PHE A 43 3.14 -12.60 10.95
N LYS A 44 1.91 -12.99 10.72
CA LYS A 44 1.63 -14.03 9.75
C LYS A 44 0.84 -13.44 8.61
N LEU A 45 0.85 -14.11 7.47
CA LEU A 45 0.10 -13.66 6.31
C LEU A 45 -0.84 -14.77 5.86
N GLN A 46 -2.00 -14.40 5.35
CA GLN A 46 -2.95 -15.38 4.88
C GLN A 46 -3.79 -14.81 3.74
N THR A 47 -4.07 -15.63 2.75
CA THR A 47 -4.87 -15.20 1.63
C THR A 47 -6.29 -14.88 2.11
N LYS A 48 -6.69 -13.61 1.98
CA LYS A 48 -8.00 -13.18 2.43
C LYS A 48 -9.03 -13.28 1.30
N LEU A 49 -10.13 -13.96 1.58
CA LEU A 49 -11.18 -14.12 0.59
C LEU A 49 -12.55 -13.83 1.21
N PHE A 50 -13.62 -14.03 0.44
CA PHE A 50 -14.99 -13.75 0.90
C PHE A 50 -15.19 -14.06 2.39
N ASP A 51 -14.51 -15.09 2.89
CA ASP A 51 -14.62 -15.46 4.29
C ASP A 51 -13.69 -14.62 5.12
N GLY A 52 -12.45 -14.52 4.66
CA GLY A 52 -11.44 -13.79 5.38
C GLY A 52 -10.57 -14.73 6.19
N SER A 53 -10.78 -16.02 5.96
CA SER A 53 -10.05 -17.07 6.64
C SER A 53 -9.48 -18.04 5.61
N GLY A 54 -8.64 -17.51 4.74
CA GLY A 54 -8.05 -18.33 3.71
C GLY A 54 -6.87 -19.12 4.23
N GLU A 55 -5.85 -19.31 3.38
CA GLU A 55 -4.67 -20.05 3.77
C GLU A 55 -3.60 -19.09 4.27
N GLU A 56 -2.76 -19.56 5.18
CA GLU A 56 -1.68 -18.74 5.71
C GLU A 56 -0.44 -18.89 4.84
N ILE A 57 -0.03 -17.78 4.22
CA ILE A 57 1.15 -17.82 3.36
C ILE A 57 2.41 -18.01 4.16
N LYS A 58 2.85 -19.25 4.22
CA LYS A 58 4.06 -19.58 4.93
C LYS A 58 5.08 -20.17 3.97
N THR A 59 4.61 -20.68 2.84
CA THR A 59 5.47 -21.29 1.85
C THR A 59 5.45 -20.49 0.56
N ASP A 60 6.54 -20.58 -0.18
CA ASP A 60 6.69 -19.86 -1.42
C ASP A 60 5.60 -20.19 -2.44
N SER A 61 5.15 -21.43 -2.51
CA SER A 61 4.15 -21.83 -3.48
C SER A 61 2.84 -21.06 -3.32
N GLN A 62 2.62 -20.46 -2.17
CA GLN A 62 1.39 -19.71 -1.93
C GLN A 62 1.61 -18.23 -2.20
N VAL A 63 2.47 -17.63 -1.38
CA VAL A 63 2.81 -16.22 -1.50
C VAL A 63 2.98 -15.87 -2.97
N SER A 64 3.77 -16.68 -3.65
CA SER A 64 3.99 -16.50 -5.06
C SER A 64 2.64 -16.48 -5.75
N ASN A 65 1.93 -17.60 -5.64
CA ASN A 65 0.61 -17.76 -6.23
C ASN A 65 -0.28 -16.57 -5.93
N ILE A 66 -0.04 -15.93 -4.81
CA ILE A 66 -0.81 -14.77 -4.42
C ILE A 66 -0.40 -13.58 -5.29
N ILE A 67 0.87 -13.58 -5.67
CA ILE A 67 1.41 -12.52 -6.53
C ILE A 67 0.95 -12.74 -7.96
N GLN A 68 0.77 -14.00 -8.31
CA GLN A 68 0.33 -14.40 -9.63
C GLN A 68 -1.17 -14.33 -9.70
N ALA A 69 -1.78 -15.08 -8.82
CA ALA A 69 -3.22 -15.16 -8.69
C ALA A 69 -3.81 -13.82 -8.28
N LYS A 70 -2.96 -12.94 -7.75
CA LYS A 70 -3.39 -11.61 -7.31
C LYS A 70 -4.32 -11.77 -6.11
N LEU A 71 -3.98 -12.74 -5.28
CA LEU A 71 -4.76 -13.06 -4.09
C LEU A 71 -4.59 -12.04 -2.99
N LYS A 72 -5.71 -11.71 -2.35
CA LYS A 72 -5.71 -10.77 -1.24
C LYS A 72 -5.12 -11.46 -0.02
N ILE A 73 -4.43 -10.72 0.83
CA ILE A 73 -3.83 -11.32 2.01
C ILE A 73 -4.21 -10.58 3.29
N SER A 74 -4.14 -11.31 4.40
CA SER A 74 -4.45 -10.77 5.70
C SER A 74 -3.32 -11.10 6.66
N VAL A 75 -2.61 -10.09 7.15
CA VAL A 75 -1.52 -10.30 8.07
C VAL A 75 -1.96 -10.04 9.50
N HIS A 76 -1.45 -10.83 10.44
CA HIS A 76 -1.82 -10.68 11.83
C HIS A 76 -0.64 -10.98 12.74
N ASP A 77 -0.75 -10.53 13.99
CA ASP A 77 0.27 -10.77 14.97
C ASP A 77 0.29 -12.24 15.31
N ILE A 78 1.41 -12.76 15.79
CA ILE A 78 1.52 -14.17 16.10
C ILE A 78 1.82 -14.38 17.59
N PRO B 1 -0.05 20.45 -13.13
CA PRO B 1 0.39 20.78 -14.52
C PRO B 1 1.19 19.65 -15.15
N LEU B 2 2.43 19.48 -14.67
CA LEU B 2 3.30 18.43 -15.19
C LEU B 2 2.87 17.06 -14.67
N GLY B 3 3.64 16.03 -15.03
CA GLY B 3 3.31 14.68 -14.60
C GLY B 3 3.42 14.50 -13.11
N SER B 4 2.50 15.11 -12.37
CA SER B 4 2.47 15.01 -10.92
C SER B 4 1.25 14.23 -10.45
N ILE B 5 1.29 13.78 -9.20
CA ILE B 5 0.19 13.01 -8.64
C ILE B 5 -0.57 13.80 -7.59
N LEU B 6 -1.88 13.91 -7.79
CA LEU B 6 -2.73 14.61 -6.85
C LEU B 6 -3.21 13.66 -5.77
N PHE B 7 -2.85 13.93 -4.53
CA PHE B 7 -3.21 13.06 -3.42
C PHE B 7 -4.61 13.35 -2.88
N ARG B 8 -5.62 12.75 -3.50
CA ARG B 8 -6.97 12.91 -2.99
C ARG B 8 -6.98 12.38 -1.58
N ILE B 9 -7.13 13.25 -0.60
CA ILE B 9 -7.10 12.83 0.80
C ILE B 9 -8.40 13.15 1.51
N SER B 10 -9.08 12.13 2.00
CA SER B 10 -10.33 12.33 2.71
C SER B 10 -10.11 12.13 4.21
N TYR B 11 -9.90 13.21 4.93
CA TYR B 11 -9.70 13.14 6.37
C TYR B 11 -11.00 13.41 7.11
N ASN B 12 -11.49 12.42 7.84
CA ASN B 12 -12.76 12.57 8.56
C ASN B 12 -13.91 12.53 7.55
N SER B 13 -14.67 13.62 7.41
CA SER B 13 -15.77 13.66 6.46
C SER B 13 -15.56 14.79 5.46
N GLU B 14 -14.30 15.03 5.13
CA GLU B 14 -13.94 16.08 4.17
C GLU B 14 -12.88 15.59 3.20
N ILE B 15 -12.61 16.36 2.15
CA ILE B 15 -11.63 15.98 1.15
C ILE B 15 -10.58 17.06 0.92
N PHE B 16 -9.33 16.62 0.85
CA PHE B 16 -8.20 17.52 0.60
C PHE B 16 -7.29 16.89 -0.45
N THR B 17 -6.83 17.68 -1.40
CA THR B 17 -5.98 17.16 -2.46
C THR B 17 -4.59 17.79 -2.42
N LEU B 18 -3.57 16.96 -2.28
CA LEU B 18 -2.19 17.43 -2.19
C LEU B 18 -1.38 16.90 -3.39
N LEU B 19 -0.85 17.81 -4.20
CA LEU B 19 -0.07 17.43 -5.38
C LEU B 19 1.36 16.98 -5.03
N VAL B 20 1.78 15.88 -5.65
CA VAL B 20 3.11 15.34 -5.42
C VAL B 20 3.70 14.75 -6.70
N GLU B 21 4.78 15.37 -7.20
CA GLU B 21 5.43 14.89 -8.41
C GLU B 21 5.87 13.44 -8.24
N LYS B 22 5.84 12.68 -9.32
CA LYS B 22 6.24 11.27 -9.30
C LYS B 22 7.74 11.12 -9.09
N VAL B 23 8.47 12.22 -9.14
CA VAL B 23 9.92 12.19 -8.98
C VAL B 23 10.33 12.24 -7.51
N TRP B 24 9.38 12.46 -6.61
CA TRP B 24 9.72 12.55 -5.20
C TRP B 24 9.37 11.26 -4.45
N ASN B 25 10.01 11.08 -3.29
CA ASN B 25 9.80 9.90 -2.47
C ASN B 25 8.78 10.16 -1.37
N PHE B 26 8.42 9.11 -0.65
CA PHE B 26 7.44 9.19 0.44
C PHE B 26 7.58 10.45 1.27
N ASP B 27 8.78 11.03 1.35
CA ASP B 27 8.97 12.24 2.11
C ASP B 27 8.24 13.37 1.41
N ASP B 28 8.92 14.05 0.49
CA ASP B 28 8.34 15.17 -0.24
C ASP B 28 6.82 15.08 -0.31
N LEU B 29 6.31 13.94 -0.78
CA LEU B 29 4.86 13.76 -0.89
C LEU B 29 4.22 13.91 0.48
N ILE B 30 4.85 13.36 1.52
CA ILE B 30 4.36 13.50 2.89
C ILE B 30 4.52 14.96 3.26
N MET B 31 5.74 15.44 3.05
CA MET B 31 6.08 16.83 3.29
C MET B 31 5.01 17.68 2.61
N ALA B 32 4.54 17.16 1.48
CA ALA B 32 3.47 17.77 0.72
C ALA B 32 2.16 17.55 1.43
N ILE B 33 1.92 16.29 1.82
CA ILE B 33 0.70 15.93 2.52
C ILE B 33 0.54 16.79 3.76
N ASN B 34 1.51 16.72 4.66
CA ASN B 34 1.49 17.51 5.89
C ASN B 34 1.19 18.97 5.59
N SER B 35 1.62 19.40 4.41
CA SER B 35 1.40 20.78 3.97
C SER B 35 -0.07 21.02 3.61
N LYS B 36 -0.81 19.95 3.31
CA LYS B 36 -2.21 20.07 2.93
C LYS B 36 -3.16 19.46 3.97
N ILE B 37 -2.73 18.39 4.63
CA ILE B 37 -3.59 17.72 5.61
C ILE B 37 -3.61 18.43 6.96
N SER B 38 -2.48 19.03 7.36
CA SER B 38 -2.41 19.72 8.66
C SER B 38 -3.61 20.63 8.89
N ASN B 39 -4.30 21.00 7.82
CA ASN B 39 -5.47 21.87 7.91
C ASN B 39 -6.63 21.17 8.64
N THR B 40 -6.48 19.86 8.87
CA THR B 40 -7.52 19.08 9.54
C THR B 40 -7.62 19.46 11.02
N HIS B 41 -6.52 19.99 11.57
CA HIS B 41 -6.49 20.39 12.97
C HIS B 41 -6.54 19.17 13.89
N ILE B 42 -5.46 18.39 13.86
CA ILE B 42 -5.38 17.19 14.68
C ILE B 42 -3.92 16.76 14.87
N SER B 43 -3.18 16.68 13.77
CA SER B 43 -1.79 16.29 13.80
C SER B 43 -1.21 16.26 12.39
N PRO B 44 0.13 16.41 12.26
CA PRO B 44 0.80 16.41 10.95
C PRO B 44 0.79 15.04 10.27
N ILE B 45 0.33 14.02 10.99
CA ILE B 45 0.27 12.67 10.45
C ILE B 45 1.66 12.22 9.98
N THR B 46 1.80 10.92 9.72
CA THR B 46 3.07 10.36 9.26
C THR B 46 2.85 9.12 8.39
N LYS B 47 1.58 8.79 8.15
CA LYS B 47 1.23 7.64 7.32
C LYS B 47 -0.03 7.93 6.55
N ILE B 48 -0.17 7.36 5.36
CA ILE B 48 -1.35 7.59 4.55
C ILE B 48 -1.96 6.28 4.06
N LYS B 49 -3.23 6.35 3.69
CA LYS B 49 -3.94 5.19 3.17
C LYS B 49 -4.28 5.45 1.71
N TYR B 50 -4.31 4.41 0.88
CA TYR B 50 -4.60 4.61 -0.53
C TYR B 50 -5.50 3.49 -1.07
N GLN B 51 -6.61 3.87 -1.68
CA GLN B 51 -7.54 2.90 -2.23
C GLN B 51 -6.91 2.10 -3.37
N ASP B 52 -6.96 0.78 -3.27
CA ASP B 52 -6.40 -0.08 -4.30
C ASP B 52 -7.48 -0.48 -5.30
N GLU B 53 -7.08 -1.19 -6.35
CA GLU B 53 -8.03 -1.63 -7.37
C GLU B 53 -9.00 -2.66 -6.80
N ASP B 54 -8.58 -3.31 -5.73
CA ASP B 54 -9.41 -4.33 -5.08
C ASP B 54 -10.72 -3.73 -4.58
N GLY B 55 -10.75 -2.42 -4.37
CA GLY B 55 -11.96 -1.78 -3.88
C GLY B 55 -11.91 -1.48 -2.40
N ASP B 56 -10.75 -1.65 -1.79
CA ASP B 56 -10.59 -1.37 -0.37
C ASP B 56 -9.55 -0.28 -0.16
N PHE B 57 -9.24 0.00 1.09
CA PHE B 57 -8.25 1.03 1.40
C PHE B 57 -7.05 0.41 2.08
N VAL B 58 -5.85 0.76 1.61
CA VAL B 58 -4.63 0.25 2.20
C VAL B 58 -3.73 1.40 2.63
N VAL B 59 -2.55 1.07 3.14
CA VAL B 59 -1.62 2.09 3.62
C VAL B 59 -0.46 2.28 2.65
N LEU B 60 0.33 3.33 2.91
CA LEU B 60 1.50 3.64 2.11
C LEU B 60 2.43 4.57 2.85
N GLY B 61 3.67 4.14 3.02
CA GLY B 61 4.66 4.95 3.72
C GLY B 61 6.03 4.33 3.69
N SER B 62 6.33 3.61 2.62
CA SER B 62 7.63 2.96 2.49
C SER B 62 8.15 3.06 1.05
N ASP B 63 9.44 2.80 0.88
CA ASP B 63 10.07 2.85 -0.44
C ASP B 63 9.50 1.75 -1.33
N GLU B 64 9.21 0.60 -0.71
CA GLU B 64 8.65 -0.53 -1.43
C GLU B 64 7.23 -0.22 -1.89
N ASP B 65 6.41 0.26 -0.96
CA ASP B 65 5.03 0.61 -1.27
C ASP B 65 5.01 1.82 -2.20
N TRP B 66 5.84 2.81 -1.87
CA TRP B 66 5.92 4.02 -2.68
C TRP B 66 6.07 3.67 -4.16
N ASN B 67 6.87 2.65 -4.44
CA ASN B 67 7.09 2.20 -5.82
C ASN B 67 5.81 1.57 -6.36
N VAL B 68 5.06 0.94 -5.47
CA VAL B 68 3.81 0.31 -5.82
C VAL B 68 2.77 1.35 -6.19
N ALA B 69 2.83 2.47 -5.49
CA ALA B 69 1.91 3.57 -5.70
C ALA B 69 2.09 4.16 -7.10
N LYS B 70 3.33 4.47 -7.43
CA LYS B 70 3.64 5.04 -8.73
C LYS B 70 3.34 4.04 -9.84
N GLU B 71 3.72 2.78 -9.62
CA GLU B 71 3.49 1.73 -10.59
C GLU B 71 2.00 1.42 -10.71
N MET B 72 1.36 1.19 -9.57
CA MET B 72 -0.07 0.91 -9.54
C MET B 72 -0.81 1.95 -10.39
N LEU B 73 -0.28 3.17 -10.35
CA LEU B 73 -0.83 4.27 -11.10
C LEU B 73 -0.39 4.15 -12.56
N ALA B 74 0.92 4.01 -12.74
CA ALA B 74 1.53 3.89 -14.07
C ALA B 74 0.66 3.07 -15.02
N GLU B 75 0.12 1.99 -14.49
CA GLU B 75 -0.70 1.08 -15.25
C GLU B 75 -1.88 1.81 -15.88
N ASN B 76 -2.35 2.84 -15.21
CA ASN B 76 -3.48 3.63 -15.69
C ASN B 76 -3.04 5.06 -15.98
N ASN B 77 -1.83 5.41 -15.53
CA ASN B 77 -1.26 6.72 -15.73
C ASN B 77 -2.27 7.84 -15.49
N GLU B 78 -3.14 7.67 -14.51
CA GLU B 78 -4.15 8.67 -14.19
C GLU B 78 -3.50 9.98 -13.74
N LYS B 79 -2.42 9.86 -12.97
CA LYS B 79 -1.68 11.00 -12.44
C LYS B 79 -2.35 11.56 -11.20
N PHE B 80 -3.06 10.68 -10.48
CA PHE B 80 -3.74 11.07 -9.24
C PHE B 80 -3.57 9.98 -8.19
N LEU B 81 -4.19 10.19 -7.04
CA LEU B 81 -4.09 9.23 -5.94
C LEU B 81 -5.29 9.32 -5.01
N ASN B 82 -5.90 8.17 -4.71
CA ASN B 82 -7.03 8.13 -3.80
C ASN B 82 -6.54 7.83 -2.39
N ILE B 83 -6.20 8.89 -1.68
CA ILE B 83 -5.68 8.78 -0.31
C ILE B 83 -6.78 9.05 0.72
N ARG B 84 -6.55 8.60 1.95
CA ARG B 84 -7.50 8.80 3.03
C ARG B 84 -6.78 8.85 4.39
N LEU B 85 -7.21 9.78 5.24
CA LEU B 85 -6.61 9.93 6.55
C LEU B 85 -7.66 9.77 7.66
N TYR B 86 -7.36 8.91 8.62
CA TYR B 86 -8.27 8.66 9.73
C TYR B 86 -9.57 8.02 9.25
N PRO A 1 15.73 -7.00 -16.56
CA PRO A 1 15.14 -5.64 -16.64
C PRO A 1 13.61 -5.68 -16.66
N HIS A 2 12.99 -4.50 -16.75
CA HIS A 2 11.53 -4.39 -16.77
C HIS A 2 10.93 -4.49 -15.37
N MET A 3 11.76 -4.82 -14.38
CA MET A 3 11.31 -4.95 -12.99
C MET A 3 9.85 -5.38 -12.88
N LYS A 4 9.55 -6.59 -13.33
CA LYS A 4 8.19 -7.10 -13.28
C LYS A 4 7.80 -7.46 -11.84
N THR A 5 6.72 -6.85 -11.37
CA THR A 5 6.26 -7.10 -10.01
C THR A 5 4.74 -7.14 -9.95
N THR A 6 4.21 -7.68 -8.85
CA THR A 6 2.77 -7.78 -8.67
C THR A 6 2.28 -6.80 -7.61
N LYS A 7 1.01 -6.45 -7.70
CA LYS A 7 0.41 -5.54 -6.74
C LYS A 7 -0.53 -6.32 -5.81
N ILE A 8 0.01 -6.76 -4.68
CA ILE A 8 -0.78 -7.51 -3.72
C ILE A 8 -0.90 -6.75 -2.41
N LYS A 9 -2.08 -6.76 -1.83
CA LYS A 9 -2.32 -6.07 -0.58
C LYS A 9 -2.29 -7.05 0.58
N PHE A 10 -2.41 -6.51 1.79
CA PHE A 10 -2.42 -7.33 3.00
C PHE A 10 -3.20 -6.59 4.08
N TYR A 11 -3.70 -7.32 5.06
CA TYR A 11 -4.49 -6.73 6.13
C TYR A 11 -3.91 -7.05 7.49
N TYR A 12 -3.60 -6.03 8.28
CA TYR A 12 -3.07 -6.24 9.62
C TYR A 12 -4.04 -5.69 10.66
N LYS A 13 -4.65 -6.59 11.43
CA LYS A 13 -5.61 -6.21 12.46
C LYS A 13 -6.74 -5.37 11.88
N ASP A 14 -6.45 -4.11 11.61
CA ASP A 14 -7.46 -3.19 11.04
C ASP A 14 -6.82 -2.27 10.00
N ASP A 15 -5.65 -2.66 9.50
CA ASP A 15 -4.95 -1.86 8.50
C ASP A 15 -4.63 -2.71 7.27
N ILE A 16 -4.59 -2.07 6.10
CA ILE A 16 -4.30 -2.78 4.86
C ILE A 16 -3.04 -2.22 4.19
N PHE A 17 -2.04 -3.05 3.91
CA PHE A 17 -0.84 -2.55 3.25
C PHE A 17 -0.78 -3.09 1.81
N ALA A 18 0.12 -2.54 1.00
CA ALA A 18 0.26 -2.97 -0.39
C ALA A 18 1.73 -3.18 -0.76
N LEU A 19 2.04 -4.31 -1.38
CA LEU A 19 3.42 -4.64 -1.75
C LEU A 19 3.55 -5.07 -3.20
N MET A 20 4.80 -5.34 -3.59
CA MET A 20 5.10 -5.75 -4.95
C MET A 20 5.99 -7.00 -4.97
N LEU A 21 5.46 -8.13 -5.45
CA LEU A 21 6.23 -9.37 -5.50
C LEU A 21 6.48 -9.81 -6.94
N LYS A 22 7.74 -9.98 -7.32
CA LYS A 22 8.08 -10.40 -8.67
C LYS A 22 7.47 -11.76 -8.99
N GLY A 23 7.55 -12.17 -10.24
CA GLY A 23 6.99 -13.45 -10.66
C GLY A 23 7.73 -14.67 -10.13
N ASP A 24 8.67 -14.46 -9.21
CA ASP A 24 9.43 -15.57 -8.64
C ASP A 24 9.57 -15.40 -7.13
N THR A 25 8.78 -14.51 -6.57
CA THR A 25 8.80 -14.22 -5.14
C THR A 25 8.51 -15.46 -4.29
N THR A 26 9.27 -15.60 -3.23
CA THR A 26 9.11 -16.70 -2.28
C THR A 26 8.31 -16.20 -1.09
N TYR A 27 7.91 -17.11 -0.21
CA TYR A 27 7.17 -16.72 0.97
C TYR A 27 8.01 -15.73 1.78
N LYS A 28 9.15 -16.20 2.27
CA LYS A 28 10.05 -15.36 3.07
C LYS A 28 10.16 -13.98 2.46
N GLU A 29 10.19 -13.92 1.13
CA GLU A 29 10.26 -12.65 0.44
C GLU A 29 8.99 -11.87 0.75
N LEU A 30 7.86 -12.49 0.49
CA LEU A 30 6.56 -11.89 0.74
C LEU A 30 6.48 -11.43 2.20
N ARG A 31 6.85 -12.32 3.11
CA ARG A 31 6.82 -12.01 4.53
C ARG A 31 7.73 -10.84 4.89
N SER A 32 8.97 -10.87 4.42
CA SER A 32 9.93 -9.80 4.69
C SER A 32 9.37 -8.45 4.25
N LYS A 33 8.49 -8.50 3.26
CA LYS A 33 7.89 -7.31 2.71
C LYS A 33 6.83 -6.72 3.63
N ILE A 34 6.02 -7.59 4.22
CA ILE A 34 4.97 -7.15 5.13
C ILE A 34 5.51 -6.69 6.48
N ALA A 35 6.60 -7.30 6.90
CA ALA A 35 7.21 -6.95 8.19
C ALA A 35 7.47 -5.46 8.31
N PRO A 36 8.25 -4.89 7.40
CA PRO A 36 8.58 -3.47 7.43
C PRO A 36 7.34 -2.59 7.39
N ARG A 37 6.21 -3.18 6.99
CA ARG A 37 4.95 -2.46 6.93
C ARG A 37 4.28 -2.50 8.30
N ILE A 38 4.27 -3.67 8.91
CA ILE A 38 3.66 -3.85 10.22
C ILE A 38 4.49 -3.19 11.30
N ASP A 39 4.15 -3.51 12.55
CA ASP A 39 4.85 -3.01 13.70
C ASP A 39 5.50 -4.17 14.45
N THR A 40 5.65 -5.29 13.74
CA THR A 40 6.22 -6.50 14.33
C THR A 40 7.06 -7.29 13.33
N ASP A 41 7.94 -8.14 13.86
CA ASP A 41 8.77 -9.02 13.03
C ASP A 41 8.26 -10.45 13.19
N ASN A 42 7.16 -10.55 13.94
CA ASN A 42 6.47 -11.81 14.18
C ASN A 42 5.02 -11.63 13.74
N PHE A 43 4.81 -11.87 12.46
CA PHE A 43 3.52 -11.70 11.82
C PHE A 43 3.30 -12.80 10.81
N LYS A 44 2.05 -13.16 10.61
CA LYS A 44 1.73 -14.18 9.63
C LYS A 44 0.94 -13.55 8.51
N LEU A 45 0.91 -14.20 7.36
CA LEU A 45 0.16 -13.73 6.22
C LEU A 45 -0.82 -14.80 5.77
N GLN A 46 -1.97 -14.40 5.27
CA GLN A 46 -2.96 -15.35 4.80
C GLN A 46 -3.79 -14.74 3.68
N THR A 47 -4.11 -15.55 2.68
CA THR A 47 -4.92 -15.11 1.57
C THR A 47 -6.31 -14.76 2.09
N LYS A 48 -6.69 -13.49 2.01
CA LYS A 48 -8.01 -13.06 2.48
C LYS A 48 -9.04 -13.16 1.38
N LEU A 49 -10.16 -13.82 1.68
CA LEU A 49 -11.24 -13.98 0.72
C LEU A 49 -12.59 -13.67 1.35
N PHE A 50 -13.67 -13.87 0.59
CA PHE A 50 -15.03 -13.58 1.07
C PHE A 50 -15.22 -13.90 2.55
N ASP A 51 -14.54 -14.92 3.04
CA ASP A 51 -14.64 -15.29 4.44
C ASP A 51 -13.68 -14.46 5.27
N GLY A 52 -12.45 -14.37 4.79
CA GLY A 52 -11.43 -13.64 5.51
C GLY A 52 -10.55 -14.60 6.29
N SER A 53 -10.79 -15.89 6.05
CA SER A 53 -10.05 -16.94 6.71
C SER A 53 -9.50 -17.91 5.65
N GLY A 54 -8.68 -17.39 4.76
CA GLY A 54 -8.12 -18.22 3.71
C GLY A 54 -6.94 -19.04 4.22
N GLU A 55 -5.95 -19.24 3.35
CA GLU A 55 -4.77 -20.00 3.72
C GLU A 55 -3.68 -19.05 4.19
N GLU A 56 -2.85 -19.54 5.10
CA GLU A 56 -1.75 -18.74 5.63
C GLU A 56 -0.52 -18.91 4.74
N ILE A 57 -0.10 -17.83 4.11
CA ILE A 57 1.07 -17.89 3.23
C ILE A 57 2.33 -18.11 4.02
N LYS A 58 2.76 -19.35 4.05
CA LYS A 58 3.97 -19.72 4.75
C LYS A 58 4.97 -20.31 3.77
N THR A 59 4.47 -20.81 2.64
CA THR A 59 5.31 -21.44 1.64
C THR A 59 5.29 -20.63 0.35
N ASP A 60 6.36 -20.75 -0.41
CA ASP A 60 6.50 -20.03 -1.65
C ASP A 60 5.38 -20.31 -2.65
N SER A 61 4.92 -21.56 -2.72
CA SER A 61 3.87 -21.93 -3.66
C SER A 61 2.58 -21.13 -3.49
N GLN A 62 2.39 -20.54 -2.31
CA GLN A 62 1.19 -19.75 -2.06
C GLN A 62 1.43 -18.28 -2.33
N VAL A 63 2.32 -17.71 -1.53
CA VAL A 63 2.69 -16.30 -1.65
C VAL A 63 2.83 -15.96 -3.11
N SER A 64 3.59 -16.78 -3.82
CA SER A 64 3.78 -16.59 -5.23
C SER A 64 2.42 -16.53 -5.89
N ASN A 65 1.69 -17.63 -5.78
CA ASN A 65 0.36 -17.75 -6.33
C ASN A 65 -0.50 -16.54 -6.01
N ILE A 66 -0.21 -15.91 -4.90
CA ILE A 66 -0.95 -14.72 -4.51
C ILE A 66 -0.51 -13.55 -5.37
N ILE A 67 0.75 -13.58 -5.76
CA ILE A 67 1.31 -12.53 -6.63
C ILE A 67 0.81 -12.73 -8.06
N GLN A 68 0.57 -13.99 -8.40
CA GLN A 68 0.10 -14.36 -9.71
C GLN A 68 -1.42 -14.25 -9.75
N ALA A 69 -2.01 -14.98 -8.84
CA ALA A 69 -3.45 -15.03 -8.68
C ALA A 69 -3.99 -13.66 -8.27
N LYS A 70 -3.10 -12.80 -7.77
CA LYS A 70 -3.49 -11.47 -7.33
C LYS A 70 -4.36 -11.59 -6.09
N LEU A 71 -4.04 -12.57 -5.27
CA LEU A 71 -4.78 -12.85 -4.05
C LEU A 71 -4.55 -11.80 -2.99
N LYS A 72 -5.63 -11.41 -2.34
CA LYS A 72 -5.52 -10.44 -1.25
C LYS A 72 -5.07 -11.19 -0.01
N ILE A 73 -4.29 -10.54 0.83
CA ILE A 73 -3.76 -11.20 2.02
C ILE A 73 -4.12 -10.47 3.31
N SER A 74 -4.06 -11.22 4.40
CA SER A 74 -4.35 -10.68 5.73
C SER A 74 -3.22 -11.07 6.67
N VAL A 75 -2.47 -10.08 7.15
CA VAL A 75 -1.37 -10.34 8.05
C VAL A 75 -1.78 -10.09 9.49
N HIS A 76 -1.25 -10.89 10.41
CA HIS A 76 -1.58 -10.75 11.81
C HIS A 76 -0.40 -11.10 12.69
N ASP A 77 -0.49 -10.69 13.95
CA ASP A 77 0.55 -10.98 14.92
C ASP A 77 0.55 -12.47 15.23
N ILE A 78 1.67 -13.00 15.67
CA ILE A 78 1.75 -14.42 15.96
C ILE A 78 2.08 -14.67 17.43
N PRO B 1 9.36 13.75 -18.95
CA PRO B 1 10.20 14.46 -17.96
C PRO B 1 9.82 14.07 -16.53
N LEU B 2 8.56 14.29 -16.18
CA LEU B 2 8.06 13.98 -14.85
C LEU B 2 6.54 13.93 -14.83
N GLY B 3 5.97 13.37 -13.77
CA GLY B 3 4.53 13.28 -13.65
C GLY B 3 4.05 13.63 -12.27
N SER B 4 3.02 14.48 -12.20
CA SER B 4 2.48 14.91 -10.92
C SER B 4 1.25 14.10 -10.52
N ILE B 5 1.28 13.59 -9.29
CA ILE B 5 0.17 12.81 -8.77
C ILE B 5 -0.61 13.59 -7.73
N LEU B 6 -1.91 13.71 -7.94
CA LEU B 6 -2.76 14.44 -7.00
C LEU B 6 -3.26 13.50 -5.92
N PHE B 7 -2.89 13.79 -4.67
CA PHE B 7 -3.28 12.95 -3.55
C PHE B 7 -4.67 13.28 -3.01
N ARG B 8 -5.71 12.73 -3.63
CA ARG B 8 -7.05 12.94 -3.12
C ARG B 8 -7.04 12.44 -1.69
N ILE B 9 -7.15 13.34 -0.72
CA ILE B 9 -7.10 12.94 0.68
C ILE B 9 -8.39 13.29 1.40
N SER B 10 -9.08 12.28 1.89
CA SER B 10 -10.32 12.51 2.61
C SER B 10 -10.13 12.25 4.11
N TYR B 11 -9.89 13.31 4.87
CA TYR B 11 -9.71 13.18 6.30
C TYR B 11 -11.03 13.43 7.01
N ASN B 12 -11.54 12.43 7.71
CA ASN B 12 -12.82 12.56 8.39
C ASN B 12 -13.95 12.58 7.36
N SER B 13 -14.71 13.68 7.27
CA SER B 13 -15.78 13.76 6.29
C SER B 13 -15.52 14.93 5.34
N GLU B 14 -14.25 15.20 5.09
CA GLU B 14 -13.85 16.29 4.20
C GLU B 14 -12.82 15.80 3.19
N ILE B 15 -12.57 16.60 2.15
CA ILE B 15 -11.61 16.21 1.12
C ILE B 15 -10.55 17.26 0.88
N PHE B 16 -9.31 16.80 0.77
CA PHE B 16 -8.16 17.67 0.50
C PHE B 16 -7.29 17.00 -0.56
N THR B 17 -6.84 17.76 -1.55
CA THR B 17 -6.03 17.22 -2.62
C THR B 17 -4.62 17.80 -2.61
N LEU B 18 -3.61 16.93 -2.50
CA LEU B 18 -2.22 17.38 -2.45
C LEU B 18 -1.41 16.79 -3.62
N LEU B 19 -0.82 17.66 -4.44
CA LEU B 19 -0.04 17.21 -5.60
C LEU B 19 1.37 16.73 -5.20
N VAL B 20 1.77 15.59 -5.76
CA VAL B 20 3.09 15.01 -5.49
C VAL B 20 3.67 14.34 -6.75
N GLU B 21 4.78 14.89 -7.25
CA GLU B 21 5.42 14.36 -8.45
C GLU B 21 5.91 12.92 -8.23
N LYS B 22 5.99 12.17 -9.33
CA LYS B 22 6.44 10.77 -9.27
C LYS B 22 7.82 10.63 -8.66
N VAL B 23 8.56 11.74 -8.57
CA VAL B 23 9.91 11.70 -8.02
C VAL B 23 9.92 12.00 -6.52
N TRP B 24 8.75 12.37 -5.98
CA TRP B 24 8.63 12.69 -4.56
C TRP B 24 8.45 11.43 -3.73
N ASN B 25 9.46 11.09 -2.94
CA ASN B 25 9.39 9.92 -2.08
C ASN B 25 8.49 10.19 -0.89
N PHE B 26 8.18 9.15 -0.12
CA PHE B 26 7.31 9.27 1.05
C PHE B 26 7.40 10.63 1.72
N ASP B 27 8.62 11.17 1.84
CA ASP B 27 8.77 12.48 2.46
C ASP B 27 8.11 13.53 1.60
N ASP B 28 8.84 14.08 0.63
CA ASP B 28 8.32 15.11 -0.27
C ASP B 28 6.79 15.04 -0.39
N LEU B 29 6.27 13.84 -0.65
CA LEU B 29 4.83 13.67 -0.78
C LEU B 29 4.14 13.91 0.56
N ILE B 30 4.73 13.39 1.65
CA ILE B 30 4.19 13.63 2.98
C ILE B 30 4.36 15.12 3.28
N MET B 31 5.58 15.57 3.00
CA MET B 31 5.92 16.97 3.15
C MET B 31 4.87 17.78 2.41
N ALA B 32 4.43 17.22 1.29
CA ALA B 32 3.39 17.80 0.46
C ALA B 32 2.05 17.64 1.16
N ILE B 33 1.76 16.42 1.59
CA ILE B 33 0.53 16.11 2.29
C ILE B 33 0.36 17.03 3.49
N ASN B 34 1.32 16.96 4.42
CA ASN B 34 1.28 17.79 5.61
C ASN B 34 1.02 19.25 5.26
N SER B 35 1.46 19.64 4.07
CA SER B 35 1.27 20.99 3.59
C SER B 35 -0.18 21.25 3.18
N LYS B 36 -0.92 20.18 2.89
CA LYS B 36 -2.31 20.31 2.48
C LYS B 36 -3.28 19.78 3.53
N ILE B 37 -2.88 18.74 4.25
CA ILE B 37 -3.74 18.13 5.27
C ILE B 37 -3.73 18.90 6.57
N SER B 38 -2.59 19.51 6.92
CA SER B 38 -2.48 20.27 8.17
C SER B 38 -3.66 21.21 8.37
N ASN B 39 -4.40 21.49 7.30
CA ASN B 39 -5.57 22.36 7.37
C ASN B 39 -6.61 21.80 8.34
N THR B 40 -6.38 20.58 8.82
CA THR B 40 -7.28 19.94 9.76
C THR B 40 -6.97 20.38 11.18
N HIS B 41 -7.54 19.68 12.16
CA HIS B 41 -7.32 20.00 13.56
C HIS B 41 -7.20 18.72 14.38
N ILE B 42 -6.02 18.12 14.34
CA ILE B 42 -5.77 16.87 15.06
C ILE B 42 -4.27 16.59 15.18
N SER B 43 -3.55 16.72 14.06
CA SER B 43 -2.12 16.48 14.02
C SER B 43 -1.59 16.56 12.60
N PRO B 44 -0.25 16.67 12.43
CA PRO B 44 0.39 16.76 11.12
C PRO B 44 0.35 15.44 10.34
N ILE B 45 -0.12 14.38 10.99
CA ILE B 45 -0.20 13.07 10.36
C ILE B 45 1.18 12.59 9.89
N THR B 46 1.28 11.29 9.64
CA THR B 46 2.51 10.68 9.18
C THR B 46 2.24 9.43 8.32
N LYS B 47 1.05 8.85 8.50
CA LYS B 47 0.65 7.67 7.75
C LYS B 47 -0.58 7.96 6.91
N ILE B 48 -0.55 7.53 5.65
CA ILE B 48 -1.67 7.75 4.75
C ILE B 48 -2.25 6.44 4.25
N LYS B 49 -3.49 6.50 3.78
CA LYS B 49 -4.16 5.34 3.24
C LYS B 49 -4.41 5.56 1.75
N TYR B 50 -4.42 4.50 0.94
CA TYR B 50 -4.63 4.65 -0.49
C TYR B 50 -5.55 3.56 -1.02
N GLN B 51 -6.67 3.95 -1.62
CA GLN B 51 -7.63 3.00 -2.15
C GLN B 51 -7.04 2.21 -3.31
N ASP B 52 -7.01 0.89 -3.17
CA ASP B 52 -6.47 0.02 -4.22
C ASP B 52 -7.58 -0.42 -5.18
N GLU B 53 -7.20 -1.16 -6.20
CA GLU B 53 -8.16 -1.65 -7.19
C GLU B 53 -9.14 -2.63 -6.56
N ASP B 54 -8.72 -3.27 -5.48
CA ASP B 54 -9.56 -4.24 -4.78
C ASP B 54 -10.83 -3.60 -4.24
N GLY B 55 -10.80 -2.28 -4.04
CA GLY B 55 -11.96 -1.58 -3.54
C GLY B 55 -11.89 -1.31 -2.05
N ASP B 56 -10.70 -1.49 -1.47
CA ASP B 56 -10.51 -1.25 -0.05
C ASP B 56 -9.49 -0.14 0.17
N PHE B 57 -9.18 0.15 1.43
CA PHE B 57 -8.21 1.18 1.76
C PHE B 57 -6.93 0.58 2.28
N VAL B 58 -5.82 0.98 1.68
CA VAL B 58 -4.50 0.49 2.05
C VAL B 58 -3.68 1.60 2.68
N VAL B 59 -2.60 1.23 3.35
CA VAL B 59 -1.72 2.21 3.99
C VAL B 59 -0.52 2.48 3.08
N LEU B 60 0.22 3.54 3.37
CA LEU B 60 1.40 3.87 2.59
C LEU B 60 2.32 4.80 3.35
N GLY B 61 3.57 4.36 3.50
CA GLY B 61 4.56 5.14 4.21
C GLY B 61 5.95 4.53 4.12
N SER B 62 6.19 3.76 3.05
CA SER B 62 7.49 3.13 2.87
C SER B 62 7.98 3.31 1.44
N ASP B 63 9.29 3.13 1.23
CA ASP B 63 9.89 3.27 -0.08
C ASP B 63 9.44 2.14 -1.00
N GLU B 64 9.24 0.97 -0.41
CA GLU B 64 8.80 -0.20 -1.17
C GLU B 64 7.38 0.00 -1.69
N ASP B 65 6.50 0.49 -0.82
CA ASP B 65 5.12 0.73 -1.18
C ASP B 65 5.03 1.92 -2.12
N TRP B 66 5.75 2.98 -1.78
CA TRP B 66 5.79 4.19 -2.58
C TRP B 66 6.09 3.87 -4.03
N ASN B 67 7.03 2.96 -4.26
CA ASN B 67 7.38 2.55 -5.61
C ASN B 67 6.23 1.79 -6.24
N VAL B 68 5.49 1.09 -5.40
CA VAL B 68 4.35 0.32 -5.83
C VAL B 68 3.19 1.24 -6.22
N ALA B 69 3.07 2.32 -5.46
CA ALA B 69 2.03 3.31 -5.68
C ALA B 69 2.18 3.97 -7.03
N LYS B 70 3.39 4.44 -7.32
CA LYS B 70 3.67 5.11 -8.57
C LYS B 70 3.51 4.14 -9.73
N GLU B 71 4.01 2.92 -9.53
CA GLU B 71 3.91 1.88 -10.55
C GLU B 71 2.46 1.45 -10.73
N MET B 72 1.83 1.02 -9.63
CA MET B 72 0.43 0.61 -9.66
C MET B 72 -0.40 1.65 -10.41
N LEU B 73 -0.02 2.91 -10.21
CA LEU B 73 -0.67 4.03 -10.87
C LEU B 73 -0.19 4.10 -12.31
N ALA B 74 1.12 3.97 -12.48
CA ALA B 74 1.76 3.99 -13.78
C ALA B 74 0.99 3.16 -14.80
N GLU B 75 0.61 1.98 -14.36
CA GLU B 75 -0.11 1.03 -15.19
C GLU B 75 -1.34 1.66 -15.82
N ASN B 76 -1.95 2.60 -15.10
CA ASN B 76 -3.13 3.28 -15.58
C ASN B 76 -2.83 4.76 -15.85
N ASN B 77 -1.63 5.18 -15.44
CA ASN B 77 -1.16 6.53 -15.63
C ASN B 77 -2.21 7.58 -15.25
N GLU B 78 -3.09 7.24 -14.31
CA GLU B 78 -4.13 8.18 -13.87
C GLU B 78 -3.50 9.48 -13.36
N LYS B 79 -2.23 9.40 -12.97
CA LYS B 79 -1.53 10.57 -12.46
C LYS B 79 -2.26 11.17 -11.26
N PHE B 80 -2.97 10.31 -10.54
CA PHE B 80 -3.71 10.75 -9.35
C PHE B 80 -3.64 9.66 -8.28
N LEU B 81 -4.05 10.00 -7.06
CA LEU B 81 -4.02 9.05 -5.95
C LEU B 81 -5.23 9.22 -5.02
N ASN B 82 -5.92 8.13 -4.74
CA ASN B 82 -7.06 8.17 -3.84
C ASN B 82 -6.58 7.88 -2.42
N ILE B 83 -6.21 8.95 -1.72
CA ILE B 83 -5.72 8.85 -0.35
C ILE B 83 -6.83 9.15 0.65
N ARG B 84 -6.71 8.58 1.85
CA ARG B 84 -7.69 8.81 2.89
C ARG B 84 -7.01 8.86 4.26
N LEU B 85 -7.27 9.93 5.00
CA LEU B 85 -6.68 10.12 6.31
C LEU B 85 -7.70 9.79 7.41
N TYR B 86 -7.31 8.89 8.30
CA TYR B 86 -8.17 8.48 9.41
C TYR B 86 -7.98 9.39 10.61
N PRO A 1 13.76 1.11 -12.56
CA PRO A 1 14.14 0.79 -13.96
C PRO A 1 14.15 -0.71 -14.24
N HIS A 2 13.13 -1.19 -14.93
CA HIS A 2 13.01 -2.61 -15.26
C HIS A 2 12.97 -3.47 -13.99
N MET A 3 11.76 -3.79 -13.56
CA MET A 3 11.54 -4.62 -12.37
C MET A 3 10.08 -5.06 -12.32
N LYS A 4 9.76 -6.18 -12.96
CA LYS A 4 8.39 -6.66 -12.96
C LYS A 4 7.99 -7.15 -11.58
N THR A 5 6.85 -6.68 -11.10
CA THR A 5 6.36 -7.05 -9.78
C THR A 5 4.84 -7.15 -9.77
N THR A 6 4.31 -7.73 -8.70
CA THR A 6 2.87 -7.89 -8.55
C THR A 6 2.32 -6.91 -7.54
N LYS A 7 1.04 -6.62 -7.66
CA LYS A 7 0.39 -5.71 -6.74
C LYS A 7 -0.53 -6.50 -5.80
N ILE A 8 0.00 -6.91 -4.65
CA ILE A 8 -0.79 -7.66 -3.69
C ILE A 8 -0.92 -6.88 -2.40
N LYS A 9 -2.12 -6.89 -1.84
CA LYS A 9 -2.37 -6.18 -0.61
C LYS A 9 -2.38 -7.14 0.57
N PHE A 10 -2.55 -6.59 1.77
CA PHE A 10 -2.58 -7.38 2.98
C PHE A 10 -3.41 -6.66 4.03
N TYR A 11 -3.92 -7.38 5.01
CA TYR A 11 -4.76 -6.78 6.05
C TYR A 11 -4.22 -7.09 7.43
N TYR A 12 -3.96 -6.06 8.23
CA TYR A 12 -3.47 -6.26 9.59
C TYR A 12 -4.45 -5.69 10.60
N LYS A 13 -5.08 -6.57 11.35
CA LYS A 13 -6.06 -6.19 12.37
C LYS A 13 -7.20 -5.38 11.76
N ASP A 14 -6.93 -4.11 11.47
CA ASP A 14 -7.93 -3.23 10.87
C ASP A 14 -7.31 -2.32 9.83
N ASP A 15 -6.13 -2.70 9.34
CA ASP A 15 -5.43 -1.90 8.33
C ASP A 15 -5.04 -2.77 7.13
N ILE A 16 -4.95 -2.15 5.96
CA ILE A 16 -4.58 -2.87 4.75
C ILE A 16 -3.31 -2.31 4.14
N PHE A 17 -2.31 -3.14 3.84
CA PHE A 17 -1.08 -2.65 3.24
C PHE A 17 -0.99 -3.13 1.79
N ALA A 18 -0.01 -2.62 1.06
CA ALA A 18 0.16 -3.01 -0.34
C ALA A 18 1.64 -3.19 -0.68
N LEU A 19 1.98 -4.33 -1.30
CA LEU A 19 3.37 -4.61 -1.64
C LEU A 19 3.55 -5.03 -3.09
N MET A 20 4.80 -5.26 -3.47
CA MET A 20 5.16 -5.66 -4.81
C MET A 20 6.08 -6.89 -4.83
N LEU A 21 5.58 -8.02 -5.31
CA LEU A 21 6.37 -9.25 -5.36
C LEU A 21 6.61 -9.71 -6.79
N LYS A 22 7.87 -9.90 -7.16
CA LYS A 22 8.21 -10.36 -8.50
C LYS A 22 7.62 -11.74 -8.76
N GLY A 23 7.73 -12.22 -9.99
CA GLY A 23 7.18 -13.51 -10.35
C GLY A 23 7.97 -14.69 -9.79
N ASP A 24 8.80 -14.46 -8.78
CA ASP A 24 9.59 -15.53 -8.18
C ASP A 24 9.73 -15.34 -6.66
N THR A 25 8.93 -14.43 -6.11
CA THR A 25 8.95 -14.13 -4.69
C THR A 25 8.67 -15.35 -3.83
N THR A 26 9.44 -15.48 -2.75
CA THR A 26 9.28 -16.56 -1.79
C THR A 26 8.44 -16.07 -0.63
N TYR A 27 8.03 -16.97 0.25
CA TYR A 27 7.25 -16.57 1.41
C TYR A 27 8.04 -15.56 2.23
N LYS A 28 9.19 -15.99 2.74
CA LYS A 28 10.06 -15.13 3.54
C LYS A 28 10.13 -13.75 2.92
N GLU A 29 10.23 -13.72 1.59
CA GLU A 29 10.28 -12.47 0.87
C GLU A 29 9.00 -11.70 1.14
N LEU A 30 7.88 -12.35 0.86
CA LEU A 30 6.56 -11.77 1.06
C LEU A 30 6.44 -11.28 2.51
N ARG A 31 6.84 -12.12 3.44
CA ARG A 31 6.78 -11.81 4.85
C ARG A 31 7.63 -10.57 5.22
N SER A 32 8.88 -10.55 4.75
CA SER A 32 9.78 -9.42 5.03
C SER A 32 9.17 -8.10 4.57
N LYS A 33 8.29 -8.20 3.60
CA LYS A 33 7.63 -7.03 3.03
C LYS A 33 6.54 -6.49 3.94
N ILE A 34 5.75 -7.39 4.49
CA ILE A 34 4.66 -7.01 5.38
C ILE A 34 5.15 -6.51 6.72
N ALA A 35 6.24 -7.09 7.20
CA ALA A 35 6.80 -6.71 8.49
C ALA A 35 7.01 -5.21 8.61
N PRO A 36 7.80 -4.63 7.69
CA PRO A 36 8.08 -3.20 7.71
C PRO A 36 6.79 -2.37 7.63
N ARG A 37 5.72 -3.01 7.18
CA ARG A 37 4.43 -2.34 7.07
C ARG A 37 3.75 -2.35 8.43
N ILE A 38 3.74 -3.52 9.06
CA ILE A 38 3.13 -3.70 10.37
C ILE A 38 3.94 -3.01 11.45
N ASP A 39 3.59 -3.31 12.69
CA ASP A 39 4.29 -2.77 13.84
C ASP A 39 4.92 -3.93 14.62
N THR A 40 5.10 -5.06 13.95
CA THR A 40 5.67 -6.24 14.57
C THR A 40 6.54 -7.04 13.60
N ASP A 41 7.42 -7.86 14.17
CA ASP A 41 8.29 -8.74 13.38
C ASP A 41 7.78 -10.17 13.54
N ASN A 42 6.67 -10.28 14.27
CA ASN A 42 6.00 -11.53 14.51
C ASN A 42 4.56 -11.39 14.02
N PHE A 43 4.39 -11.67 12.74
CA PHE A 43 3.12 -11.53 12.06
C PHE A 43 2.95 -12.65 11.06
N LYS A 44 1.72 -13.04 10.82
CA LYS A 44 1.45 -14.07 9.84
C LYS A 44 0.68 -13.47 8.68
N LEU A 45 0.71 -14.15 7.55
CA LEU A 45 -0.02 -13.70 6.37
C LEU A 45 -0.95 -14.80 5.90
N GLN A 46 -2.09 -14.43 5.37
CA GLN A 46 -3.05 -15.41 4.88
C GLN A 46 -3.85 -14.83 3.73
N THR A 47 -4.11 -15.66 2.73
CA THR A 47 -4.89 -15.24 1.59
C THR A 47 -6.31 -14.91 2.04
N LYS A 48 -6.70 -13.65 1.90
CA LYS A 48 -8.03 -13.22 2.32
C LYS A 48 -9.03 -13.31 1.17
N LEU A 49 -10.14 -13.99 1.42
CA LEU A 49 -11.18 -14.15 0.41
C LEU A 49 -12.56 -13.85 1.00
N PHE A 50 -13.60 -14.05 0.21
CA PHE A 50 -14.98 -13.78 0.65
C PHE A 50 -15.21 -14.08 2.13
N ASP A 51 -14.55 -15.12 2.63
CA ASP A 51 -14.69 -15.49 4.02
C ASP A 51 -13.77 -14.65 4.89
N GLY A 52 -12.52 -14.54 4.44
CA GLY A 52 -11.53 -13.81 5.19
C GLY A 52 -10.69 -14.74 6.03
N SER A 53 -10.89 -16.04 5.79
CA SER A 53 -10.17 -17.08 6.49
C SER A 53 -9.58 -18.05 5.48
N GLY A 54 -8.72 -17.53 4.63
CA GLY A 54 -8.09 -18.35 3.62
C GLY A 54 -6.94 -19.15 4.17
N GLU A 55 -5.91 -19.35 3.34
CA GLU A 55 -4.73 -20.08 3.76
C GLU A 55 -3.67 -19.12 4.26
N GLU A 56 -2.84 -19.60 5.19
CA GLU A 56 -1.77 -18.78 5.75
C GLU A 56 -0.51 -18.93 4.91
N ILE A 57 -0.08 -17.83 4.30
CA ILE A 57 1.11 -17.85 3.46
C ILE A 57 2.36 -18.05 4.28
N LYS A 58 2.81 -19.28 4.33
CA LYS A 58 4.00 -19.63 5.07
C LYS A 58 5.05 -20.22 4.13
N THR A 59 4.58 -20.73 2.99
CA THR A 59 5.46 -21.35 2.01
C THR A 59 5.45 -20.56 0.72
N ASP A 60 6.55 -20.67 -0.01
CA ASP A 60 6.71 -19.95 -1.26
C ASP A 60 5.62 -20.28 -2.28
N SER A 61 5.17 -21.53 -2.35
CA SER A 61 4.16 -21.93 -3.32
C SER A 61 2.86 -21.15 -3.17
N GLN A 62 2.63 -20.55 -2.01
CA GLN A 62 1.40 -19.79 -1.81
C GLN A 62 1.63 -18.31 -2.09
N VAL A 63 2.50 -17.72 -1.28
CA VAL A 63 2.84 -16.31 -1.39
C VAL A 63 3.03 -15.97 -2.86
N SER A 64 3.82 -16.79 -3.53
CA SER A 64 4.06 -16.62 -4.93
C SER A 64 2.72 -16.61 -5.63
N ASN A 65 2.01 -17.72 -5.54
CA ASN A 65 0.69 -17.87 -6.14
C ASN A 65 -0.20 -16.69 -5.86
N ILE A 66 0.03 -16.02 -4.73
CA ILE A 66 -0.74 -14.86 -4.39
C ILE A 66 -0.32 -13.69 -5.24
N ILE A 67 0.96 -13.69 -5.60
CA ILE A 67 1.52 -12.64 -6.45
C ILE A 67 1.07 -12.86 -7.90
N GLN A 68 0.90 -14.12 -8.23
CA GLN A 68 0.46 -14.52 -9.56
C GLN A 68 -1.04 -14.44 -9.65
N ALA A 69 -1.66 -15.20 -8.76
CA ALA A 69 -3.09 -15.28 -8.64
C ALA A 69 -3.69 -13.94 -8.26
N LYS A 70 -2.85 -13.05 -7.73
CA LYS A 70 -3.30 -11.73 -7.30
C LYS A 70 -4.20 -11.87 -6.10
N LEU A 71 -3.86 -12.84 -5.26
CA LEU A 71 -4.63 -13.15 -4.07
C LEU A 71 -4.49 -12.09 -2.99
N LYS A 72 -5.62 -11.76 -2.38
CA LYS A 72 -5.62 -10.79 -1.30
C LYS A 72 -5.08 -11.48 -0.06
N ILE A 73 -4.41 -10.74 0.81
CA ILE A 73 -3.84 -11.34 2.00
C ILE A 73 -4.25 -10.60 3.27
N SER A 74 -4.21 -11.32 4.38
CA SER A 74 -4.54 -10.77 5.67
C SER A 74 -3.43 -11.12 6.66
N VAL A 75 -2.74 -10.12 7.16
CA VAL A 75 -1.65 -10.33 8.11
C VAL A 75 -2.12 -10.08 9.53
N HIS A 76 -1.62 -10.86 10.47
CA HIS A 76 -2.01 -10.71 11.86
C HIS A 76 -0.85 -11.00 12.80
N ASP A 77 -0.97 -10.54 14.03
CA ASP A 77 0.04 -10.78 15.04
C ASP A 77 0.03 -12.25 15.39
N ILE A 78 1.16 -12.76 15.88
CA ILE A 78 1.25 -14.18 16.21
C ILE A 78 1.53 -14.38 17.69
N PRO B 1 5.25 19.02 -13.85
CA PRO B 1 3.92 19.42 -14.36
C PRO B 1 3.07 18.22 -14.77
N LEU B 2 3.42 17.63 -15.90
CA LEU B 2 2.70 16.46 -16.41
C LEU B 2 2.90 15.26 -15.51
N GLY B 3 4.03 15.21 -14.81
CA GLY B 3 4.31 14.10 -13.92
C GLY B 3 3.86 14.37 -12.50
N SER B 4 2.81 15.15 -12.34
CA SER B 4 2.30 15.50 -11.02
C SER B 4 1.10 14.64 -10.64
N ILE B 5 1.15 14.09 -9.43
CA ILE B 5 0.06 13.26 -8.92
C ILE B 5 -0.71 13.98 -7.84
N LEU B 6 -2.02 14.06 -8.01
CA LEU B 6 -2.85 14.71 -7.03
C LEU B 6 -3.31 13.72 -5.97
N PHE B 7 -2.91 13.95 -4.73
CA PHE B 7 -3.25 13.06 -3.63
C PHE B 7 -4.64 13.34 -3.06
N ARG B 8 -5.66 12.72 -3.63
CA ARG B 8 -7.00 12.89 -3.09
C ARG B 8 -6.98 12.33 -1.68
N ILE B 9 -7.11 13.20 -0.69
CA ILE B 9 -7.06 12.77 0.70
C ILE B 9 -8.35 13.09 1.44
N SER B 10 -9.01 12.06 1.93
CA SER B 10 -10.24 12.26 2.67
C SER B 10 -10.00 12.06 4.16
N TYR B 11 -9.75 13.15 4.88
CA TYR B 11 -9.50 13.08 6.31
C TYR B 11 -10.79 13.36 7.08
N ASN B 12 -11.23 12.40 7.88
CA ASN B 12 -12.46 12.55 8.64
C ASN B 12 -13.66 12.49 7.68
N SER B 13 -14.40 13.59 7.53
CA SER B 13 -15.54 13.60 6.63
C SER B 13 -15.38 14.74 5.62
N GLU B 14 -14.14 14.98 5.21
CA GLU B 14 -13.83 16.04 4.26
C GLU B 14 -12.79 15.54 3.25
N ILE B 15 -12.55 16.33 2.21
CA ILE B 15 -11.60 15.95 1.17
C ILE B 15 -10.54 17.03 0.93
N PHE B 16 -9.29 16.59 0.84
CA PHE B 16 -8.16 17.47 0.58
C PHE B 16 -7.28 16.85 -0.48
N THR B 17 -6.84 17.65 -1.45
CA THR B 17 -6.01 17.13 -2.53
C THR B 17 -4.62 17.76 -2.51
N LEU B 18 -3.58 16.93 -2.41
CA LEU B 18 -2.21 17.41 -2.36
C LEU B 18 -1.41 16.88 -3.56
N LEU B 19 -0.85 17.80 -4.35
CA LEU B 19 -0.09 17.42 -5.55
C LEU B 19 1.34 16.95 -5.21
N VAL B 20 1.76 15.86 -5.86
CA VAL B 20 3.10 15.31 -5.64
C VAL B 20 3.67 14.72 -6.94
N GLU B 21 4.74 15.34 -7.45
CA GLU B 21 5.38 14.90 -8.69
C GLU B 21 5.86 13.45 -8.56
N LYS B 22 5.87 12.73 -9.68
CA LYS B 22 6.30 11.33 -9.71
C LYS B 22 7.74 11.17 -9.25
N VAL B 23 8.49 12.27 -9.23
CA VAL B 23 9.89 12.22 -8.81
C VAL B 23 10.03 12.40 -7.30
N TRP B 24 8.91 12.70 -6.63
CA TRP B 24 8.91 12.90 -5.19
C TRP B 24 8.75 11.57 -4.45
N ASN B 25 9.67 11.31 -3.51
CA ASN B 25 9.61 10.09 -2.73
C ASN B 25 8.67 10.28 -1.55
N PHE B 26 8.36 9.19 -0.83
CA PHE B 26 7.45 9.26 0.32
C PHE B 26 7.57 10.55 1.10
N ASP B 27 8.78 11.09 1.23
CA ASP B 27 8.95 12.34 1.95
C ASP B 27 8.25 13.45 1.20
N ASP B 28 8.95 14.09 0.27
CA ASP B 28 8.39 15.18 -0.53
C ASP B 28 6.86 15.10 -0.62
N LEU B 29 6.35 13.93 -1.00
CA LEU B 29 4.91 13.75 -1.10
C LEU B 29 4.26 13.92 0.27
N ILE B 30 4.87 13.37 1.31
CA ILE B 30 4.37 13.53 2.66
C ILE B 30 4.54 15.00 3.03
N MET B 31 5.76 15.46 2.80
CA MET B 31 6.11 16.85 3.01
C MET B 31 5.04 17.70 2.34
N ALA B 32 4.56 17.17 1.22
CA ALA B 32 3.49 17.79 0.46
C ALA B 32 2.18 17.57 1.19
N ILE B 33 1.94 16.33 1.57
CA ILE B 33 0.73 15.96 2.29
C ILE B 33 0.59 16.82 3.54
N ASN B 34 1.57 16.73 4.43
CA ASN B 34 1.57 17.52 5.66
C ASN B 34 1.28 18.98 5.37
N SER B 35 1.68 19.41 4.18
CA SER B 35 1.46 20.79 3.75
C SER B 35 -0.02 21.05 3.44
N LYS B 36 -0.76 19.99 3.15
CA LYS B 36 -2.17 20.11 2.81
C LYS B 36 -3.09 19.49 3.87
N ILE B 37 -2.62 18.43 4.52
CA ILE B 37 -3.43 17.74 5.53
C ILE B 37 -3.40 18.45 6.88
N SER B 38 -2.26 19.05 7.24
CA SER B 38 -2.13 19.74 8.53
C SER B 38 -3.37 20.55 8.89
N ASN B 39 -4.19 20.90 7.89
CA ASN B 39 -5.41 21.66 8.12
C ASN B 39 -6.32 20.95 9.15
N THR B 40 -5.98 19.69 9.48
CA THR B 40 -6.75 18.91 10.44
C THR B 40 -6.55 19.47 11.85
N HIS B 41 -7.21 18.85 12.82
CA HIS B 41 -7.10 19.29 14.21
C HIS B 41 -6.28 18.32 15.05
N ILE B 42 -5.79 17.25 14.44
CA ILE B 42 -4.98 16.27 15.18
C ILE B 42 -3.48 16.57 15.06
N SER B 43 -2.76 15.82 14.23
CA SER B 43 -1.32 16.04 14.06
C SER B 43 -0.94 16.08 12.59
N PRO B 44 0.35 16.32 12.28
CA PRO B 44 0.85 16.39 10.91
C PRO B 44 0.83 15.03 10.19
N ILE B 45 0.43 13.98 10.90
CA ILE B 45 0.37 12.65 10.32
C ILE B 45 1.76 12.20 9.85
N THR B 46 1.89 10.91 9.57
CA THR B 46 3.16 10.35 9.11
C THR B 46 2.93 9.10 8.26
N LYS B 47 1.67 8.76 8.00
CA LYS B 47 1.33 7.58 7.22
C LYS B 47 0.00 7.78 6.51
N ILE B 48 -0.06 7.46 5.23
CA ILE B 48 -1.28 7.62 4.45
C ILE B 48 -1.85 6.29 3.99
N LYS B 49 -3.09 6.33 3.54
CA LYS B 49 -3.77 5.15 3.03
C LYS B 49 -4.10 5.38 1.56
N TYR B 50 -4.16 4.33 0.74
CA TYR B 50 -4.46 4.52 -0.68
C TYR B 50 -5.40 3.42 -1.18
N GLN B 51 -6.52 3.82 -1.76
CA GLN B 51 -7.51 2.88 -2.28
C GLN B 51 -6.97 2.12 -3.49
N ASP B 52 -6.95 0.80 -3.40
CA ASP B 52 -6.47 -0.03 -4.49
C ASP B 52 -7.62 -0.33 -5.44
N GLU B 53 -7.28 -0.84 -6.62
CA GLU B 53 -8.29 -1.17 -7.62
C GLU B 53 -9.22 -2.28 -7.10
N ASP B 54 -8.76 -3.00 -6.08
CA ASP B 54 -9.55 -4.08 -5.51
C ASP B 54 -10.85 -3.56 -4.89
N GLY B 55 -10.87 -2.29 -4.52
CA GLY B 55 -12.07 -1.71 -3.93
C GLY B 55 -11.96 -1.42 -2.45
N ASP B 56 -10.75 -1.56 -1.89
CA ASP B 56 -10.54 -1.30 -0.48
C ASP B 56 -9.48 -0.22 -0.30
N PHE B 57 -9.15 0.08 0.94
CA PHE B 57 -8.13 1.08 1.24
C PHE B 57 -6.95 0.44 1.91
N VAL B 58 -5.75 0.77 1.46
CA VAL B 58 -4.54 0.21 2.05
C VAL B 58 -3.61 1.33 2.53
N VAL B 59 -2.45 0.93 3.06
CA VAL B 59 -1.49 1.89 3.60
C VAL B 59 -0.34 2.16 2.63
N LEU B 60 0.40 3.23 2.92
CA LEU B 60 1.54 3.63 2.13
C LEU B 60 2.45 4.55 2.95
N GLY B 61 3.61 4.04 3.34
CA GLY B 61 4.52 4.86 4.13
C GLY B 61 5.96 4.43 3.99
N SER B 62 6.35 3.96 2.81
CA SER B 62 7.72 3.53 2.58
C SER B 62 8.14 3.76 1.13
N ASP B 63 9.42 3.50 0.85
CA ASP B 63 9.94 3.67 -0.49
C ASP B 63 9.38 2.61 -1.42
N GLU B 64 9.45 1.36 -0.99
CA GLU B 64 8.95 0.24 -1.77
C GLU B 64 7.45 0.43 -2.06
N ASP B 65 6.69 0.77 -1.04
CA ASP B 65 5.27 0.99 -1.20
C ASP B 65 5.05 2.21 -2.10
N TRP B 66 5.97 3.16 -1.99
CA TRP B 66 5.90 4.39 -2.77
C TRP B 66 6.05 4.09 -4.27
N ASN B 67 7.02 3.25 -4.63
CA ASN B 67 7.22 2.91 -6.04
C ASN B 67 6.03 2.13 -6.55
N VAL B 68 5.42 1.38 -5.65
CA VAL B 68 4.24 0.60 -5.98
C VAL B 68 3.08 1.51 -6.30
N ALA B 69 3.04 2.63 -5.59
CA ALA B 69 2.01 3.64 -5.78
C ALA B 69 2.11 4.26 -7.16
N LYS B 70 3.31 4.69 -7.51
CA LYS B 70 3.54 5.31 -8.80
C LYS B 70 3.23 4.32 -9.93
N GLU B 71 3.63 3.07 -9.74
CA GLU B 71 3.39 2.03 -10.71
C GLU B 71 1.90 1.69 -10.76
N MET B 72 1.32 1.44 -9.58
CA MET B 72 -0.09 1.13 -9.48
C MET B 72 -0.91 2.14 -10.29
N LEU B 73 -0.39 3.37 -10.31
CA LEU B 73 -1.01 4.45 -11.06
C LEU B 73 -0.65 4.34 -12.52
N ALA B 74 0.66 4.21 -12.77
CA ALA B 74 1.21 4.09 -14.12
C ALA B 74 0.31 3.27 -15.03
N GLU B 75 -0.17 2.17 -14.46
CA GLU B 75 -1.03 1.24 -15.18
C GLU B 75 -2.25 1.94 -15.75
N ASN B 76 -2.70 2.95 -15.04
CA ASN B 76 -3.87 3.73 -15.44
C ASN B 76 -3.48 5.17 -15.75
N ASN B 77 -2.23 5.51 -15.45
CA ASN B 77 -1.69 6.85 -15.68
C ASN B 77 -2.71 7.94 -15.34
N GLU B 78 -3.46 7.72 -14.27
CA GLU B 78 -4.48 8.68 -13.83
C GLU B 78 -3.84 9.92 -13.19
N LYS B 79 -2.52 9.90 -13.05
CA LYS B 79 -1.79 11.03 -12.47
C LYS B 79 -2.50 11.59 -11.24
N PHE B 80 -3.14 10.70 -10.50
CA PHE B 80 -3.86 11.08 -9.29
C PHE B 80 -3.78 9.94 -8.26
N LEU B 81 -4.28 10.18 -7.05
CA LEU B 81 -4.19 9.15 -6.01
C LEU B 81 -5.38 9.21 -5.03
N ASN B 82 -6.00 8.06 -4.79
CA ASN B 82 -7.09 7.97 -3.84
C ASN B 82 -6.53 7.75 -2.44
N ILE B 83 -6.23 8.83 -1.76
CA ILE B 83 -5.66 8.76 -0.41
C ILE B 83 -6.72 9.04 0.65
N ARG B 84 -6.46 8.58 1.86
CA ARG B 84 -7.38 8.80 2.98
C ARG B 84 -6.63 8.87 4.31
N LEU B 85 -7.04 9.79 5.16
CA LEU B 85 -6.41 9.98 6.47
C LEU B 85 -7.40 9.72 7.59
N TYR B 86 -7.05 8.81 8.48
CA TYR B 86 -7.91 8.46 9.61
C TYR B 86 -9.29 8.02 9.14
N PRO A 1 13.65 0.89 -14.21
CA PRO A 1 14.26 -0.41 -14.61
C PRO A 1 13.24 -1.55 -14.56
N HIS A 2 13.64 -2.70 -15.09
CA HIS A 2 12.76 -3.87 -15.13
C HIS A 2 12.35 -4.27 -13.71
N MET A 3 11.37 -5.18 -13.63
CA MET A 3 10.84 -5.68 -12.36
C MET A 3 9.57 -4.92 -11.98
N LYS A 4 8.51 -5.15 -12.77
CA LYS A 4 7.22 -4.49 -12.53
C LYS A 4 6.57 -4.99 -11.26
N THR A 5 6.98 -6.16 -10.80
CA THR A 5 6.44 -6.74 -9.59
C THR A 5 4.92 -6.82 -9.62
N THR A 6 4.36 -7.42 -8.58
CA THR A 6 2.92 -7.57 -8.45
C THR A 6 2.35 -6.62 -7.43
N LYS A 7 1.07 -6.33 -7.57
CA LYS A 7 0.39 -5.45 -6.63
C LYS A 7 -0.52 -6.27 -5.73
N ILE A 8 0.01 -6.69 -4.59
CA ILE A 8 -0.75 -7.48 -3.63
C ILE A 8 -0.91 -6.72 -2.33
N LYS A 9 -2.10 -6.75 -1.78
CA LYS A 9 -2.37 -6.07 -0.52
C LYS A 9 -2.34 -7.06 0.65
N PHE A 10 -2.51 -6.53 1.84
CA PHE A 10 -2.53 -7.35 3.05
C PHE A 10 -3.35 -6.64 4.12
N TYR A 11 -3.85 -7.39 5.08
CA TYR A 11 -4.69 -6.81 6.14
C TYR A 11 -4.13 -7.13 7.52
N TYR A 12 -3.84 -6.12 8.33
CA TYR A 12 -3.33 -6.34 9.66
C TYR A 12 -4.31 -5.79 10.70
N LYS A 13 -4.92 -6.69 11.45
CA LYS A 13 -5.89 -6.32 12.49
C LYS A 13 -7.03 -5.50 11.91
N ASP A 14 -6.77 -4.23 11.62
CA ASP A 14 -7.79 -3.35 11.06
C ASP A 14 -7.19 -2.41 10.02
N ASP A 15 -6.02 -2.78 9.49
CA ASP A 15 -5.34 -1.98 8.49
C ASP A 15 -4.98 -2.83 7.27
N ILE A 16 -4.90 -2.19 6.10
CA ILE A 16 -4.55 -2.90 4.87
C ILE A 16 -3.29 -2.31 4.26
N PHE A 17 -2.30 -3.15 3.94
CA PHE A 17 -1.07 -2.64 3.33
C PHE A 17 -1.00 -3.06 1.86
N ALA A 18 -0.05 -2.49 1.12
CA ALA A 18 0.11 -2.81 -0.30
C ALA A 18 1.58 -3.01 -0.63
N LEU A 19 1.91 -4.14 -1.26
CA LEU A 19 3.30 -4.43 -1.58
C LEU A 19 3.49 -4.83 -3.04
N MET A 20 4.76 -5.06 -3.39
CA MET A 20 5.13 -5.45 -4.74
C MET A 20 6.06 -6.67 -4.74
N LEU A 21 5.58 -7.81 -5.25
CA LEU A 21 6.38 -9.03 -5.28
C LEU A 21 6.63 -9.48 -6.72
N LYS A 22 7.90 -9.70 -7.07
CA LYS A 22 8.24 -10.13 -8.43
C LYS A 22 7.62 -11.48 -8.73
N GLY A 23 7.71 -11.90 -9.99
CA GLY A 23 7.13 -13.17 -10.40
C GLY A 23 7.88 -14.40 -9.89
N ASP A 24 8.74 -14.22 -8.89
CA ASP A 24 9.49 -15.33 -8.32
C ASP A 24 9.65 -15.18 -6.81
N THR A 25 8.87 -14.28 -6.22
CA THR A 25 8.92 -14.03 -4.80
C THR A 25 8.63 -15.27 -3.97
N THR A 26 9.39 -15.42 -2.89
CA THR A 26 9.23 -16.53 -1.97
C THR A 26 8.40 -16.06 -0.78
N TYR A 27 7.98 -16.99 0.08
CA TYR A 27 7.21 -16.61 1.25
C TYR A 27 8.01 -15.62 2.09
N LYS A 28 9.15 -16.08 2.60
CA LYS A 28 10.02 -15.24 3.41
C LYS A 28 10.10 -13.84 2.82
N GLU A 29 10.19 -13.78 1.49
CA GLU A 29 10.24 -12.50 0.81
C GLU A 29 8.95 -11.76 1.11
N LEU A 30 7.83 -12.41 0.80
CA LEU A 30 6.52 -11.85 1.05
C LEU A 30 6.41 -11.40 2.51
N ARG A 31 6.87 -12.26 3.41
CA ARG A 31 6.83 -11.95 4.83
C ARG A 31 7.69 -10.75 5.18
N SER A 32 8.94 -10.74 4.71
CA SER A 32 9.85 -9.60 4.98
C SER A 32 9.24 -8.31 4.44
N LYS A 33 8.33 -8.47 3.49
CA LYS A 33 7.65 -7.37 2.84
C LYS A 33 6.63 -6.73 3.79
N ILE A 34 5.85 -7.56 4.45
CA ILE A 34 4.80 -7.11 5.36
C ILE A 34 5.33 -6.68 6.72
N ALA A 35 6.40 -7.29 7.17
CA ALA A 35 6.98 -6.97 8.46
C ALA A 35 7.25 -5.48 8.61
N PRO A 36 8.05 -4.90 7.71
CA PRO A 36 8.39 -3.48 7.74
C PRO A 36 7.14 -2.60 7.72
N ARG A 37 6.03 -3.17 7.29
CA ARG A 37 4.77 -2.44 7.23
C ARG A 37 4.06 -2.50 8.57
N ILE A 38 4.04 -3.69 9.16
CA ILE A 38 3.40 -3.89 10.46
C ILE A 38 4.20 -3.24 11.57
N ASP A 39 3.81 -3.53 12.80
CA ASP A 39 4.49 -3.04 13.97
C ASP A 39 5.10 -4.21 14.73
N THR A 40 5.28 -5.33 14.02
CA THR A 40 5.83 -6.54 14.61
C THR A 40 6.69 -7.32 13.62
N ASP A 41 7.56 -8.18 14.16
CA ASP A 41 8.41 -9.04 13.35
C ASP A 41 7.89 -10.48 13.49
N ASN A 42 6.78 -10.58 14.21
CA ASN A 42 6.10 -11.84 14.42
C ASN A 42 4.67 -11.67 13.95
N PHE A 43 4.49 -11.90 12.67
CA PHE A 43 3.22 -11.74 11.99
C PHE A 43 3.03 -12.84 10.96
N LYS A 44 1.79 -13.20 10.72
CA LYS A 44 1.50 -14.21 9.71
C LYS A 44 0.73 -13.58 8.58
N LEU A 45 0.74 -14.22 7.43
CA LEU A 45 0.02 -13.73 6.27
C LEU A 45 -0.93 -14.82 5.78
N GLN A 46 -2.08 -14.41 5.26
CA GLN A 46 -3.05 -15.37 4.76
C GLN A 46 -3.85 -14.76 3.62
N THR A 47 -4.11 -15.56 2.60
CA THR A 47 -4.90 -15.10 1.47
C THR A 47 -6.30 -14.76 1.94
N LYS A 48 -6.68 -13.49 1.82
CA LYS A 48 -8.00 -13.06 2.25
C LYS A 48 -9.00 -13.11 1.11
N LEU A 49 -10.13 -13.78 1.35
CA LEU A 49 -11.16 -13.92 0.34
C LEU A 49 -12.54 -13.61 0.92
N PHE A 50 -13.59 -13.79 0.12
CA PHE A 50 -14.96 -13.51 0.55
C PHE A 50 -15.21 -13.84 2.02
N ASP A 51 -14.55 -14.88 2.52
CA ASP A 51 -14.71 -15.27 3.91
C ASP A 51 -13.79 -14.45 4.79
N GLY A 52 -12.54 -14.36 4.36
CA GLY A 52 -11.54 -13.64 5.12
C GLY A 52 -10.71 -14.60 5.94
N SER A 53 -10.92 -15.89 5.67
CA SER A 53 -10.22 -16.96 6.35
C SER A 53 -9.63 -17.92 5.34
N GLY A 54 -8.78 -17.39 4.47
CA GLY A 54 -8.16 -18.21 3.45
C GLY A 54 -7.01 -19.04 3.99
N GLU A 55 -5.99 -19.23 3.18
CA GLU A 55 -4.83 -19.99 3.57
C GLU A 55 -3.75 -19.05 4.11
N GLU A 56 -2.93 -19.55 5.02
CA GLU A 56 -1.84 -18.76 5.58
C GLU A 56 -0.59 -18.92 4.74
N ILE A 57 -0.15 -17.83 4.13
CA ILE A 57 1.04 -17.86 3.29
C ILE A 57 2.28 -18.09 4.12
N LYS A 58 2.73 -19.32 4.11
CA LYS A 58 3.93 -19.69 4.85
C LYS A 58 4.96 -20.27 3.90
N THR A 59 4.49 -20.76 2.75
CA THR A 59 5.37 -21.36 1.76
C THR A 59 5.37 -20.55 0.48
N ASP A 60 6.46 -20.65 -0.24
CA ASP A 60 6.63 -19.91 -1.48
C ASP A 60 5.54 -20.20 -2.51
N SER A 61 5.09 -21.45 -2.60
CA SER A 61 4.07 -21.82 -3.58
C SER A 61 2.78 -21.02 -3.43
N GLN A 62 2.55 -20.45 -2.26
CA GLN A 62 1.33 -19.69 -2.04
C GLN A 62 1.57 -18.21 -2.28
N VAL A 63 2.44 -17.64 -1.46
CA VAL A 63 2.80 -16.23 -1.54
C VAL A 63 2.99 -15.85 -2.99
N SER A 64 3.78 -16.66 -3.68
CA SER A 64 4.02 -16.45 -5.08
C SER A 64 2.68 -16.39 -5.79
N ASN A 65 1.96 -17.51 -5.71
CA ASN A 65 0.64 -17.63 -6.32
C ASN A 65 -0.24 -16.44 -6.02
N ILE A 66 0.00 -15.81 -4.88
CA ILE A 66 -0.77 -14.66 -4.49
C ILE A 66 -0.33 -13.47 -5.33
N ILE A 67 0.94 -13.46 -5.69
CA ILE A 67 1.51 -12.40 -6.52
C ILE A 67 1.05 -12.58 -7.98
N GLN A 68 0.87 -13.84 -8.34
CA GLN A 68 0.43 -14.21 -9.66
C GLN A 68 -1.07 -14.12 -9.74
N ALA A 69 -1.69 -14.88 -8.87
CA ALA A 69 -3.12 -14.94 -8.75
C ALA A 69 -3.70 -13.59 -8.33
N LYS A 70 -2.85 -12.74 -7.79
CA LYS A 70 -3.27 -11.41 -7.34
C LYS A 70 -4.18 -11.57 -6.14
N LEU A 71 -3.86 -12.56 -5.31
CA LEU A 71 -4.64 -12.87 -4.14
C LEU A 71 -4.48 -11.84 -3.04
N LYS A 72 -5.60 -11.49 -2.41
CA LYS A 72 -5.58 -10.56 -1.30
C LYS A 72 -5.04 -11.29 -0.09
N ILE A 73 -4.36 -10.58 0.80
CA ILE A 73 -3.79 -11.23 1.97
C ILE A 73 -4.18 -10.53 3.26
N SER A 74 -4.14 -11.27 4.35
CA SER A 74 -4.46 -10.76 5.67
C SER A 74 -3.35 -11.13 6.64
N VAL A 75 -2.64 -10.14 7.15
CA VAL A 75 -1.56 -10.38 8.09
C VAL A 75 -2.02 -10.16 9.52
N HIS A 76 -1.51 -10.97 10.43
CA HIS A 76 -1.88 -10.85 11.84
C HIS A 76 -0.71 -11.18 12.74
N ASP A 77 -0.84 -10.78 13.99
CA ASP A 77 0.18 -11.04 14.99
C ASP A 77 0.18 -12.53 15.30
N ILE A 78 1.29 -13.05 15.79
CA ILE A 78 1.38 -14.46 16.10
C ILE A 78 1.70 -14.69 17.57
N PRO B 1 0.83 19.35 -12.82
CA PRO B 1 0.85 20.32 -13.94
C PRO B 1 1.41 19.70 -15.23
N LEU B 2 2.41 18.85 -15.08
CA LEU B 2 3.04 18.18 -16.22
C LEU B 2 3.03 16.67 -16.03
N GLY B 3 3.55 16.22 -14.90
CA GLY B 3 3.60 14.80 -14.63
C GLY B 3 3.66 14.50 -13.14
N SER B 4 2.68 15.01 -12.39
CA SER B 4 2.63 14.81 -10.96
C SER B 4 1.37 14.04 -10.55
N ILE B 5 1.34 13.60 -9.31
CA ILE B 5 0.21 12.84 -8.79
C ILE B 5 -0.58 13.64 -7.76
N LEU B 6 -1.88 13.73 -7.96
CA LEU B 6 -2.74 14.43 -7.03
C LEU B 6 -3.23 13.49 -5.94
N PHE B 7 -2.85 13.78 -4.70
CA PHE B 7 -3.22 12.93 -3.58
C PHE B 7 -4.59 13.26 -3.02
N ARG B 8 -5.63 12.63 -3.55
CA ARG B 8 -6.97 12.82 -3.01
C ARG B 8 -6.93 12.29 -1.58
N ILE B 9 -7.02 13.18 -0.60
CA ILE B 9 -6.95 12.77 0.79
C ILE B 9 -8.23 13.09 1.53
N SER B 10 -8.90 12.06 2.03
CA SER B 10 -10.14 12.26 2.77
C SER B 10 -9.91 12.06 4.26
N TYR B 11 -9.71 13.15 4.99
CA TYR B 11 -9.49 13.08 6.43
C TYR B 11 -10.80 13.32 7.17
N ASN B 12 -11.28 12.31 7.89
CA ASN B 12 -12.55 12.42 8.61
C ASN B 12 -13.70 12.39 7.61
N SER B 13 -14.48 13.47 7.50
CA SER B 13 -15.58 13.52 6.55
C SER B 13 -15.38 14.67 5.57
N GLU B 14 -14.12 14.91 5.23
CA GLU B 14 -13.77 15.99 4.30
C GLU B 14 -12.72 15.50 3.30
N ILE B 15 -12.47 16.29 2.26
CA ILE B 15 -11.50 15.90 1.24
C ILE B 15 -10.46 16.99 0.99
N PHE B 16 -9.21 16.56 0.88
CA PHE B 16 -8.08 17.45 0.60
C PHE B 16 -7.24 16.84 -0.49
N THR B 17 -6.82 17.64 -1.46
CA THR B 17 -6.01 17.13 -2.57
C THR B 17 -4.62 17.73 -2.56
N LEU B 18 -3.60 16.88 -2.44
CA LEU B 18 -2.21 17.34 -2.39
C LEU B 18 -1.41 16.78 -3.58
N LEU B 19 -0.90 17.68 -4.41
CA LEU B 19 -0.12 17.30 -5.59
C LEU B 19 1.30 16.86 -5.22
N VAL B 20 1.74 15.76 -5.84
CA VAL B 20 3.08 15.22 -5.60
C VAL B 20 3.70 14.65 -6.88
N GLU B 21 4.77 15.29 -7.36
CA GLU B 21 5.44 14.85 -8.57
C GLU B 21 5.92 13.41 -8.46
N LYS B 22 5.92 12.70 -9.59
CA LYS B 22 6.35 11.30 -9.63
C LYS B 22 7.78 11.12 -9.13
N VAL B 23 8.54 12.22 -9.07
CA VAL B 23 9.92 12.15 -8.63
C VAL B 23 10.02 12.32 -7.11
N TRP B 24 8.90 12.61 -6.46
CA TRP B 24 8.87 12.79 -5.02
C TRP B 24 8.70 11.47 -4.29
N ASN B 25 9.59 11.20 -3.34
CA ASN B 25 9.52 9.98 -2.55
C ASN B 25 8.60 10.19 -1.35
N PHE B 26 8.30 9.11 -0.62
CA PHE B 26 7.41 9.16 0.54
C PHE B 26 7.49 10.48 1.29
N ASP B 27 8.69 11.03 1.44
CA ASP B 27 8.84 12.30 2.13
C ASP B 27 8.14 13.39 1.34
N ASP B 28 8.87 14.02 0.41
CA ASP B 28 8.32 15.09 -0.42
C ASP B 28 6.80 15.01 -0.55
N LEU B 29 6.29 13.83 -0.89
CA LEU B 29 4.85 13.65 -1.02
C LEU B 29 4.17 13.82 0.34
N ILE B 30 4.77 13.25 1.38
CA ILE B 30 4.24 13.42 2.74
C ILE B 30 4.41 14.88 3.11
N MET B 31 5.63 15.35 2.90
CA MET B 31 5.96 16.75 3.12
C MET B 31 4.91 17.60 2.43
N ALA B 32 4.46 17.09 1.28
CA ALA B 32 3.41 17.71 0.50
C ALA B 32 2.09 17.50 1.20
N ILE B 33 1.82 16.26 1.56
CA ILE B 33 0.59 15.90 2.24
C ILE B 33 0.42 16.73 3.51
N ASN B 34 1.38 16.62 4.42
CA ASN B 34 1.35 17.37 5.67
C ASN B 34 1.07 18.84 5.39
N SER B 35 1.52 19.29 4.23
CA SER B 35 1.33 20.68 3.81
C SER B 35 -0.14 20.97 3.50
N LYS B 36 -0.88 19.93 3.13
CA LYS B 36 -2.29 20.08 2.78
C LYS B 36 -3.24 19.43 3.79
N ILE B 37 -2.80 18.36 4.43
CA ILE B 37 -3.64 17.65 5.40
C ILE B 37 -3.66 18.32 6.77
N SER B 38 -2.54 18.89 7.19
CA SER B 38 -2.46 19.55 8.50
C SER B 38 -3.63 20.50 8.74
N ASN B 39 -4.36 20.85 7.68
CA ASN B 39 -5.50 21.75 7.79
C ASN B 39 -6.67 21.07 8.52
N THR B 40 -6.51 19.78 8.80
CA THR B 40 -7.56 19.02 9.48
C THR B 40 -7.80 19.56 10.90
N HIS B 41 -6.83 20.31 11.42
CA HIS B 41 -6.92 20.90 12.76
C HIS B 41 -6.35 19.98 13.85
N ILE B 42 -6.06 18.73 13.48
CA ILE B 42 -5.52 17.78 14.45
C ILE B 42 -4.01 18.00 14.66
N SER B 43 -3.17 17.26 13.92
CA SER B 43 -1.73 17.38 14.04
C SER B 43 -1.04 16.80 12.81
N PRO B 44 0.27 16.99 12.68
CA PRO B 44 1.04 16.49 11.53
C PRO B 44 1.02 14.96 11.42
N ILE B 45 0.54 14.47 10.29
CA ILE B 45 0.47 13.03 10.04
C ILE B 45 1.83 12.50 9.55
N THR B 46 1.91 11.21 9.31
CA THR B 46 3.13 10.58 8.81
C THR B 46 2.81 9.32 8.02
N LYS B 47 1.68 8.70 8.33
CA LYS B 47 1.25 7.49 7.63
C LYS B 47 -0.01 7.78 6.82
N ILE B 48 -0.06 7.29 5.57
CA ILE B 48 -1.22 7.53 4.73
C ILE B 48 -1.82 6.22 4.23
N LYS B 49 -3.09 6.28 3.90
CA LYS B 49 -3.81 5.14 3.37
C LYS B 49 -4.16 5.41 1.91
N TYR B 50 -4.20 4.39 1.06
CA TYR B 50 -4.51 4.61 -0.35
C TYR B 50 -5.39 3.49 -0.90
N GLN B 51 -6.50 3.88 -1.52
CA GLN B 51 -7.41 2.90 -2.10
C GLN B 51 -6.78 2.17 -3.28
N ASP B 52 -6.70 0.85 -3.18
CA ASP B 52 -6.13 0.04 -4.25
C ASP B 52 -7.19 -0.34 -5.26
N GLU B 53 -6.79 -1.01 -6.33
CA GLU B 53 -7.72 -1.44 -7.36
C GLU B 53 -8.67 -2.51 -6.83
N ASP B 54 -8.24 -3.19 -5.77
CA ASP B 54 -9.04 -4.24 -5.16
C ASP B 54 -10.40 -3.72 -4.69
N GLY B 55 -10.47 -2.42 -4.42
CA GLY B 55 -11.72 -1.83 -3.96
C GLY B 55 -11.72 -1.50 -2.48
N ASP B 56 -10.56 -1.66 -1.84
CA ASP B 56 -10.44 -1.37 -0.41
C ASP B 56 -9.41 -0.27 -0.19
N PHE B 57 -9.11 0.01 1.06
CA PHE B 57 -8.13 1.03 1.40
C PHE B 57 -6.93 0.39 2.09
N VAL B 58 -5.74 0.75 1.66
CA VAL B 58 -4.53 0.21 2.25
C VAL B 58 -3.61 1.33 2.76
N VAL B 59 -2.45 0.94 3.26
CA VAL B 59 -1.49 1.90 3.81
C VAL B 59 -0.34 2.17 2.86
N LEU B 60 0.38 3.24 3.13
CA LEU B 60 1.54 3.62 2.33
C LEU B 60 2.49 4.48 3.16
N GLY B 61 3.65 3.93 3.49
CA GLY B 61 4.62 4.67 4.28
C GLY B 61 6.03 4.14 4.11
N SER B 62 6.35 3.68 2.90
CA SER B 62 7.68 3.15 2.62
C SER B 62 8.07 3.40 1.18
N ASP B 63 9.38 3.39 0.91
CA ASP B 63 9.90 3.60 -0.43
C ASP B 63 9.44 2.49 -1.35
N GLU B 64 9.33 1.28 -0.80
CA GLU B 64 8.90 0.13 -1.56
C GLU B 64 7.46 0.29 -2.02
N ASP B 65 6.58 0.59 -1.07
CA ASP B 65 5.17 0.79 -1.36
C ASP B 65 4.97 2.05 -2.20
N TRP B 66 5.86 3.02 -2.00
CA TRP B 66 5.79 4.26 -2.74
C TRP B 66 5.89 3.99 -4.25
N ASN B 67 6.82 3.11 -4.62
CA ASN B 67 7.00 2.75 -6.01
C ASN B 67 5.79 2.00 -6.53
N VAL B 68 5.14 1.26 -5.64
CA VAL B 68 3.94 0.52 -5.97
C VAL B 68 2.82 1.47 -6.32
N ALA B 69 2.80 2.59 -5.62
CA ALA B 69 1.79 3.61 -5.83
C ALA B 69 1.88 4.16 -7.24
N LYS B 70 3.08 4.59 -7.61
CA LYS B 70 3.31 5.14 -8.94
C LYS B 70 3.03 4.09 -10.00
N GLU B 71 3.51 2.86 -9.77
CA GLU B 71 3.29 1.76 -10.71
C GLU B 71 1.81 1.40 -10.76
N MET B 72 1.23 1.12 -9.60
CA MET B 72 -0.19 0.79 -9.52
C MET B 72 -0.98 1.83 -10.29
N LEU B 73 -0.50 3.07 -10.22
CA LEU B 73 -1.12 4.18 -10.91
C LEU B 73 -0.79 4.08 -12.40
N ALA B 74 0.49 3.82 -12.68
CA ALA B 74 0.97 3.67 -14.05
C ALA B 74 -0.01 2.89 -14.91
N GLU B 75 -0.46 1.77 -14.36
CA GLU B 75 -1.39 0.89 -15.03
C GLU B 75 -2.61 1.65 -15.56
N ASN B 76 -2.98 2.70 -14.84
CA ASN B 76 -4.11 3.52 -15.23
C ASN B 76 -3.64 4.91 -15.64
N ASN B 77 -2.39 5.19 -15.31
CA ASN B 77 -1.76 6.47 -15.63
C ASN B 77 -2.67 7.66 -15.36
N GLU B 78 -3.54 7.51 -14.36
CA GLU B 78 -4.46 8.61 -14.01
C GLU B 78 -3.69 9.74 -13.35
N LYS B 79 -2.41 9.52 -13.08
CA LYS B 79 -1.57 10.52 -12.44
C LYS B 79 -2.27 11.11 -11.22
N PHE B 80 -3.05 10.27 -10.54
CA PHE B 80 -3.76 10.68 -9.35
C PHE B 80 -3.63 9.61 -8.26
N LEU B 81 -3.98 9.97 -7.03
CA LEU B 81 -3.89 9.03 -5.91
C LEU B 81 -5.08 9.17 -4.97
N ASN B 82 -5.71 8.03 -4.64
CA ASN B 82 -6.84 8.03 -3.72
C ASN B 82 -6.34 7.75 -2.31
N ILE B 83 -5.99 8.82 -1.60
CA ILE B 83 -5.48 8.75 -0.25
C ILE B 83 -6.57 9.04 0.78
N ARG B 84 -6.34 8.64 2.03
CA ARG B 84 -7.29 8.88 3.10
C ARG B 84 -6.61 8.86 4.46
N LEU B 85 -6.96 9.83 5.30
CA LEU B 85 -6.40 9.93 6.64
C LEU B 85 -7.46 9.60 7.69
N TYR B 86 -7.14 8.64 8.55
CA TYR B 86 -8.06 8.22 9.61
C TYR B 86 -8.62 9.42 10.37
N PRO A 1 10.90 -6.65 -20.63
CA PRO A 1 10.17 -6.86 -19.34
C PRO A 1 11.08 -6.63 -18.14
N HIS A 2 10.69 -5.69 -17.28
CA HIS A 2 11.46 -5.38 -16.08
C HIS A 2 10.79 -5.94 -14.83
N MET A 3 11.27 -5.52 -13.67
CA MET A 3 10.72 -5.97 -12.41
C MET A 3 9.42 -5.24 -12.08
N LYS A 4 8.43 -5.42 -12.94
CA LYS A 4 7.12 -4.77 -12.75
C LYS A 4 6.47 -5.24 -11.45
N THR A 5 6.87 -6.41 -10.98
CA THR A 5 6.33 -6.97 -9.74
C THR A 5 4.80 -7.03 -9.76
N THR A 6 4.25 -7.58 -8.69
CA THR A 6 2.80 -7.71 -8.55
C THR A 6 2.28 -6.77 -7.49
N LYS A 7 1.00 -6.43 -7.60
CA LYS A 7 0.36 -5.56 -6.63
C LYS A 7 -0.56 -6.37 -5.73
N ILE A 8 -0.02 -6.84 -4.60
CA ILE A 8 -0.81 -7.63 -3.67
C ILE A 8 -0.96 -6.89 -2.35
N LYS A 9 -2.16 -6.93 -1.80
CA LYS A 9 -2.42 -6.24 -0.55
C LYS A 9 -2.40 -7.22 0.62
N PHE A 10 -2.55 -6.69 1.82
CA PHE A 10 -2.55 -7.49 3.04
C PHE A 10 -3.35 -6.75 4.11
N TYR A 11 -3.85 -7.48 5.10
CA TYR A 11 -4.64 -6.88 6.17
C TYR A 11 -4.08 -7.23 7.54
N TYR A 12 -3.79 -6.20 8.34
CA TYR A 12 -3.27 -6.44 9.68
C TYR A 12 -4.22 -5.87 10.72
N LYS A 13 -4.85 -6.76 11.48
CA LYS A 13 -5.80 -6.37 12.51
C LYS A 13 -6.93 -5.52 11.94
N ASP A 14 -6.63 -4.25 11.64
CA ASP A 14 -7.61 -3.34 11.09
C ASP A 14 -6.99 -2.42 10.04
N ASP A 15 -5.82 -2.81 9.52
CA ASP A 15 -5.12 -2.02 8.51
C ASP A 15 -4.79 -2.88 7.30
N ILE A 16 -4.75 -2.25 6.13
CA ILE A 16 -4.45 -2.95 4.89
C ILE A 16 -3.17 -2.42 4.24
N PHE A 17 -2.20 -3.27 3.95
CA PHE A 17 -0.97 -2.81 3.30
C PHE A 17 -0.92 -3.29 1.86
N ALA A 18 0.04 -2.77 1.09
CA ALA A 18 0.21 -3.17 -0.31
C ALA A 18 1.69 -3.32 -0.66
N LEU A 19 2.03 -4.41 -1.34
CA LEU A 19 3.42 -4.68 -1.69
C LEU A 19 3.58 -5.08 -3.15
N MET A 20 4.84 -5.30 -3.54
CA MET A 20 5.18 -5.68 -4.90
C MET A 20 6.09 -6.90 -4.92
N LEU A 21 5.58 -8.03 -5.40
CA LEU A 21 6.36 -9.26 -5.46
C LEU A 21 6.60 -9.70 -6.91
N LYS A 22 7.85 -9.90 -7.29
CA LYS A 22 8.17 -10.33 -8.65
C LYS A 22 7.58 -11.70 -8.92
N GLY A 23 7.67 -12.15 -10.18
CA GLY A 23 7.13 -13.44 -10.55
C GLY A 23 7.91 -14.63 -10.02
N ASP A 24 8.77 -14.42 -9.03
CA ASP A 24 9.55 -15.51 -8.46
C ASP A 24 9.69 -15.35 -6.94
N THR A 25 8.88 -14.45 -6.37
CA THR A 25 8.92 -14.18 -4.94
C THR A 25 8.62 -15.42 -4.11
N THR A 26 9.38 -15.57 -3.02
CA THR A 26 9.20 -16.68 -2.10
C THR A 26 8.39 -16.19 -0.91
N TYR A 27 8.00 -17.09 -0.02
CA TYR A 27 7.23 -16.69 1.15
C TYR A 27 8.07 -15.71 1.96
N LYS A 28 9.22 -16.17 2.42
CA LYS A 28 10.14 -15.35 3.22
C LYS A 28 10.19 -13.94 2.64
N GLU A 29 10.25 -13.87 1.31
CA GLU A 29 10.26 -12.59 0.63
C GLU A 29 8.99 -11.85 0.96
N LEU A 30 7.86 -12.51 0.68
CA LEU A 30 6.55 -11.94 0.95
C LEU A 30 6.47 -11.49 2.41
N ARG A 31 6.89 -12.36 3.32
CA ARG A 31 6.87 -12.04 4.74
C ARG A 31 7.72 -10.82 5.09
N SER A 32 8.96 -10.80 4.58
CA SER A 32 9.86 -9.67 4.85
C SER A 32 9.26 -8.35 4.38
N LYS A 33 8.35 -8.46 3.42
CA LYS A 33 7.68 -7.30 2.85
C LYS A 33 6.65 -6.71 3.80
N ILE A 34 5.84 -7.59 4.39
CA ILE A 34 4.79 -7.19 5.30
C ILE A 34 5.31 -6.73 6.66
N ALA A 35 6.39 -7.36 7.10
CA ALA A 35 6.99 -7.03 8.38
C ALA A 35 7.24 -5.53 8.53
N PRO A 36 8.02 -4.95 7.63
CA PRO A 36 8.35 -3.53 7.68
C PRO A 36 7.09 -2.65 7.63
N ARG A 37 5.99 -3.25 7.19
CA ARG A 37 4.72 -2.53 7.11
C ARG A 37 4.03 -2.58 8.47
N ILE A 38 4.01 -3.77 9.07
CA ILE A 38 3.39 -3.96 10.38
C ILE A 38 4.22 -3.30 11.47
N ASP A 39 3.86 -3.61 12.71
CA ASP A 39 4.55 -3.10 13.86
C ASP A 39 5.18 -4.27 14.62
N THR A 40 5.36 -5.39 13.92
CA THR A 40 5.91 -6.60 14.51
C THR A 40 6.77 -7.38 13.52
N ASP A 41 7.65 -8.21 14.05
CA ASP A 41 8.49 -9.09 13.24
C ASP A 41 7.98 -10.52 13.39
N ASN A 42 6.88 -10.63 14.13
CA ASN A 42 6.19 -11.88 14.36
C ASN A 42 4.76 -11.71 13.89
N PHE A 43 4.57 -11.97 12.61
CA PHE A 43 3.29 -11.81 11.94
C PHE A 43 3.10 -12.91 10.93
N LYS A 44 1.86 -13.28 10.69
CA LYS A 44 1.57 -14.30 9.70
C LYS A 44 0.79 -13.67 8.56
N LEU A 45 0.82 -14.32 7.42
CA LEU A 45 0.08 -13.84 6.25
C LEU A 45 -0.87 -14.94 5.78
N GLN A 46 -2.02 -14.54 5.28
CA GLN A 46 -2.99 -15.51 4.78
C GLN A 46 -3.81 -14.91 3.66
N THR A 47 -4.10 -15.71 2.65
CA THR A 47 -4.90 -15.25 1.53
C THR A 47 -6.31 -14.94 2.03
N LYS A 48 -6.70 -13.67 1.93
CA LYS A 48 -8.02 -13.26 2.39
C LYS A 48 -9.05 -13.34 1.28
N LEU A 49 -10.16 -14.01 1.57
CA LEU A 49 -11.23 -14.17 0.59
C LEU A 49 -12.58 -13.90 1.22
N PHE A 50 -13.65 -14.10 0.45
CA PHE A 50 -15.03 -13.86 0.91
C PHE A 50 -15.22 -14.15 2.40
N ASP A 51 -14.53 -15.16 2.89
CA ASP A 51 -14.63 -15.53 4.29
C ASP A 51 -13.66 -14.69 5.13
N GLY A 52 -12.43 -14.64 4.65
CA GLY A 52 -11.40 -13.92 5.36
C GLY A 52 -10.53 -14.88 6.14
N SER A 53 -10.77 -16.17 5.92
CA SER A 53 -10.05 -17.24 6.57
C SER A 53 -9.48 -18.18 5.53
N GLY A 54 -8.65 -17.63 4.65
CA GLY A 54 -8.07 -18.42 3.60
C GLY A 54 -6.89 -19.23 4.10
N GLU A 55 -5.88 -19.42 3.24
CA GLU A 55 -4.71 -20.16 3.61
C GLU A 55 -3.61 -19.22 4.10
N GLU A 56 -2.79 -19.69 5.02
CA GLU A 56 -1.72 -18.90 5.57
C GLU A 56 -0.47 -19.02 4.69
N ILE A 57 -0.05 -17.92 4.09
CA ILE A 57 1.12 -17.95 3.23
C ILE A 57 2.38 -18.16 4.02
N LYS A 58 2.84 -19.41 4.02
CA LYS A 58 4.04 -19.76 4.72
C LYS A 58 5.05 -20.35 3.74
N THR A 59 4.54 -20.85 2.61
CA THR A 59 5.39 -21.46 1.61
C THR A 59 5.36 -20.65 0.31
N ASP A 60 6.42 -20.77 -0.44
CA ASP A 60 6.57 -20.03 -1.68
C ASP A 60 5.44 -20.32 -2.68
N SER A 61 4.98 -21.56 -2.75
CA SER A 61 3.94 -21.94 -3.69
C SER A 61 2.66 -21.14 -3.51
N GLN A 62 2.47 -20.54 -2.33
CA GLN A 62 1.27 -19.77 -2.07
C GLN A 62 1.52 -18.29 -2.33
N VAL A 63 2.41 -17.73 -1.52
CA VAL A 63 2.77 -16.32 -1.62
C VAL A 63 2.94 -15.96 -3.08
N SER A 64 3.72 -16.76 -3.77
CA SER A 64 3.93 -16.57 -5.18
C SER A 64 2.58 -16.52 -5.87
N ASN A 65 1.86 -17.63 -5.77
CA ASN A 65 0.54 -17.76 -6.36
C ASN A 65 -0.34 -16.57 -6.04
N ILE A 66 -0.08 -15.94 -4.90
CA ILE A 66 -0.85 -14.78 -4.51
C ILE A 66 -0.42 -13.58 -5.35
N ILE A 67 0.85 -13.60 -5.74
CA ILE A 67 1.40 -12.53 -6.58
C ILE A 67 0.93 -12.72 -8.02
N GLN A 68 0.75 -13.97 -8.38
CA GLN A 68 0.29 -14.37 -9.71
C GLN A 68 -1.21 -14.26 -9.77
N ALA A 69 -1.83 -15.01 -8.89
CA ALA A 69 -3.26 -15.07 -8.76
C ALA A 69 -3.82 -13.72 -8.34
N LYS A 70 -2.96 -12.86 -7.81
CA LYS A 70 -3.37 -11.54 -7.34
C LYS A 70 -4.29 -11.69 -6.15
N LEU A 71 -3.97 -12.67 -5.33
CA LEU A 71 -4.74 -12.99 -4.15
C LEU A 71 -4.54 -11.98 -3.04
N LYS A 72 -5.63 -11.61 -2.38
CA LYS A 72 -5.55 -10.67 -1.28
C LYS A 72 -5.07 -11.41 -0.05
N ILE A 73 -4.35 -10.73 0.82
CA ILE A 73 -3.81 -11.38 2.00
C ILE A 73 -4.19 -10.66 3.29
N SER A 74 -4.14 -11.40 4.39
CA SER A 74 -4.45 -10.87 5.70
C SER A 74 -3.34 -11.24 6.66
N VAL A 75 -2.61 -10.24 7.16
CA VAL A 75 -1.53 -10.49 8.08
C VAL A 75 -1.96 -10.26 9.52
N HIS A 76 -1.45 -11.07 10.43
CA HIS A 76 -1.82 -10.94 11.83
C HIS A 76 -0.65 -11.27 12.73
N ASP A 77 -0.76 -10.84 13.97
CA ASP A 77 0.26 -11.10 14.97
C ASP A 77 0.27 -12.58 15.30
N ILE A 78 1.39 -13.10 15.78
CA ILE A 78 1.48 -14.50 16.09
C ILE A 78 1.81 -14.72 17.57
N PRO B 1 0.70 18.43 -14.36
CA PRO B 1 1.10 18.88 -15.72
C PRO B 1 1.76 17.76 -16.52
N LEU B 2 2.67 17.05 -15.88
CA LEU B 2 3.39 15.95 -16.54
C LEU B 2 3.38 14.70 -15.65
N GLY B 3 4.26 14.69 -14.67
CA GLY B 3 4.35 13.55 -13.76
C GLY B 3 3.86 13.88 -12.36
N SER B 4 2.83 14.70 -12.27
CA SER B 4 2.31 15.11 -10.96
C SER B 4 1.11 14.27 -10.55
N ILE B 5 1.15 13.76 -9.33
CA ILE B 5 0.08 12.96 -8.79
C ILE B 5 -0.70 13.72 -7.73
N LEU B 6 -2.00 13.83 -7.93
CA LEU B 6 -2.84 14.52 -6.98
C LEU B 6 -3.31 13.58 -5.88
N PHE B 7 -2.92 13.88 -4.65
CA PHE B 7 -3.27 13.04 -3.53
C PHE B 7 -4.64 13.35 -2.97
N ARG B 8 -5.67 12.72 -3.53
CA ARG B 8 -7.02 12.89 -3.01
C ARG B 8 -7.00 12.38 -1.58
N ILE B 9 -7.12 13.27 -0.62
CA ILE B 9 -7.08 12.87 0.79
C ILE B 9 -8.37 13.19 1.51
N SER B 10 -9.04 12.15 1.99
CA SER B 10 -10.28 12.32 2.72
C SER B 10 -10.06 12.19 4.21
N TYR B 11 -9.89 13.31 4.91
CA TYR B 11 -9.68 13.27 6.35
C TYR B 11 -11.00 13.51 7.07
N ASN B 12 -11.50 12.48 7.74
CA ASN B 12 -12.78 12.59 8.44
C ASN B 12 -13.91 12.59 7.41
N SER B 13 -14.66 13.69 7.31
CA SER B 13 -15.75 13.77 6.34
C SER B 13 -15.48 14.92 5.37
N GLU B 14 -14.21 15.17 5.10
CA GLU B 14 -13.81 16.25 4.18
C GLU B 14 -12.78 15.73 3.18
N ILE B 15 -12.53 16.51 2.13
CA ILE B 15 -11.58 16.11 1.09
C ILE B 15 -10.50 17.17 0.86
N PHE B 16 -9.26 16.70 0.77
CA PHE B 16 -8.12 17.57 0.51
C PHE B 16 -7.25 16.94 -0.57
N THR B 17 -6.83 17.73 -1.54
CA THR B 17 -6.01 17.22 -2.64
C THR B 17 -4.62 17.83 -2.63
N LEU B 18 -3.59 16.99 -2.52
CA LEU B 18 -2.20 17.45 -2.48
C LEU B 18 -1.40 16.87 -3.66
N LEU B 19 -0.84 17.75 -4.49
CA LEU B 19 -0.08 17.31 -5.66
C LEU B 19 1.34 16.86 -5.29
N VAL B 20 1.76 15.73 -5.89
CA VAL B 20 3.09 15.18 -5.64
C VAL B 20 3.68 14.54 -6.90
N GLU B 21 4.78 15.11 -7.39
CA GLU B 21 5.44 14.59 -8.59
C GLU B 21 5.91 13.16 -8.39
N LYS B 22 5.97 12.40 -9.47
CA LYS B 22 6.38 11.00 -9.42
C LYS B 22 7.83 10.86 -8.96
N VAL B 23 8.57 11.98 -8.90
CA VAL B 23 9.95 11.94 -8.47
C VAL B 23 10.07 12.17 -6.96
N TRP B 24 8.95 12.52 -6.32
CA TRP B 24 8.93 12.76 -4.89
C TRP B 24 8.77 11.46 -4.10
N ASN B 25 9.64 11.26 -3.12
CA ASN B 25 9.58 10.07 -2.28
C ASN B 25 8.63 10.30 -1.12
N PHE B 26 8.29 9.23 -0.39
CA PHE B 26 7.37 9.33 0.75
C PHE B 26 7.45 10.66 1.47
N ASP B 27 8.66 11.21 1.63
CA ASP B 27 8.81 12.49 2.29
C ASP B 27 8.13 13.57 1.46
N ASP B 28 8.86 14.16 0.52
CA ASP B 28 8.32 15.21 -0.36
C ASP B 28 6.79 15.13 -0.48
N LEU B 29 6.28 13.95 -0.78
CA LEU B 29 4.84 13.77 -0.91
C LEU B 29 4.15 13.97 0.44
N ILE B 30 4.74 13.41 1.50
CA ILE B 30 4.20 13.61 2.85
C ILE B 30 4.37 15.09 3.18
N MET B 31 5.59 15.56 2.92
CA MET B 31 5.93 16.95 3.10
C MET B 31 4.88 17.79 2.39
N ALA B 32 4.45 17.26 1.25
CA ALA B 32 3.42 17.86 0.44
C ALA B 32 2.07 17.70 1.13
N ILE B 33 1.79 16.46 1.54
CA ILE B 33 0.55 16.15 2.22
C ILE B 33 0.39 17.02 3.46
N ASN B 34 1.35 16.93 4.38
CA ASN B 34 1.32 17.74 5.60
C ASN B 34 1.04 19.20 5.26
N SER B 35 1.48 19.61 4.08
CA SER B 35 1.29 20.98 3.63
C SER B 35 -0.18 21.24 3.26
N LYS B 36 -0.91 20.18 2.92
CA LYS B 36 -2.31 20.31 2.54
C LYS B 36 -3.26 19.74 3.59
N ILE B 37 -2.84 18.69 4.29
CA ILE B 37 -3.68 18.05 5.30
C ILE B 37 -3.67 18.81 6.61
N SER B 38 -2.54 19.42 6.97
CA SER B 38 -2.43 20.16 8.23
C SER B 38 -3.63 21.09 8.44
N ASN B 39 -4.36 21.38 7.37
CA ASN B 39 -5.53 22.24 7.46
C ASN B 39 -6.59 21.66 8.40
N THR B 40 -6.35 20.42 8.85
CA THR B 40 -7.26 19.76 9.76
C THR B 40 -7.10 20.33 11.17
N HIS B 41 -7.81 19.74 12.14
CA HIS B 41 -7.75 20.22 13.52
C HIS B 41 -6.90 19.32 14.40
N ILE B 42 -6.37 18.24 13.83
CA ILE B 42 -5.55 17.30 14.59
C ILE B 42 -4.09 17.77 14.71
N SER B 43 -3.24 17.35 13.77
CA SER B 43 -1.84 17.74 13.78
C SER B 43 -1.08 17.04 12.64
N PRO B 44 0.22 17.33 12.50
CA PRO B 44 1.05 16.73 11.44
C PRO B 44 0.90 15.21 11.39
N ILE B 45 0.68 14.69 10.18
CA ILE B 45 0.51 13.26 9.97
C ILE B 45 1.85 12.60 9.63
N THR B 46 1.89 11.27 9.67
CA THR B 46 3.11 10.52 9.36
C THR B 46 2.81 9.30 8.48
N LYS B 47 1.56 8.88 8.44
CA LYS B 47 1.16 7.73 7.64
C LYS B 47 -0.12 8.01 6.87
N ILE B 48 -0.22 7.47 5.66
CA ILE B 48 -1.40 7.65 4.83
C ILE B 48 -1.97 6.33 4.35
N LYS B 49 -3.22 6.40 3.89
CA LYS B 49 -3.91 5.23 3.36
C LYS B 49 -4.23 5.49 1.89
N TYR B 50 -4.28 4.44 1.06
CA TYR B 50 -4.56 4.65 -0.35
C TYR B 50 -5.52 3.57 -0.87
N GLN B 51 -6.63 4.01 -1.45
CA GLN B 51 -7.62 3.08 -1.98
C GLN B 51 -7.07 2.32 -3.18
N ASP B 52 -7.04 1.00 -3.07
CA ASP B 52 -6.53 0.16 -4.15
C ASP B 52 -7.66 -0.23 -5.10
N GLU B 53 -7.31 -0.88 -6.21
CA GLU B 53 -8.30 -1.30 -7.19
C GLU B 53 -9.26 -2.33 -6.60
N ASP B 54 -8.81 -3.00 -5.53
CA ASP B 54 -9.63 -4.00 -4.87
C ASP B 54 -10.90 -3.39 -4.29
N GLY B 55 -10.87 -2.08 -4.04
CA GLY B 55 -12.04 -1.41 -3.50
C GLY B 55 -11.94 -1.18 -2.00
N ASP B 56 -10.74 -1.37 -1.45
CA ASP B 56 -10.51 -1.18 -0.02
C ASP B 56 -9.47 -0.10 0.21
N PHE B 57 -9.15 0.15 1.48
CA PHE B 57 -8.15 1.17 1.81
C PHE B 57 -6.87 0.52 2.33
N VAL B 58 -5.77 0.90 1.72
CA VAL B 58 -4.46 0.39 2.07
C VAL B 58 -3.60 1.47 2.70
N VAL B 59 -2.51 1.07 3.33
CA VAL B 59 -1.60 2.03 3.96
C VAL B 59 -0.43 2.31 3.03
N LEU B 60 0.33 3.35 3.32
CA LEU B 60 1.49 3.70 2.52
C LEU B 60 2.42 4.63 3.27
N GLY B 61 3.67 4.22 3.43
CA GLY B 61 4.64 5.02 4.13
C GLY B 61 6.05 4.48 3.99
N SER B 62 6.32 3.78 2.89
CA SER B 62 7.64 3.21 2.66
C SER B 62 8.07 3.39 1.21
N ASP B 63 9.36 3.20 0.95
CA ASP B 63 9.90 3.34 -0.39
C ASP B 63 9.38 2.23 -1.29
N GLU B 64 9.27 1.03 -0.72
CA GLU B 64 8.77 -0.12 -1.47
C GLU B 64 7.32 0.11 -1.89
N ASP B 65 6.50 0.53 -0.94
CA ASP B 65 5.09 0.79 -1.20
C ASP B 65 4.95 2.04 -2.07
N TRP B 66 5.79 3.03 -1.79
CA TRP B 66 5.77 4.29 -2.52
C TRP B 66 5.92 4.05 -4.03
N ASN B 67 6.85 3.18 -4.39
CA ASN B 67 7.10 2.86 -5.80
C ASN B 67 5.91 2.09 -6.37
N VAL B 68 5.26 1.32 -5.52
CA VAL B 68 4.11 0.54 -5.92
C VAL B 68 2.94 1.46 -6.25
N ALA B 69 2.85 2.55 -5.50
CA ALA B 69 1.81 3.53 -5.68
C ALA B 69 1.94 4.20 -7.04
N LYS B 70 3.14 4.66 -7.34
CA LYS B 70 3.40 5.31 -8.61
C LYS B 70 3.31 4.31 -9.76
N GLU B 71 3.83 3.11 -9.53
CA GLU B 71 3.78 2.06 -10.54
C GLU B 71 2.34 1.61 -10.74
N MET B 72 1.68 1.26 -9.64
CA MET B 72 0.28 0.83 -9.70
C MET B 72 -0.52 1.82 -10.53
N LEU B 73 -0.12 3.08 -10.42
CA LEU B 73 -0.73 4.16 -11.17
C LEU B 73 -0.31 4.06 -12.63
N ALA B 74 1.01 3.95 -12.82
CA ALA B 74 1.62 3.84 -14.15
C ALA B 74 0.77 3.02 -15.11
N GLU B 75 0.29 1.90 -14.60
CA GLU B 75 -0.52 0.98 -15.38
C GLU B 75 -1.70 1.68 -16.02
N ASN B 76 -2.21 2.69 -15.33
CA ASN B 76 -3.35 3.46 -15.81
C ASN B 76 -2.92 4.89 -16.13
N ASN B 77 -1.78 5.28 -15.59
CA ASN B 77 -1.23 6.62 -15.79
C ASN B 77 -2.26 7.70 -15.47
N GLU B 78 -3.17 7.42 -14.54
CA GLU B 78 -4.19 8.39 -14.15
C GLU B 78 -3.56 9.73 -13.75
N LYS B 79 -2.52 9.65 -12.92
CA LYS B 79 -1.81 10.84 -12.44
C LYS B 79 -2.50 11.41 -11.20
N PHE B 80 -3.09 10.52 -10.43
CA PHE B 80 -3.78 10.91 -9.19
C PHE B 80 -3.58 9.85 -8.12
N LEU B 81 -4.20 10.07 -6.97
CA LEU B 81 -4.07 9.14 -5.86
C LEU B 81 -5.27 9.22 -4.91
N ASN B 82 -5.87 8.08 -4.61
CA ASN B 82 -6.99 8.04 -3.68
C ASN B 82 -6.47 7.80 -2.26
N ILE B 83 -6.14 8.88 -1.59
CA ILE B 83 -5.62 8.83 -0.24
C ILE B 83 -6.71 9.13 0.79
N ARG B 84 -6.52 8.63 2.01
CA ARG B 84 -7.48 8.86 3.08
C ARG B 84 -6.76 8.97 4.43
N LEU B 85 -7.16 9.95 5.23
CA LEU B 85 -6.54 10.16 6.53
C LEU B 85 -7.57 10.00 7.64
N TYR B 86 -7.23 9.17 8.63
CA TYR B 86 -8.10 8.90 9.77
C TYR B 86 -9.37 8.18 9.31
N PRO A 1 11.86 1.32 -15.07
CA PRO A 1 10.96 0.14 -14.93
C PRO A 1 11.67 -1.15 -15.31
N HIS A 2 11.86 -2.02 -14.32
CA HIS A 2 12.53 -3.30 -14.56
C HIS A 2 11.55 -4.46 -14.40
N MET A 3 11.30 -4.86 -13.16
CA MET A 3 10.39 -5.96 -12.88
C MET A 3 9.17 -5.48 -12.09
N LYS A 4 8.38 -4.61 -12.73
CA LYS A 4 7.16 -4.03 -12.13
C LYS A 4 6.62 -4.79 -10.92
N THR A 5 6.62 -6.12 -10.99
CA THR A 5 6.12 -6.97 -9.91
C THR A 5 4.60 -7.06 -9.90
N THR A 6 4.08 -7.64 -8.83
CA THR A 6 2.64 -7.81 -8.65
C THR A 6 2.11 -6.83 -7.62
N LYS A 7 0.82 -6.53 -7.72
CA LYS A 7 0.19 -5.64 -6.77
C LYS A 7 -0.70 -6.45 -5.83
N ILE A 8 -0.14 -6.85 -4.70
CA ILE A 8 -0.89 -7.63 -3.72
C ILE A 8 -1.01 -6.86 -2.42
N LYS A 9 -2.20 -6.89 -1.84
CA LYS A 9 -2.43 -6.19 -0.59
C LYS A 9 -2.39 -7.16 0.58
N PHE A 10 -2.56 -6.61 1.77
CA PHE A 10 -2.55 -7.41 3.00
C PHE A 10 -3.36 -6.68 4.06
N TYR A 11 -3.86 -7.41 5.05
CA TYR A 11 -4.67 -6.81 6.11
C TYR A 11 -4.10 -7.12 7.48
N TYR A 12 -3.81 -6.08 8.25
CA TYR A 12 -3.28 -6.27 9.60
C TYR A 12 -4.27 -5.72 10.63
N LYS A 13 -4.86 -6.62 11.40
CA LYS A 13 -5.83 -6.25 12.44
C LYS A 13 -6.98 -5.45 11.84
N ASP A 14 -6.72 -4.18 11.54
CA ASP A 14 -7.73 -3.30 10.97
C ASP A 14 -7.14 -2.38 9.91
N ASP A 15 -5.98 -2.76 9.38
CA ASP A 15 -5.32 -1.95 8.35
C ASP A 15 -4.97 -2.81 7.14
N ILE A 16 -4.93 -2.20 5.96
CA ILE A 16 -4.61 -2.91 4.73
C ILE A 16 -3.34 -2.36 4.10
N PHE A 17 -2.35 -3.19 3.80
CA PHE A 17 -1.14 -2.70 3.18
C PHE A 17 -1.06 -3.14 1.72
N ALA A 18 -0.11 -2.60 0.97
CA ALA A 18 0.06 -2.95 -0.44
C ALA A 18 1.54 -3.13 -0.78
N LEU A 19 1.88 -4.25 -1.40
CA LEU A 19 3.27 -4.54 -1.74
C LEU A 19 3.45 -4.94 -3.20
N MET A 20 4.71 -5.17 -3.57
CA MET A 20 5.08 -5.54 -4.92
C MET A 20 5.98 -6.76 -4.96
N LEU A 21 5.49 -7.90 -5.49
CA LEU A 21 6.28 -9.12 -5.55
C LEU A 21 6.50 -9.57 -6.98
N LYS A 22 7.76 -9.80 -7.37
CA LYS A 22 8.07 -10.25 -8.72
C LYS A 22 7.42 -11.60 -8.98
N GLY A 23 7.49 -12.06 -10.23
CA GLY A 23 6.90 -13.34 -10.59
C GLY A 23 7.66 -14.55 -10.07
N ASP A 24 8.52 -14.35 -9.08
CA ASP A 24 9.29 -15.45 -8.52
C ASP A 24 9.49 -15.27 -7.01
N THR A 25 8.72 -14.36 -6.42
CA THR A 25 8.81 -14.07 -4.99
C THR A 25 8.55 -15.31 -4.13
N THR A 26 9.35 -15.43 -3.08
CA THR A 26 9.22 -16.53 -2.13
C THR A 26 8.42 -16.06 -0.93
N TYR A 27 8.03 -16.97 -0.05
CA TYR A 27 7.29 -16.58 1.13
C TYR A 27 8.11 -15.58 1.93
N LYS A 28 9.26 -16.02 2.41
CA LYS A 28 10.16 -15.16 3.19
C LYS A 28 10.21 -13.78 2.59
N GLU A 29 10.25 -13.73 1.26
CA GLU A 29 10.26 -12.46 0.56
C GLU A 29 8.97 -11.73 0.88
N LEU A 30 7.86 -12.39 0.60
CA LEU A 30 6.54 -11.85 0.85
C LEU A 30 6.44 -11.39 2.31
N ARG A 31 6.88 -12.25 3.22
CA ARG A 31 6.84 -11.94 4.64
C ARG A 31 7.70 -10.72 4.98
N SER A 32 8.94 -10.69 4.49
CA SER A 32 9.83 -9.56 4.75
C SER A 32 9.21 -8.25 4.25
N LYS A 33 8.31 -8.39 3.30
CA LYS A 33 7.63 -7.25 2.69
C LYS A 33 6.62 -6.64 3.66
N ILE A 34 5.82 -7.50 4.27
CA ILE A 34 4.78 -7.07 5.19
C ILE A 34 5.33 -6.59 6.54
N ALA A 35 6.41 -7.21 6.97
CA ALA A 35 7.02 -6.85 8.24
C ALA A 35 7.28 -5.35 8.37
N PRO A 36 8.06 -4.78 7.44
CA PRO A 36 8.39 -3.36 7.47
C PRO A 36 7.13 -2.49 7.43
N ARG A 37 6.03 -3.07 7.00
CA ARG A 37 4.77 -2.35 6.93
C ARG A 37 4.08 -2.38 8.28
N ILE A 38 4.06 -3.57 8.91
CA ILE A 38 3.44 -3.74 10.22
C ILE A 38 4.26 -3.06 11.30
N ASP A 39 3.90 -3.35 12.53
CA ASP A 39 4.60 -2.82 13.69
C ASP A 39 5.24 -3.97 14.46
N THR A 40 5.41 -5.10 13.77
CA THR A 40 5.99 -6.29 14.38
C THR A 40 6.84 -7.08 13.39
N ASP A 41 7.72 -7.91 13.93
CA ASP A 41 8.57 -8.80 13.12
C ASP A 41 8.07 -10.22 13.30
N ASN A 42 6.97 -10.33 14.05
CA ASN A 42 6.30 -11.59 14.31
C ASN A 42 4.86 -11.44 13.85
N PHE A 43 4.66 -11.71 12.57
CA PHE A 43 3.37 -11.56 11.91
C PHE A 43 3.19 -12.69 10.91
N LYS A 44 1.95 -13.07 10.69
CA LYS A 44 1.65 -14.10 9.72
C LYS A 44 0.87 -13.50 8.58
N LEU A 45 0.87 -14.16 7.44
CA LEU A 45 0.12 -13.70 6.28
C LEU A 45 -0.82 -14.81 5.83
N GLN A 46 -1.97 -14.44 5.32
CA GLN A 46 -2.93 -15.41 4.84
C GLN A 46 -3.76 -14.84 3.71
N THR A 47 -4.04 -15.66 2.72
CA THR A 47 -4.86 -15.23 1.59
C THR A 47 -6.27 -14.91 2.09
N LYS A 48 -6.65 -13.64 1.98
CA LYS A 48 -7.97 -13.22 2.43
C LYS A 48 -8.99 -13.32 1.31
N LEU A 49 -10.10 -13.99 1.60
CA LEU A 49 -11.17 -14.17 0.61
C LEU A 49 -12.53 -13.88 1.24
N PHE A 50 -13.59 -14.10 0.46
CA PHE A 50 -14.97 -13.85 0.91
C PHE A 50 -15.17 -14.12 2.40
N ASP A 51 -14.48 -15.12 2.93
CA ASP A 51 -14.59 -15.46 4.33
C ASP A 51 -13.63 -14.61 5.15
N GLY A 52 -12.39 -14.56 4.68
CA GLY A 52 -11.36 -13.82 5.38
C GLY A 52 -10.50 -14.77 6.19
N SER A 53 -10.75 -16.06 5.98
CA SER A 53 -10.02 -17.11 6.66
C SER A 53 -9.44 -18.08 5.63
N GLY A 54 -8.61 -17.54 4.74
CA GLY A 54 -8.01 -18.36 3.72
C GLY A 54 -6.83 -19.15 4.24
N GLU A 55 -5.83 -19.35 3.39
CA GLU A 55 -4.64 -20.09 3.77
C GLU A 55 -3.56 -19.13 4.25
N GLU A 56 -2.73 -19.60 5.16
CA GLU A 56 -1.65 -18.78 5.70
C GLU A 56 -0.41 -18.92 4.82
N ILE A 57 0.01 -17.83 4.20
CA ILE A 57 1.18 -17.87 3.33
C ILE A 57 2.44 -18.06 4.13
N LYS A 58 2.91 -19.29 4.14
CA LYS A 58 4.12 -19.63 4.84
C LYS A 58 5.13 -20.22 3.87
N THR A 59 4.65 -20.73 2.75
CA THR A 59 5.50 -21.35 1.75
C THR A 59 5.47 -20.55 0.45
N ASP A 60 6.53 -20.67 -0.30
CA ASP A 60 6.67 -19.94 -1.55
C ASP A 60 5.56 -20.26 -2.56
N SER A 61 5.11 -21.51 -2.60
CA SER A 61 4.07 -21.90 -3.55
C SER A 61 2.78 -21.12 -3.39
N GLN A 62 2.58 -20.52 -2.22
CA GLN A 62 1.35 -19.76 -1.97
C GLN A 62 1.58 -18.29 -2.24
N VAL A 63 2.46 -17.71 -1.44
CA VAL A 63 2.80 -16.29 -1.56
C VAL A 63 2.96 -15.93 -3.02
N SER A 64 3.74 -16.75 -3.72
CA SER A 64 3.95 -16.55 -5.13
C SER A 64 2.59 -16.53 -5.81
N ASN A 65 1.88 -17.65 -5.70
CA ASN A 65 0.55 -17.80 -6.27
C ASN A 65 -0.33 -16.62 -5.96
N ILE A 66 -0.07 -15.97 -4.84
CA ILE A 66 -0.85 -14.82 -4.45
C ILE A 66 -0.44 -13.63 -5.32
N ILE A 67 0.82 -13.62 -5.70
CA ILE A 67 1.35 -12.57 -6.57
C ILE A 67 0.88 -12.78 -8.00
N GLN A 68 0.70 -14.04 -8.34
CA GLN A 68 0.23 -14.45 -9.66
C GLN A 68 -1.27 -14.37 -9.71
N ALA A 69 -1.86 -15.12 -8.81
CA ALA A 69 -3.30 -15.21 -8.66
C ALA A 69 -3.88 -13.86 -8.26
N LYS A 70 -3.03 -12.97 -7.75
CA LYS A 70 -3.47 -11.65 -7.30
C LYS A 70 -4.35 -11.81 -6.07
N LEU A 71 -3.99 -12.78 -5.25
CA LEU A 71 -4.73 -13.09 -4.05
C LEU A 71 -4.57 -12.03 -2.96
N LYS A 72 -5.68 -11.69 -2.34
CA LYS A 72 -5.67 -10.73 -1.24
C LYS A 72 -5.11 -11.44 -0.02
N ILE A 73 -4.40 -10.71 0.84
CA ILE A 73 -3.80 -11.33 2.01
C ILE A 73 -4.19 -10.61 3.29
N SER A 74 -4.11 -11.33 4.40
CA SER A 74 -4.43 -10.79 5.71
C SER A 74 -3.29 -11.13 6.67
N VAL A 75 -2.58 -10.12 7.16
CA VAL A 75 -1.49 -10.35 8.08
C VAL A 75 -1.92 -10.08 9.50
N HIS A 76 -1.40 -10.87 10.43
CA HIS A 76 -1.76 -10.72 11.83
C HIS A 76 -0.57 -11.01 12.73
N ASP A 77 -0.67 -10.57 13.98
CA ASP A 77 0.37 -10.81 14.96
C ASP A 77 0.38 -12.29 15.30
N ILE A 78 1.50 -12.80 15.77
CA ILE A 78 1.59 -14.22 16.10
C ILE A 78 1.93 -14.42 17.58
N PRO B 1 8.78 16.73 -14.01
CA PRO B 1 9.29 16.27 -15.33
C PRO B 1 8.25 15.42 -16.07
N LEU B 2 8.04 14.20 -15.59
CA LEU B 2 7.08 13.30 -16.22
C LEU B 2 5.65 13.74 -15.93
N GLY B 3 5.23 13.61 -14.68
CA GLY B 3 3.89 14.00 -14.31
C GLY B 3 3.72 14.09 -12.80
N SER B 4 2.72 14.85 -12.36
CA SER B 4 2.47 15.02 -10.94
C SER B 4 1.24 14.23 -10.49
N ILE B 5 1.31 13.68 -9.29
CA ILE B 5 0.21 12.89 -8.74
C ILE B 5 -0.58 13.69 -7.70
N LEU B 6 -1.88 13.78 -7.88
CA LEU B 6 -2.72 14.48 -6.94
C LEU B 6 -3.22 13.54 -5.86
N PHE B 7 -2.86 13.81 -4.61
CA PHE B 7 -3.24 12.96 -3.50
C PHE B 7 -4.63 13.28 -2.96
N ARG B 8 -5.67 12.68 -3.55
CA ARG B 8 -7.01 12.89 -3.02
C ARG B 8 -6.99 12.36 -1.59
N ILE B 9 -7.11 13.24 -0.62
CA ILE B 9 -7.06 12.83 0.77
C ILE B 9 -8.35 13.16 1.50
N SER B 10 -9.04 12.14 1.98
CA SER B 10 -10.28 12.35 2.72
C SER B 10 -10.04 12.13 4.21
N TYR B 11 -9.80 13.22 4.94
CA TYR B 11 -9.58 13.14 6.38
C TYR B 11 -10.88 13.41 7.12
N ASN B 12 -11.34 12.42 7.88
CA ASN B 12 -12.60 12.56 8.62
C ASN B 12 -13.77 12.51 7.64
N SER B 13 -14.53 13.60 7.51
CA SER B 13 -15.65 13.63 6.57
C SER B 13 -15.46 14.78 5.59
N GLU B 14 -14.20 15.03 5.23
CA GLU B 14 -13.86 16.10 4.29
C GLU B 14 -12.82 15.61 3.29
N ILE B 15 -12.57 16.40 2.25
CA ILE B 15 -11.60 16.01 1.23
C ILE B 15 -10.54 17.09 0.99
N PHE B 16 -9.29 16.65 0.90
CA PHE B 16 -8.16 17.53 0.64
C PHE B 16 -7.28 16.89 -0.43
N THR B 17 -6.84 17.67 -1.41
CA THR B 17 -6.02 17.14 -2.48
C THR B 17 -4.62 17.74 -2.46
N LEU B 18 -3.60 16.89 -2.33
CA LEU B 18 -2.21 17.35 -2.28
C LEU B 18 -1.40 16.79 -3.46
N LEU B 19 -0.84 17.69 -4.27
CA LEU B 19 -0.06 17.29 -5.44
C LEU B 19 1.36 16.81 -5.06
N VAL B 20 1.77 15.70 -5.65
CA VAL B 20 3.10 15.13 -5.40
C VAL B 20 3.70 14.51 -6.66
N GLU B 21 4.78 15.10 -7.15
CA GLU B 21 5.45 14.59 -8.35
C GLU B 21 5.91 13.15 -8.15
N LYS B 22 5.92 12.38 -9.24
CA LYS B 22 6.32 10.97 -9.18
C LYS B 22 7.76 10.81 -8.71
N VAL B 23 8.53 11.89 -8.71
CA VAL B 23 9.92 11.84 -8.27
C VAL B 23 10.04 12.08 -6.77
N TRP B 24 8.93 12.43 -6.13
CA TRP B 24 8.91 12.68 -4.69
C TRP B 24 8.72 11.39 -3.90
N ASN B 25 9.68 11.11 -3.02
CA ASN B 25 9.60 9.91 -2.18
C ASN B 25 8.66 10.15 -1.00
N PHE B 26 8.35 9.09 -0.25
CA PHE B 26 7.45 9.18 0.89
C PHE B 26 7.54 10.51 1.63
N ASP B 27 8.74 11.07 1.73
CA ASP B 27 8.90 12.34 2.41
C ASP B 27 8.22 13.43 1.60
N ASP B 28 8.94 14.03 0.66
CA ASP B 28 8.41 15.10 -0.19
C ASP B 28 6.88 15.01 -0.31
N LEU B 29 6.37 13.83 -0.67
CA LEU B 29 4.94 13.66 -0.80
C LEU B 29 4.25 13.88 0.53
N ILE B 30 4.83 13.35 1.61
CA ILE B 30 4.30 13.55 2.95
C ILE B 30 4.45 15.02 3.27
N MET B 31 5.68 15.50 3.05
CA MET B 31 6.01 16.89 3.23
C MET B 31 4.95 17.71 2.52
N ALA B 32 4.50 17.16 1.39
CA ALA B 32 3.45 17.76 0.60
C ALA B 32 2.11 17.57 1.31
N ILE B 33 1.87 16.32 1.72
CA ILE B 33 0.65 15.98 2.43
C ILE B 33 0.47 16.88 3.64
N ASN B 34 1.44 16.83 4.56
CA ASN B 34 1.41 17.64 5.77
C ASN B 34 1.11 19.10 5.43
N SER B 35 1.53 19.50 4.24
CA SER B 35 1.31 20.86 3.76
C SER B 35 -0.15 21.12 3.42
N LYS B 36 -0.88 20.05 3.11
CA LYS B 36 -2.30 20.17 2.74
C LYS B 36 -3.23 19.57 3.79
N ILE B 37 -2.80 18.51 4.46
CA ILE B 37 -3.64 17.85 5.46
C ILE B 37 -3.66 18.58 6.79
N SER B 38 -2.53 19.19 7.19
CA SER B 38 -2.47 19.91 8.45
C SER B 38 -3.65 20.85 8.64
N ASN B 39 -4.30 21.20 7.53
CA ASN B 39 -5.47 22.09 7.57
C ASN B 39 -6.65 21.43 8.28
N THR B 40 -6.53 20.13 8.56
CA THR B 40 -7.59 19.40 9.23
C THR B 40 -7.71 19.83 10.70
N HIS B 41 -6.62 20.38 11.24
CA HIS B 41 -6.61 20.82 12.63
C HIS B 41 -6.67 19.63 13.59
N ILE B 42 -5.60 18.84 13.59
CA ILE B 42 -5.54 17.67 14.46
C ILE B 42 -4.08 17.22 14.67
N SER B 43 -3.34 17.10 13.58
CA SER B 43 -1.94 16.69 13.64
C SER B 43 -1.35 16.61 12.23
N PRO B 44 -0.01 16.70 12.11
CA PRO B 44 0.67 16.64 10.82
C PRO B 44 0.64 15.26 10.18
N ILE B 45 0.16 14.27 10.93
CA ILE B 45 0.09 12.90 10.42
C ILE B 45 1.48 12.42 9.99
N THR B 46 1.60 11.11 9.78
CA THR B 46 2.87 10.53 9.36
C THR B 46 2.67 9.24 8.55
N LYS B 47 1.41 8.90 8.30
CA LYS B 47 1.07 7.70 7.55
C LYS B 47 -0.19 7.95 6.73
N ILE B 48 -0.25 7.43 5.52
CA ILE B 48 -1.42 7.63 4.69
C ILE B 48 -2.00 6.31 4.19
N LYS B 49 -3.25 6.36 3.78
CA LYS B 49 -3.94 5.20 3.24
C LYS B 49 -4.28 5.46 1.78
N TYR B 50 -4.31 4.43 0.95
CA TYR B 50 -4.61 4.64 -0.47
C TYR B 50 -5.51 3.53 -1.01
N GLN B 51 -6.62 3.94 -1.62
CA GLN B 51 -7.57 2.98 -2.18
C GLN B 51 -6.96 2.24 -3.37
N ASP B 52 -6.97 0.92 -3.30
CA ASP B 52 -6.43 0.09 -4.36
C ASP B 52 -7.53 -0.30 -5.34
N GLU B 53 -7.16 -0.97 -6.42
CA GLU B 53 -8.13 -1.41 -7.42
C GLU B 53 -9.09 -2.44 -6.83
N ASP B 54 -8.64 -3.11 -5.77
CA ASP B 54 -9.46 -4.12 -5.11
C ASP B 54 -10.78 -3.54 -4.62
N GLY B 55 -10.82 -2.23 -4.39
CA GLY B 55 -12.03 -1.60 -3.92
C GLY B 55 -11.99 -1.29 -2.44
N ASP B 56 -10.82 -1.49 -1.82
CA ASP B 56 -10.66 -1.23 -0.39
C ASP B 56 -9.60 -0.15 -0.17
N PHE B 57 -9.26 0.09 1.08
CA PHE B 57 -8.27 1.10 1.42
C PHE B 57 -7.07 0.47 2.09
N VAL B 58 -5.89 0.82 1.64
CA VAL B 58 -4.67 0.29 2.22
C VAL B 58 -3.75 1.42 2.67
N VAL B 59 -2.58 1.08 3.20
CA VAL B 59 -1.64 2.08 3.69
C VAL B 59 -0.48 2.30 2.74
N LEU B 60 0.29 3.36 3.01
CA LEU B 60 1.46 3.70 2.21
C LEU B 60 2.37 4.62 3.00
N GLY B 61 3.63 4.21 3.16
CA GLY B 61 4.58 5.00 3.90
C GLY B 61 5.98 4.41 3.87
N SER B 62 6.30 3.72 2.77
CA SER B 62 7.61 3.10 2.64
C SER B 62 8.14 3.22 1.22
N ASP B 63 9.44 3.06 1.06
CA ASP B 63 10.08 3.15 -0.25
C ASP B 63 9.58 2.03 -1.16
N GLU B 64 9.30 0.89 -0.55
CA GLU B 64 8.79 -0.27 -1.28
C GLU B 64 7.36 -0.01 -1.76
N ASP B 65 6.52 0.44 -0.84
CA ASP B 65 5.13 0.74 -1.16
C ASP B 65 5.06 1.94 -2.08
N TRP B 66 5.86 2.94 -1.78
CA TRP B 66 5.92 4.15 -2.59
C TRP B 66 6.08 3.80 -4.07
N ASN B 67 6.92 2.82 -4.35
CA ASN B 67 7.14 2.37 -5.72
C ASN B 67 5.90 1.68 -6.26
N VAL B 68 5.17 1.04 -5.35
CA VAL B 68 3.94 0.34 -5.72
C VAL B 68 2.88 1.35 -6.10
N ALA B 69 2.88 2.46 -5.40
CA ALA B 69 1.93 3.53 -5.64
C ALA B 69 2.09 4.10 -7.04
N LYS B 70 3.32 4.47 -7.38
CA LYS B 70 3.62 5.03 -8.68
C LYS B 70 3.32 4.01 -9.78
N GLU B 71 3.68 2.75 -9.53
CA GLU B 71 3.44 1.70 -10.50
C GLU B 71 1.95 1.41 -10.60
N MET B 72 1.32 1.15 -9.45
CA MET B 72 -0.11 0.90 -9.39
C MET B 72 -0.86 1.96 -10.18
N LEU B 73 -0.29 3.16 -10.18
CA LEU B 73 -0.85 4.29 -10.89
C LEU B 73 -0.39 4.25 -12.34
N ALA B 74 0.91 4.02 -12.52
CA ALA B 74 1.53 3.93 -13.84
C ALA B 74 0.65 3.16 -14.81
N GLU B 75 0.15 2.05 -14.32
CA GLU B 75 -0.70 1.15 -15.11
C GLU B 75 -1.85 1.90 -15.75
N ASN B 76 -2.33 2.90 -15.04
CA ASN B 76 -3.44 3.72 -15.52
C ASN B 76 -2.98 5.13 -15.81
N ASN B 77 -1.76 5.45 -15.37
CA ASN B 77 -1.15 6.75 -15.57
C ASN B 77 -2.16 7.89 -15.32
N GLU B 78 -3.10 7.65 -14.42
CA GLU B 78 -4.11 8.64 -14.09
C GLU B 78 -3.48 9.85 -13.40
N LYS B 79 -2.21 9.72 -13.03
CA LYS B 79 -1.47 10.80 -12.39
C LYS B 79 -2.23 11.35 -11.18
N PHE B 80 -2.90 10.45 -10.47
CA PHE B 80 -3.66 10.83 -9.29
C PHE B 80 -3.56 9.74 -8.23
N LEU B 81 -3.98 10.05 -7.00
CA LEU B 81 -3.92 9.10 -5.90
C LEU B 81 -5.13 9.23 -4.98
N ASN B 82 -5.79 8.12 -4.69
CA ASN B 82 -6.94 8.12 -3.80
C ASN B 82 -6.46 7.83 -2.37
N ILE B 83 -6.12 8.89 -1.66
CA ILE B 83 -5.62 8.79 -0.30
C ILE B 83 -6.72 9.05 0.73
N ARG B 84 -6.51 8.59 1.95
CA ARG B 84 -7.47 8.78 3.03
C ARG B 84 -6.76 8.85 4.38
N LEU B 85 -7.07 9.89 5.15
CA LEU B 85 -6.45 10.07 6.46
C LEU B 85 -7.48 9.79 7.57
N TYR B 86 -7.11 8.88 8.47
CA TYR B 86 -8.00 8.53 9.59
C TYR B 86 -7.73 9.41 10.79
N PRO A 1 15.40 -0.11 -17.19
CA PRO A 1 15.84 -1.33 -16.47
C PRO A 1 14.72 -2.38 -16.42
N HIS A 2 14.91 -3.39 -15.57
CA HIS A 2 13.92 -4.45 -15.42
C HIS A 2 13.69 -4.77 -13.95
N MET A 3 12.44 -4.69 -13.50
CA MET A 3 12.09 -4.97 -12.12
C MET A 3 10.59 -5.10 -11.95
N LYS A 4 9.95 -5.84 -12.86
CA LYS A 4 8.51 -6.03 -12.79
C LYS A 4 8.12 -6.69 -11.48
N THR A 5 6.95 -6.34 -10.97
CA THR A 5 6.47 -6.89 -9.71
C THR A 5 4.94 -7.00 -9.70
N THR A 6 4.42 -7.62 -8.66
CA THR A 6 2.98 -7.79 -8.51
C THR A 6 2.44 -6.81 -7.48
N LYS A 7 1.16 -6.50 -7.59
CA LYS A 7 0.53 -5.60 -6.63
C LYS A 7 -0.42 -6.40 -5.74
N ILE A 8 0.10 -6.83 -4.60
CA ILE A 8 -0.70 -7.61 -3.66
C ILE A 8 -0.85 -6.83 -2.36
N LYS A 9 -2.06 -6.84 -1.82
CA LYS A 9 -2.32 -6.14 -0.59
C LYS A 9 -2.33 -7.12 0.59
N PHE A 10 -2.51 -6.57 1.78
CA PHE A 10 -2.55 -7.37 3.00
C PHE A 10 -3.39 -6.66 4.04
N TYR A 11 -3.92 -7.39 5.01
CA TYR A 11 -4.76 -6.81 6.04
C TYR A 11 -4.22 -7.11 7.42
N TYR A 12 -3.95 -6.08 8.22
CA TYR A 12 -3.47 -6.28 9.58
C TYR A 12 -4.46 -5.74 10.59
N LYS A 13 -5.08 -6.64 11.33
CA LYS A 13 -6.08 -6.28 12.34
C LYS A 13 -7.23 -5.50 11.73
N ASP A 14 -6.99 -4.23 11.42
CA ASP A 14 -8.01 -3.38 10.82
C ASP A 14 -7.39 -2.42 9.80
N ASP A 15 -6.21 -2.78 9.31
CA ASP A 15 -5.51 -1.96 8.32
C ASP A 15 -5.10 -2.81 7.11
N ILE A 16 -4.97 -2.18 5.95
CA ILE A 16 -4.60 -2.89 4.74
C ILE A 16 -3.32 -2.33 4.13
N PHE A 17 -2.32 -3.17 3.84
CA PHE A 17 -1.08 -2.69 3.24
C PHE A 17 -1.01 -3.13 1.78
N ALA A 18 -0.05 -2.57 1.03
CA ALA A 18 0.13 -2.92 -0.38
C ALA A 18 1.61 -3.12 -0.69
N LEU A 19 1.95 -4.27 -1.29
CA LEU A 19 3.35 -4.58 -1.60
C LEU A 19 3.55 -5.00 -3.06
N MET A 20 4.82 -5.23 -3.40
CA MET A 20 5.20 -5.64 -4.75
C MET A 20 6.14 -6.85 -4.73
N LEU A 21 5.66 -7.99 -5.24
CA LEU A 21 6.47 -9.22 -5.25
C LEU A 21 6.77 -9.68 -6.67
N LYS A 22 8.05 -9.89 -6.99
CA LYS A 22 8.44 -10.36 -8.32
C LYS A 22 7.78 -11.69 -8.62
N GLY A 23 7.85 -12.11 -9.88
CA GLY A 23 7.25 -13.36 -10.29
C GLY A 23 7.95 -14.60 -9.74
N ASP A 24 8.82 -14.42 -8.75
CA ASP A 24 9.55 -15.55 -8.15
C ASP A 24 9.71 -15.35 -6.65
N THR A 25 8.94 -14.43 -6.09
CA THR A 25 9.00 -14.11 -4.67
C THR A 25 8.71 -15.33 -3.80
N THR A 26 9.48 -15.46 -2.72
CA THR A 26 9.32 -16.55 -1.77
C THR A 26 8.49 -16.06 -0.61
N TYR A 27 8.06 -16.96 0.27
CA TYR A 27 7.28 -16.57 1.43
C TYR A 27 8.06 -15.56 2.25
N LYS A 28 9.21 -16.00 2.76
CA LYS A 28 10.08 -15.14 3.57
C LYS A 28 10.17 -13.76 2.96
N GLU A 29 10.27 -13.72 1.63
CA GLU A 29 10.32 -12.46 0.93
C GLU A 29 9.04 -11.69 1.20
N LEU A 30 7.92 -12.35 0.89
CA LEU A 30 6.61 -11.76 1.10
C LEU A 30 6.47 -11.29 2.55
N ARG A 31 6.87 -12.15 3.47
CA ARG A 31 6.80 -11.85 4.90
C ARG A 31 7.67 -10.65 5.28
N SER A 32 8.93 -10.64 4.83
CA SER A 32 9.84 -9.54 5.14
C SER A 32 9.26 -8.21 4.66
N LYS A 33 8.39 -8.30 3.68
CA LYS A 33 7.77 -7.12 3.09
C LYS A 33 6.66 -6.56 3.97
N ILE A 34 5.87 -7.45 4.54
CA ILE A 34 4.76 -7.04 5.42
C ILE A 34 5.24 -6.56 6.78
N ALA A 35 6.34 -7.14 7.25
CA ALA A 35 6.89 -6.77 8.55
C ALA A 35 7.11 -5.27 8.67
N PRO A 36 7.93 -4.70 7.77
CA PRO A 36 8.23 -3.28 7.80
C PRO A 36 6.97 -2.42 7.72
N ARG A 37 5.87 -3.04 7.29
CA ARG A 37 4.60 -2.33 7.19
C ARG A 37 3.88 -2.38 8.53
N ILE A 38 3.85 -3.56 9.14
CA ILE A 38 3.20 -3.74 10.43
C ILE A 38 3.99 -3.06 11.53
N ASP A 39 3.60 -3.37 12.76
CA ASP A 39 4.28 -2.84 13.94
C ASP A 39 4.90 -4.00 14.72
N THR A 40 5.10 -5.12 14.02
CA THR A 40 5.65 -6.32 14.64
C THR A 40 6.54 -7.10 13.67
N ASP A 41 7.41 -7.94 14.24
CA ASP A 41 8.28 -8.80 13.46
C ASP A 41 7.77 -10.24 13.60
N ASN A 42 6.67 -10.36 14.32
CA ASN A 42 5.98 -11.62 14.54
C ASN A 42 4.55 -11.46 14.04
N PHE A 43 4.39 -11.73 12.75
CA PHE A 43 3.12 -11.58 12.08
C PHE A 43 2.96 -12.70 11.06
N LYS A 44 1.72 -13.08 10.81
CA LYS A 44 1.46 -14.10 9.82
C LYS A 44 0.69 -13.49 8.67
N LEU A 45 0.73 -14.17 7.53
CA LEU A 45 0.01 -13.70 6.35
C LEU A 45 -0.93 -14.80 5.87
N GLN A 46 -2.07 -14.43 5.34
CA GLN A 46 -3.02 -15.40 4.84
C GLN A 46 -3.82 -14.82 3.69
N THR A 47 -4.08 -15.64 2.68
CA THR A 47 -4.85 -15.20 1.54
C THR A 47 -6.27 -14.87 1.99
N LYS A 48 -6.65 -13.61 1.88
CA LYS A 48 -7.98 -13.18 2.30
C LYS A 48 -8.98 -13.25 1.15
N LEU A 49 -10.09 -13.93 1.39
CA LEU A 49 -11.12 -14.08 0.37
C LEU A 49 -12.50 -13.77 0.96
N PHE A 50 -13.55 -13.96 0.17
CA PHE A 50 -14.92 -13.69 0.61
C PHE A 50 -15.16 -14.03 2.07
N ASP A 51 -14.51 -15.07 2.56
CA ASP A 51 -14.65 -15.46 3.95
C ASP A 51 -13.74 -14.63 4.83
N GLY A 52 -12.49 -14.52 4.40
CA GLY A 52 -11.50 -13.80 5.16
C GLY A 52 -10.67 -14.75 5.99
N SER A 53 -10.88 -16.03 5.72
CA SER A 53 -10.17 -17.10 6.41
C SER A 53 -9.57 -18.05 5.39
N GLY A 54 -8.71 -17.52 4.53
CA GLY A 54 -8.09 -18.33 3.52
C GLY A 54 -6.93 -19.14 4.07
N GLU A 55 -5.89 -19.32 3.25
CA GLU A 55 -4.71 -20.06 3.67
C GLU A 55 -3.64 -19.11 4.19
N GLU A 56 -2.84 -19.59 5.12
CA GLU A 56 -1.77 -18.78 5.69
C GLU A 56 -0.51 -18.92 4.85
N ILE A 57 -0.07 -17.82 4.26
CA ILE A 57 1.13 -17.84 3.42
C ILE A 57 2.37 -18.05 4.26
N LYS A 58 2.82 -19.28 4.31
CA LYS A 58 4.01 -19.63 5.05
C LYS A 58 5.05 -20.21 4.11
N THR A 59 4.60 -20.72 2.97
CA THR A 59 5.49 -21.33 2.00
C THR A 59 5.49 -20.54 0.72
N ASP A 60 6.59 -20.65 -0.01
CA ASP A 60 6.76 -19.93 -1.26
C ASP A 60 5.68 -20.24 -2.29
N SER A 61 5.23 -21.49 -2.36
CA SER A 61 4.23 -21.87 -3.35
C SER A 61 2.92 -21.09 -3.21
N GLN A 62 2.67 -20.50 -2.05
CA GLN A 62 1.46 -19.74 -1.85
C GLN A 62 1.69 -18.27 -2.11
N VAL A 63 2.54 -17.69 -1.29
CA VAL A 63 2.89 -16.27 -1.40
C VAL A 63 3.09 -15.93 -2.86
N SER A 64 3.89 -16.74 -3.53
CA SER A 64 4.14 -16.56 -4.94
C SER A 64 2.80 -16.53 -5.65
N ASN A 65 2.08 -17.64 -5.57
CA ASN A 65 0.77 -17.80 -6.18
C ASN A 65 -0.12 -16.60 -5.89
N ILE A 66 0.11 -15.96 -4.76
CA ILE A 66 -0.67 -14.80 -4.41
C ILE A 66 -0.24 -13.61 -5.25
N ILE A 67 1.04 -13.61 -5.61
CA ILE A 67 1.60 -12.56 -6.45
C ILE A 67 1.17 -12.76 -7.91
N GLN A 68 0.98 -14.02 -8.25
CA GLN A 68 0.56 -14.42 -9.58
C GLN A 68 -0.95 -14.33 -9.66
N ALA A 69 -1.57 -15.10 -8.80
CA ALA A 69 -3.01 -15.17 -8.68
C ALA A 69 -3.60 -13.83 -8.29
N LYS A 70 -2.77 -12.94 -7.76
CA LYS A 70 -3.21 -11.63 -7.32
C LYS A 70 -4.13 -11.78 -6.12
N LEU A 71 -3.78 -12.75 -5.29
CA LEU A 71 -4.56 -13.06 -4.10
C LEU A 71 -4.42 -12.02 -3.01
N LYS A 72 -5.55 -11.67 -2.42
CA LYS A 72 -5.56 -10.73 -1.32
C LYS A 72 -5.03 -11.43 -0.08
N ILE A 73 -4.35 -10.70 0.79
CA ILE A 73 -3.79 -11.31 1.98
C ILE A 73 -4.20 -10.57 3.26
N SER A 74 -4.17 -11.30 4.36
CA SER A 74 -4.51 -10.76 5.67
C SER A 74 -3.40 -11.11 6.66
N VAL A 75 -2.70 -10.11 7.15
CA VAL A 75 -1.62 -10.33 8.10
C VAL A 75 -2.09 -10.08 9.52
N HIS A 76 -1.60 -10.87 10.46
CA HIS A 76 -1.99 -10.73 11.84
C HIS A 76 -0.84 -11.03 12.78
N ASP A 77 -0.98 -10.60 14.03
CA ASP A 77 0.03 -10.85 15.04
C ASP A 77 0.02 -12.33 15.36
N ILE A 78 1.13 -12.84 15.86
CA ILE A 78 1.23 -14.26 16.18
C ILE A 78 1.50 -14.49 17.66
N PRO B 1 1.79 21.55 -12.61
CA PRO B 1 2.20 22.02 -13.95
C PRO B 1 2.74 20.88 -14.82
N LEU B 2 3.52 20.00 -14.21
CA LEU B 2 4.09 18.86 -14.92
C LEU B 2 3.42 17.56 -14.50
N GLY B 3 3.99 16.44 -14.92
CA GLY B 3 3.43 15.15 -14.58
C GLY B 3 3.49 14.88 -13.08
N SER B 4 2.52 15.42 -12.35
CA SER B 4 2.47 15.24 -10.91
C SER B 4 1.23 14.44 -10.50
N ILE B 5 1.27 13.91 -9.28
CA ILE B 5 0.16 13.11 -8.78
C ILE B 5 -0.61 13.87 -7.70
N LEU B 6 -1.92 13.97 -7.89
CA LEU B 6 -2.76 14.64 -6.92
C LEU B 6 -3.23 13.66 -5.85
N PHE B 7 -2.83 13.91 -4.62
CA PHE B 7 -3.18 13.04 -3.51
C PHE B 7 -4.55 13.34 -2.93
N ARG B 8 -5.60 12.78 -3.53
CA ARG B 8 -6.93 12.96 -2.99
C ARG B 8 -6.91 12.38 -1.58
N ILE B 9 -7.02 13.23 -0.57
CA ILE B 9 -6.97 12.77 0.80
C ILE B 9 -8.26 13.07 1.54
N SER B 10 -8.93 12.03 2.01
CA SER B 10 -10.18 12.20 2.73
C SER B 10 -9.96 12.00 4.23
N TYR B 11 -9.77 13.09 4.96
CA TYR B 11 -9.57 13.00 6.40
C TYR B 11 -10.90 13.23 7.11
N ASN B 12 -11.40 12.20 7.78
CA ASN B 12 -12.69 12.30 8.46
C ASN B 12 -13.77 12.37 7.39
N SER B 13 -14.64 13.38 7.41
CA SER B 13 -15.67 13.51 6.39
C SER B 13 -15.33 14.70 5.48
N GLU B 14 -14.04 14.99 5.38
CA GLU B 14 -13.54 16.10 4.57
C GLU B 14 -12.80 15.58 3.35
N ILE B 15 -12.24 16.50 2.57
CA ILE B 15 -11.47 16.15 1.38
C ILE B 15 -10.35 17.16 1.13
N PHE B 16 -9.13 16.66 1.07
CA PHE B 16 -7.97 17.50 0.81
C PHE B 16 -7.13 16.86 -0.29
N THR B 17 -6.74 17.65 -1.27
CA THR B 17 -5.95 17.15 -2.39
C THR B 17 -4.55 17.76 -2.39
N LEU B 18 -3.53 16.91 -2.24
CA LEU B 18 -2.15 17.37 -2.20
C LEU B 18 -1.35 16.83 -3.41
N LEU B 19 -0.83 17.74 -4.23
CA LEU B 19 -0.07 17.34 -5.42
C LEU B 19 1.35 16.90 -5.08
N VAL B 20 1.80 15.84 -5.74
CA VAL B 20 3.14 15.30 -5.53
C VAL B 20 3.73 14.75 -6.83
N GLU B 21 4.79 15.41 -7.33
CA GLU B 21 5.44 14.99 -8.57
C GLU B 21 5.90 13.55 -8.47
N LYS B 22 5.87 12.86 -9.61
CA LYS B 22 6.28 11.46 -9.66
C LYS B 22 7.74 11.28 -9.24
N VAL B 23 8.48 12.39 -9.20
CA VAL B 23 9.89 12.34 -8.81
C VAL B 23 10.05 12.46 -7.29
N TRP B 24 8.94 12.72 -6.59
CA TRP B 24 8.97 12.87 -5.15
C TRP B 24 8.83 11.52 -4.46
N ASN B 25 9.63 11.31 -3.41
CA ASN B 25 9.58 10.06 -2.65
C ASN B 25 8.69 10.24 -1.43
N PHE B 26 8.43 9.16 -0.70
CA PHE B 26 7.58 9.19 0.49
C PHE B 26 7.67 10.50 1.25
N ASP B 27 8.88 11.06 1.39
CA ASP B 27 9.03 12.32 2.08
C ASP B 27 8.32 13.41 1.30
N ASP B 28 9.03 14.05 0.38
CA ASP B 28 8.46 15.12 -0.44
C ASP B 28 6.93 15.03 -0.53
N LEU B 29 6.43 13.85 -0.88
CA LEU B 29 4.98 13.66 -0.99
C LEU B 29 4.33 13.81 0.39
N ILE B 30 4.94 13.24 1.41
CA ILE B 30 4.44 13.39 2.78
C ILE B 30 4.60 14.85 3.15
N MET B 31 5.82 15.32 2.94
CA MET B 31 6.16 16.72 3.17
C MET B 31 5.09 17.57 2.50
N ALA B 32 4.62 17.06 1.36
CA ALA B 32 3.55 17.68 0.61
C ALA B 32 2.23 17.46 1.33
N ILE B 33 1.99 16.21 1.71
CA ILE B 33 0.78 15.84 2.42
C ILE B 33 0.64 16.68 3.68
N ASN B 34 1.62 16.59 4.57
CA ASN B 34 1.63 17.36 5.82
C ASN B 34 1.31 18.83 5.53
N SER B 35 1.72 19.27 4.35
CA SER B 35 1.49 20.65 3.93
C SER B 35 0.02 20.91 3.62
N LYS B 36 -0.72 19.85 3.32
CA LYS B 36 -2.14 19.97 2.98
C LYS B 36 -3.06 19.33 4.01
N ILE B 37 -2.61 18.26 4.66
CA ILE B 37 -3.43 17.56 5.64
C ILE B 37 -3.47 18.26 7.00
N SER B 38 -2.34 18.83 7.42
CA SER B 38 -2.27 19.51 8.72
C SER B 38 -3.45 20.46 8.91
N ASN B 39 -4.08 20.86 7.81
CA ASN B 39 -5.24 21.75 7.87
C ASN B 39 -6.44 21.07 8.52
N THR B 40 -6.33 19.77 8.75
CA THR B 40 -7.41 19.01 9.36
C THR B 40 -7.55 19.34 10.85
N HIS B 41 -6.47 19.88 11.43
CA HIS B 41 -6.48 20.24 12.85
C HIS B 41 -6.51 19.00 13.73
N ILE B 42 -5.42 18.23 13.70
CA ILE B 42 -5.32 17.02 14.49
C ILE B 42 -3.86 16.61 14.71
N SER B 43 -3.09 16.59 13.63
CA SER B 43 -1.68 16.22 13.69
C SER B 43 -1.08 16.19 12.28
N PRO B 44 0.26 16.31 12.17
CA PRO B 44 0.95 16.29 10.88
C PRO B 44 0.94 14.91 10.22
N ILE B 45 0.47 13.91 10.94
CA ILE B 45 0.43 12.55 10.42
C ILE B 45 1.82 12.10 9.97
N THR B 46 1.96 10.81 9.69
CA THR B 46 3.23 10.25 9.24
C THR B 46 3.02 9.06 8.30
N LYS B 47 1.75 8.74 8.03
CA LYS B 47 1.41 7.63 7.15
C LYS B 47 0.14 7.96 6.38
N ILE B 48 -0.07 7.30 5.25
CA ILE B 48 -1.25 7.55 4.45
C ILE B 48 -1.89 6.25 3.97
N LYS B 49 -3.16 6.33 3.61
CA LYS B 49 -3.90 5.19 3.10
C LYS B 49 -4.23 5.45 1.63
N TYR B 50 -4.29 4.40 0.81
CA TYR B 50 -4.58 4.60 -0.60
C TYR B 50 -5.52 3.51 -1.13
N GLN B 51 -6.63 3.93 -1.72
CA GLN B 51 -7.60 2.99 -2.26
C GLN B 51 -7.03 2.20 -3.43
N ASP B 52 -7.13 0.87 -3.34
CA ASP B 52 -6.63 0.01 -4.41
C ASP B 52 -7.74 -0.30 -5.40
N GLU B 53 -7.38 -0.82 -6.56
CA GLU B 53 -8.35 -1.17 -7.58
C GLU B 53 -9.31 -2.25 -7.08
N ASP B 54 -8.89 -2.96 -6.04
CA ASP B 54 -9.70 -4.03 -5.47
C ASP B 54 -10.98 -3.47 -4.84
N GLY B 55 -10.97 -2.20 -4.47
CA GLY B 55 -12.15 -1.60 -3.88
C GLY B 55 -12.02 -1.38 -2.38
N ASP B 56 -10.81 -1.53 -1.84
CA ASP B 56 -10.58 -1.33 -0.43
C ASP B 56 -9.54 -0.23 -0.22
N PHE B 57 -9.23 0.04 1.03
CA PHE B 57 -8.24 1.06 1.35
C PHE B 57 -7.03 0.43 2.01
N VAL B 58 -5.85 0.79 1.56
CA VAL B 58 -4.63 0.27 2.13
C VAL B 58 -3.70 1.39 2.58
N VAL B 59 -2.53 1.04 3.08
CA VAL B 59 -1.58 2.04 3.56
C VAL B 59 -0.40 2.23 2.60
N LEU B 60 0.40 3.25 2.89
CA LEU B 60 1.58 3.56 2.10
C LEU B 60 2.52 4.46 2.90
N GLY B 61 3.73 3.97 3.14
CA GLY B 61 4.70 4.73 3.91
C GLY B 61 6.10 4.18 3.79
N SER B 62 6.39 3.57 2.64
CA SER B 62 7.70 2.99 2.40
C SER B 62 8.18 3.33 1.00
N ASP B 63 9.48 3.20 0.77
CA ASP B 63 10.05 3.48 -0.54
C ASP B 63 9.56 2.47 -1.56
N GLU B 64 9.45 1.22 -1.14
CA GLU B 64 8.99 0.16 -2.03
C GLU B 64 7.51 0.34 -2.37
N ASP B 65 6.69 0.58 -1.35
CA ASP B 65 5.27 0.78 -1.56
C ASP B 65 5.07 2.03 -2.40
N TRP B 66 5.96 2.99 -2.20
CA TRP B 66 5.91 4.24 -2.95
C TRP B 66 5.98 3.95 -4.45
N ASN B 67 6.83 3.00 -4.84
CA ASN B 67 6.96 2.62 -6.24
C ASN B 67 5.67 1.94 -6.70
N VAL B 68 5.05 1.21 -5.78
CA VAL B 68 3.81 0.52 -6.05
C VAL B 68 2.68 1.50 -6.28
N ALA B 69 2.71 2.56 -5.49
CA ALA B 69 1.71 3.61 -5.58
C ALA B 69 1.74 4.29 -6.93
N LYS B 70 2.93 4.70 -7.35
CA LYS B 70 3.10 5.36 -8.64
C LYS B 70 2.83 4.40 -9.78
N GLU B 71 3.38 3.18 -9.66
CA GLU B 71 3.19 2.16 -10.67
C GLU B 71 1.74 1.75 -10.74
N MET B 72 1.15 1.45 -9.59
CA MET B 72 -0.26 1.07 -9.53
C MET B 72 -1.09 2.06 -10.33
N LEU B 73 -0.66 3.31 -10.30
CA LEU B 73 -1.30 4.38 -11.03
C LEU B 73 -0.99 4.24 -12.51
N ALA B 74 0.29 4.07 -12.81
CA ALA B 74 0.77 3.94 -14.19
C ALA B 74 -0.21 3.15 -15.03
N GLU B 75 -0.72 2.09 -14.45
CA GLU B 75 -1.66 1.22 -15.12
C GLU B 75 -2.88 2.00 -15.62
N ASN B 76 -3.21 3.06 -14.90
CA ASN B 76 -4.33 3.90 -15.26
C ASN B 76 -3.85 5.28 -15.70
N ASN B 77 -2.58 5.55 -15.41
CA ASN B 77 -1.94 6.80 -15.76
C ASN B 77 -2.84 8.00 -15.48
N GLU B 78 -3.66 7.90 -14.44
CA GLU B 78 -4.56 9.00 -14.06
C GLU B 78 -3.79 10.14 -13.41
N LYS B 79 -2.50 9.92 -13.15
CA LYS B 79 -1.67 10.93 -12.52
C LYS B 79 -2.34 11.47 -11.26
N PHE B 80 -3.12 10.61 -10.60
CA PHE B 80 -3.80 10.99 -9.37
C PHE B 80 -3.66 9.89 -8.32
N LEU B 81 -4.12 10.16 -7.11
CA LEU B 81 -4.02 9.19 -6.02
C LEU B 81 -5.20 9.31 -5.07
N ASN B 82 -5.85 8.18 -4.77
CA ASN B 82 -6.97 8.18 -3.85
C ASN B 82 -6.47 7.86 -2.44
N ILE B 83 -6.09 8.90 -1.73
CA ILE B 83 -5.56 8.77 -0.37
C ILE B 83 -6.65 9.06 0.67
N ARG B 84 -6.43 8.59 1.89
CA ARG B 84 -7.38 8.81 2.97
C ARG B 84 -6.68 8.79 4.33
N LEU B 85 -7.07 9.73 5.19
CA LEU B 85 -6.49 9.82 6.52
C LEU B 85 -7.55 9.60 7.60
N TYR B 86 -7.26 8.70 8.53
CA TYR B 86 -8.18 8.38 9.62
C TYR B 86 -8.80 9.66 10.20
N PRO A 1 15.96 -6.18 -15.96
CA PRO A 1 15.27 -6.13 -14.64
C PRO A 1 15.11 -4.70 -14.14
N HIS A 2 13.87 -4.30 -13.86
CA HIS A 2 13.59 -2.96 -13.36
C HIS A 2 12.87 -3.01 -12.02
N MET A 3 11.56 -3.24 -12.06
CA MET A 3 10.77 -3.30 -10.84
C MET A 3 9.29 -3.51 -11.15
N LYS A 4 8.99 -4.55 -11.92
CA LYS A 4 7.62 -4.86 -12.29
C LYS A 4 6.84 -5.33 -11.08
N THR A 5 7.13 -6.55 -10.66
CA THR A 5 6.49 -7.13 -9.49
C THR A 5 4.98 -7.19 -9.62
N THR A 6 4.36 -7.69 -8.56
CA THR A 6 2.91 -7.82 -8.48
C THR A 6 2.34 -6.86 -7.46
N LYS A 7 1.07 -6.53 -7.62
CA LYS A 7 0.39 -5.66 -6.70
C LYS A 7 -0.52 -6.47 -5.78
N ILE A 8 0.02 -6.86 -4.63
CA ILE A 8 -0.75 -7.63 -3.66
C ILE A 8 -0.90 -6.85 -2.37
N LYS A 9 -2.12 -6.85 -1.84
CA LYS A 9 -2.38 -6.14 -0.61
C LYS A 9 -2.38 -7.11 0.57
N PHE A 10 -2.53 -6.57 1.76
CA PHE A 10 -2.56 -7.36 2.98
C PHE A 10 -3.39 -6.64 4.03
N TYR A 11 -3.89 -7.37 5.01
CA TYR A 11 -4.73 -6.78 6.05
C TYR A 11 -4.18 -7.08 7.43
N TYR A 12 -3.90 -6.05 8.23
CA TYR A 12 -3.41 -6.25 9.58
C TYR A 12 -4.40 -5.68 10.58
N LYS A 13 -4.97 -6.56 11.38
CA LYS A 13 -5.96 -6.17 12.40
C LYS A 13 -7.10 -5.36 11.79
N ASP A 14 -6.85 -4.08 11.56
CA ASP A 14 -7.86 -3.20 10.97
C ASP A 14 -7.25 -2.29 9.90
N ASP A 15 -6.09 -2.67 9.37
CA ASP A 15 -5.42 -1.88 8.35
C ASP A 15 -5.05 -2.75 7.15
N ILE A 16 -4.95 -2.13 5.97
CA ILE A 16 -4.60 -2.84 4.76
C ILE A 16 -3.33 -2.26 4.14
N PHE A 17 -2.33 -3.08 3.83
CA PHE A 17 -1.11 -2.58 3.22
C PHE A 17 -0.98 -3.12 1.79
N ALA A 18 -0.08 -2.54 1.00
CA ALA A 18 0.12 -2.98 -0.38
C ALA A 18 1.61 -3.15 -0.66
N LEU A 19 1.97 -4.27 -1.29
CA LEU A 19 3.37 -4.56 -1.59
C LEU A 19 3.59 -5.01 -3.03
N MET A 20 4.85 -5.24 -3.35
CA MET A 20 5.23 -5.65 -4.70
C MET A 20 6.15 -6.88 -4.68
N LEU A 21 5.66 -8.02 -5.18
CA LEU A 21 6.44 -9.26 -5.20
C LEU A 21 6.74 -9.69 -6.63
N LYS A 22 8.01 -9.87 -6.96
CA LYS A 22 8.39 -10.29 -8.31
C LYS A 22 7.84 -11.67 -8.61
N GLY A 23 8.00 -12.10 -9.86
CA GLY A 23 7.49 -13.41 -10.28
C GLY A 23 8.25 -14.59 -9.70
N ASP A 24 9.16 -14.34 -8.75
CA ASP A 24 9.93 -15.41 -8.14
C ASP A 24 9.98 -15.24 -6.62
N THR A 25 9.13 -14.36 -6.12
CA THR A 25 9.07 -14.07 -4.69
C THR A 25 8.75 -15.30 -3.86
N THR A 26 9.49 -15.44 -2.75
CA THR A 26 9.28 -16.53 -1.81
C THR A 26 8.45 -16.03 -0.65
N TYR A 27 8.02 -16.93 0.24
CA TYR A 27 7.25 -16.51 1.39
C TYR A 27 8.07 -15.51 2.19
N LYS A 28 9.22 -15.95 2.67
CA LYS A 28 10.11 -15.10 3.47
C LYS A 28 10.17 -13.72 2.86
N GLU A 29 10.27 -13.67 1.53
CA GLU A 29 10.31 -12.41 0.82
C GLU A 29 9.02 -11.66 1.10
N LEU A 30 7.90 -12.32 0.80
CA LEU A 30 6.58 -11.75 1.01
C LEU A 30 6.47 -11.25 2.45
N ARG A 31 6.86 -12.11 3.39
CA ARG A 31 6.82 -11.79 4.80
C ARG A 31 7.67 -10.56 5.16
N SER A 32 8.92 -10.55 4.69
CA SER A 32 9.82 -9.43 4.96
C SER A 32 9.22 -8.11 4.49
N LYS A 33 8.34 -8.22 3.51
CA LYS A 33 7.69 -7.05 2.92
C LYS A 33 6.60 -6.50 3.84
N ILE A 34 5.80 -7.39 4.41
CA ILE A 34 4.71 -7.00 5.29
C ILE A 34 5.21 -6.50 6.64
N ALA A 35 6.31 -7.06 7.10
CA ALA A 35 6.87 -6.68 8.39
C ALA A 35 7.07 -5.18 8.51
N PRO A 36 7.87 -4.60 7.59
CA PRO A 36 8.14 -3.16 7.60
C PRO A 36 6.86 -2.34 7.55
N ARG A 37 5.77 -2.97 7.11
CA ARG A 37 4.49 -2.30 7.03
C ARG A 37 3.81 -2.33 8.39
N ILE A 38 3.81 -3.52 9.00
CA ILE A 38 3.20 -3.70 10.32
C ILE A 38 4.01 -3.01 11.40
N ASP A 39 3.67 -3.32 12.64
CA ASP A 39 4.36 -2.78 13.79
C ASP A 39 5.00 -3.94 14.56
N THR A 40 5.20 -5.07 13.88
CA THR A 40 5.77 -6.25 14.49
C THR A 40 6.63 -7.04 13.52
N ASP A 41 7.51 -7.87 14.08
CA ASP A 41 8.37 -8.74 13.29
C ASP A 41 7.87 -10.18 13.45
N ASN A 42 6.77 -10.29 14.19
CA ASN A 42 6.09 -11.55 14.42
C ASN A 42 4.66 -11.40 13.94
N PHE A 43 4.48 -11.67 12.66
CA PHE A 43 3.20 -11.52 11.99
C PHE A 43 3.03 -12.64 10.98
N LYS A 44 1.80 -13.04 10.75
CA LYS A 44 1.52 -14.06 9.77
C LYS A 44 0.74 -13.46 8.62
N LEU A 45 0.75 -14.14 7.49
CA LEU A 45 0.03 -13.69 6.32
C LEU A 45 -0.91 -14.79 5.85
N GLN A 46 -2.05 -14.41 5.32
CA GLN A 46 -3.00 -15.39 4.83
C GLN A 46 -3.81 -14.82 3.68
N THR A 47 -4.08 -15.65 2.69
CA THR A 47 -4.87 -15.23 1.54
C THR A 47 -6.29 -14.90 2.01
N LYS A 48 -6.68 -13.64 1.90
CA LYS A 48 -8.01 -13.22 2.33
C LYS A 48 -9.01 -13.31 1.18
N LEU A 49 -10.12 -13.99 1.45
CA LEU A 49 -11.17 -14.16 0.44
C LEU A 49 -12.53 -13.87 1.05
N PHE A 50 -13.60 -14.07 0.28
CA PHE A 50 -14.96 -13.80 0.72
C PHE A 50 -15.18 -14.12 2.20
N ASP A 51 -14.51 -15.15 2.70
CA ASP A 51 -14.64 -15.53 4.10
C ASP A 51 -13.72 -14.68 4.95
N GLY A 52 -12.47 -14.57 4.50
CA GLY A 52 -11.48 -13.83 5.23
C GLY A 52 -10.63 -14.77 6.06
N SER A 53 -10.82 -16.06 5.81
CA SER A 53 -10.11 -17.10 6.51
C SER A 53 -9.52 -18.08 5.49
N GLY A 54 -8.67 -17.55 4.62
CA GLY A 54 -8.05 -18.36 3.61
C GLY A 54 -6.88 -19.16 4.14
N GLU A 55 -5.86 -19.34 3.30
CA GLU A 55 -4.68 -20.07 3.70
C GLU A 55 -3.61 -19.12 4.21
N GLU A 56 -2.80 -19.58 5.14
CA GLU A 56 -1.73 -18.77 5.70
C GLU A 56 -0.47 -18.91 4.85
N ILE A 57 -0.05 -17.81 4.23
CA ILE A 57 1.15 -17.85 3.38
C ILE A 57 2.40 -18.05 4.19
N LYS A 58 2.86 -19.28 4.21
CA LYS A 58 4.07 -19.63 4.92
C LYS A 58 5.10 -20.20 3.97
N THR A 59 4.63 -20.71 2.83
CA THR A 59 5.50 -21.33 1.84
C THR A 59 5.49 -20.52 0.55
N ASP A 60 6.57 -20.62 -0.19
CA ASP A 60 6.72 -19.89 -1.43
C ASP A 60 5.61 -20.21 -2.45
N SER A 61 5.16 -21.45 -2.51
CA SER A 61 4.15 -21.85 -3.47
C SER A 61 2.84 -21.07 -3.30
N GLN A 62 2.64 -20.47 -2.14
CA GLN A 62 1.42 -19.73 -1.89
C GLN A 62 1.64 -18.25 -2.15
N VAL A 63 2.51 -17.66 -1.35
CA VAL A 63 2.85 -16.25 -1.47
C VAL A 63 3.04 -15.90 -2.92
N SER A 64 3.83 -16.71 -3.60
CA SER A 64 4.07 -16.53 -5.01
C SER A 64 2.73 -16.51 -5.71
N ASN A 65 2.02 -17.63 -5.62
CA ASN A 65 0.70 -17.78 -6.21
C ASN A 65 -0.19 -16.59 -5.93
N ILE A 66 0.04 -15.94 -4.80
CA ILE A 66 -0.73 -14.79 -4.44
C ILE A 66 -0.30 -13.60 -5.28
N ILE A 67 0.98 -13.60 -5.65
CA ILE A 67 1.54 -12.55 -6.50
C ILE A 67 1.11 -12.76 -7.95
N GLN A 68 0.93 -14.02 -8.29
CA GLN A 68 0.50 -14.41 -9.63
C GLN A 68 -1.00 -14.33 -9.71
N ALA A 69 -1.62 -15.09 -8.82
CA ALA A 69 -3.05 -15.14 -8.70
C ALA A 69 -3.60 -13.78 -8.26
N LYS A 70 -2.72 -12.95 -7.71
CA LYS A 70 -3.10 -11.64 -7.23
C LYS A 70 -4.08 -11.78 -6.09
N LEU A 71 -3.78 -12.75 -5.24
CA LEU A 71 -4.61 -13.06 -4.10
C LEU A 71 -4.50 -12.02 -3.00
N LYS A 72 -5.63 -11.70 -2.40
CA LYS A 72 -5.65 -10.75 -1.30
C LYS A 72 -5.10 -11.44 -0.07
N ILE A 73 -4.41 -10.71 0.79
CA ILE A 73 -3.83 -11.31 1.98
C ILE A 73 -4.22 -10.58 3.25
N SER A 74 -4.17 -11.29 4.36
CA SER A 74 -4.51 -10.75 5.66
C SER A 74 -3.38 -11.10 6.64
N VAL A 75 -2.68 -10.09 7.13
CA VAL A 75 -1.59 -10.31 8.08
C VAL A 75 -2.05 -10.05 9.50
N HIS A 76 -1.55 -10.85 10.43
CA HIS A 76 -1.93 -10.70 11.82
C HIS A 76 -0.76 -11.00 12.74
N ASP A 77 -0.88 -10.54 13.98
CA ASP A 77 0.14 -10.78 14.98
C ASP A 77 0.14 -12.27 15.32
N ILE A 78 1.26 -12.78 15.80
CA ILE A 78 1.36 -14.19 16.13
C ILE A 78 1.64 -14.40 17.62
N PRO B 1 9.54 15.69 -13.26
CA PRO B 1 8.72 16.55 -12.36
C PRO B 1 7.31 16.75 -12.90
N LEU B 2 7.22 16.90 -14.22
CA LEU B 2 5.94 17.11 -14.90
C LEU B 2 4.87 16.16 -14.37
N GLY B 3 5.20 14.87 -14.36
CA GLY B 3 4.26 13.88 -13.87
C GLY B 3 3.84 14.11 -12.44
N SER B 4 2.79 14.90 -12.25
CA SER B 4 2.32 15.24 -10.91
C SER B 4 1.10 14.39 -10.51
N ILE B 5 1.16 13.85 -9.31
CA ILE B 5 0.06 13.03 -8.79
C ILE B 5 -0.71 13.78 -7.72
N LEU B 6 -2.02 13.87 -7.89
CA LEU B 6 -2.85 14.55 -6.92
C LEU B 6 -3.32 13.58 -5.85
N PHE B 7 -2.92 13.84 -4.61
CA PHE B 7 -3.28 12.97 -3.49
C PHE B 7 -4.64 13.29 -2.93
N ARG B 8 -5.70 12.76 -3.55
CA ARG B 8 -7.03 12.95 -3.01
C ARG B 8 -7.02 12.43 -1.58
N ILE B 9 -7.12 13.30 -0.60
CA ILE B 9 -7.06 12.88 0.79
C ILE B 9 -8.34 13.23 1.52
N SER B 10 -9.03 12.21 2.01
CA SER B 10 -10.26 12.43 2.75
C SER B 10 -10.03 12.15 4.23
N TYR B 11 -9.77 13.20 5.00
CA TYR B 11 -9.55 13.06 6.43
C TYR B 11 -10.86 13.29 7.17
N ASN B 12 -11.33 12.28 7.90
CA ASN B 12 -12.61 12.40 8.60
C ASN B 12 -13.72 12.46 7.55
N SER B 13 -14.53 13.51 7.55
CA SER B 13 -15.58 13.64 6.54
C SER B 13 -15.26 14.83 5.63
N GLU B 14 -13.98 15.14 5.51
CA GLU B 14 -13.50 16.24 4.69
C GLU B 14 -12.78 15.74 3.46
N ILE B 15 -12.24 16.66 2.67
CA ILE B 15 -11.49 16.31 1.47
C ILE B 15 -10.38 17.31 1.19
N PHE B 16 -9.16 16.82 1.10
CA PHE B 16 -7.99 17.64 0.82
C PHE B 16 -7.16 16.97 -0.26
N THR B 17 -6.77 17.73 -1.27
CA THR B 17 -5.99 17.19 -2.38
C THR B 17 -4.57 17.77 -2.40
N LEU B 18 -3.57 16.91 -2.26
CA LEU B 18 -2.18 17.33 -2.23
C LEU B 18 -1.41 16.78 -3.43
N LEU B 19 -0.86 17.66 -4.26
CA LEU B 19 -0.12 17.25 -5.46
C LEU B 19 1.31 16.79 -5.12
N VAL B 20 1.72 15.69 -5.75
CA VAL B 20 3.07 15.13 -5.52
C VAL B 20 3.65 14.53 -6.80
N GLU B 21 4.72 15.13 -7.31
CA GLU B 21 5.36 14.65 -8.53
C GLU B 21 5.83 13.20 -8.37
N LYS B 22 5.84 12.46 -9.48
CA LYS B 22 6.24 11.05 -9.47
C LYS B 22 7.69 10.88 -9.02
N VAL B 23 8.46 11.97 -9.00
CA VAL B 23 9.85 11.91 -8.59
C VAL B 23 9.99 12.11 -7.09
N TRP B 24 8.89 12.45 -6.42
CA TRP B 24 8.90 12.68 -4.98
C TRP B 24 8.73 11.38 -4.21
N ASN B 25 9.68 11.09 -3.32
CA ASN B 25 9.63 9.89 -2.50
C ASN B 25 8.71 10.12 -1.30
N PHE B 26 8.41 9.04 -0.57
CA PHE B 26 7.52 9.11 0.60
C PHE B 26 7.63 10.44 1.34
N ASP B 27 8.84 11.00 1.46
CA ASP B 27 9.00 12.26 2.15
C ASP B 27 8.29 13.34 1.35
N ASP B 28 9.00 13.97 0.41
CA ASP B 28 8.44 15.04 -0.42
C ASP B 28 6.91 14.96 -0.51
N LEU B 29 6.40 13.77 -0.86
CA LEU B 29 4.95 13.60 -0.95
C LEU B 29 4.30 13.79 0.42
N ILE B 30 4.92 13.23 1.46
CA ILE B 30 4.42 13.42 2.83
C ILE B 30 4.60 14.88 3.17
N MET B 31 5.81 15.34 2.93
CA MET B 31 6.16 16.73 3.13
C MET B 31 5.08 17.58 2.46
N ALA B 32 4.60 17.05 1.34
CA ALA B 32 3.52 17.66 0.58
C ALA B 32 2.22 17.46 1.32
N ILE B 33 1.97 16.20 1.71
CA ILE B 33 0.77 15.86 2.43
C ILE B 33 0.63 16.73 3.68
N ASN B 34 1.61 16.65 4.57
CA ASN B 34 1.60 17.43 5.79
C ASN B 34 1.32 18.90 5.49
N SER B 35 1.75 19.32 4.30
CA SER B 35 1.55 20.70 3.86
C SER B 35 0.08 20.97 3.51
N LYS B 36 -0.67 19.90 3.25
CA LYS B 36 -2.08 20.02 2.88
C LYS B 36 -3.02 19.43 3.93
N ILE B 37 -2.59 18.37 4.62
CA ILE B 37 -3.42 17.72 5.61
C ILE B 37 -3.43 18.43 6.96
N SER B 38 -2.30 19.01 7.36
CA SER B 38 -2.21 19.71 8.65
C SER B 38 -3.39 20.67 8.85
N ASN B 39 -4.06 21.03 7.75
CA ASN B 39 -5.21 21.94 7.82
C ASN B 39 -6.39 21.29 8.54
N THR B 40 -6.27 20.01 8.85
CA THR B 40 -7.34 19.28 9.52
C THR B 40 -7.42 19.65 10.99
N HIS B 41 -6.30 20.11 11.56
CA HIS B 41 -6.25 20.50 12.97
C HIS B 41 -6.40 19.27 13.88
N ILE B 42 -5.41 18.40 13.84
CA ILE B 42 -5.41 17.20 14.65
C ILE B 42 -4.00 16.66 14.87
N SER B 43 -3.27 16.48 13.76
CA SER B 43 -1.90 15.97 13.82
C SER B 43 -1.25 15.99 12.44
N PRO B 44 0.08 16.15 12.38
CA PRO B 44 0.81 16.20 11.11
C PRO B 44 0.80 14.86 10.36
N ILE B 45 0.35 13.81 11.04
CA ILE B 45 0.30 12.48 10.45
C ILE B 45 1.68 12.05 9.95
N THR B 46 1.82 10.78 9.64
CA THR B 46 3.08 10.23 9.14
C THR B 46 2.86 9.01 8.26
N LYS B 47 1.59 8.69 7.99
CA LYS B 47 1.24 7.55 7.16
C LYS B 47 -0.05 7.85 6.41
N ILE B 48 -0.19 7.32 5.20
CA ILE B 48 -1.39 7.55 4.42
C ILE B 48 -2.01 6.26 3.92
N LYS B 49 -3.31 6.32 3.66
CA LYS B 49 -4.05 5.18 3.15
C LYS B 49 -4.32 5.41 1.66
N TYR B 50 -4.33 4.36 0.86
CA TYR B 50 -4.57 4.52 -0.58
C TYR B 50 -5.52 3.44 -1.09
N GLN B 51 -6.64 3.85 -1.67
CA GLN B 51 -7.63 2.92 -2.19
C GLN B 51 -7.09 2.17 -3.41
N ASP B 52 -7.13 0.84 -3.33
CA ASP B 52 -6.66 0.01 -4.44
C ASP B 52 -7.81 -0.30 -5.40
N GLU B 53 -7.48 -0.80 -6.57
CA GLU B 53 -8.50 -1.14 -7.56
C GLU B 53 -9.43 -2.23 -7.04
N ASP B 54 -8.97 -2.95 -6.02
CA ASP B 54 -9.76 -4.04 -5.44
C ASP B 54 -11.05 -3.51 -4.80
N GLY B 55 -11.05 -2.23 -4.42
CA GLY B 55 -12.23 -1.66 -3.82
C GLY B 55 -12.09 -1.42 -2.33
N ASP B 56 -10.87 -1.58 -1.80
CA ASP B 56 -10.63 -1.36 -0.38
C ASP B 56 -9.60 -0.26 -0.19
N PHE B 57 -9.27 0.03 1.06
CA PHE B 57 -8.28 1.05 1.35
C PHE B 57 -7.06 0.42 2.00
N VAL B 58 -5.88 0.78 1.50
CA VAL B 58 -4.65 0.24 2.06
C VAL B 58 -3.71 1.36 2.50
N VAL B 59 -2.56 0.98 3.04
CA VAL B 59 -1.60 1.95 3.55
C VAL B 59 -0.46 2.19 2.57
N LEU B 60 0.30 3.26 2.83
CA LEU B 60 1.44 3.63 2.01
C LEU B 60 2.35 4.55 2.79
N GLY B 61 3.53 4.05 3.15
CA GLY B 61 4.47 4.85 3.89
C GLY B 61 5.90 4.32 3.76
N SER B 62 6.19 3.69 2.63
CA SER B 62 7.52 3.14 2.41
C SER B 62 7.97 3.33 0.97
N ASP B 63 9.28 3.31 0.75
CA ASP B 63 9.84 3.47 -0.59
C ASP B 63 9.39 2.32 -1.48
N GLU B 64 9.30 1.14 -0.88
CA GLU B 64 8.86 -0.04 -1.61
C GLU B 64 7.43 0.12 -2.10
N ASP B 65 6.53 0.46 -1.18
CA ASP B 65 5.14 0.68 -1.51
C ASP B 65 5.01 1.91 -2.39
N TRP B 66 5.82 2.91 -2.10
CA TRP B 66 5.82 4.15 -2.86
C TRP B 66 5.96 3.86 -4.36
N ASN B 67 6.92 3.00 -4.70
CA ASN B 67 7.14 2.61 -6.09
C ASN B 67 5.92 1.91 -6.64
N VAL B 68 5.23 1.18 -5.76
CA VAL B 68 4.02 0.47 -6.13
C VAL B 68 2.91 1.45 -6.45
N ALA B 69 2.86 2.52 -5.67
CA ALA B 69 1.87 3.56 -5.84
C ALA B 69 1.98 4.18 -7.22
N LYS B 70 3.20 4.57 -7.58
CA LYS B 70 3.45 5.19 -8.87
C LYS B 70 3.17 4.20 -9.99
N GLU B 71 3.61 2.96 -9.79
CA GLU B 71 3.39 1.91 -10.78
C GLU B 71 1.91 1.61 -10.90
N MET B 72 1.28 1.28 -9.76
CA MET B 72 -0.14 0.99 -9.73
C MET B 72 -0.91 2.08 -10.50
N LEU B 73 -0.53 3.32 -10.23
CA LEU B 73 -1.11 4.46 -10.90
C LEU B 73 -0.71 4.44 -12.37
N ALA B 74 0.58 4.17 -12.60
CA ALA B 74 1.13 4.08 -13.94
C ALA B 74 0.24 3.30 -14.87
N GLU B 75 -0.25 2.19 -14.36
CA GLU B 75 -1.10 1.28 -15.10
C GLU B 75 -2.31 2.00 -15.68
N ASN B 76 -2.76 3.01 -14.97
CA ASN B 76 -3.91 3.79 -15.40
C ASN B 76 -3.48 5.21 -15.77
N ASN B 77 -2.22 5.51 -15.49
CA ASN B 77 -1.63 6.82 -15.77
C ASN B 77 -2.61 7.95 -15.48
N GLU B 78 -3.45 7.76 -14.46
CA GLU B 78 -4.42 8.77 -14.07
C GLU B 78 -3.75 9.95 -13.37
N LYS B 79 -2.45 9.81 -13.09
CA LYS B 79 -1.68 10.87 -12.43
C LYS B 79 -2.41 11.42 -11.21
N PHE B 80 -3.10 10.52 -10.51
CA PHE B 80 -3.84 10.91 -9.30
C PHE B 80 -3.77 9.78 -8.27
N LEU B 81 -4.19 10.08 -7.05
CA LEU B 81 -4.16 9.10 -5.97
C LEU B 81 -5.35 9.28 -5.02
N ASN B 82 -6.06 8.18 -4.75
CA ASN B 82 -7.18 8.23 -3.83
C ASN B 82 -6.69 7.90 -2.42
N ILE B 83 -6.27 8.94 -1.72
CA ILE B 83 -5.75 8.81 -0.37
C ILE B 83 -6.82 9.11 0.67
N ARG B 84 -6.60 8.65 1.90
CA ARG B 84 -7.53 8.89 3.00
C ARG B 84 -6.82 8.87 4.33
N LEU B 85 -7.12 9.83 5.18
CA LEU B 85 -6.50 9.92 6.50
C LEU B 85 -7.51 9.65 7.61
N TYR B 86 -7.23 8.62 8.39
CA TYR B 86 -8.11 8.24 9.49
C TYR B 86 -7.95 9.18 10.68
N PRO A 1 17.27 -4.86 -9.92
CA PRO A 1 16.42 -5.94 -9.38
C PRO A 1 15.16 -5.40 -8.71
N HIS A 2 14.10 -5.21 -9.50
CA HIS A 2 12.84 -4.69 -8.99
C HIS A 2 11.68 -5.09 -9.89
N MET A 3 11.87 -4.93 -11.19
CA MET A 3 10.83 -5.28 -12.17
C MET A 3 9.51 -4.59 -11.82
N LYS A 4 8.50 -4.82 -12.65
CA LYS A 4 7.18 -4.22 -12.43
C LYS A 4 6.53 -4.76 -11.16
N THR A 5 6.93 -5.96 -10.75
CA THR A 5 6.39 -6.59 -9.55
C THR A 5 4.87 -6.68 -9.60
N THR A 6 4.32 -7.28 -8.55
CA THR A 6 2.88 -7.45 -8.43
C THR A 6 2.31 -6.53 -7.36
N LYS A 7 1.03 -6.22 -7.49
CA LYS A 7 0.36 -5.38 -6.52
C LYS A 7 -0.55 -6.22 -5.64
N ILE A 8 -0.02 -6.68 -4.51
CA ILE A 8 -0.79 -7.49 -3.58
C ILE A 8 -0.97 -6.77 -2.27
N LYS A 9 -2.19 -6.79 -1.75
CA LYS A 9 -2.48 -6.12 -0.50
C LYS A 9 -2.48 -7.11 0.66
N PHE A 10 -2.64 -6.60 1.86
CA PHE A 10 -2.68 -7.42 3.06
C PHE A 10 -3.52 -6.73 4.11
N TYR A 11 -4.03 -7.49 5.08
CA TYR A 11 -4.88 -6.93 6.11
C TYR A 11 -4.35 -7.28 7.50
N TYR A 12 -4.10 -6.27 8.32
CA TYR A 12 -3.62 -6.49 9.68
C TYR A 12 -4.60 -5.89 10.67
N LYS A 13 -5.25 -6.76 11.44
CA LYS A 13 -6.25 -6.34 12.44
C LYS A 13 -7.11 -5.19 11.91
N ASP A 14 -6.59 -3.96 12.01
CA ASP A 14 -7.32 -2.78 11.55
C ASP A 14 -6.45 -1.95 10.62
N ASP A 15 -5.78 -2.62 9.68
CA ASP A 15 -4.92 -1.92 8.72
C ASP A 15 -4.65 -2.80 7.48
N ILE A 16 -4.73 -2.19 6.31
CA ILE A 16 -4.47 -2.90 5.05
C ILE A 16 -3.21 -2.36 4.40
N PHE A 17 -2.23 -3.21 4.08
CA PHE A 17 -1.02 -2.74 3.45
C PHE A 17 -0.96 -3.18 1.98
N ALA A 18 -0.06 -2.59 1.21
CA ALA A 18 0.10 -2.93 -0.20
C ALA A 18 1.58 -3.11 -0.54
N LEU A 19 1.92 -4.22 -1.18
CA LEU A 19 3.32 -4.49 -1.51
C LEU A 19 3.52 -4.86 -2.97
N MET A 20 4.78 -5.07 -3.32
CA MET A 20 5.16 -5.42 -4.69
C MET A 20 6.10 -6.64 -4.71
N LEU A 21 5.61 -7.76 -5.21
CA LEU A 21 6.41 -8.99 -5.28
C LEU A 21 6.68 -9.40 -6.72
N LYS A 22 7.95 -9.60 -7.07
CA LYS A 22 8.32 -10.02 -8.41
C LYS A 22 7.69 -11.37 -8.74
N GLY A 23 7.79 -11.78 -10.00
CA GLY A 23 7.23 -13.05 -10.42
C GLY A 23 7.98 -14.27 -9.90
N ASP A 24 8.83 -14.08 -8.89
CA ASP A 24 9.59 -15.20 -8.32
C ASP A 24 9.74 -15.05 -6.81
N THR A 25 8.94 -14.16 -6.23
CA THR A 25 8.97 -13.90 -4.80
C THR A 25 8.68 -15.14 -3.97
N THR A 26 9.43 -15.29 -2.88
CA THR A 26 9.26 -16.40 -1.95
C THR A 26 8.43 -15.93 -0.78
N TYR A 27 8.02 -16.84 0.08
CA TYR A 27 7.24 -16.46 1.26
C TYR A 27 8.07 -15.49 2.08
N LYS A 28 9.23 -15.96 2.54
CA LYS A 28 10.15 -15.15 3.33
C LYS A 28 10.17 -13.72 2.80
N GLU A 29 10.25 -13.62 1.47
CA GLU A 29 10.24 -12.33 0.81
C GLU A 29 8.95 -11.61 1.14
N LEU A 30 7.84 -12.28 0.85
CA LEU A 30 6.52 -11.75 1.11
C LEU A 30 6.41 -11.31 2.57
N ARG A 31 6.84 -12.17 3.48
CA ARG A 31 6.80 -11.87 4.91
C ARG A 31 7.64 -10.65 5.27
N SER A 32 8.88 -10.59 4.77
CA SER A 32 9.76 -9.45 5.07
C SER A 32 9.13 -8.15 4.59
N LYS A 33 8.22 -8.27 3.64
CA LYS A 33 7.53 -7.12 3.08
C LYS A 33 6.48 -6.56 4.03
N ILE A 34 5.68 -7.46 4.61
CA ILE A 34 4.61 -7.09 5.51
C ILE A 34 5.12 -6.67 6.88
N ALA A 35 6.19 -7.29 7.34
CA ALA A 35 6.75 -6.99 8.64
C ALA A 35 7.01 -5.50 8.82
N PRO A 36 7.82 -4.91 7.94
CA PRO A 36 8.16 -3.49 8.02
C PRO A 36 6.91 -2.61 7.97
N ARG A 37 5.80 -3.19 7.53
CA ARG A 37 4.54 -2.46 7.46
C ARG A 37 3.82 -2.55 8.79
N ILE A 38 3.77 -3.75 9.35
CA ILE A 38 3.11 -3.97 10.63
C ILE A 38 3.90 -3.34 11.76
N ASP A 39 3.50 -3.67 12.98
CA ASP A 39 4.16 -3.19 14.17
C ASP A 39 4.80 -4.37 14.91
N THR A 40 4.98 -5.48 14.18
CA THR A 40 5.53 -6.69 14.76
C THR A 40 6.41 -7.45 13.77
N ASP A 41 7.29 -8.28 14.30
CA ASP A 41 8.15 -9.13 13.49
C ASP A 41 7.66 -10.57 13.59
N ASN A 42 6.53 -10.70 14.31
CA ASN A 42 5.86 -11.96 14.49
C ASN A 42 4.43 -11.80 14.00
N PHE A 43 4.26 -12.02 12.71
CA PHE A 43 2.99 -11.85 12.03
C PHE A 43 2.83 -12.93 10.98
N LYS A 44 1.60 -13.32 10.72
CA LYS A 44 1.34 -14.31 9.70
C LYS A 44 0.60 -13.67 8.56
N LEU A 45 0.64 -14.29 7.40
CA LEU A 45 -0.07 -13.80 6.23
C LEU A 45 -1.00 -14.89 5.73
N GLN A 46 -2.13 -14.50 5.20
CA GLN A 46 -3.09 -15.47 4.67
C GLN A 46 -3.88 -14.87 3.53
N THR A 47 -4.13 -15.67 2.51
CA THR A 47 -4.91 -15.22 1.37
C THR A 47 -6.33 -14.91 1.84
N LYS A 48 -6.73 -13.65 1.75
CA LYS A 48 -8.06 -13.24 2.18
C LYS A 48 -9.06 -13.31 1.02
N LEU A 49 -10.17 -14.00 1.26
CA LEU A 49 -11.21 -14.15 0.25
C LEU A 49 -12.58 -13.89 0.86
N PHE A 50 -13.63 -14.07 0.05
CA PHE A 50 -15.02 -13.85 0.48
C PHE A 50 -15.25 -14.17 1.96
N ASP A 51 -14.57 -15.20 2.45
CA ASP A 51 -14.71 -15.59 3.84
C ASP A 51 -13.78 -14.77 4.71
N GLY A 52 -12.53 -14.69 4.28
CA GLY A 52 -11.53 -13.98 5.03
C GLY A 52 -10.68 -14.95 5.82
N SER A 53 -10.91 -16.22 5.56
CA SER A 53 -10.19 -17.30 6.23
C SER A 53 -9.58 -18.21 5.17
N GLY A 54 -8.73 -17.64 4.32
CA GLY A 54 -8.09 -18.42 3.29
C GLY A 54 -6.92 -19.23 3.82
N GLU A 55 -5.90 -19.40 2.99
CA GLU A 55 -4.72 -20.14 3.38
C GLU A 55 -3.66 -19.18 3.92
N GLU A 56 -2.85 -19.67 4.86
CA GLU A 56 -1.80 -18.87 5.44
C GLU A 56 -0.53 -18.98 4.61
N ILE A 57 -0.10 -17.86 4.03
CA ILE A 57 1.10 -17.87 3.19
C ILE A 57 2.34 -18.09 4.03
N LYS A 58 2.82 -19.31 4.00
CA LYS A 58 4.02 -19.68 4.72
C LYS A 58 5.06 -20.22 3.76
N THR A 59 4.61 -20.71 2.61
CA THR A 59 5.49 -21.28 1.61
C THR A 59 5.47 -20.45 0.34
N ASP A 60 6.56 -20.53 -0.40
CA ASP A 60 6.71 -19.78 -1.63
C ASP A 60 5.62 -20.07 -2.65
N SER A 61 5.18 -21.32 -2.74
CA SER A 61 4.17 -21.70 -3.72
C SER A 61 2.86 -20.93 -3.55
N GLN A 62 2.65 -20.36 -2.37
CA GLN A 62 1.42 -19.62 -2.12
C GLN A 62 1.63 -18.14 -2.35
N VAL A 63 2.50 -17.57 -1.52
CA VAL A 63 2.84 -16.15 -1.60
C VAL A 63 3.03 -15.76 -3.05
N SER A 64 3.83 -16.56 -3.75
CA SER A 64 4.07 -16.33 -5.15
C SER A 64 2.73 -16.30 -5.85
N ASN A 65 2.02 -17.41 -5.80
CA ASN A 65 0.71 -17.55 -6.40
C ASN A 65 -0.19 -16.38 -6.08
N ILE A 66 0.04 -15.76 -4.94
CA ILE A 66 -0.74 -14.62 -4.54
C ILE A 66 -0.32 -13.41 -5.36
N ILE A 67 0.96 -13.39 -5.73
CA ILE A 67 1.51 -12.31 -6.55
C ILE A 67 1.07 -12.49 -7.99
N GLN A 68 0.91 -13.74 -8.38
CA GLN A 68 0.49 -14.11 -9.72
C GLN A 68 -1.03 -14.03 -9.80
N ALA A 69 -1.64 -14.81 -8.93
CA ALA A 69 -3.08 -14.89 -8.83
C ALA A 69 -3.68 -13.55 -8.39
N LYS A 70 -2.83 -12.69 -7.84
CA LYS A 70 -3.28 -11.38 -7.37
C LYS A 70 -4.19 -11.57 -6.17
N LEU A 71 -3.86 -12.57 -5.36
CA LEU A 71 -4.63 -12.91 -4.19
C LEU A 71 -4.51 -11.89 -3.07
N LYS A 72 -5.65 -11.57 -2.47
CA LYS A 72 -5.66 -10.64 -1.35
C LYS A 72 -5.12 -11.38 -0.14
N ILE A 73 -4.44 -10.67 0.76
CA ILE A 73 -3.88 -11.32 1.93
C ILE A 73 -4.30 -10.62 3.22
N SER A 74 -4.26 -11.38 4.31
CA SER A 74 -4.61 -10.89 5.62
C SER A 74 -3.50 -11.26 6.61
N VAL A 75 -2.81 -10.25 7.14
CA VAL A 75 -1.74 -10.50 8.09
C VAL A 75 -2.22 -10.29 9.51
N HIS A 76 -1.72 -11.10 10.43
CA HIS A 76 -2.13 -11.00 11.81
C HIS A 76 -0.97 -11.34 12.75
N ASP A 77 -1.11 -10.95 14.00
CA ASP A 77 -0.10 -11.23 15.01
C ASP A 77 -0.10 -12.72 15.30
N ILE A 78 1.01 -13.25 15.78
CA ILE A 78 1.11 -14.67 16.06
C ILE A 78 1.38 -14.92 17.54
N PRO B 1 5.08 19.07 -13.44
CA PRO B 1 5.45 19.07 -14.88
C PRO B 1 4.46 18.28 -15.73
N LEU B 2 4.50 16.96 -15.61
CA LEU B 2 3.60 16.10 -16.38
C LEU B 2 2.93 15.06 -15.48
N GLY B 3 3.59 13.91 -15.30
CA GLY B 3 3.03 12.85 -14.48
C GLY B 3 2.94 13.21 -13.00
N SER B 4 2.16 14.23 -12.69
CA SER B 4 1.97 14.64 -11.31
C SER B 4 0.79 13.89 -10.69
N ILE B 5 1.01 13.31 -9.53
CA ILE B 5 -0.04 12.56 -8.85
C ILE B 5 -0.76 13.40 -7.81
N LEU B 6 -2.07 13.49 -7.95
CA LEU B 6 -2.88 14.23 -7.02
C LEU B 6 -3.33 13.32 -5.88
N PHE B 7 -2.91 13.64 -4.68
CA PHE B 7 -3.24 12.82 -3.51
C PHE B 7 -4.62 13.14 -2.95
N ARG B 8 -5.66 12.56 -3.55
CA ARG B 8 -7.00 12.75 -3.02
C ARG B 8 -6.98 12.24 -1.59
N ILE B 9 -7.10 13.13 -0.62
CA ILE B 9 -7.04 12.73 0.78
C ILE B 9 -8.32 13.07 1.51
N SER B 10 -9.00 12.05 2.01
CA SER B 10 -10.22 12.26 2.76
C SER B 10 -9.97 12.09 4.25
N TYR B 11 -9.74 13.20 4.95
CA TYR B 11 -9.50 13.15 6.37
C TYR B 11 -10.79 13.42 7.14
N ASN B 12 -11.25 12.44 7.89
CA ASN B 12 -12.50 12.58 8.64
C ASN B 12 -13.68 12.54 7.67
N SER B 13 -14.43 13.63 7.53
CA SER B 13 -15.55 13.66 6.60
C SER B 13 -15.37 14.78 5.59
N GLU B 14 -14.11 15.02 5.20
CA GLU B 14 -13.77 16.06 4.24
C GLU B 14 -12.74 15.54 3.24
N ILE B 15 -12.49 16.31 2.18
CA ILE B 15 -11.54 15.90 1.16
C ILE B 15 -10.48 16.97 0.89
N PHE B 16 -9.23 16.53 0.76
CA PHE B 16 -8.12 17.41 0.46
C PHE B 16 -7.25 16.76 -0.61
N THR B 17 -6.83 17.54 -1.59
CA THR B 17 -6.01 17.02 -2.68
C THR B 17 -4.62 17.63 -2.69
N LEU B 18 -3.60 16.79 -2.58
CA LEU B 18 -2.22 17.25 -2.56
C LEU B 18 -1.42 16.65 -3.74
N LEU B 19 -0.87 17.53 -4.59
CA LEU B 19 -0.11 17.08 -5.75
C LEU B 19 1.32 16.65 -5.41
N VAL B 20 1.75 15.53 -6.01
CA VAL B 20 3.10 14.99 -5.78
C VAL B 20 3.67 14.39 -7.07
N GLU B 21 4.72 15.00 -7.60
CA GLU B 21 5.36 14.55 -8.83
C GLU B 21 5.96 13.15 -8.69
N LYS B 22 6.14 12.48 -9.83
CA LYS B 22 6.69 11.13 -9.86
C LYS B 22 8.06 11.05 -9.19
N VAL B 23 8.71 12.20 -9.02
CA VAL B 23 10.04 12.24 -8.42
C VAL B 23 9.98 12.46 -6.91
N TRP B 24 8.79 12.75 -6.40
CA TRP B 24 8.61 12.99 -4.97
C TRP B 24 8.44 11.68 -4.21
N ASN B 25 9.49 11.30 -3.47
CA ASN B 25 9.45 10.08 -2.68
C ASN B 25 8.61 10.30 -1.43
N PHE B 26 8.39 9.24 -0.65
CA PHE B 26 7.59 9.31 0.56
C PHE B 26 7.66 10.67 1.23
N ASP B 27 8.86 11.24 1.34
CA ASP B 27 9.01 12.55 1.96
C ASP B 27 8.28 13.59 1.12
N ASP B 28 8.99 14.16 0.14
CA ASP B 28 8.40 15.18 -0.75
C ASP B 28 6.87 15.07 -0.83
N LEU B 29 6.37 13.85 -1.04
CA LEU B 29 4.93 13.66 -1.11
C LEU B 29 4.29 13.88 0.26
N ILE B 30 4.94 13.37 1.32
CA ILE B 30 4.46 13.59 2.68
C ILE B 30 4.61 15.08 2.97
N MET B 31 5.80 15.56 2.64
CA MET B 31 6.13 16.97 2.78
C MET B 31 5.02 17.76 2.09
N ALA B 32 4.57 17.19 0.97
CA ALA B 32 3.48 17.75 0.20
C ALA B 32 2.17 17.57 0.95
N ILE B 33 1.94 16.33 1.39
CA ILE B 33 0.74 16.00 2.15
C ILE B 33 0.59 16.92 3.35
N ASN B 34 1.59 16.89 4.23
CA ASN B 34 1.58 17.71 5.44
C ASN B 34 1.27 19.16 5.08
N SER B 35 1.67 19.56 3.87
CA SER B 35 1.42 20.92 3.40
C SER B 35 -0.05 21.14 3.04
N LYS B 36 -0.77 20.05 2.79
CA LYS B 36 -2.18 20.13 2.42
C LYS B 36 -3.10 19.57 3.50
N ILE B 37 -2.64 18.56 4.23
CA ILE B 37 -3.44 17.94 5.27
C ILE B 37 -3.43 18.73 6.56
N SER B 38 -2.30 19.37 6.89
CA SER B 38 -2.20 20.15 8.13
C SER B 38 -3.42 21.05 8.35
N ASN B 39 -4.18 21.30 7.28
CA ASN B 39 -5.38 22.13 7.37
C ASN B 39 -6.37 21.54 8.37
N THR B 40 -6.08 20.33 8.85
CA THR B 40 -6.92 19.66 9.83
C THR B 40 -6.52 20.09 11.25
N HIS B 41 -7.00 19.37 12.25
CA HIS B 41 -6.68 19.70 13.64
C HIS B 41 -6.58 18.45 14.51
N ILE B 42 -5.41 17.82 14.50
CA ILE B 42 -5.15 16.62 15.30
C ILE B 42 -3.66 16.33 15.37
N SER B 43 -2.99 16.50 14.23
CA SER B 43 -1.55 16.25 14.14
C SER B 43 -1.06 16.39 12.70
N PRO B 44 0.26 16.56 12.50
CA PRO B 44 0.86 16.71 11.17
C PRO B 44 0.87 15.41 10.37
N ILE B 45 0.42 14.32 11.00
CA ILE B 45 0.38 13.01 10.36
C ILE B 45 1.75 12.59 9.85
N THR B 46 1.86 11.31 9.53
CA THR B 46 3.11 10.74 9.01
C THR B 46 2.85 9.50 8.15
N LYS B 47 1.67 8.91 8.30
CA LYS B 47 1.29 7.73 7.54
C LYS B 47 -0.01 7.96 6.80
N ILE B 48 -0.05 7.56 5.53
CA ILE B 48 -1.26 7.72 4.74
C ILE B 48 -1.85 6.40 4.31
N LYS B 49 -3.13 6.44 3.96
CA LYS B 49 -3.83 5.25 3.49
C LYS B 49 -4.24 5.50 2.04
N TYR B 50 -4.33 4.45 1.22
CA TYR B 50 -4.68 4.65 -0.18
C TYR B 50 -5.59 3.52 -0.68
N GLN B 51 -6.70 3.90 -1.30
CA GLN B 51 -7.65 2.93 -1.83
C GLN B 51 -7.04 2.15 -2.99
N ASP B 52 -7.13 0.83 -2.92
CA ASP B 52 -6.61 -0.03 -3.96
C ASP B 52 -7.70 -0.42 -4.94
N GLU B 53 -7.32 -1.10 -6.01
CA GLU B 53 -8.27 -1.54 -7.02
C GLU B 53 -9.23 -2.58 -6.44
N ASP B 54 -8.80 -3.24 -5.36
CA ASP B 54 -9.61 -4.26 -4.71
C ASP B 54 -10.91 -3.68 -4.17
N GLY B 55 -10.92 -2.38 -3.90
CA GLY B 55 -12.12 -1.74 -3.38
C GLY B 55 -12.04 -1.44 -1.89
N ASP B 56 -10.83 -1.55 -1.34
CA ASP B 56 -10.62 -1.27 0.09
C ASP B 56 -9.58 -0.18 0.25
N PHE B 57 -9.22 0.11 1.50
CA PHE B 57 -8.22 1.12 1.78
C PHE B 57 -7.00 0.48 2.44
N VAL B 58 -5.81 0.87 1.98
CA VAL B 58 -4.59 0.33 2.54
C VAL B 58 -3.65 1.45 2.97
N VAL B 59 -2.47 1.10 3.47
CA VAL B 59 -1.52 2.09 3.94
C VAL B 59 -0.37 2.30 2.94
N LEU B 60 0.42 3.33 3.20
CA LEU B 60 1.56 3.67 2.37
C LEU B 60 2.49 4.63 3.11
N GLY B 61 3.73 4.22 3.30
CA GLY B 61 4.69 5.06 4.00
C GLY B 61 6.12 4.61 3.83
N SER B 62 6.41 3.95 2.72
CA SER B 62 7.77 3.48 2.46
C SER B 62 8.15 3.67 1.00
N ASP B 63 9.45 3.68 0.73
CA ASP B 63 9.95 3.85 -0.63
C ASP B 63 9.50 2.69 -1.50
N GLU B 64 9.50 1.49 -0.91
CA GLU B 64 9.08 0.30 -1.62
C GLU B 64 7.63 0.41 -2.06
N ASP B 65 6.76 0.72 -1.10
CA ASP B 65 5.34 0.88 -1.36
C ASP B 65 5.11 2.10 -2.25
N TRP B 66 5.91 3.14 -2.01
CA TRP B 66 5.81 4.37 -2.77
C TRP B 66 5.93 4.08 -4.27
N ASN B 67 6.87 3.21 -4.62
CA ASN B 67 7.09 2.84 -6.02
C ASN B 67 5.90 2.04 -6.54
N VAL B 68 5.27 1.31 -5.64
CA VAL B 68 4.10 0.51 -5.98
C VAL B 68 2.94 1.43 -6.35
N ALA B 69 2.89 2.56 -5.66
CA ALA B 69 1.85 3.55 -5.89
C ALA B 69 1.98 4.14 -7.29
N LYS B 70 3.18 4.58 -7.62
CA LYS B 70 3.43 5.18 -8.93
C LYS B 70 3.28 4.12 -10.02
N GLU B 71 3.79 2.93 -9.75
CA GLU B 71 3.70 1.83 -10.70
C GLU B 71 2.25 1.39 -10.83
N MET B 72 1.62 1.06 -9.71
CA MET B 72 0.22 0.64 -9.72
C MET B 72 -0.59 1.65 -10.53
N LEU B 73 -0.26 2.92 -10.34
CA LEU B 73 -0.91 4.00 -11.06
C LEU B 73 -0.48 3.94 -12.51
N ALA B 74 0.82 3.78 -12.73
CA ALA B 74 1.40 3.69 -14.08
C ALA B 74 0.52 2.88 -15.01
N GLU B 75 0.06 1.76 -14.50
CA GLU B 75 -0.78 0.84 -15.26
C GLU B 75 -1.98 1.55 -15.85
N ASN B 76 -2.47 2.56 -15.14
CA ASN B 76 -3.61 3.34 -15.58
C ASN B 76 -3.19 4.77 -15.87
N ASN B 77 -2.00 5.13 -15.42
CA ASN B 77 -1.45 6.46 -15.62
C ASN B 77 -2.49 7.55 -15.39
N GLU B 78 -3.47 7.27 -14.53
CA GLU B 78 -4.51 8.26 -14.24
C GLU B 78 -3.92 9.56 -13.74
N LYS B 79 -2.76 9.47 -13.07
CA LYS B 79 -2.06 10.63 -12.54
C LYS B 79 -2.73 11.18 -11.28
N PHE B 80 -3.30 10.28 -10.49
CA PHE B 80 -3.96 10.66 -9.24
C PHE B 80 -3.72 9.60 -8.16
N LEU B 81 -4.30 9.83 -7.00
CA LEU B 81 -4.15 8.91 -5.88
C LEU B 81 -5.32 9.01 -4.91
N ASN B 82 -5.93 7.87 -4.58
CA ASN B 82 -7.04 7.86 -3.64
C ASN B 82 -6.51 7.63 -2.23
N ILE B 83 -6.16 8.73 -1.58
CA ILE B 83 -5.62 8.69 -0.23
C ILE B 83 -6.68 8.99 0.82
N ARG B 84 -6.45 8.56 2.05
CA ARG B 84 -7.39 8.80 3.14
C ARG B 84 -6.65 8.91 4.48
N LEU B 85 -6.99 9.92 5.27
CA LEU B 85 -6.36 10.13 6.56
C LEU B 85 -7.36 9.88 7.70
N TYR B 86 -6.99 9.01 8.62
CA TYR B 86 -7.84 8.68 9.75
C TYR B 86 -7.72 9.74 10.85
N PRO A 1 13.64 0.02 -15.26
CA PRO A 1 14.35 -0.96 -16.13
C PRO A 1 13.58 -2.25 -16.29
N HIS A 2 13.54 -3.04 -15.22
CA HIS A 2 12.83 -4.31 -15.24
C HIS A 2 12.40 -4.72 -13.82
N MET A 3 11.39 -5.59 -13.75
CA MET A 3 10.84 -6.07 -12.47
C MET A 3 9.61 -5.25 -12.10
N LYS A 4 8.53 -5.47 -12.84
CA LYS A 4 7.28 -4.75 -12.59
C LYS A 4 6.61 -5.24 -11.32
N THR A 5 7.01 -6.42 -10.86
CA THR A 5 6.45 -7.01 -9.65
C THR A 5 4.94 -7.07 -9.69
N THR A 6 4.37 -7.65 -8.64
CA THR A 6 2.93 -7.77 -8.52
C THR A 6 2.41 -6.82 -7.46
N LYS A 7 1.13 -6.46 -7.57
CA LYS A 7 0.52 -5.57 -6.60
C LYS A 7 -0.43 -6.35 -5.70
N ILE A 8 0.09 -6.83 -4.58
CA ILE A 8 -0.71 -7.60 -3.64
C ILE A 8 -0.86 -6.85 -2.33
N LYS A 9 -2.07 -6.86 -1.79
CA LYS A 9 -2.34 -6.18 -0.54
C LYS A 9 -2.33 -7.16 0.62
N PHE A 10 -2.45 -6.62 1.83
CA PHE A 10 -2.46 -7.44 3.04
C PHE A 10 -3.25 -6.71 4.11
N TYR A 11 -3.75 -7.44 5.11
CA TYR A 11 -4.54 -6.83 6.17
C TYR A 11 -3.98 -7.18 7.54
N TYR A 12 -3.67 -6.18 8.35
CA TYR A 12 -3.16 -6.41 9.69
C TYR A 12 -4.10 -5.85 10.73
N LYS A 13 -4.74 -6.74 11.49
CA LYS A 13 -5.68 -6.35 12.53
C LYS A 13 -6.81 -5.48 11.97
N ASP A 14 -6.49 -4.22 11.69
CA ASP A 14 -7.47 -3.29 11.16
C ASP A 14 -6.84 -2.37 10.12
N ASP A 15 -5.67 -2.76 9.60
CA ASP A 15 -4.97 -1.97 8.60
C ASP A 15 -4.65 -2.81 7.37
N ILE A 16 -4.61 -2.17 6.21
CA ILE A 16 -4.33 -2.85 4.96
C ILE A 16 -3.06 -2.32 4.31
N PHE A 17 -2.08 -3.18 4.01
CA PHE A 17 -0.86 -2.72 3.37
C PHE A 17 -0.80 -3.21 1.92
N ALA A 18 0.10 -2.63 1.12
CA ALA A 18 0.26 -3.02 -0.28
C ALA A 18 1.73 -3.23 -0.61
N LEU A 19 2.05 -4.36 -1.23
CA LEU A 19 3.43 -4.68 -1.57
C LEU A 19 3.61 -5.10 -3.02
N MET A 20 4.87 -5.36 -3.38
CA MET A 20 5.22 -5.77 -4.74
C MET A 20 6.12 -7.01 -4.73
N LEU A 21 5.62 -8.12 -5.26
CA LEU A 21 6.38 -9.37 -5.29
C LEU A 21 6.67 -9.78 -6.73
N LYS A 22 7.94 -9.96 -7.09
CA LYS A 22 8.30 -10.37 -8.44
C LYS A 22 7.68 -11.72 -8.77
N GLY A 23 7.79 -12.12 -10.05
CA GLY A 23 7.22 -13.38 -10.49
C GLY A 23 7.94 -14.61 -9.95
N ASP A 24 8.88 -14.42 -9.02
CA ASP A 24 9.61 -15.54 -8.45
C ASP A 24 9.73 -15.40 -6.93
N THR A 25 8.93 -14.49 -6.37
CA THR A 25 8.93 -14.22 -4.95
C THR A 25 8.63 -15.46 -4.11
N THR A 26 9.39 -15.62 -3.03
CA THR A 26 9.21 -16.72 -2.11
C THR A 26 8.40 -16.24 -0.92
N TYR A 27 7.99 -17.15 -0.04
CA TYR A 27 7.23 -16.76 1.14
C TYR A 27 8.05 -15.77 1.95
N LYS A 28 9.20 -16.22 2.45
CA LYS A 28 10.09 -15.39 3.24
C LYS A 28 10.20 -14.00 2.64
N GLU A 29 10.25 -13.95 1.31
CA GLU A 29 10.31 -12.68 0.62
C GLU A 29 9.04 -11.90 0.90
N LEU A 30 7.91 -12.55 0.62
CA LEU A 30 6.61 -11.94 0.85
C LEU A 30 6.50 -11.49 2.30
N ARG A 31 6.90 -12.35 3.21
CA ARG A 31 6.86 -12.06 4.64
C ARG A 31 7.74 -10.86 5.01
N SER A 32 8.99 -10.87 4.53
CA SER A 32 9.92 -9.77 4.82
C SER A 32 9.34 -8.43 4.37
N LYS A 33 8.45 -8.51 3.40
CA LYS A 33 7.82 -7.31 2.84
C LYS A 33 6.74 -6.77 3.77
N ILE A 34 5.94 -7.66 4.34
CA ILE A 34 4.87 -7.26 5.25
C ILE A 34 5.39 -6.79 6.60
N ALA A 35 6.49 -7.38 7.03
CA ALA A 35 7.07 -7.02 8.32
C ALA A 35 7.31 -5.52 8.46
N PRO A 36 8.10 -4.94 7.54
CA PRO A 36 8.40 -3.52 7.57
C PRO A 36 7.14 -2.66 7.53
N ARG A 37 6.04 -3.26 7.10
CA ARG A 37 4.77 -2.55 7.04
C ARG A 37 4.10 -2.60 8.40
N ILE A 38 4.09 -3.78 9.01
CA ILE A 38 3.47 -3.97 10.32
C ILE A 38 4.30 -3.31 11.41
N ASP A 39 3.95 -3.62 12.65
CA ASP A 39 4.65 -3.11 13.80
C ASP A 39 5.28 -4.28 14.56
N THR A 40 5.45 -5.40 13.85
CA THR A 40 6.01 -6.60 14.45
C THR A 40 6.86 -7.39 13.47
N ASP A 41 7.72 -8.25 14.00
CA ASP A 41 8.56 -9.13 13.20
C ASP A 41 8.05 -10.56 13.35
N ASN A 42 6.95 -10.67 14.09
CA ASN A 42 6.27 -11.92 14.32
C ASN A 42 4.83 -11.75 13.86
N PHE A 43 4.65 -11.98 12.57
CA PHE A 43 3.36 -11.83 11.90
C PHE A 43 3.17 -12.93 10.89
N LYS A 44 1.93 -13.29 10.66
CA LYS A 44 1.62 -14.30 9.67
C LYS A 44 0.83 -13.68 8.54
N LEU A 45 0.82 -14.33 7.39
CA LEU A 45 0.08 -13.85 6.25
C LEU A 45 -0.88 -14.94 5.78
N GLN A 46 -2.03 -14.53 5.27
CA GLN A 46 -3.01 -15.49 4.77
C GLN A 46 -3.82 -14.88 3.64
N THR A 47 -4.11 -15.69 2.63
CA THR A 47 -4.89 -15.23 1.50
C THR A 47 -6.30 -14.89 1.98
N LYS A 48 -6.67 -13.61 1.88
CA LYS A 48 -7.98 -13.17 2.32
C LYS A 48 -8.98 -13.21 1.18
N LEU A 49 -10.11 -13.88 1.41
CA LEU A 49 -11.15 -14.01 0.40
C LEU A 49 -12.52 -13.69 1.01
N PHE A 50 -13.59 -13.86 0.22
CA PHE A 50 -14.95 -13.56 0.66
C PHE A 50 -15.18 -13.89 2.14
N ASP A 51 -14.53 -14.93 2.64
CA ASP A 51 -14.67 -15.32 4.02
C ASP A 51 -13.73 -14.51 4.88
N GLY A 52 -12.48 -14.43 4.45
CA GLY A 52 -11.47 -13.72 5.19
C GLY A 52 -10.64 -14.69 6.01
N SER A 53 -10.87 -15.98 5.75
CA SER A 53 -10.17 -17.05 6.43
C SER A 53 -9.60 -18.02 5.40
N GLY A 54 -8.75 -17.49 4.54
CA GLY A 54 -8.14 -18.32 3.51
C GLY A 54 -6.99 -19.15 4.05
N GLU A 55 -5.98 -19.35 3.22
CA GLU A 55 -4.81 -20.11 3.62
C GLU A 55 -3.72 -19.18 4.12
N GLU A 56 -2.89 -19.68 5.03
CA GLU A 56 -1.81 -18.89 5.58
C GLU A 56 -0.56 -19.04 4.71
N ILE A 57 -0.12 -17.95 4.11
CA ILE A 57 1.06 -17.99 3.25
C ILE A 57 2.32 -18.21 4.06
N LYS A 58 2.77 -19.45 4.07
CA LYS A 58 3.96 -19.81 4.78
C LYS A 58 5.00 -20.40 3.82
N THR A 59 4.51 -20.89 2.68
CA THR A 59 5.36 -21.50 1.68
C THR A 59 5.35 -20.69 0.40
N ASP A 60 6.43 -20.81 -0.34
CA ASP A 60 6.59 -20.07 -1.59
C ASP A 60 5.48 -20.36 -2.60
N SER A 61 5.01 -21.61 -2.67
CA SER A 61 3.99 -21.97 -3.65
C SER A 61 2.70 -21.17 -3.47
N GLN A 62 2.50 -20.58 -2.30
CA GLN A 62 1.30 -19.81 -2.05
C GLN A 62 1.54 -18.34 -2.30
N VAL A 63 2.43 -17.77 -1.48
CA VAL A 63 2.78 -16.37 -1.59
C VAL A 63 2.96 -16.00 -3.04
N SER A 64 3.74 -16.81 -3.74
CA SER A 64 3.95 -16.61 -5.15
C SER A 64 2.60 -16.56 -5.83
N ASN A 65 1.88 -17.67 -5.75
CA ASN A 65 0.56 -17.79 -6.34
C ASN A 65 -0.31 -16.58 -6.02
N ILE A 66 -0.06 -15.95 -4.90
CA ILE A 66 -0.81 -14.78 -4.50
C ILE A 66 -0.37 -13.60 -5.34
N ILE A 67 0.91 -13.61 -5.73
CA ILE A 67 1.47 -12.56 -6.57
C ILE A 67 1.01 -12.74 -8.00
N GLN A 68 0.80 -13.99 -8.37
CA GLN A 68 0.34 -14.36 -9.69
C GLN A 68 -1.16 -14.25 -9.76
N ALA A 69 -1.78 -15.01 -8.87
CA ALA A 69 -3.21 -15.07 -8.74
C ALA A 69 -3.78 -13.71 -8.32
N LYS A 70 -2.91 -12.85 -7.78
CA LYS A 70 -3.32 -11.53 -7.33
C LYS A 70 -4.23 -11.68 -6.12
N LEU A 71 -3.90 -12.68 -5.30
CA LEU A 71 -4.67 -12.99 -4.12
C LEU A 71 -4.51 -11.96 -3.01
N LYS A 72 -5.63 -11.62 -2.39
CA LYS A 72 -5.61 -10.69 -1.28
C LYS A 72 -5.07 -11.41 -0.07
N ILE A 73 -4.36 -10.72 0.81
CA ILE A 73 -3.79 -11.35 1.98
C ILE A 73 -4.17 -10.64 3.27
N SER A 74 -4.11 -11.37 4.37
CA SER A 74 -4.41 -10.83 5.68
C SER A 74 -3.29 -11.21 6.64
N VAL A 75 -2.56 -10.22 7.14
CA VAL A 75 -1.47 -10.49 8.06
C VAL A 75 -1.91 -10.25 9.50
N HIS A 76 -1.39 -11.06 10.41
CA HIS A 76 -1.75 -10.94 11.81
C HIS A 76 -0.56 -11.27 12.70
N ASP A 77 -0.67 -10.85 13.95
CA ASP A 77 0.36 -11.10 14.92
C ASP A 77 0.36 -12.59 15.26
N ILE A 78 1.47 -13.12 15.73
CA ILE A 78 1.56 -14.52 16.04
C ILE A 78 1.89 -14.76 17.51
N PRO B 1 0.01 16.01 -18.43
CA PRO B 1 0.68 17.27 -18.84
C PRO B 1 2.06 17.41 -18.20
N LEU B 2 2.09 17.67 -16.90
CA LEU B 2 3.33 17.82 -16.17
C LEU B 2 3.91 16.46 -15.79
N GLY B 3 3.12 15.68 -15.08
CA GLY B 3 3.56 14.36 -14.65
C GLY B 3 3.58 14.21 -13.14
N SER B 4 2.62 14.85 -12.48
CA SER B 4 2.53 14.80 -11.02
C SER B 4 1.28 14.04 -10.59
N ILE B 5 1.27 13.60 -9.34
CA ILE B 5 0.14 12.87 -8.79
C ILE B 5 -0.62 13.70 -7.77
N LEU B 6 -1.92 13.81 -7.97
CA LEU B 6 -2.76 14.55 -7.05
C LEU B 6 -3.26 13.63 -5.96
N PHE B 7 -2.89 13.91 -4.72
CA PHE B 7 -3.29 13.09 -3.60
C PHE B 7 -4.66 13.44 -3.04
N ARG B 8 -5.69 12.79 -3.56
CA ARG B 8 -7.03 13.01 -3.03
C ARG B 8 -7.03 12.47 -1.61
N ILE B 9 -7.13 13.36 -0.63
CA ILE B 9 -7.09 12.94 0.75
C ILE B 9 -8.39 13.26 1.47
N SER B 10 -9.07 12.24 1.95
CA SER B 10 -10.32 12.45 2.67
C SER B 10 -10.11 12.29 4.17
N TYR B 11 -9.94 13.40 4.87
CA TYR B 11 -9.73 13.37 6.32
C TYR B 11 -11.04 13.64 7.03
N ASN B 12 -11.54 12.65 7.77
CA ASN B 12 -12.80 12.80 8.49
C ASN B 12 -13.95 12.77 7.47
N SER B 13 -14.71 13.86 7.35
CA SER B 13 -15.81 13.92 6.40
C SER B 13 -15.57 15.03 5.38
N GLU B 14 -14.31 15.24 5.05
CA GLU B 14 -13.93 16.27 4.08
C GLU B 14 -12.87 15.73 3.12
N ILE B 15 -12.57 16.51 2.08
CA ILE B 15 -11.58 16.09 1.08
C ILE B 15 -10.53 17.17 0.83
N PHE B 16 -9.29 16.73 0.73
CA PHE B 16 -8.16 17.61 0.45
C PHE B 16 -7.29 16.99 -0.63
N THR B 17 -6.87 17.78 -1.60
CA THR B 17 -6.05 17.26 -2.69
C THR B 17 -4.65 17.86 -2.66
N LEU B 18 -3.63 17.00 -2.51
CA LEU B 18 -2.24 17.45 -2.45
C LEU B 18 -1.43 16.87 -3.61
N LEU B 19 -0.86 17.76 -4.43
CA LEU B 19 -0.09 17.33 -5.59
C LEU B 19 1.33 16.88 -5.21
N VAL B 20 1.76 15.76 -5.81
CA VAL B 20 3.08 15.20 -5.56
C VAL B 20 3.67 14.60 -6.85
N GLU B 21 4.74 15.21 -7.35
CA GLU B 21 5.39 14.74 -8.56
C GLU B 21 5.84 13.29 -8.43
N LYS B 22 5.86 12.58 -9.55
CA LYS B 22 6.26 11.18 -9.56
C LYS B 22 7.71 10.99 -9.08
N VAL B 23 8.47 12.07 -9.03
CA VAL B 23 9.87 12.00 -8.61
C VAL B 23 9.99 12.18 -7.09
N TRP B 24 8.88 12.51 -6.44
CA TRP B 24 8.88 12.72 -5.00
C TRP B 24 8.72 11.41 -4.24
N ASN B 25 9.53 11.22 -3.21
CA ASN B 25 9.47 10.02 -2.40
C ASN B 25 8.54 10.24 -1.20
N PHE B 26 8.23 9.16 -0.47
CA PHE B 26 7.34 9.24 0.68
C PHE B 26 7.41 10.57 1.41
N ASP B 27 8.61 11.12 1.56
CA ASP B 27 8.77 12.40 2.23
C ASP B 27 8.08 13.47 1.41
N ASP B 28 8.81 14.08 0.48
CA ASP B 28 8.27 15.13 -0.39
C ASP B 28 6.74 15.05 -0.50
N LEU B 29 6.23 13.86 -0.81
CA LEU B 29 4.79 13.68 -0.94
C LEU B 29 4.12 13.88 0.42
N ILE B 30 4.71 13.32 1.48
CA ILE B 30 4.19 13.51 2.83
C ILE B 30 4.35 14.98 3.17
N MET B 31 5.58 15.44 2.94
CA MET B 31 5.92 16.83 3.14
C MET B 31 4.87 17.67 2.44
N ALA B 32 4.42 17.14 1.31
CA ALA B 32 3.38 17.76 0.51
C ALA B 32 2.04 17.58 1.21
N ILE B 33 1.78 16.33 1.59
CA ILE B 33 0.54 15.98 2.28
C ILE B 33 0.37 16.85 3.51
N ASN B 34 1.32 16.76 4.44
CA ASN B 34 1.28 17.54 5.68
C ASN B 34 1.03 19.01 5.36
N SER B 35 1.49 19.43 4.19
CA SER B 35 1.31 20.82 3.76
C SER B 35 -0.16 21.09 3.40
N LYS B 36 -0.90 20.04 3.07
CA LYS B 36 -2.31 20.18 2.69
C LYS B 36 -3.26 19.57 3.71
N ILE B 37 -2.85 18.50 4.38
CA ILE B 37 -3.71 17.84 5.36
C ILE B 37 -3.74 18.54 6.70
N SER B 38 -2.62 19.15 7.10
CA SER B 38 -2.54 19.85 8.38
C SER B 38 -3.71 20.80 8.61
N ASN B 39 -4.48 21.09 7.55
CA ASN B 39 -5.63 21.97 7.67
C ASN B 39 -6.74 21.31 8.47
N THR B 40 -6.56 20.04 8.79
CA THR B 40 -7.54 19.28 9.54
C THR B 40 -7.56 19.68 11.01
N HIS B 41 -6.42 20.13 11.52
CA HIS B 41 -6.28 20.53 12.92
C HIS B 41 -5.50 19.43 13.66
N ILE B 42 -6.09 18.87 14.72
CA ILE B 42 -5.44 17.82 15.52
C ILE B 42 -3.90 17.99 15.52
N SER B 43 -3.18 17.10 14.83
CA SER B 43 -1.74 17.18 14.76
C SER B 43 -1.22 16.55 13.46
N PRO B 44 -0.01 16.94 13.02
CA PRO B 44 0.59 16.40 11.79
C PRO B 44 0.45 14.89 11.68
N ILE B 45 0.07 14.40 10.50
CA ILE B 45 -0.10 12.97 10.29
C ILE B 45 1.26 12.27 10.11
N THR B 46 1.59 11.91 8.86
CA THR B 46 2.86 11.22 8.52
C THR B 46 2.57 9.93 7.76
N LYS B 47 1.49 9.26 8.14
CA LYS B 47 1.09 8.01 7.49
C LYS B 47 -0.22 8.20 6.75
N ILE B 48 -0.32 7.65 5.54
CA ILE B 48 -1.53 7.81 4.73
C ILE B 48 -2.08 6.46 4.28
N LYS B 49 -3.31 6.50 3.79
CA LYS B 49 -3.99 5.33 3.27
C LYS B 49 -4.28 5.55 1.80
N TYR B 50 -4.32 4.49 0.98
CA TYR B 50 -4.59 4.67 -0.44
C TYR B 50 -5.55 3.59 -0.94
N GLN B 51 -6.68 4.00 -1.49
CA GLN B 51 -7.67 3.06 -1.99
C GLN B 51 -7.13 2.25 -3.15
N ASP B 52 -7.24 0.92 -3.04
CA ASP B 52 -6.76 0.03 -4.10
C ASP B 52 -7.90 -0.33 -5.05
N GLU B 53 -7.56 -0.89 -6.19
CA GLU B 53 -8.56 -1.29 -7.18
C GLU B 53 -9.51 -2.33 -6.60
N ASP B 54 -9.08 -3.00 -5.54
CA ASP B 54 -9.90 -4.02 -4.88
C ASP B 54 -11.13 -3.40 -4.23
N GLY B 55 -11.05 -2.12 -3.90
CA GLY B 55 -12.18 -1.45 -3.27
C GLY B 55 -12.00 -1.25 -1.78
N ASP B 56 -10.76 -1.38 -1.30
CA ASP B 56 -10.49 -1.20 0.12
C ASP B 56 -9.44 -0.10 0.32
N PHE B 57 -9.12 0.19 1.57
CA PHE B 57 -8.14 1.22 1.86
C PHE B 57 -6.85 0.58 2.37
N VAL B 58 -5.75 0.98 1.75
CA VAL B 58 -4.43 0.48 2.08
C VAL B 58 -3.57 1.58 2.69
N VAL B 59 -2.46 1.19 3.30
CA VAL B 59 -1.56 2.16 3.92
C VAL B 59 -0.39 2.44 2.97
N LEU B 60 0.36 3.50 3.27
CA LEU B 60 1.50 3.87 2.45
C LEU B 60 2.38 4.89 3.17
N GLY B 61 3.63 4.53 3.40
CA GLY B 61 4.55 5.43 4.07
C GLY B 61 5.99 4.99 3.96
N SER B 62 6.32 4.31 2.86
CA SER B 62 7.68 3.84 2.63
C SER B 62 8.01 3.79 1.14
N ASP B 63 9.26 3.50 0.83
CA ASP B 63 9.71 3.42 -0.55
C ASP B 63 9.11 2.21 -1.26
N GLU B 64 9.02 1.09 -0.54
CA GLU B 64 8.47 -0.13 -1.09
C GLU B 64 7.07 0.10 -1.63
N ASP B 65 6.19 0.61 -0.79
CA ASP B 65 4.81 0.88 -1.18
C ASP B 65 4.76 2.07 -2.12
N TRP B 66 5.57 3.09 -1.82
CA TRP B 66 5.64 4.28 -2.64
C TRP B 66 5.82 3.93 -4.12
N ASN B 67 6.79 3.06 -4.40
CA ASN B 67 7.08 2.62 -5.76
C ASN B 67 5.87 1.88 -6.33
N VAL B 68 5.20 1.15 -5.46
CA VAL B 68 4.03 0.39 -5.84
C VAL B 68 2.90 1.33 -6.23
N ALA B 69 2.84 2.44 -5.52
CA ALA B 69 1.83 3.46 -5.75
C ALA B 69 1.99 4.04 -7.14
N LYS B 70 3.20 4.48 -7.45
CA LYS B 70 3.50 5.07 -8.75
C LYS B 70 3.32 4.04 -9.85
N GLU B 71 3.81 2.82 -9.62
CA GLU B 71 3.69 1.76 -10.60
C GLU B 71 2.21 1.37 -10.75
N MET B 72 1.56 1.07 -9.63
CA MET B 72 0.15 0.72 -9.65
C MET B 72 -0.63 1.73 -10.49
N LEU B 73 -0.13 2.97 -10.47
CA LEU B 73 -0.71 4.06 -11.24
C LEU B 73 -0.23 3.96 -12.67
N ALA B 74 1.09 3.86 -12.83
CA ALA B 74 1.73 3.76 -14.15
C ALA B 74 0.91 2.93 -15.13
N GLU B 75 0.42 1.83 -14.63
CA GLU B 75 -0.37 0.89 -15.43
C GLU B 75 -1.54 1.59 -16.09
N ASN B 76 -2.07 2.59 -15.41
CA ASN B 76 -3.21 3.34 -15.90
C ASN B 76 -2.81 4.78 -16.20
N ASN B 77 -1.66 5.18 -15.65
CA ASN B 77 -1.12 6.51 -15.84
C ASN B 77 -2.15 7.61 -15.56
N GLU B 78 -3.06 7.35 -14.62
CA GLU B 78 -4.09 8.33 -14.27
C GLU B 78 -3.45 9.65 -13.86
N LYS B 79 -2.46 9.58 -12.98
CA LYS B 79 -1.74 10.74 -12.47
C LYS B 79 -2.47 11.30 -11.26
N PHE B 80 -3.08 10.42 -10.49
CA PHE B 80 -3.80 10.80 -9.29
C PHE B 80 -3.68 9.74 -8.21
N LEU B 81 -4.17 10.05 -7.01
CA LEU B 81 -4.08 9.12 -5.89
C LEU B 81 -5.27 9.28 -4.94
N ASN B 82 -5.92 8.16 -4.62
CA ASN B 82 -7.05 8.18 -3.70
C ASN B 82 -6.55 7.92 -2.29
N ILE B 83 -6.18 8.99 -1.61
CA ILE B 83 -5.66 8.92 -0.24
C ILE B 83 -6.75 9.23 0.78
N ARG B 84 -6.52 8.82 2.03
CA ARG B 84 -7.49 9.08 3.09
C ARG B 84 -6.80 9.11 4.46
N LEU B 85 -7.24 10.04 5.31
CA LEU B 85 -6.69 10.18 6.65
C LEU B 85 -7.78 9.88 7.70
N TYR B 86 -7.56 8.81 8.46
CA TYR B 86 -8.51 8.41 9.50
C TYR B 86 -8.26 9.17 10.79
N PRO A 1 16.09 1.26 -16.62
CA PRO A 1 15.64 0.63 -15.35
C PRO A 1 14.50 -0.36 -15.59
N HIS A 2 14.57 -1.51 -14.93
CA HIS A 2 13.54 -2.54 -15.06
C HIS A 2 13.38 -3.32 -13.77
N MET A 3 12.12 -3.61 -13.43
CA MET A 3 11.82 -4.35 -12.21
C MET A 3 10.32 -4.55 -12.04
N LYS A 4 9.75 -5.42 -12.85
CA LYS A 4 8.32 -5.70 -12.80
C LYS A 4 7.96 -6.52 -11.57
N THR A 5 6.76 -6.30 -11.05
CA THR A 5 6.31 -7.02 -9.86
C THR A 5 4.78 -7.10 -9.82
N THR A 6 4.27 -7.72 -8.76
CA THR A 6 2.83 -7.88 -8.60
C THR A 6 2.31 -6.90 -7.54
N LYS A 7 1.04 -6.57 -7.63
CA LYS A 7 0.43 -5.69 -6.65
C LYS A 7 -0.51 -6.47 -5.75
N ILE A 8 0.02 -6.94 -4.62
CA ILE A 8 -0.77 -7.71 -3.68
C ILE A 8 -0.94 -6.94 -2.38
N LYS A 9 -2.15 -6.94 -1.85
CA LYS A 9 -2.43 -6.23 -0.62
C LYS A 9 -2.41 -7.19 0.57
N PHE A 10 -2.51 -6.64 1.77
CA PHE A 10 -2.52 -7.42 2.99
C PHE A 10 -3.31 -6.66 4.05
N TYR A 11 -3.79 -7.37 5.06
CA TYR A 11 -4.58 -6.75 6.12
C TYR A 11 -4.01 -7.07 7.49
N TYR A 12 -3.69 -6.05 8.27
CA TYR A 12 -3.16 -6.26 9.61
C TYR A 12 -4.11 -5.66 10.66
N LYS A 13 -4.74 -6.55 11.43
CA LYS A 13 -5.68 -6.13 12.47
C LYS A 13 -6.81 -5.29 11.88
N ASP A 14 -6.53 -4.02 11.59
CA ASP A 14 -7.51 -3.13 11.02
C ASP A 14 -6.88 -2.22 9.97
N ASP A 15 -5.72 -2.61 9.46
CA ASP A 15 -5.02 -1.83 8.45
C ASP A 15 -4.70 -2.70 7.23
N ILE A 16 -4.66 -2.08 6.06
CA ILE A 16 -4.38 -2.79 4.82
C ILE A 16 -3.11 -2.27 4.16
N PHE A 17 -2.13 -3.14 3.87
CA PHE A 17 -0.91 -2.69 3.22
C PHE A 17 -0.86 -3.23 1.78
N ALA A 18 0.07 -2.71 0.98
CA ALA A 18 0.21 -3.15 -0.42
C ALA A 18 1.69 -3.34 -0.77
N LEU A 19 2.01 -4.45 -1.43
CA LEU A 19 3.40 -4.73 -1.78
C LEU A 19 3.56 -5.14 -3.24
N MET A 20 4.82 -5.38 -3.61
CA MET A 20 5.16 -5.77 -4.97
C MET A 20 6.07 -7.00 -4.98
N LEU A 21 5.55 -8.13 -5.46
CA LEU A 21 6.34 -9.36 -5.51
C LEU A 21 6.56 -9.81 -6.95
N LYS A 22 7.82 -10.02 -7.33
CA LYS A 22 8.14 -10.46 -8.68
C LYS A 22 7.51 -11.82 -8.95
N GLY A 23 7.62 -12.28 -10.20
CA GLY A 23 7.04 -13.57 -10.57
C GLY A 23 7.79 -14.77 -10.03
N ASP A 24 8.66 -14.57 -9.05
CA ASP A 24 9.43 -15.67 -8.47
C ASP A 24 9.59 -15.49 -6.97
N THR A 25 8.82 -14.56 -6.40
CA THR A 25 8.89 -14.27 -4.98
C THR A 25 8.60 -15.49 -4.11
N THR A 26 9.39 -15.63 -3.05
CA THR A 26 9.23 -16.73 -2.10
C THR A 26 8.44 -16.22 -0.91
N TYR A 27 8.04 -17.11 -0.02
CA TYR A 27 7.30 -16.70 1.16
C TYR A 27 8.13 -15.71 1.96
N LYS A 28 9.29 -16.17 2.44
CA LYS A 28 10.20 -15.33 3.22
C LYS A 28 10.25 -13.93 2.62
N GLU A 29 10.27 -13.87 1.30
CA GLU A 29 10.28 -12.60 0.60
C GLU A 29 9.00 -11.87 0.92
N LEU A 30 7.87 -12.54 0.66
CA LEU A 30 6.56 -11.99 0.92
C LEU A 30 6.48 -11.51 2.37
N ARG A 31 6.91 -12.36 3.30
CA ARG A 31 6.89 -12.02 4.71
C ARG A 31 7.75 -10.79 5.02
N SER A 32 8.99 -10.79 4.53
CA SER A 32 9.90 -9.65 4.77
C SER A 32 9.29 -8.35 4.25
N LYS A 33 8.37 -8.49 3.31
CA LYS A 33 7.70 -7.35 2.70
C LYS A 33 6.68 -6.74 3.65
N ILE A 34 5.88 -7.59 4.27
CA ILE A 34 4.83 -7.16 5.18
C ILE A 34 5.38 -6.68 6.52
N ALA A 35 6.46 -7.28 6.97
CA ALA A 35 7.05 -6.91 8.24
C ALA A 35 7.28 -5.42 8.35
N PRO A 36 8.06 -4.85 7.42
CA PRO A 36 8.37 -3.42 7.43
C PRO A 36 7.10 -2.58 7.38
N ARG A 37 6.00 -3.19 6.95
CA ARG A 37 4.72 -2.50 6.87
C ARG A 37 4.07 -2.49 8.25
N ILE A 38 4.07 -3.66 8.88
CA ILE A 38 3.48 -3.82 10.21
C ILE A 38 4.32 -3.14 11.27
N ASP A 39 3.99 -3.44 12.52
CA ASP A 39 4.71 -2.91 13.66
C ASP A 39 5.33 -4.07 14.44
N THR A 40 5.50 -5.20 13.74
CA THR A 40 6.04 -6.40 14.36
C THR A 40 6.89 -7.22 13.38
N ASP A 41 7.76 -8.06 13.93
CA ASP A 41 8.58 -8.95 13.14
C ASP A 41 8.06 -10.38 13.33
N ASN A 42 6.97 -10.47 14.08
CA ASN A 42 6.27 -11.71 14.34
C ASN A 42 4.83 -11.54 13.86
N PHE A 43 4.64 -11.81 12.58
CA PHE A 43 3.37 -11.64 11.91
C PHE A 43 3.19 -12.74 10.89
N LYS A 44 1.96 -13.14 10.70
CA LYS A 44 1.67 -14.16 9.71
C LYS A 44 0.88 -13.55 8.57
N LEU A 45 0.85 -14.23 7.44
CA LEU A 45 0.12 -13.77 6.28
C LEU A 45 -0.83 -14.87 5.82
N GLN A 46 -1.98 -14.49 5.31
CA GLN A 46 -2.96 -15.46 4.83
C GLN A 46 -3.78 -14.87 3.70
N THR A 47 -4.09 -15.69 2.72
CA THR A 47 -4.89 -15.26 1.59
C THR A 47 -6.32 -15.00 2.05
N LYS A 48 -6.72 -13.72 2.09
CA LYS A 48 -8.08 -13.38 2.52
C LYS A 48 -9.07 -13.60 1.39
N LEU A 49 -10.14 -14.33 1.69
CA LEU A 49 -11.16 -14.64 0.69
C LEU A 49 -12.57 -14.42 1.23
N PHE A 50 -13.56 -14.72 0.39
CA PHE A 50 -14.98 -14.55 0.73
C PHE A 50 -15.29 -14.75 2.21
N ASP A 51 -14.66 -15.73 2.84
CA ASP A 51 -14.90 -15.99 4.24
C ASP A 51 -14.09 -15.04 5.08
N GLY A 52 -12.86 -14.83 4.66
CA GLY A 52 -11.96 -13.96 5.36
C GLY A 52 -10.76 -14.69 5.85
N SER A 53 -10.85 -16.01 5.83
CA SER A 53 -9.75 -16.83 6.24
C SER A 53 -8.88 -17.07 5.02
N GLY A 54 -8.59 -18.31 4.70
CA GLY A 54 -7.76 -18.61 3.57
C GLY A 54 -6.54 -19.40 3.99
N GLU A 55 -5.59 -19.55 3.09
CA GLU A 55 -4.38 -20.26 3.41
C GLU A 55 -3.34 -19.30 3.96
N GLU A 56 -2.60 -19.74 4.97
CA GLU A 56 -1.56 -18.91 5.55
C GLU A 56 -0.32 -19.01 4.70
N ILE A 57 0.09 -17.89 4.12
CA ILE A 57 1.26 -17.88 3.25
C ILE A 57 2.53 -18.08 4.05
N LYS A 58 2.92 -19.33 4.16
CA LYS A 58 4.13 -19.68 4.88
C LYS A 58 5.13 -20.29 3.91
N THR A 59 4.62 -20.80 2.79
CA THR A 59 5.46 -21.44 1.79
C THR A 59 5.43 -20.66 0.48
N ASP A 60 6.49 -20.80 -0.28
CA ASP A 60 6.64 -20.10 -1.54
C ASP A 60 5.52 -20.40 -2.53
N SER A 61 5.03 -21.64 -2.57
CA SER A 61 3.99 -22.02 -3.52
C SER A 61 2.70 -21.21 -3.36
N GLN A 62 2.50 -20.61 -2.19
CA GLN A 62 1.29 -19.83 -1.96
C GLN A 62 1.55 -18.35 -2.22
N VAL A 63 2.46 -17.79 -1.44
CA VAL A 63 2.82 -16.39 -1.55
C VAL A 63 2.99 -16.04 -3.03
N SER A 64 3.75 -16.87 -3.72
CA SER A 64 3.96 -16.70 -5.13
C SER A 64 2.60 -16.64 -5.81
N ASN A 65 1.87 -17.75 -5.69
CA ASN A 65 0.54 -17.87 -6.27
C ASN A 65 -0.32 -16.68 -5.96
N ILE A 66 -0.06 -16.04 -4.84
CA ILE A 66 -0.81 -14.87 -4.45
C ILE A 66 -0.39 -13.69 -5.31
N ILE A 67 0.88 -13.71 -5.70
CA ILE A 67 1.43 -12.66 -6.55
C ILE A 67 0.93 -12.85 -7.99
N GLN A 68 0.75 -14.11 -8.34
CA GLN A 68 0.27 -14.49 -9.66
C GLN A 68 -1.23 -14.38 -9.70
N ALA A 69 -1.84 -15.15 -8.81
CA ALA A 69 -3.26 -15.21 -8.65
C ALA A 69 -3.83 -13.86 -8.24
N LYS A 70 -2.97 -12.99 -7.72
CA LYS A 70 -3.38 -11.68 -7.24
C LYS A 70 -4.28 -11.84 -6.04
N LEU A 71 -3.94 -12.81 -5.21
CA LEU A 71 -4.70 -13.13 -4.02
C LEU A 71 -4.55 -12.10 -2.92
N LYS A 72 -5.67 -11.74 -2.32
CA LYS A 72 -5.68 -10.79 -1.22
C LYS A 72 -5.15 -11.48 0.02
N ILE A 73 -4.38 -10.78 0.82
CA ILE A 73 -3.81 -11.38 2.02
C ILE A 73 -4.18 -10.63 3.29
N SER A 74 -4.11 -11.33 4.41
CA SER A 74 -4.42 -10.77 5.70
C SER A 74 -3.30 -11.12 6.67
N VAL A 75 -2.57 -10.12 7.15
CA VAL A 75 -1.47 -10.36 8.08
C VAL A 75 -1.91 -10.09 9.51
N HIS A 76 -1.40 -10.88 10.43
CA HIS A 76 -1.76 -10.72 11.83
C HIS A 76 -0.58 -11.03 12.74
N ASP A 77 -0.67 -10.58 13.97
CA ASP A 77 0.36 -10.84 14.96
C ASP A 77 0.34 -12.32 15.31
N ILE A 78 1.46 -12.85 15.78
CA ILE A 78 1.52 -14.26 16.11
C ILE A 78 1.81 -14.48 17.59
N PRO B 1 7.84 15.55 -19.14
CA PRO B 1 7.33 16.85 -18.65
C PRO B 1 6.34 16.70 -17.50
N LEU B 2 5.15 16.20 -17.81
CA LEU B 2 4.12 16.00 -16.80
C LEU B 2 4.46 14.80 -15.91
N GLY B 3 3.48 14.35 -15.13
CA GLY B 3 3.70 13.22 -14.25
C GLY B 3 3.50 13.57 -12.79
N SER B 4 2.67 14.57 -12.52
CA SER B 4 2.39 14.97 -11.16
C SER B 4 1.16 14.25 -10.64
N ILE B 5 1.28 13.68 -9.44
CA ILE B 5 0.17 12.95 -8.85
C ILE B 5 -0.58 13.78 -7.83
N LEU B 6 -1.89 13.89 -8.00
CA LEU B 6 -2.71 14.64 -7.08
C LEU B 6 -3.22 13.72 -5.98
N PHE B 7 -2.85 14.01 -4.75
CA PHE B 7 -3.25 13.18 -3.62
C PHE B 7 -4.62 13.52 -3.09
N ARG B 8 -5.64 12.82 -3.57
CA ARG B 8 -6.99 13.02 -3.07
C ARG B 8 -6.99 12.51 -1.64
N ILE B 9 -7.09 13.40 -0.67
CA ILE B 9 -7.07 13.01 0.72
C ILE B 9 -8.37 13.36 1.41
N SER B 10 -9.08 12.37 1.90
CA SER B 10 -10.33 12.59 2.59
C SER B 10 -10.17 12.35 4.08
N TYR B 11 -9.93 13.42 4.83
CA TYR B 11 -9.77 13.31 6.27
C TYR B 11 -11.10 13.57 6.96
N ASN B 12 -11.61 12.58 7.67
CA ASN B 12 -12.91 12.73 8.33
C ASN B 12 -13.98 12.79 7.24
N SER B 13 -14.78 13.86 7.18
CA SER B 13 -15.78 14.00 6.14
C SER B 13 -15.42 15.16 5.22
N GLU B 14 -14.11 15.43 5.15
CA GLU B 14 -13.58 16.52 4.32
C GLU B 14 -12.83 15.96 3.12
N ILE B 15 -12.24 16.86 2.33
CA ILE B 15 -11.47 16.48 1.15
C ILE B 15 -10.35 17.46 0.89
N PHE B 16 -9.12 16.95 0.81
CA PHE B 16 -7.95 17.76 0.54
C PHE B 16 -7.13 17.12 -0.57
N THR B 17 -6.74 17.90 -1.56
CA THR B 17 -5.96 17.39 -2.69
C THR B 17 -4.55 17.97 -2.68
N LEU B 18 -3.56 17.11 -2.52
CA LEU B 18 -2.17 17.54 -2.46
C LEU B 18 -1.36 16.96 -3.64
N LEU B 19 -0.80 17.82 -4.48
CA LEU B 19 -0.03 17.38 -5.63
C LEU B 19 1.39 16.94 -5.25
N VAL B 20 1.82 15.83 -5.83
CA VAL B 20 3.15 15.28 -5.57
C VAL B 20 3.77 14.69 -6.84
N GLU B 21 4.86 15.29 -7.29
CA GLU B 21 5.55 14.82 -8.48
C GLU B 21 5.99 13.37 -8.32
N LYS B 22 5.96 12.64 -9.42
CA LYS B 22 6.35 11.23 -9.42
C LYS B 22 7.85 11.05 -9.16
N VAL B 23 8.60 12.16 -9.14
CA VAL B 23 10.03 12.11 -8.93
C VAL B 23 10.38 12.13 -7.45
N TRP B 24 9.40 12.35 -6.58
CA TRP B 24 9.68 12.41 -5.15
C TRP B 24 9.27 11.13 -4.44
N ASN B 25 9.79 10.96 -3.23
CA ASN B 25 9.50 9.77 -2.43
C ASN B 25 8.48 10.06 -1.34
N PHE B 26 8.08 9.01 -0.61
CA PHE B 26 7.09 9.12 0.45
C PHE B 26 7.25 10.39 1.29
N ASP B 27 8.46 10.92 1.39
CA ASP B 27 8.67 12.13 2.15
C ASP B 27 7.99 13.29 1.43
N ASP B 28 8.71 13.94 0.52
CA ASP B 28 8.16 15.06 -0.24
C ASP B 28 6.65 15.00 -0.34
N LEU B 29 6.12 13.87 -0.81
CA LEU B 29 4.67 13.73 -0.95
C LEU B 29 4.00 13.91 0.40
N ILE B 30 4.59 13.34 1.45
CA ILE B 30 4.06 13.51 2.80
C ILE B 30 4.25 14.97 3.17
N MET B 31 5.51 15.40 3.01
CA MET B 31 5.88 16.78 3.24
C MET B 31 4.86 17.66 2.52
N ALA B 32 4.43 17.16 1.38
CA ALA B 32 3.42 17.81 0.57
C ALA B 32 2.06 17.66 1.23
N ILE B 33 1.76 16.42 1.60
CA ILE B 33 0.50 16.10 2.26
C ILE B 33 0.33 16.96 3.52
N ASN B 34 1.28 16.82 4.44
CA ASN B 34 1.25 17.60 5.68
C ASN B 34 1.02 19.08 5.37
N SER B 35 1.50 19.49 4.21
CA SER B 35 1.34 20.87 3.77
C SER B 35 -0.11 21.19 3.43
N LYS B 36 -0.88 20.17 3.08
CA LYS B 36 -2.29 20.35 2.70
C LYS B 36 -3.25 19.75 3.73
N ILE B 37 -2.84 18.68 4.40
CA ILE B 37 -3.71 18.03 5.37
C ILE B 37 -3.70 18.73 6.73
N SER B 38 -2.55 19.30 7.10
CA SER B 38 -2.43 19.99 8.40
C SER B 38 -3.62 20.91 8.67
N ASN B 39 -4.36 21.25 7.61
CA ASN B 39 -5.53 22.12 7.75
C ASN B 39 -6.58 21.49 8.68
N THR B 40 -6.35 20.23 9.06
CA THR B 40 -7.26 19.52 9.94
C THR B 40 -7.11 20.01 11.38
N HIS B 41 -7.80 19.37 12.32
CA HIS B 41 -7.74 19.77 13.71
C HIS B 41 -6.85 18.85 14.55
N ILE B 42 -6.29 17.81 13.92
CA ILE B 42 -5.43 16.88 14.64
C ILE B 42 -4.00 17.40 14.75
N SER B 43 -3.13 17.02 13.80
CA SER B 43 -1.74 17.45 13.82
C SER B 43 -0.96 16.83 12.65
N PRO B 44 0.32 17.19 12.50
CA PRO B 44 1.16 16.66 11.42
C PRO B 44 1.09 15.14 11.32
N ILE B 45 0.55 14.65 10.20
CA ILE B 45 0.41 13.22 9.97
C ILE B 45 1.77 12.58 9.69
N THR B 46 1.81 11.25 9.74
CA THR B 46 3.04 10.51 9.48
C THR B 46 2.79 9.29 8.61
N LYS B 47 1.51 8.96 8.40
CA LYS B 47 1.14 7.80 7.59
C LYS B 47 -0.14 8.10 6.80
N ILE B 48 -0.25 7.51 5.61
CA ILE B 48 -1.44 7.71 4.79
C ILE B 48 -2.01 6.39 4.29
N LYS B 49 -3.23 6.45 3.80
CA LYS B 49 -3.92 5.29 3.25
C LYS B 49 -4.23 5.55 1.78
N TYR B 50 -4.29 4.51 0.95
CA TYR B 50 -4.57 4.71 -0.47
C TYR B 50 -5.52 3.64 -0.98
N GLN B 51 -6.65 4.08 -1.55
CA GLN B 51 -7.64 3.15 -2.08
C GLN B 51 -7.11 2.39 -3.29
N ASP B 52 -7.17 1.07 -3.22
CA ASP B 52 -6.70 0.22 -4.31
C ASP B 52 -7.86 -0.10 -5.25
N GLU B 53 -7.53 -0.63 -6.43
CA GLU B 53 -8.55 -0.98 -7.41
C GLU B 53 -9.49 -2.06 -6.86
N ASP B 54 -9.04 -2.76 -5.83
CA ASP B 54 -9.84 -3.81 -5.22
C ASP B 54 -11.08 -3.25 -4.53
N GLY B 55 -11.01 -1.97 -4.15
CA GLY B 55 -12.14 -1.35 -3.50
C GLY B 55 -11.95 -1.17 -2.00
N ASP B 56 -10.71 -1.35 -1.53
CA ASP B 56 -10.42 -1.19 -0.10
C ASP B 56 -9.39 -0.09 0.10
N PHE B 57 -9.11 0.23 1.35
CA PHE B 57 -8.13 1.24 1.68
C PHE B 57 -6.84 0.61 2.17
N VAL B 58 -5.74 0.99 1.54
CA VAL B 58 -4.44 0.48 1.86
C VAL B 58 -3.57 1.54 2.52
N VAL B 59 -2.49 1.11 3.16
CA VAL B 59 -1.58 2.02 3.83
C VAL B 59 -0.38 2.34 2.95
N LEU B 60 0.33 3.41 3.27
CA LEU B 60 1.50 3.80 2.52
C LEU B 60 2.36 4.77 3.32
N GLY B 61 3.51 4.30 3.77
CA GLY B 61 4.40 5.14 4.55
C GLY B 61 5.86 4.81 4.35
N SER B 62 6.18 4.14 3.23
CA SER B 62 7.56 3.78 2.94
C SER B 62 7.83 3.80 1.44
N ASP B 63 9.02 3.41 1.05
CA ASP B 63 9.42 3.38 -0.35
C ASP B 63 8.84 2.16 -1.07
N GLU B 64 8.80 1.03 -0.37
CA GLU B 64 8.28 -0.19 -0.95
C GLU B 64 6.85 -0.01 -1.45
N ASP B 65 5.98 0.45 -0.57
CA ASP B 65 4.58 0.68 -0.91
C ASP B 65 4.45 1.90 -1.80
N TRP B 66 5.31 2.89 -1.58
CA TRP B 66 5.29 4.11 -2.36
C TRP B 66 5.56 3.81 -3.83
N ASN B 67 6.57 2.98 -4.08
CA ASN B 67 6.91 2.60 -5.45
C ASN B 67 5.75 1.87 -6.08
N VAL B 68 5.04 1.12 -5.26
CA VAL B 68 3.88 0.37 -5.70
C VAL B 68 2.77 1.32 -6.11
N ALA B 69 2.69 2.42 -5.39
CA ALA B 69 1.68 3.44 -5.65
C ALA B 69 1.90 4.08 -7.01
N LYS B 70 3.13 4.50 -7.27
CA LYS B 70 3.48 5.12 -8.53
C LYS B 70 3.31 4.13 -9.67
N GLU B 71 3.76 2.90 -9.43
CA GLU B 71 3.65 1.85 -10.43
C GLU B 71 2.19 1.46 -10.63
N MET B 72 1.53 1.08 -9.54
CA MET B 72 0.12 0.71 -9.59
C MET B 72 -0.65 1.76 -10.39
N LEU B 73 -0.25 3.00 -10.20
CA LEU B 73 -0.85 4.13 -10.90
C LEU B 73 -0.34 4.15 -12.34
N ALA B 74 0.97 4.01 -12.47
CA ALA B 74 1.65 3.98 -13.77
C ALA B 74 0.86 3.20 -14.79
N GLU B 75 0.40 2.04 -14.37
CA GLU B 75 -0.36 1.14 -15.21
C GLU B 75 -1.52 1.84 -15.91
N ASN B 76 -2.07 2.82 -15.22
CA ASN B 76 -3.19 3.58 -15.74
C ASN B 76 -2.76 5.02 -16.00
N ASN B 77 -1.67 5.42 -15.36
CA ASN B 77 -1.11 6.75 -15.50
C ASN B 77 -2.15 7.84 -15.20
N GLU B 78 -3.12 7.53 -14.36
CA GLU B 78 -4.15 8.51 -13.99
C GLU B 78 -3.51 9.78 -13.46
N LYS B 79 -2.29 9.65 -12.95
CA LYS B 79 -1.57 10.79 -12.40
C LYS B 79 -2.31 11.36 -11.20
N PHE B 80 -3.00 10.49 -10.46
CA PHE B 80 -3.74 10.89 -9.29
C PHE B 80 -3.63 9.83 -8.20
N LEU B 81 -4.11 10.14 -7.01
CA LEU B 81 -4.03 9.20 -5.89
C LEU B 81 -5.24 9.31 -4.97
N ASN B 82 -5.88 8.18 -4.68
CA ASN B 82 -7.01 8.16 -3.77
C ASN B 82 -6.52 7.91 -2.35
N ILE B 83 -6.20 8.99 -1.66
CA ILE B 83 -5.68 8.92 -0.30
C ILE B 83 -6.78 9.23 0.73
N ARG B 84 -6.58 8.73 1.94
CA ARG B 84 -7.53 8.96 3.03
C ARG B 84 -6.80 9.10 4.37
N LEU B 85 -7.29 9.99 5.23
CA LEU B 85 -6.67 10.21 6.53
C LEU B 85 -7.70 10.08 7.65
N TYR B 86 -7.38 9.23 8.62
CA TYR B 86 -8.27 9.01 9.77
C TYR B 86 -9.63 8.54 9.31
N PRO A 1 15.20 3.36 -14.20
CA PRO A 1 15.21 2.19 -13.29
C PRO A 1 14.05 1.24 -13.57
N HIS A 2 14.37 0.02 -14.00
CA HIS A 2 13.37 -0.98 -14.31
C HIS A 2 13.17 -1.94 -13.14
N MET A 3 11.95 -2.45 -12.99
CA MET A 3 11.64 -3.39 -11.91
C MET A 3 10.16 -3.76 -11.93
N LYS A 4 9.86 -4.95 -12.45
CA LYS A 4 8.49 -5.42 -12.53
C LYS A 4 8.11 -6.21 -11.28
N THR A 5 6.90 -5.97 -10.77
CA THR A 5 6.44 -6.66 -9.58
C THR A 5 4.91 -6.77 -9.58
N THR A 6 4.37 -7.37 -8.53
CA THR A 6 2.93 -7.54 -8.40
C THR A 6 2.35 -6.60 -7.37
N LYS A 7 1.07 -6.31 -7.51
CA LYS A 7 0.38 -5.44 -6.56
C LYS A 7 -0.53 -6.28 -5.67
N ILE A 8 0.01 -6.71 -4.52
CA ILE A 8 -0.76 -7.50 -3.58
C ILE A 8 -0.92 -6.75 -2.28
N LYS A 9 -2.13 -6.75 -1.75
CA LYS A 9 -2.39 -6.05 -0.50
C LYS A 9 -2.40 -7.03 0.66
N PHE A 10 -2.56 -6.49 1.86
CA PHE A 10 -2.59 -7.28 3.08
C PHE A 10 -3.42 -6.57 4.12
N TYR A 11 -3.94 -7.31 5.09
CA TYR A 11 -4.78 -6.72 6.14
C TYR A 11 -4.23 -7.04 7.52
N TYR A 12 -3.98 -6.02 8.32
CA TYR A 12 -3.48 -6.23 9.67
C TYR A 12 -4.47 -5.66 10.69
N LYS A 13 -5.09 -6.56 11.46
CA LYS A 13 -6.08 -6.18 12.46
C LYS A 13 -7.21 -5.37 11.86
N ASP A 14 -6.94 -4.10 11.59
CA ASP A 14 -7.93 -3.21 11.01
C ASP A 14 -7.31 -2.27 9.96
N ASP A 15 -6.13 -2.66 9.46
CA ASP A 15 -5.44 -1.85 8.45
C ASP A 15 -5.06 -2.70 7.24
N ILE A 16 -4.97 -2.08 6.09
CA ILE A 16 -4.61 -2.79 4.86
C ILE A 16 -3.33 -2.21 4.26
N PHE A 17 -2.34 -3.04 3.96
CA PHE A 17 -1.11 -2.54 3.36
C PHE A 17 -1.00 -3.06 1.92
N ALA A 18 -0.06 -2.51 1.15
CA ALA A 18 0.13 -2.94 -0.24
C ALA A 18 1.61 -3.08 -0.55
N LEU A 19 1.96 -4.19 -1.21
CA LEU A 19 3.35 -4.47 -1.54
C LEU A 19 3.54 -4.87 -3.00
N MET A 20 4.79 -5.08 -3.38
CA MET A 20 5.14 -5.46 -4.73
C MET A 20 6.07 -6.68 -4.75
N LEU A 21 5.57 -7.83 -5.22
CA LEU A 21 6.36 -9.05 -5.28
C LEU A 21 6.60 -9.49 -6.72
N LYS A 22 7.86 -9.69 -7.09
CA LYS A 22 8.18 -10.13 -8.45
C LYS A 22 7.58 -11.50 -8.73
N GLY A 23 7.68 -11.94 -9.98
CA GLY A 23 7.13 -13.24 -10.36
C GLY A 23 7.92 -14.42 -9.83
N ASP A 24 8.76 -14.21 -8.82
CA ASP A 24 9.55 -15.30 -8.26
C ASP A 24 9.70 -15.14 -6.74
N THR A 25 8.89 -14.25 -6.17
CA THR A 25 8.94 -13.99 -4.74
C THR A 25 8.64 -15.23 -3.91
N THR A 26 9.39 -15.38 -2.82
CA THR A 26 9.22 -16.49 -1.90
C THR A 26 8.39 -16.00 -0.72
N TYR A 27 7.96 -16.92 0.14
CA TYR A 27 7.18 -16.55 1.31
C TYR A 27 7.97 -15.57 2.16
N LYS A 28 9.11 -16.02 2.67
CA LYS A 28 9.98 -15.18 3.50
C LYS A 28 10.07 -13.79 2.90
N GLU A 29 10.17 -13.73 1.57
CA GLU A 29 10.24 -12.47 0.88
C GLU A 29 8.97 -11.69 1.15
N LEU A 30 7.84 -12.33 0.86
CA LEU A 30 6.53 -11.73 1.07
C LEU A 30 6.40 -11.29 2.53
N ARG A 31 6.80 -12.14 3.45
CA ARG A 31 6.74 -11.84 4.87
C ARG A 31 7.60 -10.63 5.24
N SER A 32 8.85 -10.60 4.78
CA SER A 32 9.75 -9.49 5.07
C SER A 32 9.15 -8.16 4.60
N LYS A 33 8.27 -8.26 3.63
CA LYS A 33 7.61 -7.10 3.04
C LYS A 33 6.58 -6.51 3.99
N ILE A 34 5.76 -7.38 4.55
CA ILE A 34 4.69 -6.98 5.46
C ILE A 34 5.20 -6.53 6.81
N ALA A 35 6.29 -7.14 7.26
CA ALA A 35 6.86 -6.80 8.55
C ALA A 35 7.10 -5.31 8.71
N PRO A 36 7.90 -4.71 7.82
CA PRO A 36 8.21 -3.29 7.86
C PRO A 36 6.95 -2.43 7.80
N ARG A 37 5.85 -3.03 7.37
CA ARG A 37 4.58 -2.31 7.28
C ARG A 37 3.89 -2.36 8.64
N ILE A 38 3.87 -3.55 9.23
CA ILE A 38 3.23 -3.75 10.52
C ILE A 38 4.03 -3.09 11.64
N ASP A 39 3.67 -3.41 12.87
CA ASP A 39 4.35 -2.90 14.04
C ASP A 39 4.99 -4.07 14.79
N THR A 40 5.15 -5.19 14.08
CA THR A 40 5.71 -6.40 14.67
C THR A 40 6.58 -7.18 13.68
N ASP A 41 7.45 -8.02 14.22
CA ASP A 41 8.31 -8.88 13.42
C ASP A 41 7.80 -10.31 13.55
N ASN A 42 6.69 -10.43 14.28
CA ASN A 42 6.01 -11.69 14.49
C ASN A 42 4.57 -11.51 14.02
N PHE A 43 4.39 -11.77 12.73
CA PHE A 43 3.12 -11.60 12.06
C PHE A 43 2.94 -12.69 11.04
N LYS A 44 1.70 -13.07 10.80
CA LYS A 44 1.41 -14.09 9.81
C LYS A 44 0.65 -13.46 8.66
N LEU A 45 0.69 -14.11 7.51
CA LEU A 45 -0.03 -13.64 6.34
C LEU A 45 -0.97 -14.73 5.86
N GLN A 46 -2.11 -14.33 5.33
CA GLN A 46 -3.08 -15.30 4.83
C GLN A 46 -3.87 -14.71 3.69
N THR A 47 -4.14 -15.51 2.68
CA THR A 47 -4.92 -15.06 1.54
C THR A 47 -6.33 -14.73 2.01
N LYS A 48 -6.73 -13.46 1.89
CA LYS A 48 -8.04 -13.02 2.32
C LYS A 48 -9.04 -13.08 1.17
N LEU A 49 -10.16 -13.74 1.42
CA LEU A 49 -11.20 -13.88 0.42
C LEU A 49 -12.58 -13.57 1.02
N PHE A 50 -13.64 -13.76 0.22
CA PHE A 50 -15.01 -13.47 0.67
C PHE A 50 -15.24 -13.80 2.14
N ASP A 51 -14.59 -14.85 2.62
CA ASP A 51 -14.74 -15.24 4.01
C ASP A 51 -13.81 -14.43 4.88
N GLY A 52 -12.57 -14.32 4.45
CA GLY A 52 -11.57 -13.61 5.20
C GLY A 52 -10.74 -14.56 6.02
N SER A 53 -10.94 -15.86 5.76
CA SER A 53 -10.25 -16.92 6.44
C SER A 53 -9.65 -17.88 5.43
N GLY A 54 -8.80 -17.36 4.56
CA GLY A 54 -8.18 -18.16 3.55
C GLY A 54 -7.02 -18.98 4.09
N GLU A 55 -6.00 -19.18 3.26
CA GLU A 55 -4.82 -19.93 3.67
C GLU A 55 -3.75 -18.99 4.19
N GLU A 56 -2.93 -19.49 5.10
CA GLU A 56 -1.85 -18.69 5.67
C GLU A 56 -0.60 -18.84 4.83
N ILE A 57 -0.16 -17.74 4.22
CA ILE A 57 1.04 -17.78 3.38
C ILE A 57 2.28 -18.00 4.21
N LYS A 58 2.71 -19.25 4.24
CA LYS A 58 3.91 -19.61 4.97
C LYS A 58 4.93 -20.19 4.02
N THR A 59 4.47 -20.68 2.87
CA THR A 59 5.36 -21.29 1.89
C THR A 59 5.35 -20.48 0.61
N ASP A 60 6.46 -20.58 -0.11
CA ASP A 60 6.63 -19.84 -1.35
C ASP A 60 5.55 -20.15 -2.38
N SER A 61 5.09 -21.39 -2.46
CA SER A 61 4.09 -21.77 -3.45
C SER A 61 2.79 -20.98 -3.32
N GLN A 62 2.55 -20.40 -2.14
CA GLN A 62 1.33 -19.63 -1.93
C GLN A 62 1.57 -18.16 -2.19
N VAL A 63 2.43 -17.58 -1.36
CA VAL A 63 2.78 -16.17 -1.46
C VAL A 63 2.98 -15.81 -2.92
N SER A 64 3.77 -16.62 -3.59
CA SER A 64 4.01 -16.42 -5.00
C SER A 64 2.68 -16.37 -5.71
N ASN A 65 1.94 -17.49 -5.63
CA ASN A 65 0.63 -17.62 -6.22
C ASN A 65 -0.25 -16.43 -5.92
N ILE A 66 -0.01 -15.78 -4.80
CA ILE A 66 -0.78 -14.63 -4.42
C ILE A 66 -0.35 -13.44 -5.26
N ILE A 67 0.93 -13.45 -5.63
CA ILE A 67 1.49 -12.38 -6.46
C ILE A 67 1.04 -12.59 -7.91
N GLN A 68 0.87 -13.84 -8.27
CA GLN A 68 0.43 -14.23 -9.60
C GLN A 68 -1.07 -14.13 -9.68
N ALA A 69 -1.69 -14.88 -8.80
CA ALA A 69 -3.13 -14.94 -8.68
C ALA A 69 -3.70 -13.60 -8.27
N LYS A 70 -2.85 -12.74 -7.73
CA LYS A 70 -3.27 -11.42 -7.29
C LYS A 70 -4.19 -11.56 -6.09
N LEU A 71 -3.87 -12.54 -5.26
CA LEU A 71 -4.65 -12.86 -4.09
C LEU A 71 -4.51 -11.83 -2.99
N LYS A 72 -5.62 -11.49 -2.37
CA LYS A 72 -5.63 -10.54 -1.26
C LYS A 72 -5.09 -11.27 -0.04
N ILE A 73 -4.40 -10.56 0.84
CA ILE A 73 -3.84 -11.19 2.02
C ILE A 73 -4.25 -10.47 3.30
N SER A 74 -4.21 -11.21 4.41
CA SER A 74 -4.54 -10.69 5.72
C SER A 74 -3.44 -11.05 6.69
N VAL A 75 -2.73 -10.05 7.20
CA VAL A 75 -1.65 -10.29 8.15
C VAL A 75 -2.12 -10.06 9.58
N HIS A 76 -1.62 -10.86 10.49
CA HIS A 76 -2.01 -10.72 11.89
C HIS A 76 -0.84 -11.05 12.82
N ASP A 77 -0.96 -10.62 14.06
CA ASP A 77 0.05 -10.89 15.07
C ASP A 77 0.05 -12.37 15.39
N ILE A 78 1.16 -12.90 15.86
CA ILE A 78 1.25 -14.32 16.18
C ILE A 78 1.54 -14.54 17.66
N PRO B 1 9.46 14.76 -17.24
CA PRO B 1 9.85 16.19 -17.25
C PRO B 1 9.11 16.98 -16.16
N LEU B 2 7.82 16.71 -16.01
CA LEU B 2 7.01 17.39 -15.01
C LEU B 2 6.47 16.40 -13.98
N GLY B 3 5.57 15.53 -14.43
CA GLY B 3 4.99 14.53 -13.54
C GLY B 3 4.23 15.17 -12.39
N SER B 4 3.00 14.70 -12.16
CA SER B 4 2.21 15.21 -11.05
C SER B 4 1.08 14.28 -10.64
N ILE B 5 1.13 13.82 -9.40
CA ILE B 5 0.09 12.96 -8.87
C ILE B 5 -0.70 13.69 -7.79
N LEU B 6 -2.00 13.79 -7.99
CA LEU B 6 -2.85 14.46 -7.03
C LEU B 6 -3.31 13.49 -5.94
N PHE B 7 -2.90 13.75 -4.71
CA PHE B 7 -3.24 12.88 -3.60
C PHE B 7 -4.62 13.17 -3.02
N ARG B 8 -5.66 12.61 -3.63
CA ARG B 8 -6.99 12.77 -3.09
C ARG B 8 -6.95 12.24 -1.66
N ILE B 9 -7.04 13.10 -0.67
CA ILE B 9 -6.95 12.67 0.71
C ILE B 9 -8.24 12.96 1.46
N SER B 10 -8.90 11.92 1.94
CA SER B 10 -10.12 12.08 2.69
C SER B 10 -9.87 11.78 4.17
N TYR B 11 -9.60 12.82 4.95
CA TYR B 11 -9.34 12.65 6.37
C TYR B 11 -10.63 12.90 7.15
N ASN B 12 -11.07 11.91 7.91
CA ASN B 12 -12.32 12.02 8.67
C ASN B 12 -13.51 12.01 7.71
N SER B 13 -14.26 13.11 7.61
CA SER B 13 -15.39 13.17 6.70
C SER B 13 -15.24 14.36 5.76
N GLU B 14 -13.99 14.64 5.40
CA GLU B 14 -13.67 15.76 4.51
C GLU B 14 -12.67 15.31 3.44
N ILE B 15 -12.46 16.15 2.43
CA ILE B 15 -11.54 15.81 1.35
C ILE B 15 -10.51 16.90 1.10
N PHE B 16 -9.25 16.48 0.96
CA PHE B 16 -8.14 17.39 0.68
C PHE B 16 -7.29 16.78 -0.43
N THR B 17 -6.89 17.59 -1.39
CA THR B 17 -6.09 17.10 -2.51
C THR B 17 -4.69 17.71 -2.52
N LEU B 18 -3.67 16.88 -2.43
CA LEU B 18 -2.29 17.34 -2.40
C LEU B 18 -1.50 16.79 -3.60
N LEU B 19 -0.98 17.68 -4.43
CA LEU B 19 -0.22 17.27 -5.61
C LEU B 19 1.22 16.85 -5.27
N VAL B 20 1.65 15.76 -5.88
CA VAL B 20 2.99 15.23 -5.65
C VAL B 20 3.58 14.67 -6.94
N GLU B 21 4.64 15.30 -7.43
CA GLU B 21 5.29 14.87 -8.65
C GLU B 21 5.72 13.42 -8.56
N LYS B 22 5.58 12.70 -9.67
CA LYS B 22 5.95 11.29 -9.72
C LYS B 22 7.41 11.07 -9.35
N VAL B 23 8.20 12.15 -9.38
CA VAL B 23 9.62 12.07 -9.05
C VAL B 23 9.86 12.24 -7.56
N TRP B 24 8.79 12.57 -6.82
CA TRP B 24 8.90 12.77 -5.38
C TRP B 24 8.75 11.45 -4.62
N ASN B 25 9.57 11.27 -3.59
CA ASN B 25 9.52 10.07 -2.78
C ASN B 25 8.65 10.29 -1.54
N PHE B 26 8.40 9.22 -0.78
CA PHE B 26 7.55 9.29 0.41
C PHE B 26 7.65 10.62 1.13
N ASP B 27 8.85 11.17 1.26
CA ASP B 27 9.01 12.45 1.92
C ASP B 27 8.29 13.52 1.13
N ASP B 28 9.00 14.14 0.18
CA ASP B 28 8.42 15.18 -0.66
C ASP B 28 6.89 15.10 -0.75
N LEU B 29 6.38 13.90 -1.05
CA LEU B 29 4.95 13.71 -1.14
C LEU B 29 4.30 13.90 0.23
N ILE B 30 4.92 13.34 1.28
CA ILE B 30 4.43 13.52 2.64
C ILE B 30 4.59 14.99 2.98
N MET B 31 5.79 15.48 2.69
CA MET B 31 6.13 16.87 2.88
C MET B 31 5.03 17.70 2.23
N ALA B 32 4.53 17.16 1.10
CA ALA B 32 3.45 17.75 0.36
C ALA B 32 2.15 17.53 1.11
N ILE B 33 1.91 16.29 1.51
CA ILE B 33 0.72 15.93 2.24
C ILE B 33 0.59 16.79 3.48
N ASN B 34 1.57 16.72 4.36
CA ASN B 34 1.58 17.50 5.60
C ASN B 34 1.29 18.96 5.30
N SER B 35 1.68 19.39 4.10
CA SER B 35 1.46 20.77 3.66
C SER B 35 -0.01 21.02 3.34
N LYS B 36 -0.74 19.94 3.05
CA LYS B 36 -2.16 20.05 2.70
C LYS B 36 -3.08 19.46 3.77
N ILE B 37 -2.62 18.40 4.45
CA ILE B 37 -3.44 17.75 5.47
C ILE B 37 -3.41 18.47 6.80
N SER B 38 -2.28 19.09 7.15
CA SER B 38 -2.16 19.80 8.44
C SER B 38 -3.36 20.70 8.71
N ASN B 39 -4.13 21.01 7.68
CA ASN B 39 -5.32 21.85 7.85
C ASN B 39 -6.33 21.20 8.81
N THR B 40 -6.06 19.95 9.20
CA THR B 40 -6.93 19.24 10.11
C THR B 40 -6.63 19.64 11.55
N HIS B 41 -7.20 18.92 12.51
CA HIS B 41 -6.99 19.23 13.92
C HIS B 41 -6.90 17.95 14.76
N ILE B 42 -5.73 17.31 14.72
CA ILE B 42 -5.48 16.09 15.49
C ILE B 42 -3.98 15.79 15.55
N SER B 43 -3.31 15.96 14.42
CA SER B 43 -1.87 15.71 14.33
C SER B 43 -1.38 15.94 12.91
N PRO B 44 -0.06 16.16 12.74
CA PRO B 44 0.54 16.39 11.43
C PRO B 44 0.62 15.12 10.57
N ILE B 45 0.20 13.99 11.14
CA ILE B 45 0.22 12.72 10.43
C ILE B 45 1.64 12.38 9.98
N THR B 46 1.84 11.12 9.60
CA THR B 46 3.14 10.65 9.13
C THR B 46 2.99 9.37 8.31
N LYS B 47 1.74 9.05 7.95
CA LYS B 47 1.44 7.86 7.18
C LYS B 47 0.16 8.10 6.38
N ILE B 48 0.00 7.45 5.25
CA ILE B 48 -1.19 7.62 4.45
C ILE B 48 -1.77 6.29 3.97
N LYS B 49 -3.02 6.34 3.54
CA LYS B 49 -3.70 5.16 3.02
C LYS B 49 -4.03 5.40 1.55
N TYR B 50 -4.09 4.35 0.74
CA TYR B 50 -4.39 4.52 -0.68
C TYR B 50 -5.30 3.41 -1.19
N GLN B 51 -6.43 3.79 -1.78
CA GLN B 51 -7.39 2.82 -2.30
C GLN B 51 -6.80 2.04 -3.47
N ASP B 52 -6.77 0.72 -3.35
CA ASP B 52 -6.24 -0.13 -4.40
C ASP B 52 -7.35 -0.53 -5.37
N GLU B 53 -6.97 -1.24 -6.43
CA GLU B 53 -7.93 -1.69 -7.43
C GLU B 53 -8.89 -2.72 -6.83
N ASP B 54 -8.46 -3.36 -5.75
CA ASP B 54 -9.27 -4.36 -5.08
C ASP B 54 -10.60 -3.80 -4.61
N GLY B 55 -10.66 -2.48 -4.40
CA GLY B 55 -11.88 -1.86 -3.96
C GLY B 55 -11.86 -1.49 -2.49
N ASP B 56 -10.69 -1.63 -1.86
CA ASP B 56 -10.54 -1.29 -0.45
C ASP B 56 -9.48 -0.21 -0.28
N PHE B 57 -9.14 0.09 0.97
CA PHE B 57 -8.13 1.09 1.25
C PHE B 57 -6.95 0.46 1.95
N VAL B 58 -5.74 0.82 1.53
CA VAL B 58 -4.55 0.27 2.15
C VAL B 58 -3.61 1.37 2.62
N VAL B 59 -2.45 0.97 3.12
CA VAL B 59 -1.48 1.92 3.66
C VAL B 59 -0.33 2.17 2.69
N LEU B 60 0.43 3.23 2.97
CA LEU B 60 1.58 3.60 2.16
C LEU B 60 2.52 4.49 2.98
N GLY B 61 3.69 3.95 3.31
CA GLY B 61 4.65 4.70 4.10
C GLY B 61 6.04 4.15 3.96
N SER B 62 6.35 3.60 2.79
CA SER B 62 7.66 3.04 2.53
C SER B 62 8.14 3.39 1.13
N ASP B 63 9.44 3.32 0.91
CA ASP B 63 10.01 3.61 -0.39
C ASP B 63 9.56 2.57 -1.39
N GLU B 64 9.45 1.34 -0.95
CA GLU B 64 9.01 0.25 -1.81
C GLU B 64 7.55 0.41 -2.20
N ASP B 65 6.69 0.63 -1.20
CA ASP B 65 5.27 0.82 -1.44
C ASP B 65 5.06 2.05 -2.31
N TRP B 66 5.96 3.01 -2.15
CA TRP B 66 5.91 4.24 -2.93
C TRP B 66 6.04 3.93 -4.42
N ASN B 67 6.95 3.01 -4.77
CA ASN B 67 7.13 2.61 -6.17
C ASN B 67 5.86 1.94 -6.67
N VAL B 68 5.20 1.23 -5.76
CA VAL B 68 3.97 0.52 -6.07
C VAL B 68 2.88 1.51 -6.40
N ALA B 69 2.90 2.63 -5.70
CA ALA B 69 1.93 3.68 -5.89
C ALA B 69 2.02 4.27 -7.29
N LYS B 70 3.24 4.64 -7.67
CA LYS B 70 3.47 5.21 -8.99
C LYS B 70 3.22 4.17 -10.08
N GLU B 71 3.64 2.94 -9.81
CA GLU B 71 3.45 1.85 -10.75
C GLU B 71 1.98 1.48 -10.83
N MET B 72 1.37 1.20 -9.69
CA MET B 72 -0.05 0.86 -9.63
C MET B 72 -0.84 1.90 -10.40
N LEU B 73 -0.38 3.14 -10.30
CA LEU B 73 -0.99 4.26 -11.01
C LEU B 73 -0.60 4.19 -12.47
N ALA B 74 0.68 3.96 -12.72
CA ALA B 74 1.22 3.83 -14.07
C ALA B 74 0.29 3.05 -14.97
N GLU B 75 -0.17 1.93 -14.46
CA GLU B 75 -1.06 1.04 -15.18
C GLU B 75 -2.26 1.79 -15.75
N ASN B 76 -2.67 2.82 -15.04
CA ASN B 76 -3.80 3.65 -15.45
C ASN B 76 -3.33 5.04 -15.81
N ASN B 77 -2.10 5.35 -15.43
CA ASN B 77 -1.48 6.64 -15.69
C ASN B 77 -2.44 7.80 -15.46
N GLU B 78 -3.38 7.62 -14.53
CA GLU B 78 -4.35 8.67 -14.22
C GLU B 78 -3.64 9.87 -13.63
N LYS B 79 -2.40 9.68 -13.19
CA LYS B 79 -1.63 10.75 -12.59
C LYS B 79 -2.32 11.29 -11.36
N PHE B 80 -3.07 10.42 -10.68
CA PHE B 80 -3.78 10.79 -9.46
C PHE B 80 -3.66 9.70 -8.42
N LEU B 81 -4.04 10.00 -7.19
CA LEU B 81 -3.94 9.04 -6.09
C LEU B 81 -5.11 9.17 -5.13
N ASN B 82 -5.79 8.06 -4.85
CA ASN B 82 -6.92 8.07 -3.92
C ASN B 82 -6.41 7.75 -2.51
N ILE B 83 -6.02 8.81 -1.81
CA ILE B 83 -5.49 8.68 -0.45
C ILE B 83 -6.57 8.93 0.59
N ARG B 84 -6.33 8.45 1.81
CA ARG B 84 -7.28 8.64 2.90
C ARG B 84 -6.56 8.64 4.25
N LEU B 85 -6.88 9.62 5.08
CA LEU B 85 -6.26 9.74 6.39
C LEU B 85 -7.23 9.30 7.48
N TYR B 86 -6.80 8.33 8.27
CA TYR B 86 -7.63 7.80 9.36
C TYR B 86 -8.97 7.30 8.84
N PRO A 1 14.54 -8.88 -15.77
CA PRO A 1 13.86 -8.35 -16.98
C PRO A 1 12.59 -7.59 -16.62
N HIS A 2 12.74 -6.29 -16.35
CA HIS A 2 11.60 -5.45 -15.99
C HIS A 2 10.92 -5.97 -14.73
N MET A 3 11.37 -5.50 -13.58
CA MET A 3 10.81 -5.93 -12.31
C MET A 3 9.47 -5.23 -12.05
N LYS A 4 8.51 -5.46 -12.92
CA LYS A 4 7.18 -4.86 -12.79
C LYS A 4 6.51 -5.30 -11.49
N THR A 5 6.93 -6.44 -10.98
CA THR A 5 6.39 -6.97 -9.74
C THR A 5 4.88 -7.08 -9.79
N THR A 6 4.32 -7.65 -8.73
CA THR A 6 2.89 -7.84 -8.61
C THR A 6 2.30 -6.86 -7.60
N LYS A 7 1.02 -6.58 -7.72
CA LYS A 7 0.36 -5.69 -6.80
C LYS A 7 -0.56 -6.48 -5.88
N ILE A 8 -0.02 -6.86 -4.73
CA ILE A 8 -0.78 -7.63 -3.74
C ILE A 8 -0.95 -6.84 -2.47
N LYS A 9 -2.15 -6.88 -1.91
CA LYS A 9 -2.42 -6.16 -0.68
C LYS A 9 -2.39 -7.11 0.51
N PHE A 10 -2.58 -6.55 1.69
CA PHE A 10 -2.60 -7.33 2.93
C PHE A 10 -3.44 -6.60 3.97
N TYR A 11 -3.92 -7.32 4.97
CA TYR A 11 -4.77 -6.72 6.00
C TYR A 11 -4.21 -7.01 7.39
N TYR A 12 -3.96 -5.98 8.18
CA TYR A 12 -3.46 -6.16 9.53
C TYR A 12 -4.44 -5.59 10.55
N LYS A 13 -5.06 -6.48 11.32
CA LYS A 13 -6.02 -6.08 12.34
C LYS A 13 -7.18 -5.30 11.73
N ASP A 14 -6.93 -4.03 11.41
CA ASP A 14 -7.94 -3.17 10.82
C ASP A 14 -7.33 -2.25 9.75
N ASP A 15 -6.15 -2.62 9.27
CA ASP A 15 -5.48 -1.83 8.24
C ASP A 15 -5.07 -2.70 7.06
N ILE A 16 -5.00 -2.11 5.88
CA ILE A 16 -4.63 -2.84 4.67
C ILE A 16 -3.36 -2.27 4.06
N PHE A 17 -2.36 -3.09 3.77
CA PHE A 17 -1.13 -2.58 3.17
C PHE A 17 -1.05 -3.08 1.71
N ALA A 18 -0.09 -2.54 0.96
CA ALA A 18 0.07 -2.93 -0.44
C ALA A 18 1.55 -3.09 -0.79
N LEU A 19 1.90 -4.22 -1.39
CA LEU A 19 3.29 -4.49 -1.74
C LEU A 19 3.47 -4.92 -3.19
N MET A 20 4.73 -5.14 -3.56
CA MET A 20 5.09 -5.54 -4.90
C MET A 20 6.04 -6.75 -4.88
N LEU A 21 5.58 -7.90 -5.37
CA LEU A 21 6.40 -9.11 -5.39
C LEU A 21 6.67 -9.59 -6.82
N LYS A 22 7.94 -9.79 -7.16
CA LYS A 22 8.28 -10.26 -8.50
C LYS A 22 7.69 -11.64 -8.75
N GLY A 23 7.80 -12.12 -9.99
CA GLY A 23 7.26 -13.42 -10.34
C GLY A 23 8.04 -14.59 -9.78
N ASP A 24 8.88 -14.35 -8.78
CA ASP A 24 9.67 -15.43 -8.16
C ASP A 24 9.81 -15.21 -6.66
N THR A 25 9.01 -14.31 -6.11
CA THR A 25 9.04 -14.00 -4.69
C THR A 25 8.77 -15.22 -3.81
N THR A 26 9.54 -15.32 -2.73
CA THR A 26 9.39 -16.40 -1.77
C THR A 26 8.54 -15.91 -0.62
N TYR A 27 8.14 -16.81 0.27
CA TYR A 27 7.36 -16.42 1.42
C TYR A 27 8.14 -15.39 2.24
N LYS A 28 9.29 -15.81 2.74
CA LYS A 28 10.15 -14.92 3.54
C LYS A 28 10.18 -13.54 2.92
N GLU A 29 10.29 -13.51 1.59
CA GLU A 29 10.30 -12.26 0.87
C GLU A 29 8.98 -11.53 1.13
N LEU A 30 7.89 -12.22 0.85
CA LEU A 30 6.57 -11.67 1.05
C LEU A 30 6.42 -11.18 2.50
N ARG A 31 6.88 -12.01 3.44
CA ARG A 31 6.80 -11.67 4.85
C ARG A 31 7.64 -10.43 5.19
N SER A 32 8.89 -10.40 4.73
CA SER A 32 9.77 -9.27 4.99
C SER A 32 9.14 -7.96 4.48
N LYS A 33 8.27 -8.12 3.50
CA LYS A 33 7.59 -7.00 2.87
C LYS A 33 6.55 -6.39 3.80
N ILE A 34 5.73 -7.26 4.39
CA ILE A 34 4.66 -6.85 5.27
C ILE A 34 5.17 -6.35 6.62
N ALA A 35 6.26 -6.92 7.09
CA ALA A 35 6.82 -6.54 8.38
C ALA A 35 7.03 -5.04 8.49
N PRO A 36 7.81 -4.45 7.57
CA PRO A 36 8.09 -3.02 7.58
C PRO A 36 6.81 -2.19 7.50
N ARG A 37 5.73 -2.83 7.05
CA ARG A 37 4.45 -2.16 6.95
C ARG A 37 3.74 -2.18 8.29
N ILE A 38 3.75 -3.33 8.93
CA ILE A 38 3.12 -3.51 10.24
C ILE A 38 3.92 -2.79 11.32
N ASP A 39 3.55 -3.08 12.56
CA ASP A 39 4.23 -2.53 13.71
C ASP A 39 4.87 -3.65 14.51
N THR A 40 5.07 -4.79 13.84
CA THR A 40 5.65 -5.97 14.47
C THR A 40 6.55 -6.75 13.51
N ASP A 41 7.43 -7.55 14.09
CA ASP A 41 8.31 -8.42 13.31
C ASP A 41 7.84 -9.87 13.49
N ASN A 42 6.73 -9.99 14.21
CA ASN A 42 6.07 -11.25 14.46
C ASN A 42 4.64 -11.14 13.97
N PHE A 43 4.46 -11.43 12.69
CA PHE A 43 3.19 -11.31 12.01
C PHE A 43 3.04 -12.44 11.02
N LYS A 44 1.81 -12.84 10.78
CA LYS A 44 1.56 -13.89 9.82
C LYS A 44 0.78 -13.32 8.65
N LEU A 45 0.81 -14.00 7.52
CA LEU A 45 0.08 -13.57 6.34
C LEU A 45 -0.84 -14.70 5.88
N GLN A 46 -1.98 -14.34 5.35
CA GLN A 46 -2.93 -15.33 4.87
C GLN A 46 -3.75 -14.78 3.72
N THR A 47 -3.99 -15.61 2.72
CA THR A 47 -4.79 -15.21 1.57
C THR A 47 -6.21 -14.89 2.03
N LYS A 48 -6.61 -13.64 1.89
CA LYS A 48 -7.93 -13.22 2.30
C LYS A 48 -8.94 -13.33 1.16
N LEU A 49 -10.05 -14.02 1.42
CA LEU A 49 -11.08 -14.21 0.42
C LEU A 49 -12.46 -13.92 1.00
N PHE A 50 -13.51 -14.16 0.20
CA PHE A 50 -14.90 -13.91 0.62
C PHE A 50 -15.13 -14.17 2.10
N ASP A 51 -14.45 -15.17 2.65
CA ASP A 51 -14.59 -15.49 4.06
C ASP A 51 -13.66 -14.62 4.89
N GLY A 52 -12.41 -14.56 4.46
CA GLY A 52 -11.42 -13.81 5.18
C GLY A 52 -10.57 -14.73 6.01
N SER A 53 -10.77 -16.03 5.81
CA SER A 53 -10.05 -17.07 6.53
C SER A 53 -9.45 -18.03 5.53
N GLY A 54 -8.61 -17.50 4.65
CA GLY A 54 -7.97 -18.34 3.65
C GLY A 54 -6.80 -19.11 4.22
N GLU A 55 -5.78 -19.32 3.40
CA GLU A 55 -4.59 -20.03 3.83
C GLU A 55 -3.54 -19.05 4.32
N GLU A 56 -2.72 -19.50 5.26
CA GLU A 56 -1.66 -18.67 5.80
C GLU A 56 -0.40 -18.82 4.97
N ILE A 57 0.01 -17.74 4.32
CA ILE A 57 1.21 -17.79 3.48
C ILE A 57 2.45 -17.97 4.32
N LYS A 58 2.93 -19.19 4.35
CA LYS A 58 4.13 -19.52 5.09
C LYS A 58 5.17 -20.08 4.15
N THR A 59 4.72 -20.62 3.01
CA THR A 59 5.62 -21.23 2.05
C THR A 59 5.60 -20.46 0.74
N ASP A 60 6.70 -20.55 0.02
CA ASP A 60 6.86 -19.84 -1.24
C ASP A 60 5.76 -20.18 -2.26
N SER A 61 5.35 -21.44 -2.31
CA SER A 61 4.33 -21.86 -3.28
C SER A 61 3.03 -21.10 -3.14
N GLN A 62 2.79 -20.49 -1.99
CA GLN A 62 1.55 -19.74 -1.79
C GLN A 62 1.77 -18.26 -2.07
N VAL A 63 2.62 -17.65 -1.26
CA VAL A 63 2.95 -16.25 -1.39
C VAL A 63 3.14 -15.91 -2.86
N SER A 64 3.95 -16.72 -3.52
CA SER A 64 4.19 -16.55 -4.93
C SER A 64 2.85 -16.55 -5.64
N ASN A 65 2.15 -17.67 -5.53
CA ASN A 65 0.83 -17.85 -6.13
C ASN A 65 -0.08 -16.67 -5.85
N ILE A 66 0.15 -16.00 -4.74
CA ILE A 66 -0.64 -14.84 -4.39
C ILE A 66 -0.23 -13.67 -5.26
N ILE A 67 1.05 -13.65 -5.62
CA ILE A 67 1.59 -12.60 -6.49
C ILE A 67 1.15 -12.84 -7.93
N GLN A 68 0.98 -14.11 -8.25
CA GLN A 68 0.56 -14.53 -9.57
C GLN A 68 -0.95 -14.47 -9.66
N ALA A 69 -1.56 -15.22 -8.76
CA ALA A 69 -2.99 -15.31 -8.64
C ALA A 69 -3.61 -13.96 -8.27
N LYS A 70 -2.76 -13.06 -7.76
CA LYS A 70 -3.22 -11.74 -7.34
C LYS A 70 -4.13 -11.89 -6.14
N LEU A 71 -3.79 -12.84 -5.29
CA LEU A 71 -4.55 -13.15 -4.09
C LEU A 71 -4.42 -12.08 -3.03
N LYS A 72 -5.55 -11.73 -2.43
CA LYS A 72 -5.56 -10.76 -1.35
C LYS A 72 -5.02 -11.45 -0.10
N ILE A 73 -4.36 -10.70 0.76
CA ILE A 73 -3.79 -11.29 1.97
C ILE A 73 -4.22 -10.55 3.23
N SER A 74 -4.15 -11.26 4.35
CA SER A 74 -4.50 -10.71 5.64
C SER A 74 -3.38 -11.04 6.63
N VAL A 75 -2.68 -10.01 7.11
CA VAL A 75 -1.60 -10.21 8.06
C VAL A 75 -2.08 -9.95 9.48
N HIS A 76 -1.55 -10.72 10.42
CA HIS A 76 -1.94 -10.55 11.82
C HIS A 76 -0.77 -10.82 12.74
N ASP A 77 -0.91 -10.37 13.98
CA ASP A 77 0.12 -10.59 14.99
C ASP A 77 0.14 -12.06 15.34
N ILE A 78 1.26 -12.55 15.84
CA ILE A 78 1.38 -13.96 16.18
C ILE A 78 1.68 -14.14 17.66
N PRO B 1 7.88 11.09 -13.76
CA PRO B 1 9.03 11.59 -14.56
C PRO B 1 8.71 12.93 -15.22
N LEU B 2 7.48 13.08 -15.69
CA LEU B 2 7.05 14.31 -16.35
C LEU B 2 5.59 14.59 -16.04
N GLY B 3 5.18 14.27 -14.82
CA GLY B 3 3.80 14.50 -14.42
C GLY B 3 3.64 14.51 -12.91
N SER B 4 2.63 15.23 -12.44
CA SER B 4 2.38 15.34 -11.00
C SER B 4 1.15 14.53 -10.58
N ILE B 5 1.21 14.00 -9.37
CA ILE B 5 0.11 13.20 -8.83
C ILE B 5 -0.66 13.98 -7.78
N LEU B 6 -1.98 14.05 -7.95
CA LEU B 6 -2.82 14.73 -7.00
C LEU B 6 -3.26 13.77 -5.91
N PHE B 7 -2.89 14.06 -4.67
CA PHE B 7 -3.23 13.19 -3.55
C PHE B 7 -4.60 13.47 -2.97
N ARG B 8 -5.62 12.81 -3.52
CA ARG B 8 -6.95 12.96 -2.98
C ARG B 8 -6.91 12.43 -1.55
N ILE B 9 -7.02 13.31 -0.57
CA ILE B 9 -6.94 12.90 0.82
C ILE B 9 -8.23 13.23 1.55
N SER B 10 -8.88 12.20 2.09
CA SER B 10 -10.11 12.41 2.81
C SER B 10 -9.90 12.21 4.31
N TYR B 11 -9.70 13.32 5.02
CA TYR B 11 -9.49 13.27 6.46
C TYR B 11 -10.81 13.52 7.18
N ASN B 12 -11.29 12.52 7.91
CA ASN B 12 -12.57 12.64 8.60
C ASN B 12 -13.70 12.59 7.57
N SER B 13 -14.47 13.67 7.41
CA SER B 13 -15.54 13.70 6.43
C SER B 13 -15.32 14.85 5.46
N GLU B 14 -14.05 15.15 5.19
CA GLU B 14 -13.68 16.23 4.28
C GLU B 14 -12.61 15.75 3.30
N ILE B 15 -12.37 16.54 2.25
CA ILE B 15 -11.38 16.15 1.24
C ILE B 15 -10.32 17.22 1.02
N PHE B 16 -9.07 16.77 0.96
CA PHE B 16 -7.93 17.64 0.70
C PHE B 16 -7.05 16.99 -0.36
N THR B 17 -6.63 17.77 -1.35
CA THR B 17 -5.82 17.24 -2.44
C THR B 17 -4.42 17.86 -2.44
N LEU B 18 -3.40 17.02 -2.28
CA LEU B 18 -2.01 17.47 -2.23
C LEU B 18 -1.23 16.96 -3.45
N LEU B 19 -0.81 17.88 -4.32
CA LEU B 19 -0.07 17.51 -5.52
C LEU B 19 1.35 17.05 -5.20
N VAL B 20 1.78 15.96 -5.85
CA VAL B 20 3.11 15.42 -5.61
C VAL B 20 3.74 14.83 -6.88
N GLU B 21 4.81 15.45 -7.35
CA GLU B 21 5.49 14.98 -8.56
C GLU B 21 5.95 13.54 -8.38
N LYS B 22 5.93 12.78 -9.47
CA LYS B 22 6.34 11.37 -9.43
C LYS B 22 7.78 11.22 -8.93
N VAL B 23 8.52 12.31 -8.88
CA VAL B 23 9.91 12.27 -8.42
C VAL B 23 9.99 12.39 -6.90
N TRP B 24 8.85 12.60 -6.27
CA TRP B 24 8.80 12.74 -4.81
C TRP B 24 8.53 11.39 -4.14
N ASN B 25 9.44 10.98 -3.27
CA ASN B 25 9.28 9.71 -2.55
C ASN B 25 8.16 9.83 -1.51
N PHE B 26 7.77 8.71 -0.92
CA PHE B 26 6.69 8.72 0.06
C PHE B 26 6.95 9.67 1.22
N ASP B 27 8.20 10.08 1.41
CA ASP B 27 8.54 11.00 2.49
C ASP B 27 8.70 12.41 1.96
N ASP B 28 8.29 12.64 0.72
CA ASP B 28 8.27 13.97 0.17
C ASP B 28 6.81 14.25 0.00
N LEU B 29 6.18 13.38 -0.79
CA LEU B 29 4.75 13.46 -0.99
C LEU B 29 4.10 13.56 0.40
N ILE B 30 4.76 12.96 1.40
CA ILE B 30 4.30 13.05 2.77
C ILE B 30 4.56 14.49 3.20
N MET B 31 5.83 14.88 3.11
CA MET B 31 6.21 16.26 3.41
C MET B 31 5.19 17.20 2.75
N ALA B 32 4.72 16.76 1.58
CA ALA B 32 3.72 17.47 0.80
C ALA B 32 2.36 17.30 1.46
N ILE B 33 2.02 16.06 1.76
CA ILE B 33 0.76 15.73 2.41
C ILE B 33 0.60 16.55 3.69
N ASN B 34 1.56 16.42 4.59
CA ASN B 34 1.52 17.16 5.86
C ASN B 34 1.28 18.64 5.59
N SER B 35 1.79 19.10 4.46
CA SER B 35 1.63 20.50 4.07
C SER B 35 0.17 20.82 3.76
N LYS B 36 -0.58 19.81 3.32
CA LYS B 36 -1.98 20.00 2.95
C LYS B 36 -2.96 19.38 3.95
N ILE B 37 -2.55 18.31 4.63
CA ILE B 37 -3.45 17.63 5.57
C ILE B 37 -3.44 18.27 6.96
N SER B 38 -2.31 18.83 7.37
CA SER B 38 -2.22 19.46 8.70
C SER B 38 -3.35 20.46 8.93
N ASN B 39 -4.05 20.82 7.86
CA ASN B 39 -5.17 21.76 7.95
C ASN B 39 -6.37 21.13 8.66
N THR B 40 -6.24 19.87 9.04
CA THR B 40 -7.31 19.15 9.72
C THR B 40 -7.41 19.57 11.19
N HIS B 41 -6.32 20.11 11.74
CA HIS B 41 -6.30 20.53 13.13
C HIS B 41 -6.37 19.34 14.08
N ILE B 42 -5.31 18.55 14.09
CA ILE B 42 -5.26 17.36 14.95
C ILE B 42 -3.83 16.99 15.31
N SER B 43 -2.98 16.81 14.31
CA SER B 43 -1.58 16.46 14.53
C SER B 43 -0.92 16.02 13.22
N PRO B 44 0.38 16.32 13.04
CA PRO B 44 1.11 15.94 11.83
C PRO B 44 1.09 14.43 11.59
N ILE B 45 0.44 14.02 10.52
CA ILE B 45 0.35 12.60 10.17
C ILE B 45 1.71 12.05 9.79
N THR B 46 1.81 10.72 9.70
CA THR B 46 3.06 10.06 9.35
C THR B 46 2.84 8.87 8.41
N LYS B 47 1.57 8.49 8.23
CA LYS B 47 1.23 7.37 7.36
C LYS B 47 -0.07 7.66 6.63
N ILE B 48 -0.14 7.27 5.36
CA ILE B 48 -1.35 7.50 4.57
C ILE B 48 -1.93 6.20 4.05
N LYS B 49 -3.21 6.25 3.69
CA LYS B 49 -3.91 5.11 3.14
C LYS B 49 -4.25 5.41 1.69
N TYR B 50 -4.29 4.40 0.84
CA TYR B 50 -4.61 4.62 -0.57
C TYR B 50 -5.48 3.51 -1.13
N GLN B 51 -6.59 3.89 -1.76
CA GLN B 51 -7.50 2.92 -2.34
C GLN B 51 -6.86 2.16 -3.49
N ASP B 52 -6.91 0.84 -3.42
CA ASP B 52 -6.35 0.00 -4.48
C ASP B 52 -7.43 -0.43 -5.46
N GLU B 53 -7.01 -1.12 -6.52
CA GLU B 53 -7.95 -1.58 -7.54
C GLU B 53 -8.91 -2.62 -6.96
N ASP B 54 -8.50 -3.26 -5.87
CA ASP B 54 -9.31 -4.27 -5.22
C ASP B 54 -10.64 -3.70 -4.74
N GLY B 55 -10.70 -2.38 -4.54
CA GLY B 55 -11.92 -1.76 -4.08
C GLY B 55 -11.90 -1.45 -2.60
N ASP B 56 -10.74 -1.58 -1.97
CA ASP B 56 -10.58 -1.30 -0.56
C ASP B 56 -9.54 -0.21 -0.35
N PHE B 57 -9.22 0.07 0.90
CA PHE B 57 -8.22 1.08 1.23
C PHE B 57 -7.03 0.44 1.91
N VAL B 58 -5.84 0.76 1.44
CA VAL B 58 -4.62 0.22 2.03
C VAL B 58 -3.71 1.34 2.52
N VAL B 59 -2.55 0.97 3.04
CA VAL B 59 -1.59 1.93 3.58
C VAL B 59 -0.45 2.20 2.61
N LEU B 60 0.26 3.29 2.86
CA LEU B 60 1.41 3.67 2.04
C LEU B 60 2.35 4.55 2.84
N GLY B 61 3.52 4.01 3.17
CA GLY B 61 4.49 4.78 3.92
C GLY B 61 5.89 4.24 3.77
N SER B 62 6.23 3.77 2.57
CA SER B 62 7.56 3.23 2.31
C SER B 62 7.90 3.32 0.83
N ASP B 63 9.20 3.16 0.53
CA ASP B 63 9.68 3.20 -0.85
C ASP B 63 9.12 2.04 -1.66
N GLU B 64 8.97 0.90 -0.99
CA GLU B 64 8.44 -0.29 -1.64
C GLU B 64 7.03 -0.06 -2.12
N ASP B 65 6.17 0.38 -1.20
CA ASP B 65 4.77 0.67 -1.52
C ASP B 65 4.69 1.89 -2.42
N TRP B 66 5.59 2.85 -2.19
CA TRP B 66 5.64 4.07 -2.97
C TRP B 66 5.75 3.75 -4.47
N ASN B 67 6.59 2.77 -4.79
CA ASN B 67 6.78 2.36 -6.18
C ASN B 67 5.53 1.66 -6.69
N VAL B 68 4.84 0.98 -5.79
CA VAL B 68 3.62 0.28 -6.12
C VAL B 68 2.53 1.28 -6.47
N ALA B 69 2.53 2.38 -5.75
CA ALA B 69 1.56 3.45 -5.95
C ALA B 69 1.70 4.06 -7.35
N LYS B 70 2.92 4.41 -7.70
CA LYS B 70 3.19 5.02 -9.00
C LYS B 70 2.95 4.00 -10.10
N GLU B 71 3.44 2.79 -9.88
CA GLU B 71 3.27 1.72 -10.85
C GLU B 71 1.79 1.39 -11.01
N MET B 72 1.12 1.13 -9.87
CA MET B 72 -0.30 0.84 -9.89
C MET B 72 -1.03 1.92 -10.66
N LEU B 73 -0.55 3.15 -10.51
CA LEU B 73 -1.09 4.28 -11.20
C LEU B 73 -0.72 4.19 -12.68
N ALA B 74 0.56 3.89 -12.93
CA ALA B 74 1.09 3.74 -14.28
C ALA B 74 0.11 3.06 -15.23
N GLU B 75 -0.47 1.97 -14.74
CA GLU B 75 -1.41 1.19 -15.51
C GLU B 75 -2.54 2.03 -16.05
N ASN B 76 -2.90 3.05 -15.29
CA ASN B 76 -3.97 3.96 -15.68
C ASN B 76 -3.42 5.35 -15.94
N ASN B 77 -2.19 5.58 -15.48
CA ASN B 77 -1.51 6.86 -15.64
C ASN B 77 -2.45 8.02 -15.39
N GLU B 78 -3.44 7.82 -14.52
CA GLU B 78 -4.41 8.87 -14.22
C GLU B 78 -3.72 10.13 -13.70
N LYS B 79 -2.61 9.95 -13.00
CA LYS B 79 -1.84 11.07 -12.45
C LYS B 79 -2.49 11.63 -11.19
N PHE B 80 -3.16 10.76 -10.45
CA PHE B 80 -3.80 11.14 -9.20
C PHE B 80 -3.61 10.06 -8.15
N LEU B 81 -4.18 10.26 -6.97
CA LEU B 81 -4.04 9.30 -5.88
C LEU B 81 -5.22 9.37 -4.92
N ASN B 82 -5.85 8.22 -4.67
CA ASN B 82 -6.96 8.15 -3.74
C ASN B 82 -6.43 7.87 -2.34
N ILE B 83 -6.11 8.93 -1.62
CA ILE B 83 -5.58 8.83 -0.27
C ILE B 83 -6.65 9.13 0.78
N ARG B 84 -6.41 8.70 2.02
CA ARG B 84 -7.36 8.94 3.11
C ARG B 84 -6.66 8.94 4.47
N LEU B 85 -7.04 9.87 5.32
CA LEU B 85 -6.47 9.97 6.67
C LEU B 85 -7.56 9.70 7.71
N TYR B 86 -7.34 8.66 8.52
CA TYR B 86 -8.29 8.29 9.55
C TYR B 86 -8.33 9.35 10.65
N PRO A 1 8.18 1.10 -14.82
CA PRO A 1 8.79 -0.25 -14.62
C PRO A 1 9.57 -0.32 -13.31
N HIS A 2 10.74 0.31 -13.29
CA HIS A 2 11.58 0.33 -12.10
C HIS A 2 12.17 -1.06 -11.82
N MET A 3 11.29 -1.99 -11.46
CA MET A 3 11.70 -3.36 -11.16
C MET A 3 10.48 -4.27 -11.09
N LYS A 4 9.72 -4.33 -12.19
CA LYS A 4 8.52 -5.16 -12.27
C LYS A 4 7.87 -5.35 -10.90
N THR A 5 7.28 -6.54 -10.68
CA THR A 5 6.62 -6.90 -9.41
C THR A 5 5.12 -6.92 -9.52
N THR A 6 4.49 -7.41 -8.45
CA THR A 6 3.05 -7.52 -8.38
C THR A 6 2.48 -6.59 -7.32
N LYS A 7 1.21 -6.24 -7.49
CA LYS A 7 0.53 -5.38 -6.54
C LYS A 7 -0.39 -6.22 -5.66
N ILE A 8 0.13 -6.66 -4.51
CA ILE A 8 -0.65 -7.47 -3.59
C ILE A 8 -0.83 -6.74 -2.28
N LYS A 9 -2.06 -6.74 -1.76
CA LYS A 9 -2.36 -6.07 -0.52
C LYS A 9 -2.35 -7.06 0.64
N PHE A 10 -2.50 -6.54 1.85
CA PHE A 10 -2.53 -7.36 3.04
C PHE A 10 -3.37 -6.64 4.10
N TYR A 11 -3.89 -7.40 5.07
CA TYR A 11 -4.73 -6.82 6.11
C TYR A 11 -4.18 -7.17 7.49
N TYR A 12 -3.91 -6.17 8.31
CA TYR A 12 -3.43 -6.41 9.67
C TYR A 12 -4.42 -5.87 10.69
N LYS A 13 -5.06 -6.78 11.41
CA LYS A 13 -6.04 -6.42 12.44
C LYS A 13 -7.17 -5.57 11.84
N ASP A 14 -6.88 -4.29 11.58
CA ASP A 14 -7.88 -3.40 11.01
C ASP A 14 -7.22 -2.45 10.00
N ASP A 15 -6.04 -2.82 9.51
CA ASP A 15 -5.33 -2.01 8.54
C ASP A 15 -4.95 -2.83 7.31
N ILE A 16 -4.89 -2.18 6.16
CA ILE A 16 -4.55 -2.85 4.91
C ILE A 16 -3.27 -2.28 4.31
N PHE A 17 -2.27 -3.11 4.03
CA PHE A 17 -1.03 -2.62 3.42
C PHE A 17 -0.89 -3.20 2.00
N ALA A 18 0.03 -2.62 1.21
CA ALA A 18 0.25 -3.08 -0.16
C ALA A 18 1.75 -3.21 -0.46
N LEU A 19 2.12 -4.26 -1.18
CA LEU A 19 3.51 -4.51 -1.49
C LEU A 19 3.72 -4.91 -2.95
N MET A 20 4.99 -5.10 -3.30
CA MET A 20 5.37 -5.47 -4.67
C MET A 20 6.29 -6.69 -4.67
N LEU A 21 5.79 -7.82 -5.17
CA LEU A 21 6.58 -9.05 -5.21
C LEU A 21 6.87 -9.47 -6.65
N LYS A 22 8.15 -9.66 -6.99
CA LYS A 22 8.51 -10.07 -8.33
C LYS A 22 7.91 -11.42 -8.67
N GLY A 23 8.00 -11.81 -9.94
CA GLY A 23 7.44 -13.07 -10.38
C GLY A 23 8.17 -14.30 -9.85
N ASP A 24 9.02 -14.13 -8.83
CA ASP A 24 9.75 -15.25 -8.26
C ASP A 24 9.87 -15.11 -6.74
N THR A 25 9.08 -14.21 -6.17
CA THR A 25 9.09 -13.96 -4.75
C THR A 25 8.79 -15.20 -3.92
N THR A 26 9.53 -15.36 -2.84
CA THR A 26 9.35 -16.47 -1.92
C THR A 26 8.52 -16.01 -0.74
N TYR A 27 8.08 -16.93 0.11
CA TYR A 27 7.30 -16.56 1.28
C TYR A 27 8.12 -15.59 2.12
N LYS A 28 9.27 -16.06 2.60
CA LYS A 28 10.15 -15.24 3.42
C LYS A 28 10.22 -13.84 2.88
N GLU A 29 10.30 -13.73 1.55
CA GLU A 29 10.33 -12.45 0.89
C GLU A 29 9.05 -11.71 1.21
N LEU A 30 7.93 -12.36 0.90
CA LEU A 30 6.61 -11.80 1.14
C LEU A 30 6.49 -11.38 2.61
N ARG A 31 6.89 -12.26 3.51
CA ARG A 31 6.83 -11.97 4.94
C ARG A 31 7.69 -10.75 5.32
N SER A 32 8.93 -10.72 4.85
CA SER A 32 9.82 -9.60 5.16
C SER A 32 9.23 -8.28 4.68
N LYS A 33 8.34 -8.38 3.70
CA LYS A 33 7.68 -7.22 3.12
C LYS A 33 6.64 -6.63 4.05
N ILE A 34 5.82 -7.51 4.61
CA ILE A 34 4.74 -7.11 5.50
C ILE A 34 5.23 -6.68 6.87
N ALA A 35 6.31 -7.28 7.32
CA ALA A 35 6.87 -6.96 8.63
C ALA A 35 7.11 -5.47 8.81
N PRO A 36 7.92 -4.87 7.92
CA PRO A 36 8.23 -3.45 7.99
C PRO A 36 6.98 -2.58 7.92
N ARG A 37 5.88 -3.17 7.47
CA ARG A 37 4.61 -2.46 7.38
C ARG A 37 3.90 -2.53 8.72
N ILE A 38 3.86 -3.73 9.30
CA ILE A 38 3.22 -3.94 10.59
C ILE A 38 4.01 -3.30 11.71
N ASP A 39 3.62 -3.63 12.93
CA ASP A 39 4.30 -3.14 14.11
C ASP A 39 4.92 -4.32 14.87
N THR A 40 5.09 -5.43 14.15
CA THR A 40 5.64 -6.64 14.73
C THR A 40 6.51 -7.41 13.75
N ASP A 41 7.38 -8.25 14.30
CA ASP A 41 8.25 -9.10 13.49
C ASP A 41 7.74 -10.54 13.59
N ASN A 42 6.63 -10.67 14.31
CA ASN A 42 5.94 -11.93 14.50
C ASN A 42 4.51 -11.74 14.00
N PHE A 43 4.35 -11.98 12.72
CA PHE A 43 3.08 -11.81 12.03
C PHE A 43 2.92 -12.89 10.98
N LYS A 44 1.69 -13.27 10.72
CA LYS A 44 1.42 -14.27 9.71
C LYS A 44 0.67 -13.63 8.56
N LEU A 45 0.72 -14.26 7.41
CA LEU A 45 0.01 -13.77 6.23
C LEU A 45 -0.91 -14.85 5.72
N GLN A 46 -2.06 -14.46 5.19
CA GLN A 46 -3.02 -15.42 4.66
C GLN A 46 -3.80 -14.81 3.52
N THR A 47 -4.07 -15.60 2.50
CA THR A 47 -4.83 -15.15 1.37
C THR A 47 -6.26 -14.82 1.83
N LYS A 48 -6.64 -13.56 1.71
CA LYS A 48 -7.96 -13.13 2.14
C LYS A 48 -8.95 -13.16 0.98
N LEU A 49 -10.06 -13.85 1.19
CA LEU A 49 -11.10 -13.97 0.17
C LEU A 49 -12.47 -13.68 0.76
N PHE A 50 -13.53 -13.85 -0.04
CA PHE A 50 -14.90 -13.57 0.39
C PHE A 50 -15.13 -13.92 1.86
N ASP A 51 -14.49 -14.97 2.33
CA ASP A 51 -14.64 -15.40 3.72
C ASP A 51 -13.71 -14.60 4.61
N GLY A 52 -12.47 -14.46 4.18
CA GLY A 52 -11.47 -13.76 4.95
C GLY A 52 -10.65 -14.74 5.77
N SER A 53 -10.85 -16.01 5.49
CA SER A 53 -10.16 -17.09 6.16
C SER A 53 -9.57 -18.04 5.14
N GLY A 54 -8.70 -17.51 4.30
CA GLY A 54 -8.07 -18.31 3.28
C GLY A 54 -6.92 -19.12 3.82
N GLU A 55 -5.89 -19.29 2.99
CA GLU A 55 -4.72 -20.05 3.40
C GLU A 55 -3.65 -19.11 3.95
N GLU A 56 -2.84 -19.62 4.86
CA GLU A 56 -1.77 -18.83 5.45
C GLU A 56 -0.51 -18.95 4.62
N ILE A 57 -0.06 -17.84 4.04
CA ILE A 57 1.14 -17.85 3.21
C ILE A 57 2.37 -18.09 4.03
N LYS A 58 2.83 -19.34 4.02
CA LYS A 58 4.02 -19.71 4.74
C LYS A 58 5.05 -20.27 3.79
N THR A 59 4.59 -20.75 2.64
CA THR A 59 5.47 -21.35 1.64
C THR A 59 5.47 -20.51 0.37
N ASP A 60 6.57 -20.61 -0.36
CA ASP A 60 6.74 -19.85 -1.59
C ASP A 60 5.65 -20.13 -2.62
N SER A 61 5.19 -21.37 -2.71
CA SER A 61 4.18 -21.74 -3.70
C SER A 61 2.88 -20.95 -3.54
N GLN A 62 2.66 -20.38 -2.37
CA GLN A 62 1.45 -19.61 -2.13
C GLN A 62 1.69 -18.13 -2.35
N VAL A 63 2.55 -17.58 -1.51
CA VAL A 63 2.92 -16.17 -1.58
C VAL A 63 3.12 -15.77 -3.03
N SER A 64 3.92 -16.57 -3.72
CA SER A 64 4.16 -16.35 -5.12
C SER A 64 2.84 -16.30 -5.84
N ASN A 65 2.12 -17.42 -5.78
CA ASN A 65 0.81 -17.54 -6.40
C ASN A 65 -0.08 -16.36 -6.09
N ILE A 66 0.14 -15.75 -4.95
CA ILE A 66 -0.64 -14.60 -4.55
C ILE A 66 -0.20 -13.39 -5.37
N ILE A 67 1.08 -13.38 -5.72
CA ILE A 67 1.64 -12.31 -6.54
C ILE A 67 1.21 -12.48 -8.00
N GLN A 68 1.03 -13.73 -8.37
CA GLN A 68 0.61 -14.10 -9.71
C GLN A 68 -0.89 -14.01 -9.81
N ALA A 69 -1.52 -14.78 -8.95
CA ALA A 69 -2.95 -14.85 -8.84
C ALA A 69 -3.55 -13.51 -8.41
N LYS A 70 -2.71 -12.65 -7.85
CA LYS A 70 -3.15 -11.35 -7.38
C LYS A 70 -4.07 -11.53 -6.18
N LEU A 71 -3.74 -12.53 -5.38
CA LEU A 71 -4.53 -12.87 -4.22
C LEU A 71 -4.39 -11.86 -3.10
N LYS A 72 -5.52 -11.52 -2.51
CA LYS A 72 -5.53 -10.59 -1.39
C LYS A 72 -5.01 -11.32 -0.17
N ILE A 73 -4.34 -10.62 0.73
CA ILE A 73 -3.78 -11.26 1.91
C ILE A 73 -4.20 -10.56 3.19
N SER A 74 -4.16 -11.31 4.29
CA SER A 74 -4.51 -10.80 5.60
C SER A 74 -3.41 -11.17 6.58
N VAL A 75 -2.70 -10.19 7.12
CA VAL A 75 -1.64 -10.45 8.07
C VAL A 75 -2.11 -10.22 9.49
N HIS A 76 -1.62 -11.05 10.41
CA HIS A 76 -2.03 -10.94 11.79
C HIS A 76 -0.88 -11.27 12.73
N ASP A 77 -1.02 -10.86 13.98
CA ASP A 77 -0.02 -11.14 15.00
C ASP A 77 -0.04 -12.62 15.31
N ILE A 78 1.07 -13.16 15.78
CA ILE A 78 1.16 -14.58 16.08
C ILE A 78 1.42 -14.82 17.56
N PRO B 1 4.06 19.60 -14.51
CA PRO B 1 4.54 19.96 -15.86
C PRO B 1 4.75 18.72 -16.73
N LEU B 2 5.27 17.66 -16.13
CA LEU B 2 5.51 16.41 -16.85
C LEU B 2 4.51 15.36 -16.45
N GLY B 3 4.15 15.33 -15.18
CA GLY B 3 3.19 14.35 -14.69
C GLY B 3 3.28 14.16 -13.19
N SER B 4 2.35 14.77 -12.46
CA SER B 4 2.32 14.67 -11.00
C SER B 4 1.09 13.90 -10.54
N ILE B 5 1.11 13.48 -9.29
CA ILE B 5 0.01 12.72 -8.72
C ILE B 5 -0.73 13.53 -7.67
N LEU B 6 -2.05 13.64 -7.84
CA LEU B 6 -2.86 14.38 -6.90
C LEU B 6 -3.33 13.46 -5.77
N PHE B 7 -2.91 13.76 -4.56
CA PHE B 7 -3.27 12.94 -3.41
C PHE B 7 -4.63 13.27 -2.83
N ARG B 8 -5.68 12.71 -3.41
CA ARG B 8 -7.02 12.93 -2.87
C ARG B 8 -7.00 12.37 -1.45
N ILE B 9 -7.10 13.24 -0.46
CA ILE B 9 -7.03 12.80 0.92
C ILE B 9 -8.32 13.12 1.68
N SER B 10 -8.98 12.10 2.17
CA SER B 10 -10.21 12.30 2.93
C SER B 10 -9.94 12.10 4.41
N TYR B 11 -9.73 13.21 5.12
CA TYR B 11 -9.48 13.15 6.56
C TYR B 11 -10.77 13.37 7.33
N ASN B 12 -11.23 12.34 8.05
CA ASN B 12 -12.49 12.43 8.78
C ASN B 12 -13.66 12.41 7.80
N SER B 13 -14.38 13.52 7.66
CA SER B 13 -15.50 13.58 6.73
C SER B 13 -15.30 14.75 5.76
N GLU B 14 -14.05 14.99 5.39
CA GLU B 14 -13.70 16.06 4.48
C GLU B 14 -12.69 15.57 3.44
N ILE B 15 -12.46 16.36 2.40
CA ILE B 15 -11.53 15.97 1.35
C ILE B 15 -10.47 17.05 1.09
N PHE B 16 -9.23 16.60 0.97
CA PHE B 16 -8.10 17.49 0.68
C PHE B 16 -7.23 16.84 -0.39
N THR B 17 -6.80 17.63 -1.37
CA THR B 17 -5.98 17.10 -2.45
C THR B 17 -4.59 17.71 -2.45
N LEU B 18 -3.57 16.86 -2.35
CA LEU B 18 -2.18 17.32 -2.33
C LEU B 18 -1.40 16.74 -3.52
N LEU B 19 -0.88 17.61 -4.36
CA LEU B 19 -0.13 17.18 -5.54
C LEU B 19 1.30 16.73 -5.21
N VAL B 20 1.71 15.62 -5.83
CA VAL B 20 3.05 15.07 -5.62
C VAL B 20 3.59 14.48 -6.92
N GLU B 21 4.65 15.09 -7.46
CA GLU B 21 5.25 14.64 -8.70
C GLU B 21 5.71 13.18 -8.59
N LYS B 22 5.71 12.48 -9.71
CA LYS B 22 6.11 11.08 -9.75
C LYS B 22 7.57 10.89 -9.35
N VAL B 23 8.33 11.98 -9.31
CA VAL B 23 9.74 11.91 -8.94
C VAL B 23 9.92 12.08 -7.43
N TRP B 24 8.83 12.40 -6.73
CA TRP B 24 8.88 12.60 -5.29
C TRP B 24 8.75 11.28 -4.55
N ASN B 25 9.53 11.12 -3.49
CA ASN B 25 9.50 9.90 -2.68
C ASN B 25 8.61 10.11 -1.46
N PHE B 26 8.34 9.04 -0.71
CA PHE B 26 7.47 9.10 0.47
C PHE B 26 7.57 10.44 1.19
N ASP B 27 8.77 10.98 1.33
CA ASP B 27 8.92 12.26 2.01
C ASP B 27 8.21 13.33 1.19
N ASP B 28 8.92 13.94 0.24
CA ASP B 28 8.36 14.99 -0.61
C ASP B 28 6.83 14.91 -0.70
N LEU B 29 6.31 13.72 -0.98
CA LEU B 29 4.87 13.53 -1.07
C LEU B 29 4.23 13.70 0.31
N ILE B 30 4.84 13.15 1.34
CA ILE B 30 4.36 13.31 2.71
C ILE B 30 4.53 14.78 3.06
N MET B 31 5.75 15.25 2.82
CA MET B 31 6.10 16.64 3.03
C MET B 31 5.04 17.49 2.35
N ALA B 32 4.58 16.99 1.21
CA ALA B 32 3.52 17.63 0.45
C ALA B 32 2.21 17.45 1.19
N ILE B 33 1.93 16.20 1.57
CA ILE B 33 0.73 15.86 2.29
C ILE B 33 0.60 16.71 3.55
N ASN B 34 1.60 16.62 4.43
CA ASN B 34 1.62 17.38 5.67
C ASN B 34 1.32 18.85 5.39
N SER B 35 1.71 19.30 4.20
CA SER B 35 1.50 20.68 3.80
C SER B 35 0.03 20.95 3.45
N LYS B 36 -0.70 19.89 3.12
CA LYS B 36 -2.11 20.03 2.75
C LYS B 36 -3.05 19.43 3.80
N ILE B 37 -2.61 18.37 4.47
CA ILE B 37 -3.45 17.71 5.47
C ILE B 37 -3.42 18.41 6.82
N SER B 38 -2.28 18.97 7.23
CA SER B 38 -2.18 19.66 8.51
C SER B 38 -3.26 20.72 8.64
N ASN B 39 -3.86 21.11 7.52
CA ASN B 39 -4.92 22.10 7.51
C ASN B 39 -6.23 21.50 8.05
N THR B 40 -6.20 20.20 8.32
CA THR B 40 -7.36 19.50 8.85
C THR B 40 -7.62 19.86 10.31
N HIS B 41 -6.71 20.64 10.90
CA HIS B 41 -6.86 21.04 12.30
C HIS B 41 -6.71 19.83 13.21
N ILE B 42 -5.52 19.25 13.22
CA ILE B 42 -5.22 18.07 14.04
C ILE B 42 -3.70 17.88 14.08
N SER B 43 -3.22 16.63 14.03
CA SER B 43 -1.78 16.36 14.03
C SER B 43 -1.21 16.54 12.63
N PRO B 44 0.12 16.39 12.48
CA PRO B 44 0.79 16.53 11.20
C PRO B 44 0.82 15.24 10.38
N ILE B 45 0.43 14.13 11.00
CA ILE B 45 0.42 12.83 10.35
C ILE B 45 1.78 12.52 9.74
N THR B 46 1.92 11.30 9.24
CA THR B 46 3.15 10.82 8.61
C THR B 46 2.85 9.61 7.74
N LYS B 47 1.79 8.89 8.09
CA LYS B 47 1.35 7.71 7.36
C LYS B 47 0.10 8.05 6.57
N ILE B 48 -0.11 7.33 5.48
CA ILE B 48 -1.29 7.56 4.66
C ILE B 48 -1.88 6.25 4.15
N LYS B 49 -3.14 6.32 3.75
CA LYS B 49 -3.85 5.16 3.21
C LYS B 49 -4.19 5.43 1.75
N TYR B 50 -4.25 4.39 0.90
CA TYR B 50 -4.56 4.61 -0.50
C TYR B 50 -5.54 3.55 -0.98
N GLN B 51 -6.69 4.00 -1.46
CA GLN B 51 -7.72 3.09 -1.95
C GLN B 51 -7.27 2.36 -3.20
N ASP B 52 -7.23 1.03 -3.13
CA ASP B 52 -6.81 0.21 -4.26
C ASP B 52 -8.00 -0.12 -5.15
N GLU B 53 -7.71 -0.59 -6.36
CA GLU B 53 -8.75 -0.94 -7.31
C GLU B 53 -9.67 -2.03 -6.75
N ASP B 54 -9.20 -2.74 -5.73
CA ASP B 54 -9.99 -3.80 -5.12
C ASP B 54 -11.24 -3.25 -4.45
N GLY B 55 -11.20 -1.97 -4.08
CA GLY B 55 -12.36 -1.36 -3.44
C GLY B 55 -12.19 -1.15 -1.95
N ASP B 56 -10.97 -1.29 -1.46
CA ASP B 56 -10.69 -1.11 -0.03
C ASP B 56 -9.62 -0.05 0.16
N PHE B 57 -9.24 0.21 1.41
CA PHE B 57 -8.22 1.20 1.70
C PHE B 57 -6.94 0.53 2.16
N VAL B 58 -5.84 0.91 1.54
CA VAL B 58 -4.53 0.36 1.85
C VAL B 58 -3.64 1.41 2.50
N VAL B 59 -2.55 0.96 3.10
CA VAL B 59 -1.60 1.86 3.73
C VAL B 59 -0.45 2.16 2.79
N LEU B 60 0.30 3.22 3.11
CA LEU B 60 1.44 3.59 2.29
C LEU B 60 2.36 4.53 3.07
N GLY B 61 3.56 4.04 3.37
CA GLY B 61 4.51 4.85 4.09
C GLY B 61 5.92 4.31 3.96
N SER B 62 6.20 3.65 2.84
CA SER B 62 7.53 3.09 2.61
C SER B 62 7.99 3.35 1.18
N ASP B 63 9.31 3.39 1.00
CA ASP B 63 9.88 3.62 -0.32
C ASP B 63 9.50 2.50 -1.27
N GLU B 64 9.37 1.30 -0.71
CA GLU B 64 8.99 0.13 -1.48
C GLU B 64 7.54 0.26 -1.95
N ASP B 65 6.64 0.55 -1.02
CA ASP B 65 5.23 0.70 -1.32
C ASP B 65 5.02 1.93 -2.21
N TRP B 66 5.84 2.95 -1.97
CA TRP B 66 5.77 4.19 -2.74
C TRP B 66 5.91 3.89 -4.24
N ASN B 67 6.87 3.05 -4.58
CA ASN B 67 7.11 2.68 -5.97
C ASN B 67 5.91 1.91 -6.51
N VAL B 68 5.26 1.17 -5.61
CA VAL B 68 4.09 0.41 -5.97
C VAL B 68 2.93 1.33 -6.31
N ALA B 69 2.87 2.43 -5.59
CA ALA B 69 1.84 3.44 -5.78
C ALA B 69 1.91 4.02 -7.17
N LYS B 70 3.11 4.46 -7.55
CA LYS B 70 3.33 5.05 -8.86
C LYS B 70 3.08 4.01 -9.95
N GLU B 71 3.57 2.80 -9.72
CA GLU B 71 3.40 1.72 -10.68
C GLU B 71 1.92 1.33 -10.76
N MET B 72 1.34 1.01 -9.61
CA MET B 72 -0.07 0.65 -9.55
C MET B 72 -0.89 1.70 -10.30
N LEU B 73 -0.49 2.95 -10.13
CA LEU B 73 -1.12 4.06 -10.81
C LEU B 73 -0.78 3.99 -12.29
N ALA B 74 0.51 3.77 -12.56
CA ALA B 74 1.01 3.65 -13.92
C ALA B 74 0.07 2.87 -14.81
N GLU B 75 -0.37 1.74 -14.29
CA GLU B 75 -1.27 0.84 -14.99
C GLU B 75 -2.49 1.59 -15.53
N ASN B 76 -2.89 2.61 -14.80
CA ASN B 76 -4.03 3.42 -15.18
C ASN B 76 -3.57 4.83 -15.55
N ASN B 77 -2.34 5.14 -15.19
CA ASN B 77 -1.73 6.43 -15.46
C ASN B 77 -2.71 7.57 -15.24
N GLU B 78 -3.64 7.39 -14.30
CA GLU B 78 -4.62 8.43 -14.01
C GLU B 78 -3.92 9.70 -13.56
N LYS B 79 -2.78 9.53 -12.91
CA LYS B 79 -1.99 10.66 -12.41
C LYS B 79 -2.60 11.23 -11.14
N PHE B 80 -3.36 10.41 -10.43
CA PHE B 80 -3.99 10.83 -9.18
C PHE B 80 -3.79 9.76 -8.10
N LEU B 81 -4.35 10.00 -6.92
CA LEU B 81 -4.21 9.06 -5.82
C LEU B 81 -5.35 9.20 -4.82
N ASN B 82 -6.04 8.09 -4.55
CA ASN B 82 -7.14 8.09 -3.58
C ASN B 82 -6.59 7.82 -2.19
N ILE B 83 -6.20 8.89 -1.51
CA ILE B 83 -5.63 8.80 -0.17
C ILE B 83 -6.69 9.09 0.89
N ARG B 84 -6.41 8.64 2.12
CA ARG B 84 -7.34 8.87 3.24
C ARG B 84 -6.59 8.89 4.57
N LEU B 85 -6.98 9.82 5.44
CA LEU B 85 -6.37 9.95 6.76
C LEU B 85 -7.39 9.62 7.83
N TYR B 86 -7.09 8.62 8.66
CA TYR B 86 -7.98 8.20 9.73
C TYR B 86 -7.86 9.13 10.94
N PRO A 1 11.54 -5.41 -17.53
CA PRO A 1 12.77 -4.58 -17.33
C PRO A 1 12.64 -3.69 -16.09
N HIS A 2 13.75 -3.03 -15.73
CA HIS A 2 13.77 -2.15 -14.57
C HIS A 2 13.53 -2.93 -13.28
N MET A 3 12.27 -3.26 -13.02
CA MET A 3 11.92 -4.01 -11.82
C MET A 3 10.40 -4.18 -11.72
N LYS A 4 9.83 -4.97 -12.62
CA LYS A 4 8.39 -5.20 -12.61
C LYS A 4 7.98 -6.02 -11.39
N THR A 5 6.76 -5.79 -10.92
CA THR A 5 6.26 -6.50 -9.75
C THR A 5 4.74 -6.60 -9.75
N THR A 6 4.19 -7.22 -8.72
CA THR A 6 2.76 -7.39 -8.57
C THR A 6 2.21 -6.45 -7.51
N LYS A 7 0.94 -6.14 -7.61
CA LYS A 7 0.30 -5.28 -6.64
C LYS A 7 -0.62 -6.10 -5.74
N ILE A 8 -0.09 -6.56 -4.61
CA ILE A 8 -0.86 -7.35 -3.67
C ILE A 8 -0.99 -6.62 -2.35
N LYS A 9 -2.17 -6.65 -1.77
CA LYS A 9 -2.41 -6.00 -0.51
C LYS A 9 -2.36 -6.99 0.65
N PHE A 10 -2.50 -6.47 1.86
CA PHE A 10 -2.50 -7.30 3.05
C PHE A 10 -3.31 -6.59 4.13
N TYR A 11 -3.81 -7.34 5.10
CA TYR A 11 -4.63 -6.77 6.16
C TYR A 11 -4.05 -7.10 7.54
N TYR A 12 -3.77 -6.08 8.33
CA TYR A 12 -3.24 -6.30 9.67
C TYR A 12 -4.21 -5.78 10.72
N LYS A 13 -4.80 -6.71 11.47
CA LYS A 13 -5.76 -6.38 12.53
C LYS A 13 -6.94 -5.57 11.96
N ASP A 14 -6.71 -4.28 11.71
CA ASP A 14 -7.75 -3.42 11.18
C ASP A 14 -7.18 -2.46 10.12
N ASP A 15 -6.03 -2.82 9.56
CA ASP A 15 -5.40 -1.99 8.54
C ASP A 15 -5.03 -2.82 7.31
N ILE A 16 -4.98 -2.18 6.15
CA ILE A 16 -4.64 -2.87 4.91
C ILE A 16 -3.39 -2.26 4.29
N PHE A 17 -2.40 -3.07 3.92
CA PHE A 17 -1.19 -2.53 3.32
C PHE A 17 -1.09 -2.98 1.85
N ALA A 18 -0.10 -2.45 1.13
CA ALA A 18 0.09 -2.80 -0.29
C ALA A 18 1.57 -2.97 -0.61
N LEU A 19 1.91 -4.09 -1.26
CA LEU A 19 3.30 -4.38 -1.61
C LEU A 19 3.46 -4.77 -3.07
N MET A 20 4.71 -5.00 -3.45
CA MET A 20 5.05 -5.38 -4.83
C MET A 20 5.95 -6.62 -4.86
N LEU A 21 5.44 -7.74 -5.34
CA LEU A 21 6.21 -8.98 -5.41
C LEU A 21 6.49 -9.38 -6.85
N LYS A 22 7.77 -9.56 -7.20
CA LYS A 22 8.14 -9.95 -8.55
C LYS A 22 7.52 -11.31 -8.90
N GLY A 23 7.62 -11.70 -10.16
CA GLY A 23 7.05 -12.96 -10.62
C GLY A 23 7.77 -14.20 -10.10
N ASP A 24 8.73 -14.01 -9.18
CA ASP A 24 9.48 -15.13 -8.62
C ASP A 24 9.61 -14.99 -7.11
N THR A 25 8.82 -14.09 -6.54
CA THR A 25 8.84 -13.82 -5.11
C THR A 25 8.56 -15.07 -4.27
N THR A 26 9.33 -15.22 -3.19
CA THR A 26 9.18 -16.34 -2.27
C THR A 26 8.39 -15.86 -1.06
N TYR A 27 8.00 -16.77 -0.18
CA TYR A 27 7.26 -16.39 1.01
C TYR A 27 8.12 -15.41 1.81
N LYS A 28 9.28 -15.88 2.24
CA LYS A 28 10.21 -15.04 3.02
C LYS A 28 10.25 -13.64 2.44
N GLU A 29 10.28 -13.55 1.11
CA GLU A 29 10.29 -12.28 0.45
C GLU A 29 9.02 -11.53 0.80
N LEU A 30 7.89 -12.19 0.55
CA LEU A 30 6.58 -11.63 0.85
C LEU A 30 6.55 -11.17 2.31
N ARG A 31 7.01 -12.03 3.21
CA ARG A 31 7.04 -11.73 4.64
C ARG A 31 7.91 -10.50 4.95
N SER A 32 9.12 -10.46 4.40
CA SER A 32 10.03 -9.32 4.63
C SER A 32 9.38 -8.00 4.21
N LYS A 33 8.39 -8.11 3.35
CA LYS A 33 7.69 -6.93 2.84
C LYS A 33 6.65 -6.43 3.83
N ILE A 34 5.90 -7.35 4.41
CA ILE A 34 4.86 -7.01 5.37
C ILE A 34 5.43 -6.60 6.73
N ALA A 35 6.50 -7.25 7.13
CA ALA A 35 7.13 -6.97 8.42
C ALA A 35 7.47 -5.50 8.60
N PRO A 36 8.28 -4.94 7.69
CA PRO A 36 8.72 -3.55 7.77
C PRO A 36 7.58 -2.56 7.92
N ARG A 37 6.36 -2.96 7.52
CA ARG A 37 5.23 -2.06 7.64
C ARG A 37 4.46 -2.31 8.92
N ILE A 38 4.34 -3.56 9.36
CA ILE A 38 3.63 -3.84 10.60
C ILE A 38 4.37 -3.25 11.78
N ASP A 39 3.92 -3.60 12.97
CA ASP A 39 4.55 -3.15 14.19
C ASP A 39 5.21 -4.33 14.88
N THR A 40 5.42 -5.41 14.11
CA THR A 40 6.01 -6.62 14.63
C THR A 40 6.85 -7.35 13.59
N ASP A 41 7.73 -8.22 14.09
CA ASP A 41 8.58 -9.05 13.25
C ASP A 41 8.08 -10.49 13.36
N ASN A 42 6.97 -10.62 14.09
CA ASN A 42 6.29 -11.88 14.29
C ASN A 42 4.85 -11.70 13.84
N PHE A 43 4.64 -11.90 12.55
CA PHE A 43 3.36 -11.72 11.91
C PHE A 43 3.16 -12.80 10.88
N LYS A 44 1.91 -13.15 10.64
CA LYS A 44 1.60 -14.16 9.64
C LYS A 44 0.84 -13.50 8.51
N LEU A 45 0.84 -14.15 7.35
CA LEU A 45 0.11 -13.66 6.20
C LEU A 45 -0.84 -14.74 5.73
N GLN A 46 -1.99 -14.34 5.23
CA GLN A 46 -2.96 -15.30 4.72
C GLN A 46 -3.78 -14.69 3.61
N THR A 47 -4.07 -15.49 2.59
CA THR A 47 -4.87 -15.04 1.48
C THR A 47 -6.28 -14.71 1.97
N LYS A 48 -6.65 -13.44 1.89
CA LYS A 48 -7.97 -13.01 2.35
C LYS A 48 -8.99 -13.06 1.22
N LEU A 49 -10.10 -13.73 1.47
CA LEU A 49 -11.16 -13.86 0.48
C LEU A 49 -12.52 -13.57 1.10
N PHE A 50 -13.60 -13.74 0.33
CA PHE A 50 -14.95 -13.47 0.80
C PHE A 50 -15.17 -13.81 2.27
N ASP A 51 -14.50 -14.86 2.74
CA ASP A 51 -14.62 -15.27 4.13
C ASP A 51 -13.67 -14.45 4.99
N GLY A 52 -12.43 -14.35 4.53
CA GLY A 52 -11.42 -13.63 5.27
C GLY A 52 -10.57 -14.60 6.07
N SER A 53 -10.79 -15.89 5.80
CA SER A 53 -10.07 -16.96 6.46
C SER A 53 -9.51 -17.91 5.43
N GLY A 54 -8.67 -17.38 4.55
CA GLY A 54 -8.07 -18.18 3.51
C GLY A 54 -6.90 -19.00 4.01
N GLU A 55 -5.90 -19.17 3.16
CA GLU A 55 -4.71 -19.93 3.54
C GLU A 55 -3.63 -18.99 4.04
N GLU A 56 -2.79 -19.48 4.94
CA GLU A 56 -1.71 -18.68 5.48
C GLU A 56 -0.47 -18.83 4.61
N ILE A 57 -0.04 -17.71 4.02
CA ILE A 57 1.14 -17.75 3.15
C ILE A 57 2.39 -17.97 3.95
N LYS A 58 2.86 -19.21 3.93
CA LYS A 58 4.07 -19.58 4.62
C LYS A 58 5.08 -20.13 3.64
N THR A 59 4.60 -20.62 2.50
CA THR A 59 5.45 -21.20 1.48
C THR A 59 5.41 -20.38 0.21
N ASP A 60 6.49 -20.47 -0.56
CA ASP A 60 6.62 -19.72 -1.79
C ASP A 60 5.49 -20.01 -2.79
N SER A 61 5.05 -21.26 -2.88
CA SER A 61 4.00 -21.62 -3.84
C SER A 61 2.71 -20.84 -3.63
N GLN A 62 2.53 -20.27 -2.45
CA GLN A 62 1.32 -19.51 -2.17
C GLN A 62 1.54 -18.03 -2.40
N VAL A 63 2.43 -17.47 -1.60
CA VAL A 63 2.77 -16.05 -1.69
C VAL A 63 2.93 -15.68 -3.15
N SER A 64 3.71 -16.48 -3.86
CA SER A 64 3.91 -16.26 -5.27
C SER A 64 2.55 -16.23 -5.94
N ASN A 65 1.83 -17.34 -5.86
CA ASN A 65 0.51 -17.47 -6.43
C ASN A 65 -0.37 -16.27 -6.10
N ILE A 66 -0.11 -15.65 -4.96
CA ILE A 66 -0.86 -14.49 -4.56
C ILE A 66 -0.44 -13.30 -5.39
N ILE A 67 0.82 -13.30 -5.79
CA ILE A 67 1.37 -12.23 -6.63
C ILE A 67 0.89 -12.42 -8.08
N GLN A 68 0.69 -13.67 -8.43
CA GLN A 68 0.23 -14.04 -9.76
C GLN A 68 -1.28 -13.94 -9.81
N ALA A 69 -1.88 -14.72 -8.92
CA ALA A 69 -3.31 -14.78 -8.77
C ALA A 69 -3.87 -13.43 -8.33
N LYS A 70 -3.00 -12.58 -7.79
CA LYS A 70 -3.41 -11.27 -7.31
C LYS A 70 -4.32 -11.44 -6.11
N LEU A 71 -3.97 -12.42 -5.29
CA LEU A 71 -4.73 -12.75 -4.11
C LEU A 71 -4.56 -11.72 -2.99
N LYS A 72 -5.67 -11.39 -2.35
CA LYS A 72 -5.65 -10.46 -1.24
C LYS A 72 -5.08 -11.20 -0.04
N ILE A 73 -4.37 -10.50 0.83
CA ILE A 73 -3.77 -11.14 1.99
C ILE A 73 -4.14 -10.46 3.30
N SER A 74 -4.07 -11.21 4.39
CA SER A 74 -4.38 -10.71 5.71
C SER A 74 -3.25 -11.07 6.66
N VAL A 75 -2.52 -10.08 7.16
CA VAL A 75 -1.42 -10.33 8.08
C VAL A 75 -1.87 -10.11 9.52
N HIS A 76 -1.36 -10.93 10.42
CA HIS A 76 -1.73 -10.82 11.81
C HIS A 76 -0.56 -11.18 12.72
N ASP A 77 -0.68 -10.80 13.98
CA ASP A 77 0.35 -11.10 14.96
C ASP A 77 0.35 -12.59 15.24
N ILE A 78 1.47 -13.14 15.68
CA ILE A 78 1.56 -14.56 15.95
C ILE A 78 1.88 -14.83 17.42
N PRO B 1 4.75 18.74 -18.43
CA PRO B 1 3.34 18.47 -18.82
C PRO B 1 2.53 17.90 -17.66
N LEU B 2 3.11 16.93 -16.95
CA LEU B 2 2.44 16.31 -15.81
C LEU B 2 3.46 15.91 -14.73
N GLY B 3 3.81 14.62 -14.67
CA GLY B 3 4.79 14.16 -13.70
C GLY B 3 4.30 14.21 -12.26
N SER B 4 3.16 14.83 -12.01
CA SER B 4 2.65 14.96 -10.65
C SER B 4 1.40 14.13 -10.39
N ILE B 5 1.37 13.55 -9.18
CA ILE B 5 0.24 12.74 -8.73
C ILE B 5 -0.56 13.51 -7.70
N LEU B 6 -1.86 13.63 -7.92
CA LEU B 6 -2.70 14.35 -6.99
C LEU B 6 -3.20 13.41 -5.89
N PHE B 7 -2.81 13.71 -4.66
CA PHE B 7 -3.19 12.88 -3.53
C PHE B 7 -4.57 13.22 -2.98
N ARG B 8 -5.61 12.67 -3.60
CA ARG B 8 -6.96 12.89 -3.09
C ARG B 8 -6.97 12.34 -1.67
N ILE B 9 -7.11 13.23 -0.69
CA ILE B 9 -7.09 12.82 0.70
C ILE B 9 -8.38 13.16 1.41
N SER B 10 -9.08 12.15 1.89
CA SER B 10 -10.32 12.37 2.61
C SER B 10 -10.12 12.18 4.10
N TYR B 11 -9.93 13.29 4.82
CA TYR B 11 -9.74 13.23 6.27
C TYR B 11 -11.05 13.50 6.97
N ASN B 12 -11.56 12.51 7.70
CA ASN B 12 -12.83 12.65 8.39
C ASN B 12 -13.98 12.65 7.37
N SER B 13 -14.70 13.76 7.23
CA SER B 13 -15.79 13.83 6.26
C SER B 13 -15.53 14.96 5.26
N GLU B 14 -14.25 15.18 4.96
CA GLU B 14 -13.85 16.22 4.02
C GLU B 14 -12.80 15.70 3.04
N ILE B 15 -12.52 16.46 1.99
CA ILE B 15 -11.54 16.04 0.99
C ILE B 15 -10.47 17.10 0.75
N PHE B 16 -9.23 16.64 0.66
CA PHE B 16 -8.09 17.51 0.40
C PHE B 16 -7.21 16.86 -0.67
N THR B 17 -6.76 17.63 -1.65
CA THR B 17 -5.94 17.10 -2.71
C THR B 17 -4.54 17.70 -2.67
N LEU B 18 -3.52 16.83 -2.54
CA LEU B 18 -2.14 17.30 -2.46
C LEU B 18 -1.31 16.72 -3.63
N LEU B 19 -0.73 17.60 -4.44
CA LEU B 19 0.05 17.18 -5.59
C LEU B 19 1.47 16.72 -5.21
N VAL B 20 1.90 15.60 -5.79
CA VAL B 20 3.23 15.04 -5.53
C VAL B 20 3.87 14.48 -6.80
N GLU B 21 4.97 15.10 -7.22
CA GLU B 21 5.68 14.65 -8.42
C GLU B 21 6.12 13.20 -8.29
N LYS B 22 6.11 12.49 -9.41
CA LYS B 22 6.50 11.08 -9.44
C LYS B 22 7.96 10.89 -9.01
N VAL B 23 8.72 11.98 -8.97
CA VAL B 23 10.12 11.92 -8.57
C VAL B 23 10.27 12.07 -7.06
N TRP B 24 9.18 12.37 -6.38
CA TRP B 24 9.19 12.56 -4.93
C TRP B 24 9.02 11.24 -4.20
N ASN B 25 9.77 11.07 -3.11
CA ASN B 25 9.69 9.86 -2.30
C ASN B 25 8.71 10.07 -1.16
N PHE B 26 8.35 9.00 -0.45
CA PHE B 26 7.40 9.07 0.66
C PHE B 26 7.50 10.38 1.43
N ASP B 27 8.71 10.91 1.61
CA ASP B 27 8.87 12.16 2.32
C ASP B 27 8.20 13.28 1.52
N ASP B 28 8.95 13.89 0.60
CA ASP B 28 8.43 14.97 -0.23
C ASP B 28 6.90 14.91 -0.38
N LEU B 29 6.39 13.74 -0.75
CA LEU B 29 4.95 13.57 -0.90
C LEU B 29 4.25 13.78 0.44
N ILE B 30 4.82 13.23 1.51
CA ILE B 30 4.27 13.41 2.86
C ILE B 30 4.44 14.88 3.19
N MET B 31 5.65 15.35 2.94
CA MET B 31 6.00 16.75 3.14
C MET B 31 4.93 17.58 2.43
N ALA B 32 4.51 17.05 1.29
CA ALA B 32 3.47 17.64 0.47
C ALA B 32 2.13 17.47 1.18
N ILE B 33 1.86 16.22 1.57
CA ILE B 33 0.62 15.89 2.27
C ILE B 33 0.46 16.78 3.50
N ASN B 34 1.43 16.69 4.40
CA ASN B 34 1.41 17.50 5.63
C ASN B 34 1.10 18.95 5.31
N SER B 35 1.51 19.36 4.12
CA SER B 35 1.27 20.73 3.67
C SER B 35 -0.20 20.99 3.39
N LYS B 36 -0.94 19.93 3.03
CA LYS B 36 -2.35 20.06 2.71
C LYS B 36 -3.26 19.44 3.77
N ILE B 37 -2.81 18.37 4.42
CA ILE B 37 -3.63 17.70 5.43
C ILE B 37 -3.66 18.42 6.77
N SER B 38 -2.54 19.02 7.18
CA SER B 38 -2.48 19.73 8.45
C SER B 38 -3.68 20.66 8.64
N ASN B 39 -4.32 21.02 7.54
CA ASN B 39 -5.48 21.91 7.58
C ASN B 39 -6.67 21.24 8.29
N THR B 40 -6.55 19.93 8.54
CA THR B 40 -7.60 19.19 9.21
C THR B 40 -7.72 19.58 10.68
N HIS B 41 -6.64 20.10 11.24
CA HIS B 41 -6.62 20.52 12.64
C HIS B 41 -6.66 19.30 13.56
N ILE B 42 -5.57 18.54 13.57
CA ILE B 42 -5.48 17.35 14.40
C ILE B 42 -4.02 16.94 14.63
N SER B 43 -3.25 16.89 13.54
CA SER B 43 -1.84 16.51 13.62
C SER B 43 -1.23 16.45 12.22
N PRO B 44 0.11 16.58 12.13
CA PRO B 44 0.82 16.55 10.84
C PRO B 44 0.77 15.18 10.17
N ILE B 45 0.29 14.18 10.89
CA ILE B 45 0.19 12.83 10.37
C ILE B 45 1.57 12.32 9.94
N THR B 46 1.68 11.00 9.74
CA THR B 46 2.94 10.39 9.34
C THR B 46 2.71 9.14 8.48
N LYS B 47 1.45 8.81 8.24
CA LYS B 47 1.11 7.64 7.44
C LYS B 47 -0.19 7.88 6.68
N ILE B 48 -0.25 7.43 5.43
CA ILE B 48 -1.45 7.63 4.63
C ILE B 48 -2.04 6.31 4.16
N LYS B 49 -3.29 6.37 3.71
CA LYS B 49 -4.00 5.21 3.20
C LYS B 49 -4.31 5.44 1.73
N TYR B 50 -4.36 4.39 0.91
CA TYR B 50 -4.63 4.57 -0.50
C TYR B 50 -5.57 3.47 -1.01
N GLN B 51 -6.69 3.86 -1.60
CA GLN B 51 -7.66 2.91 -2.12
C GLN B 51 -7.09 2.10 -3.28
N ASP B 52 -7.07 0.78 -3.13
CA ASP B 52 -6.55 -0.09 -4.16
C ASP B 52 -7.66 -0.48 -5.14
N GLU B 53 -7.29 -1.19 -6.20
CA GLU B 53 -8.24 -1.63 -7.20
C GLU B 53 -9.23 -2.65 -6.62
N ASP B 54 -8.82 -3.30 -5.54
CA ASP B 54 -9.66 -4.29 -4.88
C ASP B 54 -10.96 -3.67 -4.37
N GLY B 55 -10.95 -2.35 -4.15
CA GLY B 55 -12.14 -1.67 -3.67
C GLY B 55 -12.08 -1.39 -2.18
N ASP B 56 -10.90 -1.55 -1.59
CA ASP B 56 -10.72 -1.30 -0.17
C ASP B 56 -9.66 -0.22 0.03
N PHE B 57 -9.32 0.05 1.28
CA PHE B 57 -8.32 1.07 1.58
C PHE B 57 -7.12 0.43 2.24
N VAL B 58 -5.92 0.79 1.77
CA VAL B 58 -4.69 0.26 2.33
C VAL B 58 -3.78 1.40 2.77
N VAL B 59 -2.61 1.06 3.29
CA VAL B 59 -1.67 2.05 3.77
C VAL B 59 -0.50 2.27 2.81
N LEU B 60 0.30 3.28 3.11
CA LEU B 60 1.47 3.61 2.31
C LEU B 60 2.38 4.55 3.07
N GLY B 61 3.62 4.13 3.28
CA GLY B 61 4.58 4.95 4.01
C GLY B 61 5.97 4.37 4.00
N SER B 62 6.33 3.73 2.89
CA SER B 62 7.65 3.13 2.76
C SER B 62 8.16 3.19 1.32
N ASP B 63 9.44 2.88 1.14
CA ASP B 63 10.04 2.90 -0.20
C ASP B 63 9.46 1.78 -1.05
N GLU B 64 9.24 0.63 -0.43
CA GLU B 64 8.68 -0.52 -1.13
C GLU B 64 7.24 -0.23 -1.55
N ASP B 65 6.48 0.35 -0.64
CA ASP B 65 5.09 0.70 -0.91
C ASP B 65 5.02 1.90 -1.85
N TRP B 66 5.88 2.89 -1.60
CA TRP B 66 5.93 4.09 -2.42
C TRP B 66 6.08 3.73 -3.89
N ASN B 67 6.88 2.71 -4.17
CA ASN B 67 7.10 2.25 -5.53
C ASN B 67 5.87 1.54 -6.05
N VAL B 68 5.15 0.90 -5.12
CA VAL B 68 3.94 0.18 -5.45
C VAL B 68 2.85 1.16 -5.87
N ALA B 69 2.85 2.30 -5.20
CA ALA B 69 1.89 3.35 -5.47
C ALA B 69 2.04 3.86 -6.90
N LYS B 70 3.27 4.22 -7.25
CA LYS B 70 3.55 4.74 -8.58
C LYS B 70 3.29 3.67 -9.64
N GLU B 71 3.68 2.43 -9.33
CA GLU B 71 3.47 1.32 -10.25
C GLU B 71 1.98 1.00 -10.35
N MET B 72 1.35 0.78 -9.21
CA MET B 72 -0.08 0.49 -9.17
C MET B 72 -0.82 1.54 -9.98
N LEU B 73 -0.32 2.78 -9.89
CA LEU B 73 -0.89 3.89 -10.62
C LEU B 73 -0.49 3.77 -12.07
N ALA B 74 0.79 3.51 -12.30
CA ALA B 74 1.35 3.33 -13.64
C ALA B 74 0.43 2.54 -14.54
N GLU B 75 -0.07 1.45 -13.98
CA GLU B 75 -0.95 0.54 -14.70
C GLU B 75 -2.13 1.27 -15.30
N ASN B 76 -2.57 2.31 -14.62
CA ASN B 76 -3.69 3.12 -15.07
C ASN B 76 -3.21 4.51 -15.45
N ASN B 77 -1.98 4.83 -15.07
CA ASN B 77 -1.37 6.12 -15.34
C ASN B 77 -2.36 7.26 -15.14
N GLU B 78 -3.29 7.09 -14.21
CA GLU B 78 -4.28 8.13 -13.94
C GLU B 78 -3.61 9.41 -13.45
N LYS B 79 -2.38 9.27 -12.94
CA LYS B 79 -1.61 10.41 -12.45
C LYS B 79 -2.26 11.06 -11.24
N PHE B 80 -3.07 10.29 -10.51
CA PHE B 80 -3.73 10.78 -9.31
C PHE B 80 -3.61 9.73 -8.21
N LEU B 81 -4.20 9.98 -7.05
CA LEU B 81 -4.11 9.04 -5.94
C LEU B 81 -5.30 9.16 -5.00
N ASN B 82 -5.96 8.04 -4.73
CA ASN B 82 -7.09 8.03 -3.80
C ASN B 82 -6.59 7.77 -2.39
N ILE B 83 -6.23 8.85 -1.70
CA ILE B 83 -5.70 8.77 -0.36
C ILE B 83 -6.80 9.08 0.68
N ARG B 84 -6.59 8.61 1.90
CA ARG B 84 -7.55 8.85 2.98
C ARG B 84 -6.85 8.91 4.33
N LEU B 85 -7.27 9.85 5.17
CA LEU B 85 -6.68 10.01 6.49
C LEU B 85 -7.73 9.82 7.58
N TYR B 86 -7.44 8.92 8.51
CA TYR B 86 -8.35 8.64 9.61
C TYR B 86 -8.38 9.79 10.61
N PRO A 1 10.52 -3.54 -18.28
CA PRO A 1 10.13 -4.19 -17.00
C PRO A 1 11.04 -3.77 -15.85
N HIS A 2 12.24 -4.33 -15.82
CA HIS A 2 13.21 -4.02 -14.76
C HIS A 2 12.72 -4.44 -13.38
N MET A 3 11.64 -5.24 -13.35
CA MET A 3 11.03 -5.74 -12.10
C MET A 3 9.71 -5.02 -11.82
N LYS A 4 8.75 -5.18 -12.72
CA LYS A 4 7.44 -4.55 -12.56
C LYS A 4 6.76 -5.02 -11.28
N THR A 5 7.14 -6.21 -10.83
CA THR A 5 6.57 -6.78 -9.62
C THR A 5 5.06 -6.84 -9.67
N THR A 6 4.48 -7.42 -8.62
CA THR A 6 3.04 -7.56 -8.50
C THR A 6 2.49 -6.61 -7.46
N LYS A 7 1.22 -6.28 -7.57
CA LYS A 7 0.59 -5.41 -6.61
C LYS A 7 -0.36 -6.21 -5.74
N ILE A 8 0.15 -6.68 -4.61
CA ILE A 8 -0.64 -7.46 -3.68
C ILE A 8 -0.81 -6.73 -2.37
N LYS A 9 -2.03 -6.74 -1.84
CA LYS A 9 -2.31 -6.07 -0.59
C LYS A 9 -2.30 -7.05 0.58
N PHE A 10 -2.44 -6.52 1.78
CA PHE A 10 -2.46 -7.33 2.99
C PHE A 10 -3.27 -6.61 4.06
N TYR A 11 -3.76 -7.34 5.04
CA TYR A 11 -4.58 -6.75 6.11
C TYR A 11 -4.03 -7.09 7.48
N TYR A 12 -3.73 -6.08 8.28
CA TYR A 12 -3.22 -6.32 9.63
C TYR A 12 -4.20 -5.76 10.66
N LYS A 13 -4.82 -6.66 11.41
CA LYS A 13 -5.79 -6.28 12.45
C LYS A 13 -6.91 -5.42 11.86
N ASP A 14 -6.61 -4.15 11.62
CA ASP A 14 -7.59 -3.22 11.06
C ASP A 14 -6.95 -2.29 10.03
N ASP A 15 -5.77 -2.69 9.53
CA ASP A 15 -5.07 -1.88 8.54
C ASP A 15 -4.72 -2.73 7.31
N ILE A 16 -4.67 -2.09 6.16
CA ILE A 16 -4.35 -2.79 4.91
C ILE A 16 -3.08 -2.25 4.27
N PHE A 17 -2.10 -3.10 4.00
CA PHE A 17 -0.87 -2.63 3.36
C PHE A 17 -0.84 -3.07 1.89
N ALA A 18 0.09 -2.51 1.11
CA ALA A 18 0.22 -2.87 -0.29
C ALA A 18 1.70 -3.07 -0.64
N LEU A 19 2.02 -4.19 -1.28
CA LEU A 19 3.40 -4.48 -1.62
C LEU A 19 3.59 -4.87 -3.07
N MET A 20 4.86 -5.10 -3.43
CA MET A 20 5.23 -5.48 -4.78
C MET A 20 6.16 -6.69 -4.79
N LEU A 21 5.68 -7.83 -5.29
CA LEU A 21 6.48 -9.06 -5.33
C LEU A 21 6.72 -9.50 -6.78
N LYS A 22 7.98 -9.73 -7.14
CA LYS A 22 8.32 -10.16 -8.49
C LYS A 22 7.71 -11.53 -8.79
N GLY A 23 7.82 -11.96 -10.04
CA GLY A 23 7.26 -13.25 -10.44
C GLY A 23 8.03 -14.45 -9.92
N ASP A 24 8.91 -14.25 -8.93
CA ASP A 24 9.69 -15.35 -8.37
C ASP A 24 9.81 -15.21 -6.85
N THR A 25 9.00 -14.32 -6.29
CA THR A 25 9.01 -14.07 -4.86
C THR A 25 8.70 -15.32 -4.03
N THR A 26 9.43 -15.48 -2.93
CA THR A 26 9.23 -16.60 -2.02
C THR A 26 8.41 -16.11 -0.84
N TYR A 27 7.99 -17.02 0.03
CA TYR A 27 7.24 -16.63 1.20
C TYR A 27 8.09 -15.66 2.02
N LYS A 28 9.25 -16.15 2.47
CA LYS A 28 10.17 -15.34 3.26
C LYS A 28 10.21 -13.93 2.71
N GLU A 29 10.25 -13.82 1.39
CA GLU A 29 10.25 -12.54 0.73
C GLU A 29 8.96 -11.82 1.06
N LEU A 30 7.86 -12.48 0.77
CA LEU A 30 6.54 -11.94 1.03
C LEU A 30 6.44 -11.50 2.50
N ARG A 31 6.89 -12.36 3.40
CA ARG A 31 6.86 -12.05 4.82
C ARG A 31 7.75 -10.85 5.16
N SER A 32 8.99 -10.86 4.68
CA SER A 32 9.91 -9.74 4.94
C SER A 32 9.32 -8.45 4.38
N LYS A 33 8.41 -8.60 3.43
CA LYS A 33 7.74 -7.50 2.78
C LYS A 33 6.74 -6.83 3.72
N ILE A 34 5.93 -7.66 4.37
CA ILE A 34 4.88 -7.19 5.27
C ILE A 34 5.41 -6.74 6.63
N ALA A 35 6.48 -7.38 7.09
CA ALA A 35 7.06 -7.04 8.37
C ALA A 35 7.32 -5.55 8.51
N PRO A 36 8.13 -4.99 7.61
CA PRO A 36 8.47 -3.57 7.63
C PRO A 36 7.22 -2.68 7.58
N ARG A 37 6.10 -3.27 7.14
CA ARG A 37 4.85 -2.54 7.06
C ARG A 37 4.16 -2.56 8.41
N ILE A 38 4.13 -3.74 9.03
CA ILE A 38 3.50 -3.91 10.33
C ILE A 38 4.32 -3.26 11.43
N ASP A 39 3.94 -3.55 12.67
CA ASP A 39 4.64 -3.06 13.83
C ASP A 39 5.24 -4.23 14.60
N THR A 40 5.39 -5.36 13.90
CA THR A 40 5.93 -6.56 14.51
C THR A 40 6.78 -7.37 13.52
N ASP A 41 7.64 -8.22 14.08
CA ASP A 41 8.48 -9.10 13.28
C ASP A 41 7.95 -10.53 13.42
N ASN A 42 6.84 -10.63 14.15
CA ASN A 42 6.14 -11.88 14.37
C ASN A 42 4.70 -11.69 13.89
N PHE A 43 4.53 -11.93 12.60
CA PHE A 43 3.26 -11.76 11.92
C PHE A 43 3.07 -12.86 10.90
N LYS A 44 1.84 -13.21 10.65
CA LYS A 44 1.54 -14.22 9.65
C LYS A 44 0.78 -13.58 8.51
N LEU A 45 0.79 -14.23 7.37
CA LEU A 45 0.07 -13.74 6.20
C LEU A 45 -0.89 -14.82 5.71
N GLN A 46 -2.03 -14.41 5.19
CA GLN A 46 -3.00 -15.36 4.69
C GLN A 46 -3.81 -14.75 3.56
N THR A 47 -4.08 -15.55 2.54
CA THR A 47 -4.86 -15.08 1.42
C THR A 47 -6.27 -14.72 1.89
N LYS A 48 -6.64 -13.45 1.76
CA LYS A 48 -7.95 -13.00 2.20
C LYS A 48 -8.94 -13.05 1.04
N LEU A 49 -10.07 -13.71 1.28
CA LEU A 49 -11.11 -13.84 0.27
C LEU A 49 -12.48 -13.51 0.86
N PHE A 50 -13.54 -13.69 0.07
CA PHE A 50 -14.90 -13.38 0.51
C PHE A 50 -15.15 -13.70 1.98
N ASP A 51 -14.50 -14.75 2.47
CA ASP A 51 -14.66 -15.13 3.86
C ASP A 51 -13.72 -14.33 4.74
N GLY A 52 -12.47 -14.27 4.31
CA GLY A 52 -11.45 -13.56 5.06
C GLY A 52 -10.63 -14.54 5.88
N SER A 53 -10.88 -15.82 5.62
CA SER A 53 -10.18 -16.90 6.29
C SER A 53 -9.60 -17.86 5.26
N GLY A 54 -8.74 -17.33 4.40
CA GLY A 54 -8.13 -18.16 3.38
C GLY A 54 -6.99 -18.99 3.92
N GLU A 55 -5.97 -19.20 3.09
CA GLU A 55 -4.81 -19.98 3.50
C GLU A 55 -3.72 -19.05 4.02
N GLU A 56 -2.91 -19.55 4.93
CA GLU A 56 -1.82 -18.77 5.51
C GLU A 56 -0.57 -18.93 4.65
N ILE A 57 -0.12 -17.83 4.05
CA ILE A 57 1.07 -17.87 3.19
C ILE A 57 2.30 -18.11 4.02
N LYS A 58 2.76 -19.34 4.01
CA LYS A 58 3.95 -19.72 4.73
C LYS A 58 4.98 -20.30 3.77
N THR A 59 4.50 -20.80 2.62
CA THR A 59 5.36 -21.40 1.63
C THR A 59 5.36 -20.59 0.35
N ASP A 60 6.45 -20.70 -0.38
CA ASP A 60 6.62 -19.97 -1.62
C ASP A 60 5.51 -20.25 -2.64
N SER A 61 5.05 -21.49 -2.73
CA SER A 61 4.02 -21.85 -3.70
C SER A 61 2.74 -21.04 -3.55
N GLN A 62 2.51 -20.47 -2.37
CA GLN A 62 1.31 -19.68 -2.15
C GLN A 62 1.57 -18.21 -2.37
N VAL A 63 2.45 -17.66 -1.54
CA VAL A 63 2.82 -16.25 -1.62
C VAL A 63 3.03 -15.87 -3.07
N SER A 64 3.82 -16.67 -3.76
CA SER A 64 4.07 -16.46 -5.16
C SER A 64 2.73 -16.39 -5.87
N ASN A 65 2.00 -17.49 -5.80
CA ASN A 65 0.69 -17.61 -6.42
C ASN A 65 -0.19 -16.42 -6.10
N ILE A 66 0.04 -15.80 -4.96
CA ILE A 66 -0.72 -14.65 -4.57
C ILE A 66 -0.28 -13.45 -5.41
N ILE A 67 1.00 -13.45 -5.76
CA ILE A 67 1.57 -12.38 -6.59
C ILE A 67 1.12 -12.56 -8.04
N GLN A 68 0.95 -13.81 -8.41
CA GLN A 68 0.51 -14.18 -9.75
C GLN A 68 -0.99 -14.07 -9.85
N ALA A 69 -1.62 -14.82 -8.97
CA ALA A 69 -3.06 -14.87 -8.86
C ALA A 69 -3.64 -13.53 -8.45
N LYS A 70 -2.79 -12.66 -7.89
CA LYS A 70 -3.21 -11.34 -7.44
C LYS A 70 -4.14 -11.51 -6.24
N LEU A 71 -3.82 -12.51 -5.43
CA LEU A 71 -4.61 -12.84 -4.26
C LEU A 71 -4.44 -11.83 -3.14
N LYS A 72 -5.54 -11.48 -2.51
CA LYS A 72 -5.51 -10.56 -1.39
C LYS A 72 -4.99 -11.29 -0.17
N ILE A 73 -4.30 -10.58 0.71
CA ILE A 73 -3.74 -11.23 1.90
C ILE A 73 -4.13 -10.52 3.18
N SER A 74 -4.08 -11.25 4.28
CA SER A 74 -4.41 -10.72 5.59
C SER A 74 -3.31 -11.10 6.57
N VAL A 75 -2.58 -10.11 7.08
CA VAL A 75 -1.50 -10.37 8.01
C VAL A 75 -1.95 -10.14 9.45
N HIS A 76 -1.45 -10.95 10.36
CA HIS A 76 -1.84 -10.83 11.76
C HIS A 76 -0.67 -11.16 12.66
N ASP A 77 -0.79 -10.74 13.92
CA ASP A 77 0.22 -11.01 14.91
C ASP A 77 0.21 -12.49 15.24
N ILE A 78 1.31 -13.02 15.73
CA ILE A 78 1.39 -14.44 16.04
C ILE A 78 1.71 -14.65 17.52
N PRO B 1 6.31 16.93 -20.08
CA PRO B 1 6.95 15.59 -20.23
C PRO B 1 6.53 14.64 -19.11
N LEU B 2 7.05 14.89 -17.91
CA LEU B 2 6.73 14.06 -16.76
C LEU B 2 5.30 14.29 -16.29
N GLY B 3 4.99 13.84 -15.07
CA GLY B 3 3.67 14.02 -14.52
C GLY B 3 3.63 13.90 -13.01
N SER B 4 2.67 14.57 -12.39
CA SER B 4 2.53 14.55 -10.94
C SER B 4 1.29 13.80 -10.51
N ILE B 5 1.29 13.33 -9.27
CA ILE B 5 0.17 12.59 -8.73
C ILE B 5 -0.61 13.42 -7.71
N LEU B 6 -1.91 13.54 -7.92
CA LEU B 6 -2.76 14.29 -7.01
C LEU B 6 -3.25 13.38 -5.88
N PHE B 7 -2.87 13.70 -4.67
CA PHE B 7 -3.25 12.88 -3.52
C PHE B 7 -4.62 13.23 -2.99
N ARG B 8 -5.67 12.69 -3.62
CA ARG B 8 -7.01 12.92 -3.11
C ARG B 8 -7.02 12.41 -1.68
N ILE B 9 -7.14 13.31 -0.72
CA ILE B 9 -7.11 12.92 0.68
C ILE B 9 -8.39 13.28 1.40
N SER B 10 -9.09 12.28 1.91
CA SER B 10 -10.32 12.52 2.63
C SER B 10 -10.11 12.31 4.13
N TYR B 11 -9.87 13.39 4.85
CA TYR B 11 -9.66 13.31 6.30
C TYR B 11 -10.96 13.60 7.03
N ASN B 12 -11.45 12.61 7.77
CA ASN B 12 -12.72 12.77 8.50
C ASN B 12 -13.88 12.73 7.51
N SER B 13 -14.61 13.84 7.36
CA SER B 13 -15.72 13.88 6.42
C SER B 13 -15.52 15.02 5.42
N GLU B 14 -14.26 15.24 5.06
CA GLU B 14 -13.90 16.29 4.11
C GLU B 14 -12.85 15.78 3.13
N ILE B 15 -12.58 16.56 2.08
CA ILE B 15 -11.60 16.15 1.07
C ILE B 15 -10.54 17.21 0.82
N PHE B 16 -9.29 16.74 0.70
CA PHE B 16 -8.16 17.61 0.42
C PHE B 16 -7.28 16.93 -0.62
N THR B 17 -6.83 17.68 -1.61
CA THR B 17 -6.00 17.12 -2.66
C THR B 17 -4.60 17.71 -2.66
N LEU B 18 -3.59 16.86 -2.52
CA LEU B 18 -2.20 17.31 -2.47
C LEU B 18 -1.40 16.71 -3.64
N LEU B 19 -0.85 17.58 -4.50
CA LEU B 19 -0.08 17.11 -5.65
C LEU B 19 1.34 16.68 -5.27
N VAL B 20 1.76 15.56 -5.85
CA VAL B 20 3.09 15.01 -5.60
C VAL B 20 3.68 14.39 -6.86
N GLU B 21 4.76 15.00 -7.36
CA GLU B 21 5.41 14.51 -8.58
C GLU B 21 5.86 13.07 -8.41
N LYS B 22 5.89 12.33 -9.51
CA LYS B 22 6.29 10.93 -9.50
C LYS B 22 7.72 10.75 -8.99
N VAL B 23 8.48 11.84 -8.92
CA VAL B 23 9.86 11.78 -8.46
C VAL B 23 9.96 12.02 -6.96
N TRP B 24 8.84 12.39 -6.34
CA TRP B 24 8.80 12.67 -4.90
C TRP B 24 8.62 11.39 -4.10
N ASN B 25 9.57 11.10 -3.22
CA ASN B 25 9.50 9.91 -2.39
C ASN B 25 8.60 10.16 -1.18
N PHE B 26 8.31 9.11 -0.42
CA PHE B 26 7.44 9.21 0.76
C PHE B 26 7.53 10.56 1.45
N ASP B 27 8.74 11.12 1.57
CA ASP B 27 8.89 12.41 2.21
C ASP B 27 8.20 13.47 1.36
N ASP B 28 8.93 14.05 0.42
CA ASP B 28 8.38 15.08 -0.47
C ASP B 28 6.85 15.00 -0.59
N LEU B 29 6.33 13.80 -0.84
CA LEU B 29 4.90 13.62 -0.96
C LEU B 29 4.22 13.85 0.40
N ILE B 30 4.83 13.32 1.47
CA ILE B 30 4.31 13.54 2.82
C ILE B 30 4.48 15.02 3.13
N MET B 31 5.70 15.48 2.85
CA MET B 31 6.04 16.88 3.01
C MET B 31 4.97 17.69 2.30
N ALA B 32 4.52 17.13 1.17
CA ALA B 32 3.47 17.73 0.37
C ALA B 32 2.14 17.56 1.09
N ILE B 33 1.87 16.33 1.52
CA ILE B 33 0.65 16.00 2.23
C ILE B 33 0.49 16.92 3.44
N ASN B 34 1.45 16.86 4.35
CA ASN B 34 1.44 17.69 5.55
C ASN B 34 1.16 19.15 5.19
N SER B 35 1.60 19.54 4.01
CA SER B 35 1.41 20.90 3.53
C SER B 35 -0.05 21.15 3.15
N LYS B 36 -0.79 20.09 2.88
CA LYS B 36 -2.19 20.21 2.48
C LYS B 36 -3.14 19.66 3.54
N ILE B 37 -2.72 18.62 4.26
CA ILE B 37 -3.57 18.00 5.27
C ILE B 37 -3.55 18.75 6.60
N SER B 38 -2.41 19.36 6.95
CA SER B 38 -2.28 20.08 8.22
C SER B 38 -3.48 20.97 8.51
N ASN B 39 -4.26 21.30 7.48
CA ASN B 39 -5.44 22.13 7.66
C ASN B 39 -6.44 21.47 8.63
N THR B 40 -6.15 20.23 9.01
CA THR B 40 -7.00 19.49 9.94
C THR B 40 -6.43 19.56 11.35
N HIS B 41 -7.11 20.28 12.22
CA HIS B 41 -6.68 20.44 13.59
C HIS B 41 -6.67 19.10 14.33
N ILE B 42 -5.56 18.37 14.21
CA ILE B 42 -5.42 17.08 14.85
C ILE B 42 -3.94 16.65 14.95
N SER B 43 -3.24 16.68 13.81
CA SER B 43 -1.84 16.30 13.78
C SER B 43 -1.30 16.34 12.34
N PRO B 44 0.03 16.48 12.18
CA PRO B 44 0.67 16.53 10.87
C PRO B 44 0.62 15.20 10.12
N ILE B 45 0.19 14.14 10.82
CA ILE B 45 0.09 12.82 10.24
C ILE B 45 1.46 12.33 9.75
N THR B 46 1.53 11.04 9.46
CA THR B 46 2.76 10.41 8.97
C THR B 46 2.46 9.20 8.09
N LYS B 47 1.25 8.64 8.22
CA LYS B 47 0.85 7.49 7.43
C LYS B 47 -0.41 7.80 6.64
N ILE B 48 -0.42 7.42 5.37
CA ILE B 48 -1.58 7.67 4.52
C ILE B 48 -2.21 6.36 4.04
N LYS B 49 -3.49 6.45 3.71
CA LYS B 49 -4.23 5.30 3.20
C LYS B 49 -4.47 5.49 1.70
N TYR B 50 -4.53 4.42 0.93
CA TYR B 50 -4.73 4.56 -0.50
C TYR B 50 -5.66 3.47 -1.03
N GLN B 51 -6.78 3.89 -1.62
CA GLN B 51 -7.76 2.95 -2.15
C GLN B 51 -7.21 2.17 -3.34
N ASP B 52 -7.16 0.86 -3.20
CA ASP B 52 -6.66 0.00 -4.27
C ASP B 52 -7.79 -0.43 -5.20
N GLU B 53 -7.43 -1.12 -6.28
CA GLU B 53 -8.42 -1.59 -7.25
C GLU B 53 -9.38 -2.59 -6.62
N ASP B 54 -8.96 -3.23 -5.53
CA ASP B 54 -9.80 -4.20 -4.85
C ASP B 54 -11.04 -3.55 -4.26
N GLY B 55 -10.98 -2.25 -4.00
CA GLY B 55 -12.11 -1.55 -3.44
C GLY B 55 -11.97 -1.31 -1.94
N ASP B 56 -10.76 -1.45 -1.42
CA ASP B 56 -10.51 -1.25 -0.01
C ASP B 56 -9.46 -0.15 0.19
N PHE B 57 -9.16 0.17 1.44
CA PHE B 57 -8.17 1.19 1.74
C PHE B 57 -6.88 0.57 2.25
N VAL B 58 -5.77 0.99 1.67
CA VAL B 58 -4.46 0.48 2.02
C VAL B 58 -3.55 1.57 2.59
N VAL B 59 -2.46 1.18 3.21
CA VAL B 59 -1.54 2.15 3.78
C VAL B 59 -0.35 2.38 2.85
N LEU B 60 0.42 3.42 3.14
CA LEU B 60 1.59 3.75 2.36
C LEU B 60 2.45 4.75 3.10
N GLY B 61 3.69 4.37 3.38
CA GLY B 61 4.60 5.24 4.09
C GLY B 61 6.02 4.70 4.07
N SER B 62 6.34 3.96 3.02
CA SER B 62 7.67 3.39 2.88
C SER B 62 8.19 3.57 1.46
N ASP B 63 9.44 3.22 1.26
CA ASP B 63 10.05 3.35 -0.05
C ASP B 63 9.49 2.32 -1.02
N GLU B 64 9.51 1.08 -0.58
CA GLU B 64 9.01 -0.02 -1.40
C GLU B 64 7.53 0.18 -1.75
N ASP B 65 6.75 0.62 -0.77
CA ASP B 65 5.34 0.86 -0.99
C ASP B 65 5.18 2.04 -1.94
N TRP B 66 6.01 3.05 -1.75
CA TRP B 66 5.99 4.24 -2.59
C TRP B 66 6.10 3.85 -4.06
N ASN B 67 6.92 2.85 -4.37
CA ASN B 67 7.08 2.38 -5.75
C ASN B 67 5.79 1.70 -6.20
N VAL B 68 5.14 1.03 -5.25
CA VAL B 68 3.90 0.33 -5.52
C VAL B 68 2.80 1.31 -5.87
N ALA B 69 2.83 2.44 -5.18
CA ALA B 69 1.86 3.50 -5.38
C ALA B 69 1.95 4.07 -6.80
N LYS B 70 3.16 4.41 -7.20
CA LYS B 70 3.39 4.98 -8.52
C LYS B 70 3.11 3.93 -9.59
N GLU B 71 3.59 2.71 -9.34
CA GLU B 71 3.38 1.61 -10.27
C GLU B 71 1.90 1.26 -10.35
N MET B 72 1.29 1.04 -9.19
CA MET B 72 -0.13 0.71 -9.14
C MET B 72 -0.91 1.76 -9.92
N LEU B 73 -0.46 3.01 -9.81
CA LEU B 73 -1.06 4.12 -10.51
C LEU B 73 -0.71 4.01 -11.99
N ALA B 74 0.57 3.72 -12.24
CA ALA B 74 1.09 3.56 -13.60
C ALA B 74 0.16 2.73 -14.45
N GLU B 75 -0.30 1.64 -13.86
CA GLU B 75 -1.18 0.70 -14.52
C GLU B 75 -2.40 1.37 -15.10
N ASN B 76 -2.84 2.42 -14.43
CA ASN B 76 -4.01 3.17 -14.86
C ASN B 76 -3.61 4.56 -15.31
N ASN B 77 -2.34 4.88 -15.11
CA ASN B 77 -1.77 6.18 -15.48
C ASN B 77 -2.75 7.33 -15.22
N GLU B 78 -3.55 7.20 -14.16
CA GLU B 78 -4.51 8.23 -13.82
C GLU B 78 -3.80 9.47 -13.26
N LYS B 79 -2.51 9.34 -12.98
CA LYS B 79 -1.71 10.45 -12.46
C LYS B 79 -2.35 11.09 -11.23
N PHE B 80 -3.16 10.31 -10.52
CA PHE B 80 -3.82 10.78 -9.31
C PHE B 80 -3.70 9.72 -8.22
N LEU B 81 -4.28 9.98 -7.06
CA LEU B 81 -4.21 9.02 -5.95
C LEU B 81 -5.39 9.16 -5.00
N ASN B 82 -6.07 8.05 -4.74
CA ASN B 82 -7.20 8.06 -3.80
C ASN B 82 -6.69 7.81 -2.39
N ILE B 83 -6.33 8.90 -1.73
CA ILE B 83 -5.81 8.83 -0.37
C ILE B 83 -6.89 9.18 0.66
N ARG B 84 -6.72 8.70 1.88
CA ARG B 84 -7.67 8.98 2.95
C ARG B 84 -6.95 9.02 4.30
N LEU B 85 -7.23 10.05 5.08
CA LEU B 85 -6.62 10.20 6.38
C LEU B 85 -7.62 9.96 7.51
N TYR B 86 -7.31 8.97 8.35
CA TYR B 86 -8.18 8.62 9.48
C TYR B 86 -8.09 9.67 10.57
N PRO A 1 9.65 1.35 -17.96
CA PRO A 1 9.47 -0.09 -18.27
C PRO A 1 10.56 -0.95 -17.62
N HIS A 2 10.73 -0.80 -16.31
CA HIS A 2 11.73 -1.55 -15.58
C HIS A 2 11.13 -2.19 -14.33
N MET A 3 11.97 -2.91 -13.57
CA MET A 3 11.54 -3.58 -12.33
C MET A 3 10.06 -3.98 -12.37
N LYS A 4 9.80 -5.21 -12.80
CA LYS A 4 8.43 -5.71 -12.87
C LYS A 4 8.05 -6.42 -11.58
N THR A 5 6.87 -6.12 -11.07
CA THR A 5 6.39 -6.75 -9.83
C THR A 5 4.88 -6.82 -9.81
N THR A 6 4.34 -7.42 -8.75
CA THR A 6 2.90 -7.57 -8.58
C THR A 6 2.38 -6.62 -7.52
N LYS A 7 1.11 -6.28 -7.60
CA LYS A 7 0.50 -5.41 -6.61
C LYS A 7 -0.45 -6.20 -5.73
N ILE A 8 0.06 -6.70 -4.61
CA ILE A 8 -0.75 -7.47 -3.68
C ILE A 8 -0.91 -6.74 -2.36
N LYS A 9 -2.12 -6.76 -1.83
CA LYS A 9 -2.39 -6.09 -0.57
C LYS A 9 -2.38 -7.09 0.58
N PHE A 10 -2.53 -6.56 1.79
CA PHE A 10 -2.56 -7.38 2.99
C PHE A 10 -3.39 -6.68 4.05
N TYR A 11 -3.89 -7.43 5.03
CA TYR A 11 -4.72 -6.85 6.08
C TYR A 11 -4.18 -7.21 7.46
N TYR A 12 -3.90 -6.20 8.28
CA TYR A 12 -3.40 -6.41 9.63
C TYR A 12 -4.36 -5.80 10.63
N LYS A 13 -5.01 -6.65 11.41
CA LYS A 13 -5.98 -6.21 12.43
C LYS A 13 -6.85 -5.06 11.90
N ASP A 14 -6.32 -3.83 11.97
CA ASP A 14 -7.03 -2.66 11.50
C ASP A 14 -6.16 -1.84 10.54
N ASP A 15 -5.49 -2.52 9.61
CA ASP A 15 -4.63 -1.86 8.64
C ASP A 15 -4.39 -2.74 7.42
N ILE A 16 -4.51 -2.14 6.23
CA ILE A 16 -4.29 -2.86 4.98
C ILE A 16 -3.03 -2.36 4.30
N PHE A 17 -2.06 -3.22 4.01
CA PHE A 17 -0.83 -2.78 3.35
C PHE A 17 -0.82 -3.24 1.89
N ALA A 18 0.10 -2.68 1.10
CA ALA A 18 0.23 -3.03 -0.31
C ALA A 18 1.70 -3.19 -0.67
N LEU A 19 2.02 -4.30 -1.33
CA LEU A 19 3.42 -4.57 -1.70
C LEU A 19 3.57 -4.96 -3.16
N MET A 20 4.83 -5.17 -3.55
CA MET A 20 5.16 -5.54 -4.91
C MET A 20 6.10 -6.75 -4.93
N LEU A 21 5.59 -7.90 -5.40
CA LEU A 21 6.38 -9.12 -5.46
C LEU A 21 6.63 -9.56 -6.91
N LYS A 22 7.88 -9.75 -7.28
CA LYS A 22 8.21 -10.18 -8.63
C LYS A 22 7.62 -11.56 -8.92
N GLY A 23 7.74 -12.00 -10.17
CA GLY A 23 7.20 -13.29 -10.56
C GLY A 23 7.98 -14.49 -10.02
N ASP A 24 8.82 -14.27 -9.02
CA ASP A 24 9.61 -15.36 -8.44
C ASP A 24 9.74 -15.20 -6.93
N THR A 25 8.94 -14.31 -6.36
CA THR A 25 8.96 -14.04 -4.94
C THR A 25 8.67 -15.27 -4.09
N THR A 26 9.42 -15.42 -3.01
CA THR A 26 9.24 -16.52 -2.07
C THR A 26 8.41 -16.03 -0.90
N TYR A 27 7.99 -16.94 -0.02
CA TYR A 27 7.22 -16.53 1.14
C TYR A 27 8.05 -15.55 1.96
N LYS A 28 9.20 -16.00 2.44
CA LYS A 28 10.09 -15.15 3.23
C LYS A 28 10.15 -13.76 2.64
N GLU A 29 10.26 -13.69 1.32
CA GLU A 29 10.27 -12.43 0.62
C GLU A 29 9.00 -11.67 0.92
N LEU A 30 7.87 -12.33 0.65
CA LEU A 30 6.56 -11.76 0.90
C LEU A 30 6.48 -11.31 2.35
N ARG A 31 6.92 -12.15 3.26
CA ARG A 31 6.89 -11.85 4.69
C ARG A 31 7.74 -10.63 5.04
N SER A 32 8.99 -10.59 4.55
CA SER A 32 9.88 -9.45 4.81
C SER A 32 9.25 -8.13 4.36
N LYS A 33 8.33 -8.26 3.43
CA LYS A 33 7.64 -7.09 2.87
C LYS A 33 6.60 -6.54 3.84
N ILE A 34 5.80 -7.44 4.41
CA ILE A 34 4.74 -7.07 5.33
C ILE A 34 5.26 -6.63 6.69
N ALA A 35 6.34 -7.25 7.12
CA ALA A 35 6.93 -6.93 8.42
C ALA A 35 7.18 -5.44 8.58
N PRO A 36 7.98 -4.85 7.68
CA PRO A 36 8.30 -3.43 7.74
C PRO A 36 7.05 -2.56 7.69
N ARG A 37 5.94 -3.15 7.26
CA ARG A 37 4.67 -2.42 7.20
C ARG A 37 3.97 -2.49 8.54
N ILE A 38 3.94 -3.69 9.12
CA ILE A 38 3.31 -3.90 10.41
C ILE A 38 4.09 -3.24 11.53
N ASP A 39 3.74 -3.59 12.75
CA ASP A 39 4.41 -3.09 13.92
C ASP A 39 5.06 -4.26 14.67
N THR A 40 5.24 -5.37 13.95
CA THR A 40 5.81 -6.58 14.54
C THR A 40 6.67 -7.34 13.53
N ASP A 41 7.56 -8.18 14.07
CA ASP A 41 8.41 -9.03 13.25
C ASP A 41 7.91 -10.47 13.38
N ASN A 42 6.80 -10.59 14.09
CA ASN A 42 6.13 -11.86 14.31
C ASN A 42 4.68 -11.69 13.84
N PHE A 43 4.49 -11.93 12.56
CA PHE A 43 3.22 -11.77 11.90
C PHE A 43 3.03 -12.86 10.87
N LYS A 44 1.80 -13.24 10.64
CA LYS A 44 1.50 -14.24 9.64
C LYS A 44 0.73 -13.61 8.50
N LEU A 45 0.75 -14.25 7.34
CA LEU A 45 0.02 -13.76 6.19
C LEU A 45 -0.92 -14.85 5.70
N GLN A 46 -2.06 -14.46 5.18
CA GLN A 46 -3.03 -15.42 4.67
C GLN A 46 -3.83 -14.82 3.54
N THR A 47 -4.11 -15.62 2.53
CA THR A 47 -4.90 -15.17 1.40
C THR A 47 -6.31 -14.83 1.87
N LYS A 48 -6.70 -13.57 1.76
CA LYS A 48 -8.01 -13.14 2.20
C LYS A 48 -9.01 -13.21 1.05
N LEU A 49 -10.13 -13.89 1.30
CA LEU A 49 -11.17 -14.04 0.29
C LEU A 49 -12.54 -13.74 0.90
N PHE A 50 -13.60 -13.92 0.11
CA PHE A 50 -14.97 -13.65 0.56
C PHE A 50 -15.20 -13.97 2.03
N ASP A 51 -14.54 -15.01 2.52
CA ASP A 51 -14.67 -15.40 3.91
C ASP A 51 -13.73 -14.58 4.78
N GLY A 52 -12.49 -14.48 4.33
CA GLY A 52 -11.48 -13.76 5.08
C GLY A 52 -10.65 -14.72 5.88
N SER A 53 -10.86 -16.01 5.64
CA SER A 53 -10.15 -17.07 6.31
C SER A 53 -9.57 -18.03 5.28
N GLY A 54 -8.71 -17.49 4.42
CA GLY A 54 -8.10 -18.31 3.39
C GLY A 54 -6.93 -19.11 3.93
N GLU A 55 -5.92 -19.31 3.09
CA GLU A 55 -4.74 -20.07 3.48
C GLU A 55 -3.68 -19.11 4.00
N GLU A 56 -2.85 -19.61 4.91
CA GLU A 56 -1.77 -18.80 5.48
C GLU A 56 -0.52 -18.94 4.62
N ILE A 57 -0.08 -17.84 4.03
CA ILE A 57 1.10 -17.86 3.17
C ILE A 57 2.35 -18.08 3.99
N LYS A 58 2.82 -19.32 3.96
CA LYS A 58 4.02 -19.68 4.67
C LYS A 58 5.05 -20.24 3.71
N THR A 59 4.57 -20.74 2.57
CA THR A 59 5.43 -21.33 1.56
C THR A 59 5.42 -20.52 0.28
N ASP A 60 6.49 -20.61 -0.46
CA ASP A 60 6.63 -19.87 -1.71
C ASP A 60 5.52 -20.16 -2.71
N SER A 61 5.08 -21.41 -2.79
CA SER A 61 4.04 -21.79 -3.74
C SER A 61 2.75 -21.00 -3.56
N GLN A 62 2.56 -20.42 -2.39
CA GLN A 62 1.35 -19.66 -2.14
C GLN A 62 1.58 -18.17 -2.38
N VAL A 63 2.45 -17.61 -1.57
CA VAL A 63 2.80 -16.20 -1.66
C VAL A 63 2.98 -15.83 -3.12
N SER A 64 3.78 -16.63 -3.81
CA SER A 64 3.99 -16.42 -5.22
C SER A 64 2.65 -16.38 -5.91
N ASN A 65 1.93 -17.49 -5.83
CA ASN A 65 0.61 -17.62 -6.43
C ASN A 65 -0.27 -16.44 -6.10
N ILE A 66 -0.02 -15.80 -4.97
CA ILE A 66 -0.80 -14.65 -4.58
C ILE A 66 -0.36 -13.45 -5.41
N ILE A 67 0.91 -13.45 -5.80
CA ILE A 67 1.46 -12.39 -6.62
C ILE A 67 1.00 -12.57 -8.07
N GLN A 68 0.83 -13.83 -8.44
CA GLN A 68 0.38 -14.20 -9.77
C GLN A 68 -1.13 -14.11 -9.84
N ALA A 69 -1.75 -14.86 -8.95
CA ALA A 69 -3.17 -14.92 -8.82
C ALA A 69 -3.76 -13.57 -8.40
N LYS A 70 -2.89 -12.71 -7.87
CA LYS A 70 -3.31 -11.39 -7.40
C LYS A 70 -4.22 -11.56 -6.19
N LEU A 71 -3.89 -12.56 -5.38
CA LEU A 71 -4.67 -12.88 -4.20
C LEU A 71 -4.50 -11.85 -3.09
N LYS A 72 -5.62 -11.52 -2.47
CA LYS A 72 -5.61 -10.59 -1.36
C LYS A 72 -5.07 -11.32 -0.14
N ILE A 73 -4.38 -10.63 0.74
CA ILE A 73 -3.82 -11.27 1.91
C ILE A 73 -4.21 -10.57 3.21
N SER A 74 -4.16 -11.33 4.30
CA SER A 74 -4.49 -10.82 5.61
C SER A 74 -3.37 -11.19 6.58
N VAL A 75 -2.67 -10.19 7.10
CA VAL A 75 -1.58 -10.44 8.03
C VAL A 75 -2.04 -10.22 9.46
N HIS A 76 -1.53 -11.03 10.38
CA HIS A 76 -1.91 -10.92 11.78
C HIS A 76 -0.74 -11.24 12.68
N ASP A 77 -0.85 -10.83 13.93
CA ASP A 77 0.18 -11.10 14.93
C ASP A 77 0.17 -12.58 15.23
N ILE A 78 1.30 -13.11 15.71
CA ILE A 78 1.39 -14.53 16.00
C ILE A 78 1.69 -14.77 17.48
N PRO B 1 2.62 18.95 -14.11
CA PRO B 1 3.39 19.25 -15.34
C PRO B 1 3.39 18.09 -16.32
N LEU B 2 3.80 16.92 -15.83
CA LEU B 2 3.86 15.72 -16.66
C LEU B 2 3.74 14.46 -15.80
N GLY B 3 4.48 14.44 -14.69
CA GLY B 3 4.45 13.29 -13.81
C GLY B 3 3.96 13.63 -12.42
N SER B 4 2.93 14.47 -12.35
CA SER B 4 2.39 14.90 -11.06
C SER B 4 1.18 14.07 -10.65
N ILE B 5 1.21 13.56 -9.43
CA ILE B 5 0.12 12.76 -8.90
C ILE B 5 -0.66 13.55 -7.86
N LEU B 6 -1.97 13.65 -8.06
CA LEU B 6 -2.81 14.37 -7.12
C LEU B 6 -3.28 13.44 -6.02
N PHE B 7 -2.88 13.74 -4.79
CA PHE B 7 -3.25 12.91 -3.64
C PHE B 7 -4.61 13.24 -3.07
N ARG B 8 -5.67 12.65 -3.64
CA ARG B 8 -6.99 12.86 -3.10
C ARG B 8 -6.96 12.36 -1.67
N ILE B 9 -7.05 13.25 -0.70
CA ILE B 9 -6.99 12.87 0.69
C ILE B 9 -8.29 13.20 1.42
N SER B 10 -8.97 12.19 1.91
CA SER B 10 -10.23 12.39 2.62
C SER B 10 -10.05 12.20 4.12
N TYR B 11 -9.89 13.29 4.84
CA TYR B 11 -9.74 13.23 6.29
C TYR B 11 -11.09 13.42 6.97
N ASN B 12 -11.59 12.37 7.62
CA ASN B 12 -12.90 12.44 8.26
C ASN B 12 -13.99 12.48 7.18
N SER B 13 -14.76 13.57 7.10
CA SER B 13 -15.79 13.69 6.08
C SER B 13 -15.49 14.85 5.15
N GLU B 14 -14.20 15.13 4.97
CA GLU B 14 -13.76 16.23 4.10
C GLU B 14 -12.73 15.71 3.10
N ILE B 15 -12.49 16.49 2.05
CA ILE B 15 -11.53 16.09 1.02
C ILE B 15 -10.45 17.15 0.78
N PHE B 16 -9.21 16.68 0.69
CA PHE B 16 -8.07 17.55 0.43
C PHE B 16 -7.22 16.91 -0.66
N THR B 17 -6.81 17.69 -1.65
CA THR B 17 -5.99 17.17 -2.74
C THR B 17 -4.59 17.76 -2.75
N LEU B 18 -3.57 16.90 -2.64
CA LEU B 18 -2.19 17.35 -2.60
C LEU B 18 -1.40 16.76 -3.78
N LEU B 19 -0.85 17.62 -4.63
CA LEU B 19 -0.07 17.18 -5.80
C LEU B 19 1.34 16.72 -5.42
N VAL B 20 1.75 15.59 -6.00
CA VAL B 20 3.07 15.03 -5.74
C VAL B 20 3.67 14.36 -6.99
N GLU B 21 4.77 14.91 -7.49
CA GLU B 21 5.43 14.37 -8.67
C GLU B 21 5.88 12.93 -8.45
N LYS B 22 5.96 12.16 -9.54
CA LYS B 22 6.36 10.76 -9.46
C LYS B 22 7.81 10.60 -8.97
N VAL B 23 8.56 11.70 -8.94
CA VAL B 23 9.94 11.66 -8.50
C VAL B 23 10.06 11.90 -6.99
N TRP B 24 8.95 12.28 -6.37
CA TRP B 24 8.92 12.55 -4.94
C TRP B 24 8.73 11.27 -4.14
N ASN B 25 9.63 11.03 -3.20
CA ASN B 25 9.56 9.84 -2.35
C ASN B 25 8.59 10.08 -1.19
N PHE B 26 8.26 9.03 -0.46
CA PHE B 26 7.33 9.11 0.67
C PHE B 26 7.43 10.45 1.40
N ASP B 27 8.62 11.00 1.55
CA ASP B 27 8.78 12.27 2.22
C ASP B 27 8.11 13.36 1.39
N ASP B 28 8.85 13.96 0.46
CA ASP B 28 8.33 15.03 -0.40
C ASP B 28 6.81 14.95 -0.55
N LEU B 29 6.30 13.77 -0.88
CA LEU B 29 4.86 13.59 -1.05
C LEU B 29 4.16 13.80 0.30
N ILE B 30 4.72 13.23 1.37
CA ILE B 30 4.16 13.42 2.71
C ILE B 30 4.33 14.90 3.05
N MET B 31 5.56 15.35 2.83
CA MET B 31 5.90 16.75 3.04
C MET B 31 4.87 17.59 2.32
N ALA B 32 4.45 17.09 1.16
CA ALA B 32 3.43 17.71 0.35
C ALA B 32 2.09 17.55 1.04
N ILE B 33 1.78 16.31 1.43
CA ILE B 33 0.54 16.01 2.11
C ILE B 33 0.40 16.87 3.36
N ASN B 34 1.38 16.77 4.25
CA ASN B 34 1.39 17.55 5.48
C ASN B 34 1.09 19.01 5.18
N SER B 35 1.48 19.44 3.99
CA SER B 35 1.27 20.81 3.55
C SER B 35 -0.21 21.08 3.26
N LYS B 36 -0.95 20.03 2.90
CA LYS B 36 -2.37 20.18 2.58
C LYS B 36 -3.27 19.57 3.65
N ILE B 37 -2.80 18.53 4.32
CA ILE B 37 -3.61 17.86 5.34
C ILE B 37 -3.56 18.57 6.69
N SER B 38 -2.40 19.14 7.04
CA SER B 38 -2.26 19.83 8.33
C SER B 38 -3.44 20.75 8.63
N ASN B 39 -4.22 21.08 7.60
CA ASN B 39 -5.39 21.93 7.77
C ASN B 39 -6.38 21.31 8.76
N THR B 40 -6.11 20.08 9.18
CA THR B 40 -6.96 19.38 10.13
C THR B 40 -6.82 20.00 11.52
N HIS B 41 -7.52 19.45 12.50
CA HIS B 41 -7.47 19.99 13.87
C HIS B 41 -6.60 19.13 14.79
N ILE B 42 -6.06 18.04 14.25
CA ILE B 42 -5.22 17.15 15.06
C ILE B 42 -3.72 17.47 14.91
N SER B 43 -3.03 16.70 14.06
CA SER B 43 -1.59 16.91 13.85
C SER B 43 -1.25 16.85 12.36
N PRO B 44 0.04 17.03 12.01
CA PRO B 44 0.51 17.00 10.62
C PRO B 44 0.56 15.59 10.02
N ILE B 45 0.05 14.60 10.76
CA ILE B 45 0.06 13.23 10.28
C ILE B 45 1.48 12.76 9.97
N THR B 46 1.65 11.44 9.82
CA THR B 46 2.96 10.86 9.52
C THR B 46 2.83 9.64 8.63
N LYS B 47 1.60 9.34 8.20
CA LYS B 47 1.32 8.19 7.35
C LYS B 47 0.10 8.48 6.49
N ILE B 48 -0.21 7.57 5.58
CA ILE B 48 -1.36 7.75 4.72
C ILE B 48 -1.94 6.42 4.25
N LYS B 49 -3.20 6.46 3.84
CA LYS B 49 -3.91 5.30 3.34
C LYS B 49 -4.19 5.51 1.86
N TYR B 50 -4.24 4.45 1.05
CA TYR B 50 -4.49 4.61 -0.37
C TYR B 50 -5.45 3.53 -0.87
N GLN B 51 -6.58 3.95 -1.42
CA GLN B 51 -7.57 3.01 -1.94
C GLN B 51 -7.02 2.21 -3.12
N ASP B 52 -7.10 0.89 -3.01
CA ASP B 52 -6.61 0.01 -4.07
C ASP B 52 -7.75 -0.41 -5.00
N GLU B 53 -7.40 -1.11 -6.07
CA GLU B 53 -8.39 -1.58 -7.04
C GLU B 53 -9.37 -2.56 -6.40
N ASP B 54 -8.96 -3.17 -5.30
CA ASP B 54 -9.80 -4.13 -4.59
C ASP B 54 -11.05 -3.47 -4.02
N GLY B 55 -10.98 -2.15 -3.83
CA GLY B 55 -12.11 -1.43 -3.28
C GLY B 55 -12.00 -1.19 -1.78
N ASP B 56 -10.79 -1.33 -1.25
CA ASP B 56 -10.57 -1.11 0.18
C ASP B 56 -9.50 -0.04 0.38
N PHE B 57 -9.16 0.24 1.63
CA PHE B 57 -8.14 1.25 1.93
C PHE B 57 -6.88 0.59 2.43
N VAL B 58 -5.76 0.97 1.83
CA VAL B 58 -4.46 0.45 2.18
C VAL B 58 -3.60 1.53 2.81
N VAL B 59 -2.51 1.13 3.46
CA VAL B 59 -1.61 2.09 4.08
C VAL B 59 -0.43 2.36 3.16
N LEU B 60 0.33 3.39 3.47
CA LEU B 60 1.49 3.74 2.67
C LEU B 60 2.40 4.70 3.42
N GLY B 61 3.65 4.28 3.59
CA GLY B 61 4.62 5.09 4.30
C GLY B 61 6.03 4.53 4.19
N SER B 62 6.30 3.81 3.10
CA SER B 62 7.62 3.22 2.90
C SER B 62 8.12 3.49 1.49
N ASP B 63 9.40 3.24 1.27
CA ASP B 63 10.01 3.44 -0.04
C ASP B 63 9.57 2.35 -1.00
N GLU B 64 9.32 1.16 -0.46
CA GLU B 64 8.88 0.03 -1.27
C GLU B 64 7.43 0.20 -1.69
N ASP B 65 6.57 0.53 -0.74
CA ASP B 65 5.15 0.73 -1.02
C ASP B 65 4.97 1.96 -1.90
N TRP B 66 5.85 2.93 -1.70
CA TRP B 66 5.80 4.16 -2.47
C TRP B 66 5.94 3.87 -3.97
N ASN B 67 6.86 2.98 -4.29
CA ASN B 67 7.09 2.59 -5.68
C ASN B 67 5.89 1.84 -6.22
N VAL B 68 5.21 1.14 -5.33
CA VAL B 68 4.02 0.38 -5.69
C VAL B 68 2.91 1.34 -6.09
N ALA B 69 2.86 2.46 -5.39
CA ALA B 69 1.86 3.49 -5.64
C ALA B 69 2.02 4.06 -7.04
N LYS B 70 3.23 4.46 -7.38
CA LYS B 70 3.51 5.04 -8.68
C LYS B 70 3.30 3.99 -9.77
N GLU B 71 3.80 2.79 -9.51
CA GLU B 71 3.67 1.68 -10.45
C GLU B 71 2.20 1.30 -10.59
N MET B 72 1.56 1.00 -9.45
CA MET B 72 0.15 0.64 -9.45
C MET B 72 -0.64 1.66 -10.26
N LEU B 73 -0.33 2.92 -10.01
CA LEU B 73 -0.96 4.01 -10.72
C LEU B 73 -0.55 3.95 -12.19
N ALA B 74 0.73 3.71 -12.41
CA ALA B 74 1.29 3.59 -13.76
C ALA B 74 0.38 2.77 -14.66
N GLU B 75 -0.07 1.66 -14.12
CA GLU B 75 -0.94 0.74 -14.84
C GLU B 75 -2.17 1.44 -15.40
N ASN B 76 -2.61 2.47 -14.70
CA ASN B 76 -3.77 3.25 -15.12
C ASN B 76 -3.34 4.65 -15.53
N ASN B 77 -2.09 4.98 -15.22
CA ASN B 77 -1.50 6.26 -15.55
C ASN B 77 -2.48 7.41 -15.33
N GLU B 78 -3.37 7.26 -14.35
CA GLU B 78 -4.34 8.30 -14.05
C GLU B 78 -3.64 9.54 -13.48
N LYS B 79 -2.41 9.36 -13.05
CA LYS B 79 -1.63 10.45 -12.48
C LYS B 79 -2.34 11.03 -11.26
N PHE B 80 -3.08 10.19 -10.57
CA PHE B 80 -3.80 10.61 -9.38
C PHE B 80 -3.69 9.54 -8.28
N LEU B 81 -4.07 9.90 -7.06
CA LEU B 81 -3.99 8.97 -5.93
C LEU B 81 -5.17 9.13 -4.99
N ASN B 82 -5.81 8.02 -4.64
CA ASN B 82 -6.94 8.04 -3.71
C ASN B 82 -6.44 7.80 -2.29
N ILE B 83 -6.07 8.89 -1.62
CA ILE B 83 -5.55 8.83 -0.27
C ILE B 83 -6.64 9.16 0.76
N ARG B 84 -6.42 8.76 2.01
CA ARG B 84 -7.37 9.02 3.08
C ARG B 84 -6.70 9.07 4.44
N LEU B 85 -7.13 10.01 5.29
CA LEU B 85 -6.59 10.16 6.63
C LEU B 85 -7.67 9.85 7.66
N TYR B 86 -7.36 8.93 8.58
CA TYR B 86 -8.31 8.54 9.61
C TYR B 86 -7.71 8.77 11.01
N PRO A 1 15.90 -5.27 -18.56
CA PRO A 1 15.04 -5.73 -17.43
C PRO A 1 14.38 -4.56 -16.70
N HIS A 2 13.12 -4.74 -16.31
CA HIS A 2 12.39 -3.70 -15.61
C HIS A 2 12.02 -4.15 -14.20
N MET A 3 11.07 -5.10 -14.12
CA MET A 3 10.57 -5.63 -12.85
C MET A 3 9.33 -4.88 -12.41
N LYS A 4 8.21 -5.19 -13.06
CA LYS A 4 6.94 -4.54 -12.74
C LYS A 4 6.36 -5.05 -11.43
N THR A 5 6.80 -6.22 -11.01
CA THR A 5 6.32 -6.82 -9.77
C THR A 5 4.80 -6.93 -9.75
N THR A 6 4.29 -7.55 -8.70
CA THR A 6 2.86 -7.73 -8.54
C THR A 6 2.33 -6.77 -7.50
N LYS A 7 1.05 -6.44 -7.59
CA LYS A 7 0.43 -5.56 -6.62
C LYS A 7 -0.50 -6.36 -5.73
N ILE A 8 0.04 -6.83 -4.60
CA ILE A 8 -0.74 -7.60 -3.66
C ILE A 8 -0.90 -6.84 -2.35
N LYS A 9 -2.11 -6.85 -1.84
CA LYS A 9 -2.40 -6.14 -0.60
C LYS A 9 -2.39 -7.11 0.58
N PHE A 10 -2.54 -6.56 1.77
CA PHE A 10 -2.56 -7.36 2.99
C PHE A 10 -3.40 -6.64 4.03
N TYR A 11 -3.90 -7.38 5.01
CA TYR A 11 -4.75 -6.78 6.05
C TYR A 11 -4.21 -7.11 7.44
N TYR A 12 -3.94 -6.08 8.24
CA TYR A 12 -3.45 -6.29 9.60
C TYR A 12 -4.44 -5.75 10.61
N LYS A 13 -5.06 -6.65 11.36
CA LYS A 13 -6.06 -6.28 12.38
C LYS A 13 -7.19 -5.47 11.76
N ASP A 14 -6.91 -4.19 11.50
CA ASP A 14 -7.90 -3.30 10.91
C ASP A 14 -7.27 -2.36 9.88
N ASP A 15 -6.09 -2.74 9.40
CA ASP A 15 -5.38 -1.92 8.41
C ASP A 15 -5.00 -2.77 7.20
N ILE A 16 -4.92 -2.14 6.04
CA ILE A 16 -4.57 -2.84 4.81
C ILE A 16 -3.31 -2.26 4.18
N PHE A 17 -2.31 -3.08 3.88
CA PHE A 17 -1.09 -2.59 3.27
C PHE A 17 -0.99 -3.09 1.82
N ALA A 18 -0.04 -2.54 1.05
CA ALA A 18 0.13 -2.94 -0.35
C ALA A 18 1.61 -3.13 -0.69
N LEU A 19 1.94 -4.25 -1.33
CA LEU A 19 3.34 -4.53 -1.67
C LEU A 19 3.52 -4.95 -3.12
N MET A 20 4.79 -5.18 -3.49
CA MET A 20 5.15 -5.59 -4.83
C MET A 20 6.10 -6.80 -4.82
N LEU A 21 5.64 -7.94 -5.34
CA LEU A 21 6.46 -9.15 -5.35
C LEU A 21 6.75 -9.62 -6.77
N LYS A 22 8.02 -9.83 -7.09
CA LYS A 22 8.41 -10.30 -8.41
C LYS A 22 7.75 -11.63 -8.73
N GLY A 23 7.81 -12.03 -9.99
CA GLY A 23 7.20 -13.29 -10.40
C GLY A 23 7.90 -14.53 -9.87
N ASP A 24 8.77 -14.35 -8.87
CA ASP A 24 9.49 -15.49 -8.28
C ASP A 24 9.67 -15.30 -6.78
N THR A 25 8.90 -14.37 -6.20
CA THR A 25 8.97 -14.07 -4.78
C THR A 25 8.69 -15.30 -3.92
N THR A 26 9.47 -15.43 -2.85
CA THR A 26 9.31 -16.53 -1.90
C THR A 26 8.49 -16.04 -0.73
N TYR A 27 8.07 -16.93 0.15
CA TYR A 27 7.29 -16.54 1.31
C TYR A 27 8.08 -15.54 2.14
N LYS A 28 9.24 -15.98 2.65
CA LYS A 28 10.10 -15.12 3.45
C LYS A 28 10.18 -13.73 2.84
N GLU A 29 10.27 -13.69 1.51
CA GLU A 29 10.31 -12.43 0.80
C GLU A 29 9.03 -11.68 1.08
N LEU A 30 7.91 -12.33 0.80
CA LEU A 30 6.60 -11.75 1.03
C LEU A 30 6.49 -11.30 2.48
N ARG A 31 6.92 -12.14 3.40
CA ARG A 31 6.87 -11.82 4.82
C ARG A 31 7.72 -10.59 5.17
N SER A 32 8.97 -10.56 4.70
CA SER A 32 9.85 -9.43 4.96
C SER A 32 9.23 -8.11 4.49
N LYS A 33 8.32 -8.25 3.54
CA LYS A 33 7.63 -7.11 2.94
C LYS A 33 6.59 -6.53 3.89
N ILE A 34 5.79 -7.41 4.48
CA ILE A 34 4.73 -7.02 5.38
C ILE A 34 5.24 -6.55 6.74
N ALA A 35 6.31 -7.15 7.20
CA ALA A 35 6.88 -6.80 8.49
C ALA A 35 7.12 -5.30 8.62
N PRO A 36 7.92 -4.72 7.71
CA PRO A 36 8.23 -3.29 7.74
C PRO A 36 6.97 -2.44 7.68
N ARG A 37 5.87 -3.04 7.25
CA ARG A 37 4.60 -2.32 7.17
C ARG A 37 3.90 -2.38 8.52
N ILE A 38 3.87 -3.57 9.12
CA ILE A 38 3.24 -3.76 10.42
C ILE A 38 4.03 -3.09 11.52
N ASP A 39 3.65 -3.39 12.75
CA ASP A 39 4.33 -2.87 13.92
C ASP A 39 4.96 -4.03 14.68
N THR A 40 5.14 -5.16 13.99
CA THR A 40 5.71 -6.35 14.59
C THR A 40 6.59 -7.14 13.62
N ASP A 41 7.46 -7.97 14.17
CA ASP A 41 8.32 -8.84 13.37
C ASP A 41 7.82 -10.27 13.52
N ASN A 42 6.71 -10.39 14.24
CA ASN A 42 6.03 -11.65 14.47
C ASN A 42 4.59 -11.49 13.98
N PHE A 43 4.42 -11.75 12.70
CA PHE A 43 3.15 -11.59 12.02
C PHE A 43 2.98 -12.70 11.01
N LYS A 44 1.75 -13.09 10.77
CA LYS A 44 1.47 -14.11 9.78
C LYS A 44 0.71 -13.50 8.62
N LEU A 45 0.74 -14.16 7.49
CA LEU A 45 0.02 -13.69 6.31
C LEU A 45 -0.91 -14.79 5.84
N GLN A 46 -2.06 -14.42 5.30
CA GLN A 46 -3.00 -15.39 4.80
C GLN A 46 -3.81 -14.82 3.65
N THR A 47 -4.06 -15.64 2.65
CA THR A 47 -4.84 -15.22 1.51
C THR A 47 -6.25 -14.88 1.96
N LYS A 48 -6.64 -13.62 1.82
CA LYS A 48 -7.97 -13.18 2.23
C LYS A 48 -8.96 -13.30 1.08
N LEU A 49 -10.07 -13.96 1.34
CA LEU A 49 -11.10 -14.14 0.33
C LEU A 49 -12.48 -13.84 0.92
N PHE A 50 -13.53 -14.03 0.13
CA PHE A 50 -14.90 -13.75 0.55
C PHE A 50 -15.15 -14.06 2.02
N ASP A 51 -14.49 -15.08 2.54
CA ASP A 51 -14.64 -15.46 3.93
C ASP A 51 -13.73 -14.63 4.81
N GLY A 52 -12.48 -14.54 4.39
CA GLY A 52 -11.50 -13.82 5.15
C GLY A 52 -10.65 -14.77 5.96
N SER A 53 -10.87 -16.06 5.72
CA SER A 53 -10.16 -17.12 6.39
C SER A 53 -9.55 -18.06 5.38
N GLY A 54 -8.68 -17.52 4.52
CA GLY A 54 -8.04 -18.31 3.51
C GLY A 54 -6.89 -19.12 4.06
N GLU A 55 -5.87 -19.32 3.23
CA GLU A 55 -4.68 -20.06 3.64
C GLU A 55 -3.61 -19.12 4.16
N GLU A 56 -2.80 -19.59 5.09
CA GLU A 56 -1.73 -18.79 5.65
C GLU A 56 -0.47 -18.92 4.80
N ILE A 57 -0.04 -17.82 4.22
CA ILE A 57 1.15 -17.85 3.37
C ILE A 57 2.40 -18.04 4.20
N LYS A 58 2.86 -19.27 4.24
CA LYS A 58 4.05 -19.62 4.98
C LYS A 58 5.09 -20.19 4.03
N THR A 59 4.63 -20.71 2.89
CA THR A 59 5.51 -21.31 1.92
C THR A 59 5.51 -20.52 0.62
N ASP A 60 6.60 -20.62 -0.10
CA ASP A 60 6.77 -19.89 -1.35
C ASP A 60 5.70 -20.21 -2.38
N SER A 61 5.24 -21.46 -2.45
CA SER A 61 4.24 -21.84 -3.43
C SER A 61 2.93 -21.07 -3.30
N GLN A 62 2.70 -20.48 -2.14
CA GLN A 62 1.47 -19.73 -1.92
C GLN A 62 1.70 -18.25 -2.18
N VAL A 63 2.55 -17.66 -1.36
CA VAL A 63 2.89 -16.25 -1.47
C VAL A 63 3.09 -15.89 -2.92
N SER A 64 3.88 -16.70 -3.60
CA SER A 64 4.12 -16.51 -5.01
C SER A 64 2.78 -16.48 -5.72
N ASN A 65 2.06 -17.60 -5.63
CA ASN A 65 0.75 -17.76 -6.23
C ASN A 65 -0.14 -16.57 -5.95
N ILE A 66 0.09 -15.93 -4.81
CA ILE A 66 -0.70 -14.78 -4.44
C ILE A 66 -0.27 -13.59 -5.29
N ILE A 67 1.01 -13.58 -5.65
CA ILE A 67 1.56 -12.52 -6.50
C ILE A 67 1.11 -12.72 -7.95
N GLN A 68 0.93 -13.99 -8.30
CA GLN A 68 0.50 -14.38 -9.62
C GLN A 68 -1.00 -14.30 -9.70
N ALA A 69 -1.61 -15.06 -8.82
CA ALA A 69 -3.05 -15.14 -8.70
C ALA A 69 -3.65 -13.80 -8.30
N LYS A 70 -2.81 -12.92 -7.76
CA LYS A 70 -3.26 -11.61 -7.33
C LYS A 70 -4.17 -11.77 -6.12
N LEU A 71 -3.82 -12.74 -5.29
CA LEU A 71 -4.59 -13.07 -4.11
C LEU A 71 -4.44 -12.03 -3.01
N LYS A 72 -5.57 -11.69 -2.41
CA LYS A 72 -5.57 -10.75 -1.30
C LYS A 72 -5.01 -11.45 -0.09
N ILE A 73 -4.36 -10.70 0.79
CA ILE A 73 -3.79 -11.31 1.97
C ILE A 73 -4.20 -10.58 3.25
N SER A 74 -4.16 -11.31 4.35
CA SER A 74 -4.50 -10.77 5.65
C SER A 74 -3.39 -11.12 6.64
N VAL A 75 -2.69 -10.11 7.14
CA VAL A 75 -1.61 -10.34 8.09
C VAL A 75 -2.08 -10.09 9.51
N HIS A 76 -1.58 -10.89 10.44
CA HIS A 76 -1.97 -10.75 11.83
C HIS A 76 -0.81 -11.06 12.75
N ASP A 77 -0.93 -10.62 14.00
CA ASP A 77 0.08 -10.88 15.01
C ASP A 77 0.08 -12.36 15.33
N ILE A 78 1.19 -12.88 15.82
CA ILE A 78 1.29 -14.29 16.13
C ILE A 78 1.56 -14.52 17.62
N PRO B 1 3.94 17.29 -17.98
CA PRO B 1 5.09 18.24 -17.91
C PRO B 1 6.33 17.56 -17.32
N LEU B 2 6.22 17.09 -16.08
CA LEU B 2 7.34 16.43 -15.42
C LEU B 2 6.85 15.45 -14.34
N GLY B 3 5.57 15.09 -14.40
CA GLY B 3 5.02 14.17 -13.42
C GLY B 3 4.25 14.87 -12.32
N SER B 4 3.02 14.43 -12.07
CA SER B 4 2.22 15.02 -11.01
C SER B 4 1.10 14.11 -10.55
N ILE B 5 1.15 13.70 -9.29
CA ILE B 5 0.12 12.86 -8.73
C ILE B 5 -0.66 13.61 -7.67
N LEU B 6 -1.96 13.72 -7.86
CA LEU B 6 -2.81 14.40 -6.92
C LEU B 6 -3.25 13.46 -5.81
N PHE B 7 -2.83 13.76 -4.59
CA PHE B 7 -3.17 12.92 -3.46
C PHE B 7 -4.55 13.21 -2.90
N ARG B 8 -5.58 12.67 -3.54
CA ARG B 8 -6.93 12.85 -3.03
C ARG B 8 -6.92 12.32 -1.61
N ILE B 9 -7.04 13.20 -0.64
CA ILE B 9 -7.00 12.79 0.76
C ILE B 9 -8.29 13.13 1.47
N SER B 10 -8.98 12.11 1.96
CA SER B 10 -10.23 12.31 2.67
C SER B 10 -10.02 12.09 4.16
N TYR B 11 -9.79 13.18 4.90
CA TYR B 11 -9.59 13.08 6.33
C TYR B 11 -10.91 13.32 7.05
N ASN B 12 -11.40 12.31 7.76
CA ASN B 12 -12.67 12.42 8.44
C ASN B 12 -13.78 12.48 7.37
N SER B 13 -14.60 13.52 7.36
CA SER B 13 -15.63 13.65 6.34
C SER B 13 -15.29 14.82 5.42
N GLU B 14 -14.00 15.11 5.32
CA GLU B 14 -13.51 16.21 4.50
C GLU B 14 -12.77 15.69 3.27
N ILE B 15 -12.22 16.60 2.49
CA ILE B 15 -11.45 16.23 1.29
C ILE B 15 -10.34 17.23 1.01
N PHE B 16 -9.12 16.73 0.92
CA PHE B 16 -7.95 17.55 0.65
C PHE B 16 -7.12 16.90 -0.46
N THR B 17 -6.74 17.68 -1.45
CA THR B 17 -5.97 17.16 -2.57
C THR B 17 -4.57 17.76 -2.59
N LEU B 18 -3.54 16.92 -2.43
CA LEU B 18 -2.16 17.37 -2.41
C LEU B 18 -1.38 16.78 -3.59
N LEU B 19 -0.85 17.64 -4.45
CA LEU B 19 -0.10 17.18 -5.63
C LEU B 19 1.33 16.80 -5.27
N VAL B 20 1.79 15.71 -5.89
CA VAL B 20 3.15 15.20 -5.65
C VAL B 20 3.76 14.63 -6.94
N GLU B 21 4.83 15.27 -7.42
CA GLU B 21 5.51 14.84 -8.64
C GLU B 21 5.93 13.38 -8.53
N LYS B 22 5.87 12.67 -9.66
CA LYS B 22 6.26 11.26 -9.68
C LYS B 22 7.71 11.10 -9.28
N VAL B 23 8.46 12.20 -9.22
CA VAL B 23 9.86 12.17 -8.86
C VAL B 23 10.04 12.31 -7.35
N TRP B 24 8.95 12.60 -6.64
CA TRP B 24 8.99 12.77 -5.19
C TRP B 24 8.83 11.43 -4.48
N ASN B 25 9.65 11.23 -3.44
CA ASN B 25 9.58 10.01 -2.65
C ASN B 25 8.64 10.20 -1.47
N PHE B 26 8.35 9.13 -0.74
CA PHE B 26 7.44 9.19 0.41
C PHE B 26 7.56 10.49 1.19
N ASP B 27 8.77 11.03 1.31
CA ASP B 27 8.94 12.28 2.03
C ASP B 27 8.25 13.39 1.25
N ASP B 28 8.96 14.03 0.33
CA ASP B 28 8.41 15.12 -0.48
C ASP B 28 6.87 15.03 -0.58
N LEU B 29 6.37 13.86 -0.95
CA LEU B 29 4.92 13.69 -1.07
C LEU B 29 4.26 13.86 0.29
N ILE B 30 4.87 13.31 1.34
CA ILE B 30 4.36 13.48 2.69
C ILE B 30 4.53 14.95 3.06
N MET B 31 5.76 15.40 2.85
CA MET B 31 6.11 16.80 3.06
C MET B 31 5.04 17.65 2.37
N ALA B 32 4.58 17.13 1.24
CA ALA B 32 3.52 17.75 0.46
C ALA B 32 2.20 17.55 1.18
N ILE B 33 1.94 16.30 1.57
CA ILE B 33 0.72 15.94 2.26
C ILE B 33 0.56 16.82 3.50
N ASN B 34 1.52 16.74 4.41
CA ASN B 34 1.50 17.53 5.65
C ASN B 34 1.24 19.00 5.33
N SER B 35 1.68 19.41 4.16
CA SER B 35 1.49 20.79 3.71
C SER B 35 0.02 21.07 3.40
N LYS B 36 -0.73 20.01 3.10
CA LYS B 36 -2.14 20.14 2.75
C LYS B 36 -3.08 19.54 3.80
N ILE B 37 -2.64 18.48 4.48
CA ILE B 37 -3.48 17.83 5.48
C ILE B 37 -3.46 18.52 6.82
N SER B 38 -2.32 19.10 7.21
CA SER B 38 -2.20 19.78 8.51
C SER B 38 -3.40 20.68 8.81
N ASN B 39 -4.17 21.02 7.77
CA ASN B 39 -5.35 21.86 7.96
C ASN B 39 -6.37 21.20 8.89
N THR B 40 -6.10 19.93 9.25
CA THR B 40 -6.99 19.20 10.14
C THR B 40 -6.55 19.37 11.58
N HIS B 41 -7.29 20.17 12.33
CA HIS B 41 -6.97 20.45 13.72
C HIS B 41 -6.97 19.17 14.56
N ILE B 42 -5.86 18.44 14.54
CA ILE B 42 -5.73 17.21 15.31
C ILE B 42 -4.27 16.91 15.64
N SER B 43 -3.42 16.88 14.61
CA SER B 43 -1.98 16.60 14.78
C SER B 43 -1.36 16.18 13.45
N PRO B 44 -0.13 16.64 13.17
CA PRO B 44 0.57 16.28 11.93
C PRO B 44 0.64 14.78 11.72
N ILE B 45 0.30 14.34 10.51
CA ILE B 45 0.33 12.92 10.17
C ILE B 45 1.75 12.47 9.83
N THR B 46 1.92 11.16 9.64
CA THR B 46 3.22 10.58 9.30
C THR B 46 3.07 9.38 8.36
N LYS B 47 1.84 9.09 7.96
CA LYS B 47 1.55 7.98 7.07
C LYS B 47 0.28 8.25 6.29
N ILE B 48 0.00 7.44 5.28
CA ILE B 48 -1.20 7.62 4.49
C ILE B 48 -1.77 6.30 4.00
N LYS B 49 -3.03 6.34 3.59
CA LYS B 49 -3.73 5.17 3.07
C LYS B 49 -4.09 5.42 1.61
N TYR B 50 -4.16 4.38 0.79
CA TYR B 50 -4.49 4.56 -0.62
C TYR B 50 -5.46 3.47 -1.09
N GLN B 51 -6.59 3.89 -1.64
CA GLN B 51 -7.60 2.94 -2.12
C GLN B 51 -7.07 2.08 -3.26
N ASP B 52 -7.37 0.79 -3.21
CA ASP B 52 -6.93 -0.14 -4.24
C ASP B 52 -8.07 -0.46 -5.20
N GLU B 53 -7.71 -1.04 -6.35
CA GLU B 53 -8.70 -1.39 -7.36
C GLU B 53 -9.70 -2.41 -6.82
N ASP B 54 -9.34 -3.08 -5.73
CA ASP B 54 -10.21 -4.08 -5.11
C ASP B 54 -11.43 -3.44 -4.45
N GLY B 55 -11.32 -2.14 -4.14
CA GLY B 55 -12.42 -1.45 -3.51
C GLY B 55 -12.22 -1.24 -2.02
N ASP B 56 -10.98 -1.38 -1.54
CA ASP B 56 -10.68 -1.18 -0.14
C ASP B 56 -9.61 -0.12 0.02
N PHE B 57 -9.25 0.18 1.25
CA PHE B 57 -8.21 1.18 1.51
C PHE B 57 -7.00 0.51 2.13
N VAL B 58 -5.83 0.84 1.62
CA VAL B 58 -4.60 0.27 2.15
C VAL B 58 -3.65 1.37 2.62
N VAL B 59 -2.49 0.96 3.12
CA VAL B 59 -1.51 1.91 3.65
C VAL B 59 -0.36 2.18 2.69
N LEU B 60 0.36 3.25 2.96
CA LEU B 60 1.52 3.64 2.16
C LEU B 60 2.45 4.50 3.01
N GLY B 61 3.61 3.95 3.32
CA GLY B 61 4.58 4.67 4.12
C GLY B 61 5.97 4.10 3.98
N SER B 62 6.25 3.51 2.82
CA SER B 62 7.55 2.93 2.56
C SER B 62 8.02 3.25 1.15
N ASP B 63 9.33 3.16 0.94
CA ASP B 63 9.89 3.43 -0.37
C ASP B 63 9.43 2.38 -1.37
N GLU B 64 9.33 1.14 -0.90
CA GLU B 64 8.90 0.05 -1.74
C GLU B 64 7.44 0.23 -2.17
N ASP B 65 6.58 0.53 -1.21
CA ASP B 65 5.17 0.75 -1.50
C ASP B 65 5.03 1.96 -2.40
N TRP B 66 5.89 2.94 -2.18
CA TRP B 66 5.90 4.16 -2.97
C TRP B 66 6.04 3.82 -4.45
N ASN B 67 6.87 2.82 -4.75
CA ASN B 67 7.06 2.39 -6.15
C ASN B 67 5.79 1.71 -6.64
N VAL B 68 5.11 1.04 -5.73
CA VAL B 68 3.87 0.33 -6.03
C VAL B 68 2.78 1.32 -6.38
N ALA B 69 2.79 2.44 -5.67
CA ALA B 69 1.82 3.50 -5.88
C ALA B 69 1.94 4.09 -7.27
N LYS B 70 3.16 4.46 -7.64
CA LYS B 70 3.41 5.06 -8.94
C LYS B 70 3.18 4.03 -10.04
N GLU B 71 3.64 2.81 -9.80
CA GLU B 71 3.47 1.74 -10.77
C GLU B 71 2.00 1.37 -10.90
N MET B 72 1.35 1.12 -9.76
CA MET B 72 -0.06 0.79 -9.76
C MET B 72 -0.82 1.85 -10.54
N LEU B 73 -0.44 3.11 -10.30
CA LEU B 73 -1.03 4.24 -10.99
C LEU B 73 -0.63 4.18 -12.46
N ALA B 74 0.66 3.93 -12.68
CA ALA B 74 1.23 3.82 -14.03
C ALA B 74 0.30 3.05 -14.96
N GLU B 75 -0.17 1.93 -14.45
CA GLU B 75 -1.06 1.06 -15.20
C GLU B 75 -2.24 1.82 -15.78
N ASN B 76 -2.65 2.85 -15.07
CA ASN B 76 -3.77 3.69 -15.48
C ASN B 76 -3.27 5.09 -15.82
N ASN B 77 -2.04 5.38 -15.40
CA ASN B 77 -1.40 6.66 -15.63
C ASN B 77 -2.38 7.83 -15.44
N GLU B 78 -3.34 7.64 -14.54
CA GLU B 78 -4.32 8.70 -14.28
C GLU B 78 -3.62 9.95 -13.77
N LYS B 79 -2.51 9.74 -13.07
CA LYS B 79 -1.72 10.82 -12.51
C LYS B 79 -2.37 11.37 -11.25
N PHE B 80 -3.12 10.50 -10.55
CA PHE B 80 -3.78 10.89 -9.30
C PHE B 80 -3.57 9.81 -8.25
N LEU B 81 -4.16 10.02 -7.07
CA LEU B 81 -4.03 9.07 -5.98
C LEU B 81 -5.20 9.18 -5.01
N ASN B 82 -5.88 8.06 -4.75
CA ASN B 82 -6.99 8.05 -3.81
C ASN B 82 -6.47 7.78 -2.41
N ILE B 83 -6.12 8.85 -1.71
CA ILE B 83 -5.58 8.76 -0.36
C ILE B 83 -6.66 9.02 0.68
N ARG B 84 -6.43 8.54 1.90
CA ARG B 84 -7.37 8.74 3.00
C ARG B 84 -6.63 8.84 4.33
N LEU B 85 -7.10 9.73 5.20
CA LEU B 85 -6.48 9.93 6.50
C LEU B 85 -7.51 9.77 7.62
N TYR B 86 -7.22 8.86 8.55
CA TYR B 86 -8.11 8.61 9.67
C TYR B 86 -8.22 9.84 10.57
N PRO A 1 14.23 -9.64 -15.94
CA PRO A 1 13.94 -8.54 -16.90
C PRO A 1 12.58 -7.90 -16.62
N HIS A 2 12.57 -6.57 -16.52
CA HIS A 2 11.33 -5.84 -16.27
C HIS A 2 10.72 -6.26 -14.93
N MET A 3 11.30 -5.78 -13.84
CA MET A 3 10.81 -6.11 -12.50
C MET A 3 9.54 -5.32 -12.17
N LYS A 4 8.49 -5.55 -12.96
CA LYS A 4 7.22 -4.87 -12.74
C LYS A 4 6.55 -5.31 -11.45
N THR A 5 6.95 -6.48 -10.97
CA THR A 5 6.41 -7.03 -9.74
C THR A 5 4.90 -7.10 -9.77
N THR A 6 4.34 -7.66 -8.70
CA THR A 6 2.90 -7.80 -8.57
C THR A 6 2.35 -6.83 -7.54
N LYS A 7 1.08 -6.50 -7.65
CA LYS A 7 0.46 -5.61 -6.69
C LYS A 7 -0.48 -6.39 -5.78
N ILE A 8 0.04 -6.83 -4.65
CA ILE A 8 -0.74 -7.60 -3.70
C ILE A 8 -0.89 -6.84 -2.39
N LYS A 9 -2.10 -6.87 -1.85
CA LYS A 9 -2.37 -6.18 -0.60
C LYS A 9 -2.35 -7.16 0.56
N PHE A 10 -2.50 -6.63 1.76
CA PHE A 10 -2.51 -7.45 2.97
C PHE A 10 -3.34 -6.74 4.03
N TYR A 11 -3.84 -7.49 5.00
CA TYR A 11 -4.68 -6.91 6.05
C TYR A 11 -4.13 -7.23 7.43
N TYR A 12 -3.85 -6.22 8.22
CA TYR A 12 -3.34 -6.41 9.57
C TYR A 12 -4.29 -5.77 10.58
N LYS A 13 -4.91 -6.61 11.40
CA LYS A 13 -5.87 -6.16 12.41
C LYS A 13 -6.75 -5.02 11.88
N ASP A 14 -6.25 -3.79 11.97
CA ASP A 14 -6.98 -2.63 11.50
C ASP A 14 -6.13 -1.81 10.52
N ASP A 15 -5.48 -2.50 9.59
CA ASP A 15 -4.65 -1.84 8.60
C ASP A 15 -4.40 -2.73 7.39
N ILE A 16 -4.51 -2.17 6.19
CA ILE A 16 -4.27 -2.91 4.95
C ILE A 16 -3.03 -2.37 4.27
N PHE A 17 -2.06 -3.22 3.93
CA PHE A 17 -0.85 -2.75 3.27
C PHE A 17 -0.82 -3.21 1.81
N ALA A 18 0.02 -2.57 1.01
CA ALA A 18 0.14 -2.92 -0.40
C ALA A 18 1.61 -3.12 -0.77
N LEU A 19 1.93 -4.27 -1.37
CA LEU A 19 3.31 -4.57 -1.72
C LEU A 19 3.48 -5.00 -3.17
N MET A 20 4.74 -5.23 -3.55
CA MET A 20 5.10 -5.65 -4.89
C MET A 20 6.02 -6.87 -4.88
N LEU A 21 5.55 -8.01 -5.37
CA LEU A 21 6.35 -9.24 -5.39
C LEU A 21 6.59 -9.70 -6.83
N LYS A 22 7.85 -9.92 -7.20
CA LYS A 22 8.18 -10.37 -8.54
C LYS A 22 7.56 -11.73 -8.83
N GLY A 23 7.64 -12.18 -10.08
CA GLY A 23 7.07 -13.45 -10.46
C GLY A 23 7.84 -14.67 -9.94
N ASP A 24 8.71 -14.45 -8.95
CA ASP A 24 9.49 -15.55 -8.39
C ASP A 24 9.64 -15.38 -6.88
N THR A 25 8.84 -14.49 -6.30
CA THR A 25 8.90 -14.22 -4.87
C THR A 25 8.62 -15.45 -4.03
N THR A 26 9.38 -15.59 -2.95
CA THR A 26 9.23 -16.69 -2.02
C THR A 26 8.40 -16.22 -0.83
N TYR A 27 7.99 -17.12 0.04
CA TYR A 27 7.21 -16.74 1.21
C TYR A 27 8.02 -15.74 2.03
N LYS A 28 9.16 -16.19 2.54
CA LYS A 28 10.04 -15.34 3.35
C LYS A 28 10.11 -13.95 2.73
N GLU A 29 10.21 -13.90 1.40
CA GLU A 29 10.25 -12.65 0.70
C GLU A 29 8.97 -11.89 1.00
N LEU A 30 7.85 -12.55 0.71
CA LEU A 30 6.53 -11.98 0.95
C LEU A 30 6.44 -11.53 2.40
N ARG A 31 6.90 -12.37 3.32
CA ARG A 31 6.86 -12.05 4.74
C ARG A 31 7.73 -10.83 5.07
N SER A 32 8.97 -10.82 4.58
CA SER A 32 9.88 -9.70 4.82
C SER A 32 9.27 -8.41 4.27
N LYS A 33 8.35 -8.59 3.33
CA LYS A 33 7.67 -7.50 2.68
C LYS A 33 6.67 -6.83 3.62
N ILE A 34 5.88 -7.67 4.30
CA ILE A 34 4.85 -7.21 5.22
C ILE A 34 5.40 -6.76 6.57
N ALA A 35 6.46 -7.39 7.02
CA ALA A 35 7.05 -7.06 8.30
C ALA A 35 7.32 -5.56 8.44
N PRO A 36 8.12 -5.00 7.52
CA PRO A 36 8.44 -3.57 7.54
C PRO A 36 7.18 -2.71 7.48
N ARG A 37 6.08 -3.30 7.04
CA ARG A 37 4.81 -2.60 6.95
C ARG A 37 4.13 -2.59 8.31
N ILE A 38 4.12 -3.75 8.96
CA ILE A 38 3.51 -3.90 10.27
C ILE A 38 4.35 -3.25 11.34
N ASP A 39 4.01 -3.56 12.59
CA ASP A 39 4.71 -3.05 13.74
C ASP A 39 5.30 -4.23 14.53
N THR A 40 5.43 -5.37 13.84
CA THR A 40 5.94 -6.58 14.46
C THR A 40 6.74 -7.44 13.49
N ASP A 41 7.56 -8.33 14.05
CA ASP A 41 8.32 -9.28 13.27
C ASP A 41 7.69 -10.65 13.47
N ASN A 42 6.62 -10.63 14.28
CA ASN A 42 5.82 -11.79 14.57
C ASN A 42 4.48 -11.59 13.92
N PHE A 43 4.42 -11.87 12.64
CA PHE A 43 3.22 -11.69 11.87
C PHE A 43 3.06 -12.82 10.86
N LYS A 44 1.84 -13.21 10.65
CA LYS A 44 1.55 -14.24 9.67
C LYS A 44 0.77 -13.62 8.52
N LEU A 45 0.81 -14.27 7.38
CA LEU A 45 0.07 -13.79 6.22
C LEU A 45 -0.88 -14.87 5.76
N GLN A 46 -2.03 -14.48 5.24
CA GLN A 46 -3.00 -15.45 4.76
C GLN A 46 -3.82 -14.86 3.63
N THR A 47 -4.09 -15.67 2.62
CA THR A 47 -4.89 -15.24 1.49
C THR A 47 -6.29 -14.89 1.97
N LYS A 48 -6.67 -13.63 1.84
CA LYS A 48 -7.99 -13.18 2.28
C LYS A 48 -9.00 -13.27 1.13
N LEU A 49 -10.12 -13.93 1.39
CA LEU A 49 -11.16 -14.10 0.40
C LEU A 49 -12.53 -13.77 0.99
N PHE A 50 -13.59 -13.97 0.21
CA PHE A 50 -14.96 -13.68 0.64
C PHE A 50 -15.19 -13.98 2.12
N ASP A 51 -14.53 -15.01 2.64
CA ASP A 51 -14.67 -15.38 4.03
C ASP A 51 -13.73 -14.54 4.88
N GLY A 52 -12.49 -14.46 4.45
CA GLY A 52 -11.48 -13.74 5.18
C GLY A 52 -10.64 -14.68 6.01
N SER A 53 -10.86 -15.97 5.77
CA SER A 53 -10.15 -17.03 6.46
C SER A 53 -9.57 -18.00 5.45
N GLY A 54 -8.73 -17.48 4.57
CA GLY A 54 -8.12 -18.33 3.56
C GLY A 54 -6.96 -19.13 4.11
N GLU A 55 -5.95 -19.34 3.28
CA GLU A 55 -4.77 -20.09 3.69
C GLU A 55 -3.70 -19.14 4.18
N GLU A 56 -2.87 -19.62 5.10
CA GLU A 56 -1.79 -18.81 5.65
C GLU A 56 -0.54 -18.98 4.79
N ILE A 57 -0.11 -17.90 4.15
CA ILE A 57 1.07 -17.96 3.29
C ILE A 57 2.31 -18.18 4.12
N LYS A 58 2.77 -19.41 4.13
CA LYS A 58 3.96 -19.76 4.85
C LYS A 58 4.99 -20.35 3.90
N THR A 59 4.51 -20.87 2.76
CA THR A 59 5.37 -21.49 1.78
C THR A 59 5.37 -20.70 0.49
N ASP A 60 6.45 -20.80 -0.24
CA ASP A 60 6.62 -20.08 -1.50
C ASP A 60 5.51 -20.38 -2.51
N SER A 61 5.05 -21.64 -2.57
CA SER A 61 4.03 -22.02 -3.54
C SER A 61 2.74 -21.22 -3.39
N GLN A 62 2.53 -20.63 -2.23
CA GLN A 62 1.32 -19.85 -2.01
C GLN A 62 1.56 -18.38 -2.27
N VAL A 63 2.43 -17.80 -1.46
CA VAL A 63 2.79 -16.39 -1.56
C VAL A 63 2.97 -16.02 -3.02
N SER A 64 3.76 -16.84 -3.70
CA SER A 64 3.99 -16.63 -5.11
C SER A 64 2.64 -16.59 -5.81
N ASN A 65 1.93 -17.70 -5.71
CA ASN A 65 0.61 -17.83 -6.31
C ASN A 65 -0.28 -16.64 -6.00
N ILE A 66 -0.03 -16.00 -4.88
CA ILE A 66 -0.80 -14.83 -4.50
C ILE A 66 -0.36 -13.64 -5.35
N ILE A 67 0.92 -13.65 -5.72
CA ILE A 67 1.47 -12.60 -6.57
C ILE A 67 1.01 -12.80 -8.01
N GLN A 68 0.81 -14.05 -8.36
CA GLN A 68 0.38 -14.44 -9.68
C GLN A 68 -1.13 -14.35 -9.76
N ALA A 69 -1.75 -15.08 -8.86
CA ALA A 69 -3.19 -15.14 -8.73
C ALA A 69 -3.76 -13.79 -8.33
N LYS A 70 -2.89 -12.92 -7.80
CA LYS A 70 -3.32 -11.59 -7.35
C LYS A 70 -4.22 -11.74 -6.13
N LEU A 71 -3.90 -12.72 -5.31
CA LEU A 71 -4.67 -13.03 -4.12
C LEU A 71 -4.50 -12.00 -3.03
N LYS A 72 -5.63 -11.66 -2.41
CA LYS A 72 -5.62 -10.73 -1.31
C LYS A 72 -5.06 -11.44 -0.09
N ILE A 73 -4.36 -10.72 0.78
CA ILE A 73 -3.78 -11.35 1.95
C ILE A 73 -4.16 -10.64 3.24
N SER A 74 -4.09 -11.38 4.34
CA SER A 74 -4.42 -10.86 5.65
C SER A 74 -3.30 -11.22 6.61
N VAL A 75 -2.59 -10.20 7.11
CA VAL A 75 -1.50 -10.44 8.04
C VAL A 75 -1.93 -10.22 9.48
N HIS A 76 -1.42 -11.04 10.38
CA HIS A 76 -1.76 -10.93 11.79
C HIS A 76 -0.57 -11.25 12.67
N ASP A 77 -0.67 -10.87 13.93
CA ASP A 77 0.39 -11.13 14.89
C ASP A 77 0.42 -12.61 15.25
N ILE A 78 1.53 -13.09 15.78
CA ILE A 78 1.65 -14.50 16.14
C ILE A 78 1.89 -14.68 17.63
N PRO B 1 9.57 9.69 -16.49
CA PRO B 1 10.46 10.81 -16.08
C PRO B 1 9.82 11.68 -15.01
N LEU B 2 8.85 12.49 -15.43
CA LEU B 2 8.15 13.39 -14.52
C LEU B 2 6.66 13.09 -14.50
N GLY B 3 5.91 13.87 -13.71
CA GLY B 3 4.48 13.67 -13.61
C GLY B 3 3.95 14.00 -12.24
N SER B 4 2.90 14.80 -12.18
CA SER B 4 2.33 15.22 -10.90
C SER B 4 1.12 14.38 -10.53
N ILE B 5 1.15 13.86 -9.30
CA ILE B 5 0.05 13.05 -8.79
C ILE B 5 -0.73 13.79 -7.73
N LEU B 6 -2.03 13.89 -7.90
CA LEU B 6 -2.87 14.57 -6.96
C LEU B 6 -3.34 13.60 -5.87
N PHE B 7 -2.96 13.87 -4.64
CA PHE B 7 -3.31 13.00 -3.52
C PHE B 7 -4.69 13.29 -2.97
N ARG B 8 -5.72 12.66 -3.52
CA ARG B 8 -7.05 12.82 -2.99
C ARG B 8 -7.03 12.30 -1.57
N ILE B 9 -7.16 13.20 -0.60
CA ILE B 9 -7.10 12.80 0.80
C ILE B 9 -8.38 13.14 1.53
N SER B 10 -9.04 12.12 2.06
CA SER B 10 -10.27 12.33 2.81
C SER B 10 -9.99 12.19 4.31
N TYR B 11 -9.78 13.32 4.98
CA TYR B 11 -9.51 13.31 6.41
C TYR B 11 -10.80 13.61 7.18
N ASN B 12 -11.27 12.61 7.94
CA ASN B 12 -12.51 12.76 8.69
C ASN B 12 -13.70 12.68 7.74
N SER B 13 -14.47 13.76 7.59
CA SER B 13 -15.60 13.76 6.68
C SER B 13 -15.44 14.88 5.65
N GLU B 14 -14.20 15.09 5.23
CA GLU B 14 -13.87 16.12 4.25
C GLU B 14 -12.84 15.61 3.25
N ILE B 15 -12.59 16.37 2.19
CA ILE B 15 -11.63 15.97 1.18
C ILE B 15 -10.57 17.05 0.92
N PHE B 16 -9.32 16.61 0.84
CA PHE B 16 -8.20 17.50 0.55
C PHE B 16 -7.32 16.86 -0.50
N THR B 17 -6.89 17.64 -1.49
CA THR B 17 -6.07 17.11 -2.56
C THR B 17 -4.68 17.74 -2.54
N LEU B 18 -3.65 16.91 -2.40
CA LEU B 18 -2.27 17.39 -2.35
C LEU B 18 -1.47 16.83 -3.53
N LEU B 19 -0.93 17.73 -4.35
CA LEU B 19 -0.16 17.32 -5.53
C LEU B 19 1.26 16.86 -5.17
N VAL B 20 1.68 15.74 -5.77
CA VAL B 20 3.02 15.19 -5.50
C VAL B 20 3.62 14.57 -6.77
N GLU B 21 4.71 15.15 -7.27
CA GLU B 21 5.36 14.66 -8.47
C GLU B 21 5.85 13.22 -8.29
N LYS B 22 5.90 12.47 -9.39
CA LYS B 22 6.33 11.07 -9.34
C LYS B 22 7.77 10.92 -8.84
N VAL B 23 8.51 12.02 -8.81
CA VAL B 23 9.90 11.98 -8.36
C VAL B 23 10.00 12.20 -6.85
N TRP B 24 8.87 12.53 -6.23
CA TRP B 24 8.83 12.79 -4.79
C TRP B 24 8.68 11.49 -4.00
N ASN B 25 9.63 11.23 -3.11
CA ASN B 25 9.57 10.03 -2.29
C ASN B 25 8.63 10.26 -1.10
N PHE B 26 8.33 9.21 -0.36
CA PHE B 26 7.42 9.29 0.79
C PHE B 26 7.51 10.62 1.52
N ASP B 27 8.70 11.19 1.64
CA ASP B 27 8.86 12.47 2.30
C ASP B 27 8.16 13.54 1.49
N ASP B 28 8.88 14.15 0.55
CA ASP B 28 8.33 15.20 -0.31
C ASP B 28 6.81 15.11 -0.43
N LEU B 29 6.31 13.92 -0.77
CA LEU B 29 4.86 13.74 -0.90
C LEU B 29 4.18 13.95 0.45
N ILE B 30 4.78 13.42 1.53
CA ILE B 30 4.25 13.62 2.87
C ILE B 30 4.40 15.10 3.19
N MET B 31 5.62 15.56 2.96
CA MET B 31 5.96 16.96 3.15
C MET B 31 4.89 17.78 2.43
N ALA B 32 4.45 17.24 1.31
CA ALA B 32 3.39 17.83 0.52
C ALA B 32 2.07 17.64 1.23
N ILE B 33 1.81 16.39 1.64
CA ILE B 33 0.60 16.04 2.35
C ILE B 33 0.42 16.95 3.57
N ASN B 34 1.39 16.89 4.48
CA ASN B 34 1.36 17.69 5.69
C ASN B 34 1.08 19.15 5.35
N SER B 35 1.51 19.56 4.16
CA SER B 35 1.30 20.92 3.71
C SER B 35 -0.18 21.20 3.43
N LYS B 36 -0.93 20.15 3.09
CA LYS B 36 -2.35 20.30 2.78
C LYS B 36 -3.25 19.68 3.85
N ILE B 37 -2.77 18.66 4.54
CA ILE B 37 -3.59 17.99 5.54
C ILE B 37 -3.51 18.64 6.93
N SER B 38 -2.36 19.18 7.30
CA SER B 38 -2.20 19.80 8.62
C SER B 38 -3.24 20.88 8.86
N ASN B 39 -3.86 21.36 7.80
CA ASN B 39 -4.88 22.40 7.94
C ASN B 39 -6.22 21.84 8.41
N THR B 40 -6.23 20.55 8.74
CA THR B 40 -7.44 19.90 9.22
C THR B 40 -7.66 20.17 10.71
N HIS B 41 -6.70 20.86 11.33
CA HIS B 41 -6.79 21.20 12.75
C HIS B 41 -7.00 19.97 13.63
N ILE B 42 -6.06 19.04 13.59
CA ILE B 42 -6.14 17.83 14.39
C ILE B 42 -4.77 17.20 14.63
N SER B 43 -4.05 16.92 13.55
CA SER B 43 -2.72 16.32 13.67
C SER B 43 -1.95 16.43 12.36
N PRO B 44 -0.61 16.59 12.44
CA PRO B 44 0.25 16.72 11.26
C PRO B 44 0.35 15.41 10.47
N ILE B 45 -0.15 14.33 11.06
CA ILE B 45 -0.12 13.02 10.40
C ILE B 45 1.31 12.62 10.03
N THR B 46 1.49 11.33 9.76
CA THR B 46 2.81 10.80 9.39
C THR B 46 2.67 9.51 8.58
N LYS B 47 1.45 9.17 8.20
CA LYS B 47 1.17 7.96 7.43
C LYS B 47 -0.13 8.13 6.66
N ILE B 48 -0.17 7.63 5.43
CA ILE B 48 -1.37 7.75 4.61
C ILE B 48 -1.92 6.40 4.18
N LYS B 49 -3.17 6.42 3.74
CA LYS B 49 -3.84 5.24 3.25
C LYS B 49 -4.18 5.45 1.78
N TYR B 50 -4.24 4.39 0.97
CA TYR B 50 -4.55 4.55 -0.43
C TYR B 50 -5.50 3.46 -0.91
N GLN B 51 -6.62 3.86 -1.50
CA GLN B 51 -7.61 2.91 -1.99
C GLN B 51 -7.05 2.09 -3.15
N ASP B 52 -7.07 0.77 -3.00
CA ASP B 52 -6.58 -0.12 -4.04
C ASP B 52 -7.71 -0.52 -4.99
N GLU B 53 -7.35 -1.09 -6.12
CA GLU B 53 -8.36 -1.51 -7.10
C GLU B 53 -9.30 -2.57 -6.51
N ASP B 54 -8.84 -3.22 -5.45
CA ASP B 54 -9.64 -4.25 -4.80
C ASP B 54 -10.92 -3.67 -4.20
N GLY B 55 -10.90 -2.38 -3.91
CA GLY B 55 -12.08 -1.73 -3.34
C GLY B 55 -11.95 -1.47 -1.86
N ASP B 56 -10.74 -1.61 -1.32
CA ASP B 56 -10.50 -1.37 0.09
C ASP B 56 -9.46 -0.27 0.27
N PHE B 57 -9.13 0.03 1.52
CA PHE B 57 -8.13 1.05 1.79
C PHE B 57 -6.90 0.43 2.43
N VAL B 58 -5.74 0.80 1.93
CA VAL B 58 -4.49 0.29 2.46
C VAL B 58 -3.57 1.44 2.87
N VAL B 59 -2.40 1.12 3.38
CA VAL B 59 -1.45 2.14 3.84
C VAL B 59 -0.33 2.39 2.85
N LEU B 60 0.43 3.45 3.10
CA LEU B 60 1.56 3.82 2.26
C LEU B 60 2.49 4.76 3.01
N GLY B 61 3.74 4.34 3.17
CA GLY B 61 4.71 5.15 3.88
C GLY B 61 6.12 4.63 3.73
N SER B 62 6.40 3.93 2.63
CA SER B 62 7.74 3.38 2.41
C SER B 62 8.12 3.44 0.94
N ASP B 63 9.41 3.31 0.67
CA ASP B 63 9.92 3.34 -0.70
C ASP B 63 9.38 2.15 -1.48
N GLU B 64 9.30 1.00 -0.82
CA GLU B 64 8.78 -0.21 -1.45
C GLU B 64 7.37 0.02 -1.97
N ASP B 65 6.49 0.45 -1.06
CA ASP B 65 5.11 0.72 -1.42
C ASP B 65 5.05 1.93 -2.34
N TRP B 66 5.84 2.94 -2.01
CA TRP B 66 5.91 4.17 -2.79
C TRP B 66 6.09 3.84 -4.28
N ASN B 67 6.94 2.85 -4.55
CA ASN B 67 7.20 2.42 -5.92
C ASN B 67 5.96 1.73 -6.49
N VAL B 68 5.22 1.06 -5.60
CA VAL B 68 4.01 0.37 -5.98
C VAL B 68 2.92 1.37 -6.34
N ALA B 69 2.92 2.47 -5.60
CA ALA B 69 1.95 3.54 -5.81
C ALA B 69 2.14 4.18 -7.17
N LYS B 70 3.37 4.54 -7.48
CA LYS B 70 3.69 5.18 -8.75
C LYS B 70 3.44 4.22 -9.90
N GLU B 71 3.80 2.95 -9.70
CA GLU B 71 3.62 1.93 -10.71
C GLU B 71 2.14 1.58 -10.84
N MET B 72 1.51 1.24 -9.72
CA MET B 72 0.10 0.89 -9.70
C MET B 72 -0.69 1.92 -10.50
N LEU B 73 -0.24 3.16 -10.43
CA LEU B 73 -0.84 4.25 -11.16
C LEU B 73 -0.40 4.22 -12.61
N ALA B 74 0.91 4.11 -12.80
CA ALA B 74 1.52 4.06 -14.12
C ALA B 74 0.70 3.25 -15.11
N GLU B 75 0.20 2.14 -14.61
CA GLU B 75 -0.60 1.24 -15.41
C GLU B 75 -1.80 1.94 -16.03
N ASN B 76 -2.30 2.93 -15.31
CA ASN B 76 -3.46 3.70 -15.77
C ASN B 76 -3.06 5.16 -15.99
N ASN B 77 -1.85 5.51 -15.56
CA ASN B 77 -1.32 6.86 -15.70
C ASN B 77 -2.38 7.92 -15.37
N GLU B 78 -3.20 7.64 -14.37
CA GLU B 78 -4.25 8.57 -13.94
C GLU B 78 -3.66 9.81 -13.25
N LYS B 79 -2.35 9.79 -13.02
CA LYS B 79 -1.66 10.91 -12.39
C LYS B 79 -2.43 11.43 -11.17
N PHE B 80 -3.07 10.52 -10.45
CA PHE B 80 -3.83 10.88 -9.26
C PHE B 80 -3.69 9.78 -8.20
N LEU B 81 -4.22 10.03 -7.00
CA LEU B 81 -4.12 9.07 -5.91
C LEU B 81 -5.31 9.18 -4.96
N ASN B 82 -5.93 8.05 -4.65
CA ASN B 82 -7.05 8.02 -3.73
C ASN B 82 -6.54 7.76 -2.32
N ILE B 83 -6.19 8.84 -1.63
CA ILE B 83 -5.66 8.75 -0.28
C ILE B 83 -6.74 9.02 0.78
N ARG B 84 -6.50 8.59 2.00
CA ARG B 84 -7.44 8.79 3.09
C ARG B 84 -6.72 8.92 4.43
N LEU B 85 -7.13 9.90 5.23
CA LEU B 85 -6.53 10.14 6.54
C LEU B 85 -7.52 9.86 7.65
N TYR B 86 -7.16 8.93 8.53
CA TYR B 86 -8.02 8.56 9.65
C TYR B 86 -7.89 9.57 10.79
N PRO A 1 10.30 -3.30 -20.59
CA PRO A 1 9.69 -3.54 -19.25
C PRO A 1 10.76 -3.77 -18.18
N HIS A 2 10.31 -3.87 -16.94
CA HIS A 2 11.22 -4.09 -15.82
C HIS A 2 10.66 -5.15 -14.88
N MET A 3 11.15 -5.15 -13.63
CA MET A 3 10.71 -6.13 -12.65
C MET A 3 9.45 -5.67 -11.91
N LYS A 4 8.66 -4.81 -12.55
CA LYS A 4 7.42 -4.25 -12.00
C LYS A 4 6.85 -5.03 -10.81
N THR A 5 6.88 -6.36 -10.88
CA THR A 5 6.35 -7.21 -9.81
C THR A 5 4.83 -7.23 -9.79
N THR A 6 4.28 -7.79 -8.74
CA THR A 6 2.84 -7.87 -8.57
C THR A 6 2.36 -6.90 -7.51
N LYS A 7 1.10 -6.51 -7.59
CA LYS A 7 0.53 -5.61 -6.61
C LYS A 7 -0.43 -6.37 -5.71
N ILE A 8 0.08 -6.87 -4.59
CA ILE A 8 -0.73 -7.61 -3.65
C ILE A 8 -0.85 -6.87 -2.34
N LYS A 9 -2.06 -6.87 -1.77
CA LYS A 9 -2.29 -6.20 -0.51
C LYS A 9 -2.28 -7.19 0.64
N PHE A 10 -2.41 -6.66 1.85
CA PHE A 10 -2.43 -7.48 3.04
C PHE A 10 -3.22 -6.75 4.12
N TYR A 11 -3.72 -7.49 5.10
CA TYR A 11 -4.51 -6.89 6.17
C TYR A 11 -3.94 -7.22 7.54
N TYR A 12 -3.63 -6.21 8.33
CA TYR A 12 -3.11 -6.43 9.67
C TYR A 12 -4.06 -5.86 10.71
N LYS A 13 -4.69 -6.75 11.47
CA LYS A 13 -5.63 -6.35 12.51
C LYS A 13 -6.77 -5.50 11.94
N ASP A 14 -6.46 -4.24 11.64
CA ASP A 14 -7.46 -3.32 11.08
C ASP A 14 -6.82 -2.40 10.04
N ASP A 15 -5.65 -2.79 9.54
CA ASP A 15 -4.94 -2.00 8.54
C ASP A 15 -4.61 -2.84 7.30
N ILE A 16 -4.58 -2.20 6.15
CA ILE A 16 -4.28 -2.89 4.89
C ILE A 16 -3.01 -2.37 4.25
N PHE A 17 -2.02 -3.22 3.99
CA PHE A 17 -0.79 -2.77 3.35
C PHE A 17 -0.71 -3.27 1.91
N ALA A 18 0.18 -2.69 1.11
CA ALA A 18 0.35 -3.09 -0.29
C ALA A 18 1.82 -3.30 -0.62
N LEU A 19 2.13 -4.43 -1.24
CA LEU A 19 3.53 -4.74 -1.58
C LEU A 19 3.70 -5.15 -3.03
N MET A 20 4.95 -5.41 -3.39
CA MET A 20 5.31 -5.80 -4.74
C MET A 20 6.19 -7.06 -4.76
N LEU A 21 5.68 -8.16 -5.33
CA LEU A 21 6.42 -9.41 -5.37
C LEU A 21 6.71 -9.83 -6.81
N LYS A 22 7.98 -10.03 -7.16
CA LYS A 22 8.33 -10.44 -8.51
C LYS A 22 7.69 -11.80 -8.83
N GLY A 23 7.80 -12.21 -10.10
CA GLY A 23 7.22 -13.47 -10.52
C GLY A 23 7.93 -14.70 -9.98
N ASP A 24 8.85 -14.52 -9.05
CA ASP A 24 9.58 -15.65 -8.46
C ASP A 24 9.70 -15.49 -6.95
N THR A 25 8.91 -14.57 -6.40
CA THR A 25 8.91 -14.30 -4.97
C THR A 25 8.60 -15.54 -4.13
N THR A 26 9.35 -15.70 -3.06
CA THR A 26 9.19 -16.80 -2.13
C THR A 26 8.38 -16.31 -0.94
N TYR A 27 7.95 -17.22 -0.06
CA TYR A 27 7.20 -16.82 1.11
C TYR A 27 8.04 -15.84 1.93
N LYS A 28 9.18 -16.31 2.42
CA LYS A 28 10.08 -15.48 3.21
C LYS A 28 10.20 -14.09 2.61
N GLU A 29 10.23 -14.04 1.28
CA GLU A 29 10.30 -12.77 0.59
C GLU A 29 9.04 -11.99 0.88
N LEU A 30 7.90 -12.62 0.59
CA LEU A 30 6.61 -12.02 0.84
C LEU A 30 6.51 -11.56 2.28
N ARG A 31 6.89 -12.43 3.20
CA ARG A 31 6.87 -12.13 4.62
C ARG A 31 7.75 -10.94 4.98
N SER A 32 9.00 -10.95 4.52
CA SER A 32 9.94 -9.86 4.80
C SER A 32 9.36 -8.52 4.35
N LYS A 33 8.47 -8.59 3.38
CA LYS A 33 7.84 -7.39 2.82
C LYS A 33 6.77 -6.84 3.75
N ILE A 34 5.97 -7.73 4.32
CA ILE A 34 4.90 -7.32 5.23
C ILE A 34 5.44 -6.85 6.58
N ALA A 35 6.52 -7.44 7.01
CA ALA A 35 7.13 -7.09 8.30
C ALA A 35 7.36 -5.59 8.42
N PRO A 36 8.15 -5.01 7.51
CA PRO A 36 8.46 -3.59 7.54
C PRO A 36 7.20 -2.73 7.50
N ARG A 37 6.09 -3.33 7.08
CA ARG A 37 4.82 -2.62 7.02
C ARG A 37 4.16 -2.66 8.39
N ILE A 38 4.15 -3.84 9.00
CA ILE A 38 3.55 -4.03 10.30
C ILE A 38 4.37 -3.37 11.40
N ASP A 39 4.03 -3.68 12.64
CA ASP A 39 4.74 -3.17 13.78
C ASP A 39 5.36 -4.34 14.55
N THR A 40 5.54 -5.46 13.83
CA THR A 40 6.09 -6.66 14.43
C THR A 40 6.93 -7.46 13.44
N ASP A 41 7.78 -8.33 13.98
CA ASP A 41 8.62 -9.20 13.17
C ASP A 41 8.11 -10.64 13.33
N ASN A 42 7.01 -10.74 14.06
CA ASN A 42 6.32 -12.00 14.31
C ASN A 42 4.88 -11.82 13.84
N PHE A 43 4.70 -12.05 12.55
CA PHE A 43 3.42 -11.88 11.90
C PHE A 43 3.21 -12.98 10.88
N LYS A 44 1.97 -13.35 10.66
CA LYS A 44 1.66 -14.36 9.67
C LYS A 44 0.87 -13.73 8.54
N LEU A 45 0.85 -14.39 7.40
CA LEU A 45 0.09 -13.90 6.25
C LEU A 45 -0.87 -14.98 5.78
N GLN A 46 -2.01 -14.57 5.28
CA GLN A 46 -3.00 -15.52 4.79
C GLN A 46 -3.81 -14.91 3.67
N THR A 47 -4.11 -15.70 2.65
CA THR A 47 -4.90 -15.24 1.54
C THR A 47 -6.30 -14.87 2.02
N LYS A 48 -6.65 -13.60 1.92
CA LYS A 48 -7.95 -13.13 2.37
C LYS A 48 -8.96 -13.18 1.23
N LEU A 49 -10.09 -13.82 1.48
CA LEU A 49 -11.15 -13.94 0.48
C LEU A 49 -12.50 -13.61 1.08
N PHE A 50 -13.57 -13.77 0.30
CA PHE A 50 -14.93 -13.46 0.75
C PHE A 50 -15.16 -13.78 2.23
N ASP A 51 -14.51 -14.82 2.72
CA ASP A 51 -14.66 -15.20 4.11
C ASP A 51 -13.69 -14.39 4.97
N GLY A 52 -12.44 -14.35 4.54
CA GLY A 52 -11.42 -13.65 5.28
C GLY A 52 -10.59 -14.63 6.08
N SER A 53 -10.84 -15.92 5.82
CA SER A 53 -10.14 -17.00 6.50
C SER A 53 -9.59 -17.97 5.46
N GLY A 54 -8.74 -17.46 4.58
CA GLY A 54 -8.17 -18.29 3.55
C GLY A 54 -7.01 -19.13 4.07
N GLU A 55 -6.01 -19.33 3.24
CA GLU A 55 -4.83 -20.11 3.62
C GLU A 55 -3.73 -19.19 4.12
N GLU A 56 -2.92 -19.70 5.03
CA GLU A 56 -1.81 -18.92 5.57
C GLU A 56 -0.58 -19.08 4.70
N ILE A 57 -0.14 -17.98 4.10
CA ILE A 57 1.05 -18.03 3.23
C ILE A 57 2.30 -18.25 4.03
N LYS A 58 2.74 -19.50 4.04
CA LYS A 58 3.95 -19.86 4.75
C LYS A 58 4.95 -20.45 3.78
N THR A 59 4.47 -20.95 2.64
CA THR A 59 5.32 -21.56 1.64
C THR A 59 5.31 -20.75 0.36
N ASP A 60 6.39 -20.87 -0.38
CA ASP A 60 6.54 -20.13 -1.63
C ASP A 60 5.44 -20.41 -2.64
N SER A 61 4.97 -21.66 -2.71
CA SER A 61 3.93 -22.01 -3.68
C SER A 61 2.65 -21.20 -3.51
N GLN A 62 2.45 -20.62 -2.33
CA GLN A 62 1.24 -19.83 -2.10
C GLN A 62 1.50 -18.36 -2.33
N VAL A 63 2.38 -17.81 -1.52
CA VAL A 63 2.76 -16.40 -1.61
C VAL A 63 2.94 -16.03 -3.07
N SER A 64 3.70 -16.84 -3.77
CA SER A 64 3.93 -16.64 -5.17
C SER A 64 2.58 -16.58 -5.85
N ASN A 65 1.85 -17.69 -5.78
CA ASN A 65 0.53 -17.81 -6.37
C ASN A 65 -0.33 -16.60 -6.06
N ILE A 66 -0.08 -15.98 -4.92
CA ILE A 66 -0.84 -14.82 -4.53
C ILE A 66 -0.39 -13.63 -5.37
N ILE A 67 0.88 -13.64 -5.74
CA ILE A 67 1.44 -12.58 -6.58
C ILE A 67 0.98 -12.75 -8.02
N GLN A 68 0.75 -14.01 -8.38
CA GLN A 68 0.29 -14.37 -9.71
C GLN A 68 -1.21 -14.25 -9.78
N ALA A 69 -1.83 -15.02 -8.90
CA ALA A 69 -3.27 -15.07 -8.77
C ALA A 69 -3.84 -13.73 -8.35
N LYS A 70 -2.98 -12.86 -7.81
CA LYS A 70 -3.41 -11.54 -7.35
C LYS A 70 -4.31 -11.70 -6.15
N LEU A 71 -3.98 -12.69 -5.33
CA LEU A 71 -4.75 -13.03 -4.15
C LEU A 71 -4.56 -12.01 -3.03
N LYS A 72 -5.66 -11.66 -2.38
CA LYS A 72 -5.60 -10.73 -1.26
C LYS A 72 -5.05 -11.46 -0.06
N ILE A 73 -4.35 -10.76 0.83
CA ILE A 73 -3.77 -11.39 2.00
C ILE A 73 -4.14 -10.67 3.28
N SER A 74 -4.07 -11.41 4.38
CA SER A 74 -4.37 -10.87 5.70
C SER A 74 -3.26 -11.25 6.65
N VAL A 75 -2.52 -10.26 7.15
CA VAL A 75 -1.42 -10.53 8.07
C VAL A 75 -1.86 -10.28 9.50
N HIS A 76 -1.35 -11.09 10.42
CA HIS A 76 -1.70 -10.95 11.82
C HIS A 76 -0.52 -11.29 12.71
N ASP A 77 -0.62 -10.87 13.97
CA ASP A 77 0.43 -11.14 14.94
C ASP A 77 0.41 -12.63 15.25
N ILE A 78 1.52 -13.17 15.71
CA ILE A 78 1.60 -14.59 16.01
C ILE A 78 1.90 -14.84 17.47
N PRO B 1 7.87 17.18 -12.24
CA PRO B 1 7.24 18.51 -12.46
C PRO B 1 5.87 18.40 -13.13
N LEU B 2 5.89 18.07 -14.42
CA LEU B 2 4.66 17.93 -15.19
C LEU B 2 3.83 16.77 -14.68
N GLY B 3 4.31 15.55 -14.93
CA GLY B 3 3.59 14.37 -14.50
C GLY B 3 3.56 14.23 -12.98
N SER B 4 2.60 14.88 -12.35
CA SER B 4 2.46 14.85 -10.91
C SER B 4 1.20 14.09 -10.50
N ILE B 5 1.20 13.63 -9.25
CA ILE B 5 0.06 12.88 -8.72
C ILE B 5 -0.71 13.69 -7.69
N LEU B 6 -2.02 13.81 -7.90
CA LEU B 6 -2.86 14.54 -6.97
C LEU B 6 -3.36 13.61 -5.87
N PHE B 7 -2.96 13.89 -4.64
CA PHE B 7 -3.35 13.06 -3.51
C PHE B 7 -4.72 13.39 -2.95
N ARG B 8 -5.76 12.79 -3.51
CA ARG B 8 -7.10 13.01 -2.98
C ARG B 8 -7.08 12.48 -1.55
N ILE B 9 -7.19 13.37 -0.58
CA ILE B 9 -7.13 12.96 0.81
C ILE B 9 -8.42 13.29 1.55
N SER B 10 -9.10 12.27 2.05
CA SER B 10 -10.32 12.47 2.80
C SER B 10 -10.05 12.32 4.29
N TYR B 11 -9.82 13.44 4.97
CA TYR B 11 -9.53 13.44 6.39
C TYR B 11 -10.80 13.77 7.18
N ASN B 12 -11.27 12.82 7.98
CA ASN B 12 -12.49 13.00 8.75
C ASN B 12 -13.70 12.94 7.82
N SER B 13 -14.44 14.04 7.65
CA SER B 13 -15.59 14.05 6.76
C SER B 13 -15.43 15.15 5.71
N GLU B 14 -14.20 15.32 5.25
CA GLU B 14 -13.87 16.34 4.25
C GLU B 14 -12.85 15.81 3.25
N ILE B 15 -12.59 16.58 2.20
CA ILE B 15 -11.63 16.16 1.18
C ILE B 15 -10.56 17.23 0.93
N PHE B 16 -9.32 16.78 0.83
CA PHE B 16 -8.19 17.67 0.56
C PHE B 16 -7.34 17.05 -0.54
N THR B 17 -6.92 17.87 -1.50
CA THR B 17 -6.12 17.37 -2.62
C THR B 17 -4.71 17.94 -2.58
N LEU B 18 -3.72 17.07 -2.46
CA LEU B 18 -2.32 17.50 -2.40
C LEU B 18 -1.51 16.91 -3.56
N LEU B 19 -0.97 17.77 -4.42
CA LEU B 19 -0.20 17.32 -5.57
C LEU B 19 1.22 16.88 -5.19
N VAL B 20 1.65 15.76 -5.79
CA VAL B 20 2.98 15.21 -5.53
C VAL B 20 3.58 14.61 -6.81
N GLU B 21 4.66 15.21 -7.29
CA GLU B 21 5.32 14.75 -8.49
C GLU B 21 5.78 13.30 -8.36
N LYS B 22 5.80 12.58 -9.48
CA LYS B 22 6.20 11.17 -9.49
C LYS B 22 7.64 10.98 -9.01
N VAL B 23 8.40 12.07 -8.93
CA VAL B 23 9.79 12.00 -8.50
C VAL B 23 9.91 12.19 -6.99
N TRP B 24 8.80 12.54 -6.34
CA TRP B 24 8.79 12.76 -4.90
C TRP B 24 8.62 11.45 -4.14
N ASN B 25 9.49 11.23 -3.16
CA ASN B 25 9.42 10.02 -2.34
C ASN B 25 8.49 10.25 -1.15
N PHE B 26 8.17 9.18 -0.42
CA PHE B 26 7.27 9.26 0.73
C PHE B 26 7.35 10.59 1.46
N ASP B 27 8.55 11.14 1.61
CA ASP B 27 8.70 12.41 2.28
C ASP B 27 8.03 13.50 1.45
N ASP B 28 8.76 14.10 0.52
CA ASP B 28 8.23 15.16 -0.34
C ASP B 28 6.71 15.08 -0.47
N LEU B 29 6.19 13.89 -0.78
CA LEU B 29 4.75 13.72 -0.92
C LEU B 29 4.07 13.92 0.43
N ILE B 30 4.64 13.36 1.49
CA ILE B 30 4.11 13.56 2.83
C ILE B 30 4.28 15.03 3.18
N MET B 31 5.51 15.49 2.94
CA MET B 31 5.85 16.88 3.14
C MET B 31 4.81 17.73 2.43
N ALA B 32 4.36 17.20 1.28
CA ALA B 32 3.32 17.83 0.49
C ALA B 32 1.99 17.65 1.19
N ILE B 33 1.71 16.41 1.58
CA ILE B 33 0.48 16.07 2.27
C ILE B 33 0.32 16.93 3.52
N ASN B 34 1.29 16.82 4.43
CA ASN B 34 1.27 17.60 5.66
C ASN B 34 1.01 19.07 5.36
N SER B 35 1.43 19.50 4.18
CA SER B 35 1.25 20.88 3.75
C SER B 35 -0.22 21.17 3.45
N LYS B 36 -0.98 20.14 3.09
CA LYS B 36 -2.39 20.29 2.75
C LYS B 36 -3.33 19.66 3.77
N ILE B 37 -2.90 18.57 4.40
CA ILE B 37 -3.76 17.88 5.37
C ILE B 37 -3.74 18.53 6.75
N SER B 38 -2.60 19.07 7.19
CA SER B 38 -2.52 19.71 8.50
C SER B 38 -3.58 20.79 8.64
N ASN B 39 -4.16 21.20 7.53
CA ASN B 39 -5.20 22.22 7.51
C ASN B 39 -6.53 21.65 7.98
N THR B 40 -6.56 20.34 8.23
CA THR B 40 -7.76 19.66 8.68
C THR B 40 -8.25 20.24 10.01
N HIS B 41 -7.37 20.25 11.00
CA HIS B 41 -7.71 20.77 12.32
C HIS B 41 -6.64 20.39 13.34
N ILE B 42 -6.13 19.17 13.24
CA ILE B 42 -5.11 18.68 14.16
C ILE B 42 -4.36 17.49 13.56
N SER B 43 -3.34 17.03 14.29
CA SER B 43 -2.54 15.88 13.85
C SER B 43 -1.87 16.14 12.50
N PRO B 44 -0.54 16.38 12.49
CA PRO B 44 0.21 16.63 11.27
C PRO B 44 0.31 15.38 10.38
N ILE B 45 -0.06 14.24 10.95
CA ILE B 45 -0.03 12.98 10.22
C ILE B 45 1.39 12.60 9.78
N THR B 46 1.54 11.34 9.42
CA THR B 46 2.79 10.78 8.96
C THR B 46 2.53 9.54 8.10
N LYS B 47 1.46 8.82 8.46
CA LYS B 47 1.03 7.63 7.74
C LYS B 47 -0.23 7.91 6.94
N ILE B 48 -0.26 7.49 5.69
CA ILE B 48 -1.44 7.72 4.86
C ILE B 48 -2.03 6.41 4.35
N LYS B 49 -3.30 6.50 3.99
CA LYS B 49 -4.02 5.34 3.44
C LYS B 49 -4.29 5.59 1.97
N TYR B 50 -4.30 4.54 1.14
CA TYR B 50 -4.55 4.74 -0.28
C TYR B 50 -5.50 3.68 -0.82
N GLN B 51 -6.62 4.12 -1.38
CA GLN B 51 -7.62 3.19 -1.92
C GLN B 51 -7.07 2.44 -3.12
N ASP B 52 -7.12 1.11 -3.05
CA ASP B 52 -6.64 0.27 -4.14
C ASP B 52 -7.77 -0.05 -5.11
N GLU B 53 -7.43 -0.56 -6.28
CA GLU B 53 -8.43 -0.91 -7.28
C GLU B 53 -9.39 -1.97 -6.76
N ASP B 54 -8.97 -2.69 -5.71
CA ASP B 54 -9.80 -3.74 -5.12
C ASP B 54 -11.01 -3.16 -4.42
N GLY B 55 -10.92 -1.89 -4.02
CA GLY B 55 -12.04 -1.25 -3.35
C GLY B 55 -11.84 -1.13 -1.85
N ASP B 56 -10.61 -1.30 -1.39
CA ASP B 56 -10.32 -1.19 0.04
C ASP B 56 -9.28 -0.09 0.28
N PHE B 57 -9.01 0.20 1.54
CA PHE B 57 -8.03 1.22 1.89
C PHE B 57 -6.74 0.59 2.37
N VAL B 58 -5.64 1.00 1.76
CA VAL B 58 -4.33 0.49 2.07
C VAL B 58 -3.47 1.57 2.71
N VAL B 59 -2.36 1.18 3.32
CA VAL B 59 -1.45 2.13 3.95
C VAL B 59 -0.29 2.43 3.00
N LEU B 60 0.43 3.50 3.29
CA LEU B 60 1.58 3.89 2.47
C LEU B 60 2.46 4.90 3.19
N GLY B 61 3.72 4.54 3.39
CA GLY B 61 4.64 5.43 4.08
C GLY B 61 6.09 4.98 3.96
N SER B 62 6.41 4.29 2.88
CA SER B 62 7.77 3.80 2.66
C SER B 62 8.10 3.78 1.18
N ASP B 63 9.38 3.54 0.87
CA ASP B 63 9.84 3.49 -0.51
C ASP B 63 9.29 2.27 -1.22
N GLU B 64 9.22 1.16 -0.50
CA GLU B 64 8.71 -0.09 -1.07
C GLU B 64 7.31 0.10 -1.64
N ASP B 65 6.41 0.57 -0.80
CA ASP B 65 5.03 0.81 -1.21
C ASP B 65 4.97 1.99 -2.17
N TRP B 66 5.72 3.04 -1.83
CA TRP B 66 5.78 4.23 -2.66
C TRP B 66 6.04 3.86 -4.12
N ASN B 67 6.93 2.90 -4.32
CA ASN B 67 7.26 2.44 -5.66
C ASN B 67 6.06 1.70 -6.26
N VAL B 68 5.31 1.03 -5.39
CA VAL B 68 4.13 0.30 -5.79
C VAL B 68 3.02 1.25 -6.21
N ALA B 69 2.95 2.37 -5.49
CA ALA B 69 1.96 3.39 -5.77
C ALA B 69 2.13 3.98 -7.15
N LYS B 70 3.36 4.40 -7.44
CA LYS B 70 3.67 5.00 -8.74
C LYS B 70 3.45 3.99 -9.86
N GLU B 71 3.83 2.75 -9.60
CA GLU B 71 3.66 1.68 -10.58
C GLU B 71 2.19 1.33 -10.72
N MET B 72 1.54 1.01 -9.59
CA MET B 72 0.13 0.67 -9.59
C MET B 72 -0.64 1.74 -10.35
N LEU B 73 -0.15 2.97 -10.26
CA LEU B 73 -0.74 4.08 -10.95
C LEU B 73 -0.27 4.09 -12.40
N ALA B 74 1.03 3.93 -12.58
CA ALA B 74 1.66 3.89 -13.91
C ALA B 74 0.79 3.14 -14.91
N GLU B 75 0.31 1.99 -14.47
CA GLU B 75 -0.51 1.11 -15.28
C GLU B 75 -1.71 1.85 -15.86
N ASN B 76 -2.20 2.83 -15.11
CA ASN B 76 -3.34 3.62 -15.53
C ASN B 76 -2.92 5.07 -15.78
N ASN B 77 -1.71 5.39 -15.34
CA ASN B 77 -1.15 6.72 -15.50
C ASN B 77 -2.16 7.83 -15.22
N GLU B 78 -3.14 7.53 -14.35
CA GLU B 78 -4.16 8.52 -14.02
C GLU B 78 -3.54 9.76 -13.37
N LYS B 79 -2.29 9.64 -12.93
CA LYS B 79 -1.58 10.75 -12.31
C LYS B 79 -2.36 11.31 -11.12
N PHE B 80 -3.03 10.42 -10.39
CA PHE B 80 -3.81 10.81 -9.23
C PHE B 80 -3.72 9.73 -8.16
N LEU B 81 -4.19 10.04 -6.94
CA LEU B 81 -4.10 9.07 -5.84
C LEU B 81 -5.31 9.17 -4.89
N ASN B 82 -5.89 8.02 -4.55
CA ASN B 82 -7.00 7.98 -3.61
C ASN B 82 -6.46 7.83 -2.20
N ILE B 83 -6.17 8.96 -1.56
CA ILE B 83 -5.64 8.95 -0.20
C ILE B 83 -6.74 9.23 0.81
N ARG B 84 -6.52 8.81 2.06
CA ARG B 84 -7.49 9.02 3.12
C ARG B 84 -6.81 9.05 4.49
N LEU B 85 -7.19 10.01 5.32
CA LEU B 85 -6.63 10.12 6.65
C LEU B 85 -7.69 9.82 7.71
N TYR B 86 -7.50 8.73 8.43
CA TYR B 86 -8.44 8.32 9.47
C TYR B 86 -9.81 8.05 8.89
#